data_6Y65
#
_entry.id   6Y65
#
_cell.length_a   87.290
_cell.length_b   90.410
_cell.length_c   100.840
_cell.angle_alpha   94.048
_cell.angle_beta   97.898
_cell.angle_gamma   108.064
#
_symmetry.space_group_name_H-M   'P 1'
#
loop_
_entity.id
_entity.type
_entity.pdbx_description
1 polymer 'Capsid protein VP1'
2 non-polymer IMIDAZOLE
3 non-polymer 1,2-ETHANEDIOL
4 non-polymer 'CHLORIDE ION'
5 water water
#
_entity_poly.entity_id   1
_entity_poly.type   'polypeptide(L)'
_entity_poly.pdbx_seq_one_letter_code
;MGSSHHHHHHSSGLVPRGSHMGGIEVLGVRTGPDSTTTIEAYLNPRMGTDNGFSQAVTVATSLNPDVPPKAELPCYSCAR
IGLPMLNEDMTTPEILMWEAVSVKTEVVGVTTMCNVHSASIRMNGGYGVGRPIEGLNCHMFAVGGEPLELQGCVQNWSTT
YPSGVVAPPLKDAKAQVLDPGLKARLDKDGAYPVECWCPDPSRNENTRYFGTYTGGQQTPPVLPFTNTVTTVLLDENGVG
PLCKGDGLYLSCVDICGFYSEQYSQKQHFRGLPRYFSVSLRKRLVRN
;
_entity_poly.pdbx_strand_id   AAA,BBB,CCC,DDD,EEE,FFF,GGG,HHH,III,JJJ
#
# COMPACT_ATOMS: atom_id res chain seq x y z
C GLY A 23 -2.28 50.09 -40.63
N ILE A 24 -2.41 50.44 -39.34
CA ILE A 24 -2.68 51.84 -38.88
C ILE A 24 -1.36 52.61 -38.86
N GLU A 25 -1.30 53.78 -39.49
CA GLU A 25 -0.19 54.75 -39.33
C GLU A 25 -0.37 55.45 -37.98
N VAL A 26 0.54 55.18 -37.05
CA VAL A 26 0.47 55.74 -35.69
C VAL A 26 1.25 57.05 -35.65
N LEU A 27 0.61 58.09 -35.14
CA LEU A 27 1.21 59.45 -35.06
C LEU A 27 1.49 59.73 -33.59
N GLY A 28 1.43 60.99 -33.16
CA GLY A 28 1.83 61.41 -31.81
C GLY A 28 0.78 61.10 -30.75
N VAL A 29 1.23 60.96 -29.51
CA VAL A 29 0.35 60.94 -28.31
C VAL A 29 -0.27 62.34 -28.15
N ARG A 30 -1.57 62.38 -27.94
CA ARG A 30 -2.33 63.61 -27.61
C ARG A 30 -2.31 63.76 -26.09
N THR A 31 -1.83 64.90 -25.57
CA THR A 31 -1.71 65.17 -24.13
C THR A 31 -2.69 66.26 -23.71
N GLY A 32 -2.66 66.61 -22.42
CA GLY A 32 -3.47 67.68 -21.81
C GLY A 32 -4.68 67.13 -21.08
N PRO A 33 -5.58 68.01 -20.60
CA PRO A 33 -6.75 67.60 -19.81
C PRO A 33 -7.55 66.50 -20.53
N ASP A 34 -7.94 65.47 -19.75
CA ASP A 34 -8.82 64.35 -20.16
C ASP A 34 -8.21 63.51 -21.29
N SER A 35 -6.88 63.57 -21.49
CA SER A 35 -6.16 62.80 -22.54
C SER A 35 -5.80 61.40 -22.03
N THR A 36 -6.00 61.14 -20.74
CA THR A 36 -5.74 59.83 -20.13
C THR A 36 -6.96 59.39 -19.34
N THR A 37 -7.14 58.08 -19.22
CA THR A 37 -8.19 57.53 -18.34
C THR A 37 -7.72 56.17 -17.85
N THR A 38 -8.29 55.71 -16.75
CA THR A 38 -8.02 54.36 -16.22
C THR A 38 -9.35 53.60 -16.22
N ILE A 39 -9.35 52.42 -16.82
CA ILE A 39 -10.55 51.55 -16.89
C ILE A 39 -10.36 50.45 -15.85
N GLU A 40 -11.35 50.22 -15.01
CA GLU A 40 -11.32 49.11 -14.03
C GLU A 40 -12.46 48.16 -14.36
N ALA A 41 -12.20 46.88 -14.26
CA ALA A 41 -13.19 45.85 -14.60
C ALA A 41 -12.80 44.56 -13.89
N TYR A 42 -13.78 43.72 -13.65
CA TYR A 42 -13.51 42.36 -13.17
C TYR A 42 -14.28 41.39 -14.05
N LEU A 43 -13.72 40.19 -14.19
N LEU A 43 -13.75 40.18 -14.16
CA LEU A 43 -14.33 39.06 -14.91
CA LEU A 43 -14.34 39.07 -14.94
C LEU A 43 -14.48 37.90 -13.95
C LEU A 43 -14.47 37.86 -14.02
N ASN A 44 -15.71 37.43 -13.78
CA ASN A 44 -15.97 36.23 -12.96
C ASN A 44 -15.62 35.01 -13.81
N PRO A 45 -15.17 33.93 -13.17
CA PRO A 45 -14.68 32.76 -13.90
C PRO A 45 -15.86 31.97 -14.49
N ARG A 46 -15.58 31.27 -15.58
CA ARG A 46 -16.58 30.46 -16.32
C ARG A 46 -16.11 29.01 -16.36
N MET A 47 -16.23 28.31 -15.24
CA MET A 47 -15.70 26.94 -15.10
C MET A 47 -16.72 25.90 -15.57
N GLY A 48 -17.91 26.32 -16.00
CA GLY A 48 -19.00 25.44 -16.46
C GLY A 48 -20.31 25.71 -15.73
N THR A 49 -20.25 26.15 -14.48
CA THR A 49 -21.39 26.78 -13.77
C THR A 49 -20.94 28.18 -13.35
N ASP A 50 -21.86 29.03 -12.93
CA ASP A 50 -21.68 30.49 -12.74
C ASP A 50 -20.88 30.90 -11.49
N ASN A 51 -20.59 30.02 -10.55
CA ASN A 51 -20.08 30.53 -9.23
C ASN A 51 -18.77 29.86 -8.82
N GLY A 52 -17.88 29.62 -9.78
CA GLY A 52 -16.46 29.35 -9.48
C GLY A 52 -16.07 27.90 -9.65
N PHE A 53 -17.02 26.99 -9.77
CA PHE A 53 -16.74 25.54 -9.87
C PHE A 53 -17.42 24.97 -11.11
N SER A 54 -16.77 24.00 -11.73
CA SER A 54 -17.45 23.15 -12.72
C SER A 54 -18.42 22.24 -11.98
N GLN A 55 -19.36 21.68 -12.70
CA GLN A 55 -20.07 20.46 -12.30
C GLN A 55 -19.03 19.35 -12.10
N ALA A 56 -19.32 18.35 -11.28
CA ALA A 56 -18.44 17.19 -11.08
C ALA A 56 -18.03 16.65 -12.44
N VAL A 57 -16.73 16.44 -12.64
CA VAL A 57 -16.20 16.11 -14.00
C VAL A 57 -16.32 14.61 -14.25
N THR A 58 -16.92 14.26 -15.38
CA THR A 58 -17.02 12.87 -15.85
C THR A 58 -15.89 12.62 -16.85
N VAL A 59 -15.55 11.34 -17.02
CA VAL A 59 -14.37 10.92 -17.81
C VAL A 59 -14.79 9.76 -18.70
N ALA A 60 -14.56 9.91 -20.00
CA ALA A 60 -14.88 8.86 -20.97
C ALA A 60 -14.04 7.62 -20.66
N THR A 61 -14.55 6.43 -20.96
CA THR A 61 -13.79 5.17 -20.86
C THR A 61 -12.94 4.92 -22.11
N SER A 62 -13.21 5.62 -23.20
CA SER A 62 -12.43 5.48 -24.46
C SER A 62 -12.47 6.81 -25.20
N LEU A 63 -11.75 6.93 -26.30
CA LEU A 63 -11.65 8.22 -27.03
C LEU A 63 -12.94 8.48 -27.83
N ASN A 64 -13.78 7.47 -28.00
CA ASN A 64 -15.01 7.64 -28.81
C ASN A 64 -16.02 6.59 -28.37
N PRO A 65 -17.18 6.94 -27.77
CA PRO A 65 -17.60 8.34 -27.57
C PRO A 65 -16.94 9.03 -26.37
N ASP A 66 -16.75 10.33 -26.52
CA ASP A 66 -16.19 11.23 -25.48
C ASP A 66 -17.02 12.51 -25.55
N VAL A 67 -17.93 12.67 -24.59
CA VAL A 67 -19.08 13.64 -24.67
C VAL A 67 -19.13 14.49 -23.40
N PRO A 68 -18.17 15.42 -23.23
CA PRO A 68 -18.13 16.27 -22.05
C PRO A 68 -19.32 17.23 -22.02
N PRO A 69 -20.12 17.21 -20.93
CA PRO A 69 -21.17 18.20 -20.76
C PRO A 69 -20.61 19.63 -20.65
N LYS A 70 -21.38 20.59 -21.15
CA LYS A 70 -21.01 22.02 -21.07
C LYS A 70 -20.65 22.38 -19.62
N ALA A 71 -21.42 21.89 -18.65
CA ALA A 71 -21.23 22.28 -17.25
C ALA A 71 -19.90 21.76 -16.68
N GLU A 72 -19.17 20.92 -17.41
CA GLU A 72 -17.89 20.31 -16.95
C GLU A 72 -16.71 20.90 -17.72
N LEU A 73 -16.93 21.89 -18.59
CA LEU A 73 -15.84 22.44 -19.45
C LEU A 73 -15.55 23.89 -19.12
N PRO A 74 -14.40 24.19 -18.48
CA PRO A 74 -13.98 25.58 -18.34
C PRO A 74 -13.84 26.31 -19.67
N CYS A 75 -14.29 27.55 -19.66
CA CYS A 75 -14.26 28.46 -20.81
C CYS A 75 -13.53 29.75 -20.48
N TYR A 76 -13.02 30.41 -21.51
CA TYR A 76 -12.45 31.76 -21.37
C TYR A 76 -13.52 32.73 -20.88
N SER A 77 -13.09 33.63 -20.01
CA SER A 77 -13.84 34.86 -19.65
C SER A 77 -13.46 35.96 -20.63
N CYS A 78 -14.39 36.83 -20.97
CA CYS A 78 -14.03 38.00 -21.78
C CYS A 78 -15.06 39.11 -21.62
N ALA A 79 -14.59 40.32 -21.83
CA ALA A 79 -15.44 41.51 -21.81
C ALA A 79 -14.89 42.52 -22.81
N ARG A 80 -15.81 43.33 -23.32
CA ARG A 80 -15.45 44.53 -24.10
C ARG A 80 -15.96 45.72 -23.30
N ILE A 81 -15.07 46.64 -22.96
CA ILE A 81 -15.47 47.89 -22.27
C ILE A 81 -15.59 48.97 -23.34
N GLY A 82 -16.81 49.52 -23.51
CA GLY A 82 -16.97 50.73 -24.32
C GLY A 82 -16.27 51.90 -23.65
N LEU A 83 -15.45 52.62 -24.42
CA LEU A 83 -14.59 53.69 -23.89
C LEU A 83 -15.20 55.06 -24.13
N PRO A 84 -14.73 56.10 -23.43
CA PRO A 84 -15.27 57.46 -23.62
C PRO A 84 -15.14 57.94 -25.07
N MET A 85 -16.16 58.65 -25.53
CA MET A 85 -16.11 59.46 -26.77
C MET A 85 -14.84 60.31 -26.77
N LEU A 86 -14.08 60.27 -27.86
CA LEU A 86 -12.85 61.10 -27.98
C LEU A 86 -12.77 61.77 -29.36
N ASN A 87 -13.56 61.33 -30.35
CA ASN A 87 -13.64 61.96 -31.69
C ASN A 87 -15.00 62.65 -31.88
N GLU A 88 -14.97 63.93 -32.26
CA GLU A 88 -16.18 64.71 -32.61
C GLU A 88 -16.41 64.61 -34.12
N ASP A 89 -15.50 63.94 -34.85
CA ASP A 89 -15.64 63.66 -36.30
C ASP A 89 -14.80 62.43 -36.66
N MET A 90 -15.27 61.62 -37.61
CA MET A 90 -14.57 60.37 -38.04
C MET A 90 -14.21 60.42 -39.52
N THR A 91 -14.26 61.60 -40.17
CA THR A 91 -13.98 61.76 -41.63
C THR A 91 -12.71 62.58 -41.86
N THR A 92 -12.07 63.06 -40.79
CA THR A 92 -10.83 63.88 -40.86
C THR A 92 -9.69 62.95 -41.26
N PRO A 93 -8.56 63.50 -41.80
CA PRO A 93 -7.45 62.65 -42.25
C PRO A 93 -6.69 62.04 -41.07
N GLU A 94 -6.86 62.59 -39.86
CA GLU A 94 -6.36 61.97 -38.60
C GLU A 94 -7.54 61.80 -37.65
N ILE A 95 -7.51 60.76 -36.83
CA ILE A 95 -8.49 60.59 -35.72
C ILE A 95 -7.72 60.16 -34.47
N LEU A 96 -8.40 60.18 -33.33
CA LEU A 96 -7.80 59.70 -32.08
C LEU A 96 -8.29 58.28 -31.81
N MET A 97 -7.42 57.47 -31.24
CA MET A 97 -7.78 56.17 -30.65
C MET A 97 -7.27 56.13 -29.21
N TRP A 98 -8.00 55.44 -28.35
CA TRP A 98 -7.49 55.09 -27.01
C TRP A 98 -6.40 54.02 -27.19
N GLU A 99 -5.27 54.25 -26.56
CA GLU A 99 -4.10 53.36 -26.57
C GLU A 99 -3.89 52.81 -25.16
N ALA A 100 -3.88 51.48 -25.02
CA ALA A 100 -3.65 50.84 -23.71
C ALA A 100 -2.14 50.80 -23.45
N VAL A 101 -1.70 51.51 -22.42
N VAL A 101 -1.63 51.49 -22.43
CA VAL A 101 -0.27 51.73 -22.09
CA VAL A 101 -0.17 51.55 -22.21
C VAL A 101 0.20 50.63 -21.13
C VAL A 101 0.25 50.58 -21.10
N SER A 102 -0.61 50.30 -20.12
CA SER A 102 -0.21 49.40 -19.03
C SER A 102 -1.43 48.81 -18.35
N VAL A 103 -1.21 47.73 -17.62
CA VAL A 103 -2.29 47.04 -16.87
C VAL A 103 -1.74 46.55 -15.55
N LYS A 104 -2.56 46.68 -14.52
CA LYS A 104 -2.41 45.99 -13.24
C LYS A 104 -3.53 44.97 -13.18
N THR A 105 -3.22 43.72 -12.91
CA THR A 105 -4.25 42.67 -12.89
C THR A 105 -3.99 41.77 -11.70
N GLU A 106 -5.05 41.27 -11.08
CA GLU A 106 -4.98 40.53 -9.80
C GLU A 106 -5.98 39.38 -9.87
N VAL A 107 -5.58 38.19 -9.48
CA VAL A 107 -6.55 37.10 -9.22
C VAL A 107 -7.15 37.37 -7.85
N VAL A 108 -8.47 37.43 -7.81
CA VAL A 108 -9.20 37.80 -6.57
C VAL A 108 -9.68 36.52 -5.90
N GLY A 109 -9.58 36.46 -4.58
CA GLY A 109 -10.04 35.33 -3.77
C GLY A 109 -8.99 34.25 -3.61
N VAL A 110 -7.72 34.57 -3.83
CA VAL A 110 -6.62 33.57 -3.65
C VAL A 110 -6.67 32.99 -2.24
N THR A 111 -6.97 33.81 -1.23
CA THR A 111 -6.94 33.36 0.19
C THR A 111 -8.09 32.39 0.50
N THR A 112 -9.08 32.24 -0.37
CA THR A 112 -10.12 31.20 -0.19
C THR A 112 -9.49 29.81 -0.17
N MET A 113 -8.31 29.67 -0.75
CA MET A 113 -7.61 28.37 -0.87
CA MET A 113 -7.70 28.32 -0.83
C MET A 113 -6.90 28.01 0.45
N CYS A 114 -7.07 28.82 1.49
CA CYS A 114 -6.66 28.49 2.87
C CYS A 114 -7.77 27.72 3.60
N ASN A 115 -8.90 27.51 2.94
CA ASN A 115 -10.05 26.74 3.50
C ASN A 115 -9.75 25.26 3.43
N VAL A 116 -9.62 24.58 4.56
CA VAL A 116 -9.43 23.11 4.59
C VAL A 116 -10.53 22.46 5.41
N HIS A 117 -11.65 23.14 5.62
CA HIS A 117 -12.77 22.58 6.43
C HIS A 117 -14.00 22.25 5.58
N SER A 118 -14.14 22.82 4.38
CA SER A 118 -15.39 22.68 3.59
C SER A 118 -15.47 21.39 2.76
N ALA A 119 -15.44 20.25 3.45
CA ALA A 119 -15.92 18.93 2.97
C ALA A 119 -15.06 18.38 1.82
N SER A 120 -13.74 18.54 1.88
N SER A 120 -13.75 18.53 1.88
CA SER A 120 -12.83 17.86 0.93
CA SER A 120 -12.86 17.86 0.90
C SER A 120 -12.33 16.53 1.52
C SER A 120 -12.22 16.62 1.53
N ILE A 121 -11.58 15.80 0.72
CA ILE A 121 -10.97 14.52 1.14
C ILE A 121 -9.94 14.82 2.22
N ARG A 122 -10.00 14.12 3.33
CA ARG A 122 -9.14 14.45 4.49
C ARG A 122 -7.78 13.78 4.39
N MET A 123 -6.76 14.55 4.72
CA MET A 123 -5.36 14.08 4.83
C MET A 123 -5.18 13.25 6.11
N ASN A 124 -3.99 12.67 6.26
CA ASN A 124 -3.61 11.81 7.42
C ASN A 124 -4.65 10.71 7.61
N GLY A 125 -5.04 10.04 6.54
CA GLY A 125 -5.90 8.85 6.62
C GLY A 125 -7.30 9.15 7.12
N GLY A 126 -7.74 10.40 6.97
CA GLY A 126 -9.09 10.82 7.41
C GLY A 126 -9.05 11.68 8.65
N TYR A 127 -7.91 11.78 9.33
CA TYR A 127 -7.79 12.44 10.65
C TYR A 127 -7.37 13.91 10.52
N GLY A 128 -6.72 14.27 9.41
CA GLY A 128 -6.20 15.63 9.19
C GLY A 128 -7.22 16.54 8.55
N VAL A 129 -6.75 17.62 7.98
CA VAL A 129 -7.63 18.61 7.33
C VAL A 129 -7.99 18.15 5.92
N GLY A 130 -8.95 18.84 5.33
CA GLY A 130 -9.29 18.56 3.92
C GLY A 130 -8.19 19.00 3.00
N ARG A 131 -8.01 18.27 1.90
CA ARG A 131 -7.10 18.71 0.81
C ARG A 131 -7.52 20.09 0.36
N PRO A 132 -6.58 21.03 0.20
CA PRO A 132 -6.94 22.29 -0.43
C PRO A 132 -7.16 22.06 -1.94
N ILE A 133 -7.64 23.08 -2.60
CA ILE A 133 -7.77 23.03 -4.07
C ILE A 133 -6.38 22.93 -4.68
N GLU A 134 -6.17 21.93 -5.56
CA GLU A 134 -4.81 21.65 -6.05
C GLU A 134 -4.88 20.89 -7.36
N GLY A 135 -3.75 20.81 -8.06
CA GLY A 135 -3.71 20.16 -9.37
C GLY A 135 -3.44 21.15 -10.47
N LEU A 136 -3.82 20.80 -11.70
CA LEU A 136 -3.39 21.62 -12.85
C LEU A 136 -3.93 23.03 -12.69
N ASN A 137 -3.10 23.97 -13.08
CA ASN A 137 -3.37 25.42 -13.09
C ASN A 137 -3.20 25.92 -14.51
N CYS A 138 -4.04 26.85 -14.93
CA CYS A 138 -3.89 27.51 -16.22
C CYS A 138 -4.35 28.94 -16.03
N HIS A 139 -3.43 29.88 -16.19
CA HIS A 139 -3.68 31.31 -15.96
C HIS A 139 -3.30 32.09 -17.20
N MET A 140 -4.21 32.90 -17.72
N MET A 140 -4.23 32.92 -17.67
CA MET A 140 -3.90 33.77 -18.87
CA MET A 140 -4.01 33.76 -18.86
C MET A 140 -4.70 35.06 -18.70
C MET A 140 -4.72 35.08 -18.61
N PHE A 141 -4.09 36.20 -19.00
CA PHE A 141 -4.84 37.45 -19.18
C PHE A 141 -4.40 38.05 -20.49
N ALA A 142 -5.29 38.81 -21.10
CA ALA A 142 -5.01 39.51 -22.36
C ALA A 142 -5.70 40.86 -22.34
N VAL A 143 -5.05 41.85 -22.94
CA VAL A 143 -5.58 43.22 -23.10
C VAL A 143 -5.36 43.57 -24.56
N GLY A 144 -6.41 43.97 -25.25
CA GLY A 144 -6.29 44.31 -26.68
C GLY A 144 -7.29 45.36 -27.12
N GLY A 145 -7.15 45.79 -28.35
CA GLY A 145 -8.08 46.76 -28.97
C GLY A 145 -9.06 46.10 -29.92
N GLU A 146 -9.18 44.80 -29.84
CA GLU A 146 -10.12 43.98 -30.64
C GLU A 146 -10.16 42.60 -30.01
N PRO A 147 -11.11 41.72 -30.39
CA PRO A 147 -11.22 40.43 -29.72
C PRO A 147 -9.93 39.63 -29.85
N LEU A 148 -9.63 38.87 -28.82
CA LEU A 148 -8.49 37.94 -28.82
C LEU A 148 -8.71 36.92 -29.94
N GLU A 149 -7.68 36.69 -30.75
CA GLU A 149 -7.74 35.73 -31.87
C GLU A 149 -7.27 34.36 -31.36
N LEU A 150 -8.05 33.34 -31.69
CA LEU A 150 -7.84 31.97 -31.20
C LEU A 150 -7.44 31.03 -32.33
N GLN A 151 -6.62 30.05 -31.97
CA GLN A 151 -6.29 28.88 -32.81
C GLN A 151 -6.96 27.67 -32.19
N GLY A 152 -7.68 26.88 -32.99
CA GLY A 152 -8.28 25.63 -32.51
C GLY A 152 -7.23 24.57 -32.35
N CYS A 153 -7.28 23.81 -31.27
CA CYS A 153 -6.39 22.66 -31.03
C CYS A 153 -7.01 21.86 -29.90
N VAL A 154 -7.08 20.55 -30.04
CA VAL A 154 -7.74 19.68 -29.02
C VAL A 154 -6.81 18.53 -28.68
N GLN A 155 -7.06 17.87 -27.56
CA GLN A 155 -6.31 16.65 -27.23
C GLN A 155 -6.87 15.45 -27.99
N ASN A 156 -8.18 15.40 -28.18
CA ASN A 156 -8.87 14.21 -28.80
C ASN A 156 -9.79 14.71 -29.91
N TRP A 157 -9.44 14.46 -31.18
CA TRP A 157 -10.26 14.96 -32.30
C TRP A 157 -11.61 14.25 -32.33
N SER A 158 -11.78 13.13 -31.63
CA SER A 158 -13.05 12.38 -31.60
C SER A 158 -14.01 12.95 -30.56
N THR A 159 -13.61 13.93 -29.76
CA THR A 159 -14.48 14.50 -28.72
C THR A 159 -15.73 15.07 -29.39
N THR A 160 -16.90 14.79 -28.83
CA THR A 160 -18.14 15.50 -29.17
C THR A 160 -18.33 16.67 -28.20
N TYR A 161 -18.09 17.88 -28.67
CA TYR A 161 -18.32 19.08 -27.82
C TYR A 161 -19.82 19.36 -27.73
N PRO A 162 -20.27 19.90 -26.59
CA PRO A 162 -21.70 20.05 -26.35
C PRO A 162 -22.32 21.28 -27.04
N SER A 163 -23.64 21.21 -27.22
N SER A 163 -23.65 21.23 -27.21
CA SER A 163 -24.50 22.40 -27.51
CA SER A 163 -24.47 22.41 -27.56
C SER A 163 -24.18 23.49 -26.48
C SER A 163 -24.23 23.49 -26.50
N GLY A 164 -24.09 24.74 -26.95
CA GLY A 164 -23.94 25.89 -26.05
C GLY A 164 -22.49 26.30 -25.88
N VAL A 165 -21.55 25.56 -26.45
CA VAL A 165 -20.14 26.05 -26.53
C VAL A 165 -19.76 26.20 -27.99
N VAL A 166 -18.75 27.02 -28.22
CA VAL A 166 -18.15 27.20 -29.55
C VAL A 166 -16.86 26.39 -29.56
N ALA A 167 -16.81 25.34 -30.35
CA ALA A 167 -15.64 24.46 -30.48
C ALA A 167 -15.23 24.45 -31.94
N PRO A 168 -13.95 24.18 -32.23
CA PRO A 168 -13.49 24.11 -33.62
C PRO A 168 -14.15 22.92 -34.30
N PRO A 169 -14.39 22.99 -35.63
CA PRO A 169 -14.75 21.80 -36.38
C PRO A 169 -13.68 20.73 -36.19
N LEU A 170 -14.09 19.48 -35.99
CA LEU A 170 -13.15 18.33 -35.82
C LEU A 170 -13.40 17.31 -36.94
N LYS A 171 -12.76 17.56 -38.09
CA LYS A 171 -12.99 16.80 -39.34
C LYS A 171 -11.92 15.72 -39.48
N ASP A 172 -10.79 15.86 -38.78
CA ASP A 172 -9.69 14.88 -38.85
C ASP A 172 -8.76 15.12 -37.65
N ALA A 173 -7.74 14.29 -37.51
CA ALA A 173 -6.83 14.29 -36.35
C ALA A 173 -5.87 15.48 -36.40
N LYS A 174 -5.76 16.22 -37.51
CA LYS A 174 -4.84 17.37 -37.54
C LYS A 174 -5.29 18.44 -36.54
N ALA A 175 -6.53 18.38 -36.03
CA ALA A 175 -7.03 19.28 -34.98
C ALA A 175 -6.29 19.04 -33.66
N GLN A 176 -5.58 17.93 -33.51
CA GLN A 176 -4.75 17.64 -32.29
C GLN A 176 -3.42 18.38 -32.36
N VAL A 177 -3.06 18.90 -33.53
CA VAL A 177 -1.83 19.71 -33.70
C VAL A 177 -2.27 21.03 -34.36
N LEU A 178 -1.52 21.61 -35.30
CA LEU A 178 -1.92 22.92 -35.85
C LEU A 178 -2.55 22.72 -37.23
N ASP A 179 -3.86 22.90 -37.28
CA ASP A 179 -4.62 23.03 -38.55
C ASP A 179 -4.95 24.51 -38.70
N PRO A 180 -4.27 25.23 -39.63
CA PRO A 180 -4.46 26.67 -39.78
C PRO A 180 -5.87 27.06 -40.24
N GLY A 181 -6.70 26.09 -40.62
CA GLY A 181 -8.12 26.30 -40.95
C GLY A 181 -8.98 26.54 -39.73
N LEU A 182 -8.48 26.29 -38.52
CA LEU A 182 -9.30 26.29 -37.28
C LEU A 182 -9.01 27.57 -36.50
N LYS A 183 -9.73 28.64 -36.82
CA LYS A 183 -9.52 29.99 -36.24
C LYS A 183 -10.85 30.51 -35.70
N ALA A 184 -10.78 31.39 -34.73
CA ALA A 184 -11.97 32.04 -34.15
C ALA A 184 -11.52 33.31 -33.44
N ARG A 185 -12.51 34.11 -33.08
CA ARG A 185 -12.33 35.30 -32.22
C ARG A 185 -13.04 35.01 -30.91
N LEU A 186 -12.42 35.36 -29.78
CA LEU A 186 -13.04 35.24 -28.44
C LEU A 186 -14.09 36.35 -28.30
N ASP A 187 -15.32 36.05 -28.70
CA ASP A 187 -16.37 37.09 -28.86
C ASP A 187 -17.61 36.76 -28.01
N LYS A 188 -17.51 35.77 -27.13
CA LYS A 188 -18.61 35.42 -26.21
C LYS A 188 -18.02 34.94 -24.89
N ASP A 189 -18.44 35.53 -23.80
CA ASP A 189 -17.98 35.12 -22.45
C ASP A 189 -18.52 33.73 -22.11
N GLY A 190 -17.71 32.87 -21.49
CA GLY A 190 -18.17 31.57 -20.99
C GLY A 190 -18.66 30.61 -22.07
N ALA A 191 -18.16 30.71 -23.30
CA ALA A 191 -18.64 29.88 -24.43
C ALA A 191 -17.51 29.17 -25.19
N TYR A 192 -16.27 29.66 -25.11
CA TYR A 192 -15.12 29.07 -25.84
C TYR A 192 -14.32 28.22 -24.84
N PRO A 193 -14.37 26.88 -24.91
CA PRO A 193 -13.65 26.06 -23.93
C PRO A 193 -12.14 26.29 -24.02
N VAL A 194 -11.51 26.36 -22.85
CA VAL A 194 -10.04 26.49 -22.76
C VAL A 194 -9.34 25.33 -23.47
N GLU A 195 -9.86 24.12 -23.36
CA GLU A 195 -9.16 22.91 -23.83
C GLU A 195 -9.23 22.78 -25.34
N CYS A 196 -9.95 23.62 -26.06
CA CYS A 196 -10.01 23.43 -27.55
C CYS A 196 -9.62 24.71 -28.28
N TRP A 197 -9.18 25.75 -27.57
CA TRP A 197 -8.72 27.02 -28.19
C TRP A 197 -7.52 27.53 -27.43
N CYS A 198 -6.57 28.09 -28.14
CA CYS A 198 -5.47 28.84 -27.50
C CYS A 198 -5.30 30.17 -28.23
N PRO A 199 -4.64 31.14 -27.59
CA PRO A 199 -4.30 32.37 -28.29
C PRO A 199 -3.48 32.07 -29.55
N ASP A 200 -3.85 32.71 -30.65
CA ASP A 200 -3.21 32.48 -31.96
C ASP A 200 -1.97 33.35 -32.06
N PRO A 201 -0.74 32.80 -31.97
CA PRO A 201 0.47 33.61 -32.04
C PRO A 201 0.74 34.19 -33.45
N SER A 202 0.03 33.69 -34.48
CA SER A 202 0.17 34.18 -35.88
C SER A 202 -0.67 35.43 -36.11
N ARG A 203 -1.55 35.76 -35.19
CA ARG A 203 -2.41 36.98 -35.29
C ARG A 203 -2.16 37.80 -34.01
N ASN A 204 -3.18 38.44 -33.47
CA ASN A 204 -3.05 39.19 -32.19
C ASN A 204 -1.97 40.26 -32.29
N GLU A 205 -1.87 40.95 -33.43
CA GLU A 205 -0.98 42.13 -33.58
C GLU A 205 -1.42 43.26 -32.64
N ASN A 206 -2.70 43.29 -32.24
CA ASN A 206 -3.29 44.43 -31.50
C ASN A 206 -3.79 43.96 -30.13
N THR A 207 -3.24 42.87 -29.61
CA THR A 207 -3.55 42.32 -28.28
C THR A 207 -2.25 41.81 -27.67
N ARG A 208 -2.06 42.02 -26.40
CA ARG A 208 -0.96 41.36 -25.64
C ARG A 208 -1.59 40.27 -24.77
N TYR A 209 -1.11 39.05 -24.86
CA TYR A 209 -1.60 37.97 -23.99
C TYR A 209 -0.43 37.34 -23.25
N PHE A 210 -0.74 36.87 -22.06
CA PHE A 210 0.23 36.34 -21.08
C PHE A 210 -0.41 35.12 -20.42
N GLY A 211 0.13 33.95 -20.72
CA GLY A 211 -0.43 32.66 -20.27
C GLY A 211 0.62 31.76 -19.67
N THR A 212 0.22 31.03 -18.65
N THR A 212 0.20 30.97 -18.70
CA THR A 212 1.02 29.90 -18.11
CA THR A 212 1.05 29.91 -18.09
C THR A 212 0.10 28.70 -17.94
C THR A 212 0.20 28.70 -17.71
N TYR A 213 0.68 27.52 -18.07
CA TYR A 213 0.07 26.23 -17.72
C TYR A 213 1.06 25.53 -16.82
N THR A 214 0.59 25.02 -15.69
CA THR A 214 1.39 24.20 -14.76
C THR A 214 0.56 22.96 -14.47
N GLY A 215 0.96 21.83 -15.01
CA GLY A 215 0.12 20.63 -14.95
C GLY A 215 0.39 19.76 -13.75
N GLY A 216 0.32 18.44 -13.98
CA GLY A 216 0.47 17.42 -12.94
C GLY A 216 -0.82 17.15 -12.18
N GLN A 217 -0.76 16.23 -11.24
CA GLN A 217 -1.96 15.64 -10.60
C GLN A 217 -2.40 16.42 -9.38
N GLN A 218 -1.50 16.65 -8.42
CA GLN A 218 -1.82 17.28 -7.11
C GLN A 218 -0.90 18.47 -6.89
N THR A 219 -0.53 19.12 -7.97
CA THR A 219 0.49 20.18 -7.96
C THR A 219 0.04 21.34 -7.08
N PRO A 220 0.96 21.89 -6.24
CA PRO A 220 0.63 23.10 -5.46
C PRO A 220 0.36 24.30 -6.35
N PRO A 221 -0.82 24.95 -6.23
CA PRO A 221 -1.03 26.23 -6.90
C PRO A 221 -0.11 27.29 -6.26
N VAL A 222 0.50 28.12 -7.07
CA VAL A 222 1.36 29.23 -6.57
C VAL A 222 0.78 30.52 -7.11
N LEU A 223 0.15 31.31 -6.24
CA LEU A 223 -0.69 32.44 -6.67
C LEU A 223 -0.25 33.68 -5.90
N PRO A 224 0.38 34.67 -6.55
CA PRO A 224 0.66 35.95 -5.91
C PRO A 224 -0.59 36.81 -5.86
N PHE A 225 -0.62 37.76 -4.94
CA PHE A 225 -1.67 38.81 -4.90
C PHE A 225 -1.00 40.06 -4.35
N THR A 226 -0.92 41.09 -5.18
CA THR A 226 -0.29 42.38 -4.83
C THR A 226 -0.96 43.48 -5.64
N ASN A 227 -0.81 44.72 -5.20
CA ASN A 227 -1.24 45.89 -5.99
C ASN A 227 -0.05 46.69 -6.46
N THR A 228 1.16 46.11 -6.51
CA THR A 228 2.38 46.88 -6.80
C THR A 228 3.01 46.50 -8.14
N VAL A 229 2.38 45.64 -8.94
CA VAL A 229 3.02 45.12 -10.18
C VAL A 229 2.25 45.63 -11.40
N THR A 230 2.96 46.28 -12.33
CA THR A 230 2.40 46.84 -13.59
C THR A 230 3.01 46.09 -14.77
N THR A 231 2.19 45.66 -15.72
CA THR A 231 2.65 45.11 -17.02
C THR A 231 2.52 46.20 -18.08
N VAL A 232 3.63 46.62 -18.70
CA VAL A 232 3.60 47.65 -19.78
C VAL A 232 3.17 46.93 -21.06
N LEU A 233 2.23 47.50 -21.81
CA LEU A 233 1.62 46.88 -23.00
C LEU A 233 2.20 47.45 -24.30
N LEU A 234 3.15 48.37 -24.21
CA LEU A 234 3.79 48.99 -25.40
C LEU A 234 4.61 47.94 -26.15
N ASP A 235 4.57 47.99 -27.47
CA ASP A 235 5.42 47.15 -28.37
C ASP A 235 6.81 47.81 -28.49
N GLU A 236 7.66 47.27 -29.38
CA GLU A 236 9.05 47.75 -29.65
C GLU A 236 9.06 49.23 -30.07
N ASN A 237 7.99 49.70 -30.72
CA ASN A 237 7.89 51.07 -31.28
C ASN A 237 7.23 52.01 -30.26
N GLY A 238 6.93 51.52 -29.05
CA GLY A 238 6.33 52.34 -27.99
C GLY A 238 4.82 52.49 -28.16
N VAL A 239 4.16 51.55 -28.85
CA VAL A 239 2.71 51.67 -29.16
C VAL A 239 1.95 50.53 -28.47
N GLY A 240 0.98 50.89 -27.64
CA GLY A 240 0.11 49.91 -26.98
C GLY A 240 -1.03 49.49 -27.90
N PRO A 241 -1.84 48.48 -27.52
CA PRO A 241 -3.07 48.17 -28.23
C PRO A 241 -3.91 49.43 -28.47
N LEU A 242 -4.44 49.51 -29.68
CA LEU A 242 -5.25 50.66 -30.13
C LEU A 242 -6.70 50.18 -30.21
N CYS A 243 -7.58 50.88 -29.51
CA CYS A 243 -8.95 50.39 -29.24
C CYS A 243 -9.88 50.70 -30.42
N LYS A 244 -10.06 49.72 -31.31
CA LYS A 244 -10.91 49.85 -32.49
C LYS A 244 -12.37 49.97 -32.04
N GLY A 245 -13.09 50.90 -32.67
CA GLY A 245 -14.50 51.16 -32.31
C GLY A 245 -14.65 51.57 -30.86
N ASP A 246 -13.61 52.15 -30.24
CA ASP A 246 -13.60 52.62 -28.84
C ASP A 246 -13.96 51.47 -27.88
N GLY A 247 -13.43 50.28 -28.18
CA GLY A 247 -13.59 49.08 -27.35
C GLY A 247 -12.26 48.65 -26.76
N LEU A 248 -12.21 48.44 -25.45
CA LEU A 248 -11.09 47.74 -24.77
C LEU A 248 -11.49 46.31 -24.47
N TYR A 249 -10.69 45.36 -24.91
CA TYR A 249 -11.02 43.91 -24.85
C TYR A 249 -10.15 43.24 -23.81
N LEU A 250 -10.82 42.67 -22.81
CA LEU A 250 -10.13 41.97 -21.70
C LEU A 250 -10.52 40.51 -21.79
N SER A 251 -9.56 39.62 -21.58
N SER A 251 -9.58 39.61 -21.56
CA SER A 251 -9.77 38.15 -21.67
CA SER A 251 -9.93 38.17 -21.52
C SER A 251 -8.97 37.49 -20.55
C SER A 251 -8.99 37.49 -20.56
N CYS A 252 -9.45 36.36 -20.04
CA CYS A 252 -8.67 35.59 -19.06
C CYS A 252 -9.23 34.20 -18.86
N VAL A 253 -8.37 33.40 -18.25
CA VAL A 253 -8.83 32.19 -17.55
C VAL A 253 -7.92 32.01 -16.34
N ASP A 254 -8.47 31.46 -15.27
CA ASP A 254 -7.71 31.25 -14.03
C ASP A 254 -8.21 29.97 -13.38
N ILE A 255 -7.81 28.84 -13.96
CA ILE A 255 -8.07 27.52 -13.36
C ILE A 255 -7.05 27.33 -12.26
N CYS A 256 -7.51 27.14 -11.04
CA CYS A 256 -6.64 27.12 -9.84
C CYS A 256 -6.43 25.69 -9.34
N GLY A 257 -7.07 24.71 -9.97
CA GLY A 257 -6.96 23.30 -9.58
C GLY A 257 -8.31 22.67 -9.39
N PHE A 258 -8.35 21.56 -8.66
CA PHE A 258 -9.55 20.75 -8.47
C PHE A 258 -9.92 20.72 -7.00
N TYR A 259 -11.21 20.81 -6.75
CA TYR A 259 -11.82 20.49 -5.46
C TYR A 259 -12.29 19.04 -5.49
N SER A 260 -11.90 18.25 -4.50
CA SER A 260 -12.34 16.85 -4.36
C SER A 260 -13.46 16.76 -3.33
N GLU A 261 -14.59 16.19 -3.69
CA GLU A 261 -15.69 15.95 -2.72
C GLU A 261 -15.25 14.87 -1.72
N GLN A 262 -15.44 15.10 -0.43
CA GLN A 262 -15.00 14.15 0.62
C GLN A 262 -15.62 12.77 0.41
N TYR A 263 -16.92 12.70 0.18
CA TYR A 263 -17.60 11.39 0.12
C TYR A 263 -17.40 10.75 -1.26
N SER A 264 -17.88 11.37 -2.33
CA SER A 264 -17.83 10.74 -3.67
C SER A 264 -16.40 10.66 -4.19
N GLN A 265 -15.55 11.62 -3.82
CA GLN A 265 -14.18 11.80 -4.38
C GLN A 265 -14.24 12.28 -5.82
N LYS A 266 -15.41 12.72 -6.30
CA LYS A 266 -15.50 13.40 -7.62
C LYS A 266 -14.75 14.73 -7.53
N GLN A 267 -14.24 15.20 -8.66
CA GLN A 267 -13.50 16.47 -8.72
C GLN A 267 -14.21 17.51 -9.58
N HIS A 268 -14.03 18.76 -9.18
CA HIS A 268 -14.60 19.97 -9.82
C HIS A 268 -13.45 20.90 -10.13
N PHE A 269 -13.39 21.46 -11.32
CA PHE A 269 -12.50 22.60 -11.59
C PHE A 269 -12.89 23.75 -10.66
N ARG A 270 -11.90 24.45 -10.11
CA ARG A 270 -12.10 25.72 -9.39
C ARG A 270 -11.40 26.84 -10.15
N GLY A 271 -12.14 27.90 -10.41
CA GLY A 271 -11.60 29.12 -11.02
C GLY A 271 -11.84 30.31 -10.11
N LEU A 272 -11.02 31.33 -10.27
CA LEU A 272 -11.16 32.57 -9.47
C LEU A 272 -11.32 33.75 -10.40
N PRO A 273 -12.01 34.78 -9.92
CA PRO A 273 -12.20 36.00 -10.69
C PRO A 273 -10.90 36.78 -10.87
N ARG A 274 -10.86 37.62 -11.88
CA ARG A 274 -9.67 38.45 -12.14
C ARG A 274 -10.11 39.90 -12.26
N TYR A 275 -9.35 40.77 -11.60
CA TYR A 275 -9.52 42.24 -11.69
C TYR A 275 -8.50 42.82 -12.67
N PHE A 276 -8.90 43.84 -13.42
CA PHE A 276 -8.04 44.60 -14.35
C PHE A 276 -8.16 46.10 -14.07
N SER A 277 -7.02 46.76 -14.07
CA SER A 277 -6.92 48.24 -14.11
C SER A 277 -6.02 48.59 -15.29
N VAL A 278 -6.60 49.19 -16.33
CA VAL A 278 -5.85 49.49 -17.58
C VAL A 278 -5.73 51.00 -17.73
N SER A 279 -4.49 51.47 -17.90
N SER A 279 -4.49 51.48 -17.90
CA SER A 279 -4.18 52.90 -18.16
CA SER A 279 -4.17 52.91 -18.13
C SER A 279 -4.18 53.15 -19.66
C SER A 279 -4.16 53.18 -19.64
N LEU A 280 -4.96 54.13 -20.11
CA LEU A 280 -5.07 54.47 -21.55
C LEU A 280 -4.70 55.94 -21.75
N ARG A 281 -4.22 56.21 -22.94
CA ARG A 281 -3.94 57.60 -23.39
C ARG A 281 -4.47 57.77 -24.81
N LYS A 282 -4.71 59.02 -25.21
CA LYS A 282 -5.21 59.31 -26.57
C LYS A 282 -4.02 59.29 -27.53
N ARG A 283 -4.15 58.58 -28.63
CA ARG A 283 -3.11 58.49 -29.67
C ARG A 283 -3.68 58.97 -31.00
N LEU A 284 -2.99 59.90 -31.65
CA LEU A 284 -3.38 60.35 -33.01
C LEU A 284 -2.96 59.25 -34.00
N VAL A 285 -3.82 58.92 -34.94
CA VAL A 285 -3.54 57.96 -36.04
C VAL A 285 -4.05 58.55 -37.35
N ARG A 286 -3.50 58.07 -38.45
CA ARG A 286 -3.98 58.46 -39.80
CA ARG A 286 -4.01 58.49 -39.78
C ARG A 286 -5.30 57.71 -40.05
N ASN A 287 -6.29 58.39 -40.62
CA ASN A 287 -7.66 57.85 -40.83
C ASN A 287 -7.73 57.15 -42.20
N GLY B 23 -8.13 61.99 -3.39
CA GLY B 23 -8.29 63.43 -3.69
C GLY B 23 -7.43 64.32 -2.81
N ILE B 24 -6.24 63.83 -2.39
CA ILE B 24 -5.20 64.65 -1.70
C ILE B 24 -4.28 65.24 -2.77
N GLU B 25 -4.18 66.58 -2.83
CA GLU B 25 -3.15 67.28 -3.65
C GLU B 25 -1.83 67.19 -2.90
N VAL B 26 -0.89 66.40 -3.42
CA VAL B 26 0.41 66.13 -2.75
C VAL B 26 1.40 67.20 -3.23
N LEU B 27 2.06 67.86 -2.28
CA LEU B 27 3.07 68.91 -2.58
C LEU B 27 4.45 68.33 -2.29
N GLY B 28 5.42 69.15 -1.88
CA GLY B 28 6.82 68.75 -1.72
C GLY B 28 7.09 67.98 -0.45
N VAL B 29 8.12 67.16 -0.49
CA VAL B 29 8.73 66.57 0.74
C VAL B 29 9.22 67.71 1.64
N ARG B 30 8.94 67.60 2.93
CA ARG B 30 9.45 68.51 4.00
C ARG B 30 10.71 67.88 4.59
N THR B 31 11.84 68.59 4.50
CA THR B 31 13.14 68.08 4.97
C THR B 31 13.56 68.87 6.22
N GLY B 32 14.72 68.50 6.75
CA GLY B 32 15.34 69.16 7.91
C GLY B 32 15.30 68.27 9.14
N PRO B 33 15.79 68.76 10.29
CA PRO B 33 15.85 67.98 11.52
C PRO B 33 14.46 67.45 11.90
N ASP B 34 14.41 66.17 12.29
CA ASP B 34 13.19 65.46 12.77
C ASP B 34 12.14 65.34 11.65
N SER B 35 12.53 65.44 10.39
CA SER B 35 11.61 65.32 9.23
C SER B 35 11.46 63.86 8.81
N THR B 36 12.27 62.96 9.37
CA THR B 36 12.20 61.50 9.10
C THR B 36 12.13 60.74 10.42
N THR B 37 11.55 59.55 10.38
CA THR B 37 11.51 58.67 11.54
C THR B 37 11.38 57.23 11.04
N THR B 38 11.81 56.28 11.85
CA THR B 38 11.64 54.85 11.57
C THR B 38 10.76 54.26 12.67
N ILE B 39 9.70 53.55 12.29
CA ILE B 39 8.78 52.85 13.21
C ILE B 39 9.14 51.36 13.16
N GLU B 40 9.29 50.74 14.32
CA GLU B 40 9.50 49.27 14.45
C GLU B 40 8.31 48.70 15.17
N ALA B 41 7.80 47.56 14.70
CA ALA B 41 6.63 46.89 15.29
C ALA B 41 6.72 45.41 14.98
N TYR B 42 6.07 44.61 15.80
CA TYR B 42 5.87 43.18 15.47
C TYR B 42 4.39 42.89 15.66
N LEU B 43 3.89 41.93 14.89
N LEU B 43 3.88 41.93 14.89
CA LEU B 43 2.49 41.44 14.97
CA LEU B 43 2.48 41.46 14.98
C LEU B 43 2.55 39.93 15.21
C LEU B 43 2.52 39.94 15.19
N ASN B 44 1.97 39.48 16.32
CA ASN B 44 1.87 38.03 16.60
C ASN B 44 0.73 37.46 15.77
N PRO B 45 0.87 36.19 15.38
CA PRO B 45 -0.08 35.56 14.46
C PRO B 45 -1.39 35.25 15.18
N ARG B 46 -2.46 35.21 14.40
CA ARG B 46 -3.85 34.97 14.88
C ARG B 46 -4.40 33.75 14.14
N MET B 47 -3.90 32.57 14.52
CA MET B 47 -4.26 31.30 13.83
C MET B 47 -5.57 30.72 14.37
N GLY B 48 -6.19 31.35 15.37
CA GLY B 48 -7.48 30.92 15.96
C GLY B 48 -7.37 30.82 17.47
N THR B 49 -6.17 30.54 17.97
CA THR B 49 -5.77 30.72 19.39
C THR B 49 -4.50 31.59 19.39
N ASP B 50 -4.08 32.10 20.56
CA ASP B 50 -3.17 33.27 20.68
C ASP B 50 -1.67 32.98 20.55
N ASN B 51 -1.24 31.74 20.41
CA ASN B 51 0.20 31.43 20.57
C ASN B 51 0.71 30.56 19.42
N GLY B 52 0.24 30.84 18.21
CA GLY B 52 0.91 30.36 16.99
C GLY B 52 0.19 29.22 16.30
N PHE B 53 -0.75 28.55 16.97
CA PHE B 53 -1.44 27.37 16.42
C PHE B 53 -2.94 27.56 16.47
N SER B 54 -3.64 27.10 15.45
CA SER B 54 -5.10 26.91 15.55
C SER B 54 -5.38 25.77 16.51
N GLN B 55 -6.61 25.72 17.00
CA GLN B 55 -7.19 24.49 17.55
C GLN B 55 -7.12 23.41 16.48
N ALA B 56 -7.13 22.15 16.88
CA ALA B 56 -7.18 21.04 15.91
C ALA B 56 -8.35 21.29 14.95
N VAL B 57 -8.09 21.15 13.66
CA VAL B 57 -9.06 21.55 12.61
C VAL B 57 -10.03 20.40 12.36
N THR B 58 -11.32 20.73 12.39
CA THR B 58 -12.46 19.84 12.10
C THR B 58 -12.89 20.09 10.66
N VAL B 59 -13.43 19.07 10.03
CA VAL B 59 -13.78 19.14 8.58
C VAL B 59 -15.21 18.67 8.44
N ALA B 60 -16.04 19.47 7.79
CA ALA B 60 -17.45 19.11 7.55
C ALA B 60 -17.52 17.87 6.64
N THR B 61 -18.60 17.08 6.76
CA THR B 61 -18.80 15.90 5.87
C THR B 61 -19.59 16.29 4.62
N SER B 62 -20.12 17.50 4.59
CA SER B 62 -20.84 18.05 3.42
C SER B 62 -20.73 19.57 3.42
N LEU B 63 -21.18 20.20 2.36
CA LEU B 63 -21.11 21.69 2.23
C LEU B 63 -22.12 22.35 3.17
N ASN B 64 -23.10 21.62 3.68
CA ASN B 64 -24.13 22.24 4.56
C ASN B 64 -24.72 21.14 5.44
N PRO B 65 -24.51 21.13 6.76
CA PRO B 65 -23.86 22.20 7.51
C PRO B 65 -22.33 22.16 7.50
N ASP B 66 -21.73 23.34 7.48
CA ASP B 66 -20.26 23.53 7.52
C ASP B 66 -20.02 24.65 8.52
N VAL B 67 -19.58 24.30 9.73
CA VAL B 67 -19.69 25.20 10.90
C VAL B 67 -18.33 25.28 11.59
N PRO B 68 -17.35 25.96 10.96
CA PRO B 68 -16.00 26.00 11.52
C PRO B 68 -15.98 26.81 12.81
N PRO B 69 -15.47 26.23 13.90
CA PRO B 69 -15.28 26.99 15.13
C PRO B 69 -14.32 28.16 14.92
N LYS B 70 -14.53 29.26 15.64
CA LYS B 70 -13.61 30.42 15.63
C LYS B 70 -12.15 29.99 15.85
N ALA B 71 -11.88 29.05 16.78
CA ALA B 71 -10.51 28.69 17.19
C ALA B 71 -9.79 27.92 16.08
N GLU B 72 -10.49 27.62 14.99
CA GLU B 72 -9.93 26.81 13.88
C GLU B 72 -9.75 27.65 12.62
N LEU B 73 -9.99 28.96 12.70
CA LEU B 73 -9.96 29.85 11.50
C LEU B 73 -8.85 30.89 11.63
N PRO B 74 -7.75 30.74 10.88
CA PRO B 74 -6.73 31.78 10.85
C PRO B 74 -7.30 33.13 10.38
N CYS B 75 -6.84 34.19 11.02
CA CYS B 75 -7.30 35.57 10.71
C CYS B 75 -6.10 36.45 10.41
N TYR B 76 -6.35 37.58 9.77
CA TYR B 76 -5.32 38.60 9.53
C TYR B 76 -4.91 39.20 10.86
N SER B 77 -3.64 39.54 10.95
CA SER B 77 -3.06 40.42 12.00
C SER B 77 -3.11 41.85 11.50
N CYS B 78 -3.34 42.80 12.40
CA CYS B 78 -3.24 44.23 12.02
C CYS B 78 -2.98 45.08 13.26
N ALA B 79 -2.34 46.21 13.04
CA ALA B 79 -2.07 47.21 14.10
C ALA B 79 -2.06 48.59 13.47
N ARG B 80 -2.56 49.58 14.19
CA ARG B 80 -2.36 51.01 13.87
C ARG B 80 -1.29 51.52 14.82
N ILE B 81 -0.21 52.07 14.27
CA ILE B 81 0.89 52.65 15.10
C ILE B 81 0.67 54.17 15.09
N GLY B 82 0.48 54.77 16.25
CA GLY B 82 0.39 56.24 16.38
C GLY B 82 1.75 56.87 16.09
N LEU B 83 1.76 57.90 15.26
CA LEU B 83 2.98 58.61 14.83
C LEU B 83 3.00 59.96 15.53
N PRO B 84 4.17 60.64 15.56
CA PRO B 84 4.24 61.98 16.13
C PRO B 84 3.20 62.93 15.50
N MET B 85 2.47 63.67 16.33
CA MET B 85 1.42 64.59 15.85
C MET B 85 2.10 65.69 15.01
N LEU B 86 1.57 65.95 13.82
CA LEU B 86 2.19 66.88 12.86
C LEU B 86 1.50 68.24 12.86
N ASN B 87 0.19 68.30 13.06
CA ASN B 87 -0.60 69.53 12.81
C ASN B 87 -1.47 69.84 14.03
N GLU B 88 -0.93 70.57 14.99
CA GLU B 88 -1.74 71.14 16.10
C GLU B 88 -2.77 72.09 15.47
N ASP B 89 -2.40 72.78 14.39
CA ASP B 89 -3.28 73.71 13.64
C ASP B 89 -3.69 73.04 12.33
N MET B 90 -4.97 72.67 12.18
CA MET B 90 -5.50 72.04 10.95
C MET B 90 -6.31 73.06 10.13
N THR B 91 -6.06 74.36 10.31
CA THR B 91 -6.82 75.45 9.61
C THR B 91 -5.98 76.05 8.48
N THR B 92 -4.73 75.63 8.31
CA THR B 92 -3.80 76.23 7.31
C THR B 92 -4.13 75.64 5.94
N PRO B 93 -3.81 76.35 4.84
CA PRO B 93 -4.10 75.86 3.50
C PRO B 93 -3.23 74.64 3.12
N GLU B 94 -2.11 74.44 3.82
CA GLU B 94 -1.24 73.24 3.68
C GLU B 94 -1.07 72.63 5.07
N ILE B 95 -0.96 71.30 5.11
CA ILE B 95 -0.65 70.56 6.35
C ILE B 95 0.37 69.47 6.01
N LEU B 96 0.93 68.85 7.03
CA LEU B 96 1.96 67.80 6.87
C LEU B 96 1.33 66.43 7.12
N MET B 97 1.79 65.43 6.38
CA MET B 97 1.44 64.02 6.60
C MET B 97 2.73 63.20 6.62
N TRP B 98 2.75 62.16 7.44
CA TRP B 98 3.84 61.17 7.38
C TRP B 98 3.64 60.31 6.15
N GLU B 99 4.72 60.14 5.39
CA GLU B 99 4.72 59.36 4.13
C GLU B 99 5.62 58.15 4.32
N ALA B 100 5.08 56.95 4.13
CA ALA B 100 5.86 55.70 4.29
C ALA B 100 6.65 55.49 3.00
N VAL B 101 7.98 55.55 3.10
N VAL B 101 7.99 55.53 3.05
CA VAL B 101 8.91 55.50 1.94
CA VAL B 101 8.81 55.45 1.81
C VAL B 101 9.28 54.03 1.64
C VAL B 101 9.36 54.04 1.61
N SER B 102 9.58 53.27 2.67
CA SER B 102 10.18 51.92 2.54
C SER B 102 9.90 51.09 3.79
N VAL B 103 10.01 49.80 3.64
CA VAL B 103 9.78 48.83 4.74
C VAL B 103 10.80 47.69 4.60
N LYS B 104 11.32 47.29 5.76
CA LYS B 104 11.99 45.99 5.92
C LYS B 104 11.10 45.13 6.80
N THR B 105 10.84 43.91 6.39
CA THR B 105 9.92 43.02 7.12
C THR B 105 10.50 41.61 7.09
N GLU B 106 10.29 40.90 8.19
CA GLU B 106 10.91 39.57 8.47
CA GLU B 106 10.86 39.54 8.36
C GLU B 106 9.86 38.67 9.11
N VAL B 107 9.74 37.43 8.68
CA VAL B 107 9.00 36.41 9.47
C VAL B 107 9.94 35.97 10.59
N VAL B 108 9.47 36.03 11.82
CA VAL B 108 10.29 35.69 13.01
C VAL B 108 9.94 34.27 13.46
N GLY B 109 10.98 33.53 13.83
CA GLY B 109 10.84 32.15 14.32
C GLY B 109 10.89 31.11 13.21
N VAL B 110 11.43 31.44 12.04
CA VAL B 110 11.50 30.46 10.92
C VAL B 110 12.24 29.21 11.39
N THR B 111 13.31 29.39 12.15
CA THR B 111 14.17 28.25 12.58
C THR B 111 13.45 27.31 13.54
N THR B 112 12.31 27.68 14.11
CA THR B 112 11.52 26.74 14.95
C THR B 112 11.09 25.53 14.12
N MET B 113 11.06 25.65 12.80
CA MET B 113 10.61 24.57 11.91
CA MET B 113 10.59 24.53 11.96
C MET B 113 11.73 23.56 11.65
N CYS B 114 12.89 23.73 12.30
CA CYS B 114 13.93 22.68 12.36
C CYS B 114 13.65 21.68 13.50
N ASN B 115 12.60 21.91 14.29
CA ASN B 115 12.16 21.01 15.40
C ASN B 115 11.48 19.79 14.79
N VAL B 116 12.06 18.60 14.99
CA VAL B 116 11.42 17.33 14.55
C VAL B 116 11.27 16.37 15.73
N HIS B 117 11.34 16.87 16.97
CA HIS B 117 11.21 16.01 18.18
C HIS B 117 9.89 16.25 18.93
N SER B 118 9.18 17.37 18.72
CA SER B 118 8.00 17.74 19.53
C SER B 118 6.71 17.08 19.03
N ALA B 119 6.67 15.74 19.04
CA ALA B 119 5.44 14.92 19.05
C ALA B 119 4.64 15.04 17.74
N SER B 120 5.30 15.13 16.61
CA SER B 120 4.62 15.03 15.30
C SER B 120 4.63 13.59 14.79
N ILE B 121 3.91 13.34 13.72
CA ILE B 121 3.86 12.01 13.06
C ILE B 121 5.26 11.67 12.56
N ARG B 122 5.75 10.47 12.89
CA ARG B 122 7.16 10.11 12.60
C ARG B 122 7.29 9.53 11.19
N MET B 123 8.35 9.96 10.52
CA MET B 123 8.76 9.45 9.19
C MET B 123 9.37 8.06 9.31
N ASN B 124 9.66 7.44 8.17
CA ASN B 124 10.28 6.09 8.11
C ASN B 124 9.45 5.10 8.94
N GLY B 125 8.13 5.11 8.73
CA GLY B 125 7.23 4.10 9.33
C GLY B 125 7.23 4.13 10.84
N GLY B 126 7.54 5.28 11.43
CA GLY B 126 7.53 5.48 12.89
C GLY B 126 8.91 5.53 13.52
N TYR B 127 9.97 5.24 12.75
CA TYR B 127 11.35 5.07 13.28
C TYR B 127 12.14 6.37 13.15
N GLY B 128 11.79 7.20 12.16
CA GLY B 128 12.53 8.44 11.88
C GLY B 128 12.06 9.60 12.73
N VAL B 129 12.35 10.81 12.30
CA VAL B 129 12.00 12.00 13.09
C VAL B 129 10.55 12.40 12.79
N GLY B 130 10.04 13.34 13.56
CA GLY B 130 8.71 13.90 13.33
C GLY B 130 8.67 14.70 12.05
N ARG B 131 7.55 14.65 11.35
CA ARG B 131 7.31 15.55 10.21
C ARG B 131 7.46 16.97 10.72
N PRO B 132 8.18 17.82 9.97
CA PRO B 132 8.19 19.24 10.30
C PRO B 132 6.85 19.84 9.89
N ILE B 133 6.63 21.08 10.31
CA ILE B 133 5.47 21.90 9.86
C ILE B 133 5.53 21.97 8.34
N GLU B 134 4.46 21.60 7.64
CA GLU B 134 4.48 21.60 6.16
C GLU B 134 3.06 21.69 5.62
N GLY B 135 2.97 21.95 4.32
CA GLY B 135 1.66 22.07 3.66
C GLY B 135 1.41 23.50 3.22
N LEU B 136 0.16 23.87 3.07
CA LEU B 136 -0.15 25.15 2.41
C LEU B 136 0.45 26.30 3.22
N ASN B 137 0.97 27.26 2.48
CA ASN B 137 1.57 28.51 3.00
C ASN B 137 0.80 29.68 2.43
N CYS B 138 0.60 30.70 3.25
CA CYS B 138 -0.01 31.96 2.79
C CYS B 138 0.65 33.10 3.56
N HIS B 139 1.31 33.97 2.82
CA HIS B 139 2.13 35.05 3.42
C HIS B 139 1.72 36.35 2.77
N MET B 140 1.35 37.34 3.58
N MET B 140 1.40 37.34 3.60
CA MET B 140 1.06 38.68 3.06
CA MET B 140 1.02 38.68 3.11
C MET B 140 1.50 39.71 4.09
C MET B 140 1.53 39.70 4.10
N PHE B 141 2.06 40.82 3.61
CA PHE B 141 2.23 42.00 4.46
C PHE B 141 1.74 43.22 3.70
N ALA B 142 1.30 44.19 4.47
CA ALA B 142 0.76 45.45 3.90
C ALA B 142 1.15 46.61 4.80
N VAL B 143 1.45 47.73 4.17
CA VAL B 143 1.77 48.99 4.85
C VAL B 143 0.91 50.07 4.21
N GLY B 144 0.14 50.81 4.99
CA GLY B 144 -0.76 51.83 4.45
C GLY B 144 -0.96 52.97 5.42
N GLY B 145 -1.61 54.00 4.92
CA GLY B 145 -1.98 55.20 5.69
C GLY B 145 -3.41 55.15 6.19
N GLU B 146 -4.04 53.98 6.10
CA GLU B 146 -5.44 53.74 6.52
C GLU B 146 -5.65 52.23 6.51
N PRO B 147 -6.73 51.71 7.09
CA PRO B 147 -6.92 50.26 7.14
C PRO B 147 -6.93 49.65 5.74
N LEU B 148 -6.35 48.45 5.65
CA LEU B 148 -6.36 47.62 4.43
C LEU B 148 -7.80 47.38 4.02
N GLU B 149 -8.11 47.58 2.74
CA GLU B 149 -9.47 47.36 2.21
C GLU B 149 -9.57 45.93 1.70
N LEU B 150 -10.63 45.25 2.11
CA LEU B 150 -10.86 43.81 1.82
C LEU B 150 -12.05 43.63 0.87
N GLN B 151 -11.93 42.60 0.06
CA GLN B 151 -13.01 42.03 -0.77
C GLN B 151 -13.40 40.67 -0.17
N GLY B 152 -14.69 40.46 0.04
CA GLY B 152 -15.21 39.17 0.51
C GLY B 152 -15.19 38.16 -0.61
N CYS B 153 -14.73 36.95 -0.30
CA CYS B 153 -14.76 35.81 -1.24
C CYS B 153 -14.57 34.56 -0.41
N VAL B 154 -15.37 33.53 -0.64
CA VAL B 154 -15.30 32.25 0.14
C VAL B 154 -15.24 31.07 -0.81
N GLN B 155 -14.80 29.93 -0.30
CA GLN B 155 -14.87 28.69 -1.09
C GLN B 155 -16.29 28.11 -1.08
N ASN B 156 -17.01 28.24 0.04
CA ASN B 156 -18.32 27.58 0.22
C ASN B 156 -19.33 28.62 0.74
N TRP B 157 -20.25 29.07 -0.10
CA TRP B 157 -21.22 30.11 0.32
C TRP B 157 -22.16 29.57 1.40
N SER B 158 -22.24 28.24 1.59
CA SER B 158 -23.12 27.64 2.62
C SER B 158 -22.43 27.57 3.99
N THR B 159 -21.17 27.98 4.12
CA THR B 159 -20.46 27.95 5.42
C THR B 159 -21.22 28.82 6.43
N THR B 160 -21.38 28.31 7.66
CA THR B 160 -21.84 29.10 8.81
C THR B 160 -20.61 29.58 9.57
N TYR B 161 -20.23 30.84 9.40
CA TYR B 161 -19.08 31.43 10.11
C TYR B 161 -19.50 31.73 11.54
N PRO B 162 -18.56 31.63 12.51
CA PRO B 162 -18.87 31.76 13.92
C PRO B 162 -19.02 33.24 14.32
N SER B 163 -19.80 33.51 15.36
CA SER B 163 -19.82 34.87 15.95
C SER B 163 -18.41 35.17 16.47
N GLY B 164 -18.02 36.42 16.50
CA GLY B 164 -16.66 36.72 16.97
C GLY B 164 -15.61 36.57 15.89
N VAL B 165 -15.99 36.14 14.68
CA VAL B 165 -15.19 36.56 13.48
C VAL B 165 -16.09 37.45 12.63
N VAL B 166 -15.48 38.29 11.79
CA VAL B 166 -16.19 39.12 10.80
C VAL B 166 -16.12 38.37 9.47
N ALA B 167 -17.26 37.94 8.97
CA ALA B 167 -17.39 37.24 7.69
C ALA B 167 -18.30 38.04 6.78
N PRO B 168 -18.15 37.96 5.45
CA PRO B 168 -19.06 38.65 4.55
C PRO B 168 -20.43 38.01 4.66
N PRO B 169 -21.51 38.76 4.40
CA PRO B 169 -22.83 38.14 4.24
C PRO B 169 -22.80 37.18 3.05
N LEU B 170 -23.47 36.04 3.23
CA LEU B 170 -23.47 34.91 2.27
C LEU B 170 -24.93 34.63 1.87
N LYS B 171 -25.43 35.45 0.94
CA LYS B 171 -26.85 35.42 0.56
C LYS B 171 -27.03 34.57 -0.69
N ASP B 172 -25.94 34.28 -1.41
CA ASP B 172 -26.01 33.47 -2.65
C ASP B 172 -24.59 33.03 -3.01
N ALA B 173 -24.46 32.24 -4.08
CA ALA B 173 -23.19 31.58 -4.43
C ALA B 173 -22.22 32.56 -5.11
N LYS B 174 -22.64 33.79 -5.43
CA LYS B 174 -21.72 34.77 -6.07
C LYS B 174 -20.58 35.10 -5.09
N ALA B 175 -20.77 34.86 -3.79
CA ALA B 175 -19.73 35.10 -2.75
C ALA B 175 -18.54 34.18 -2.99
N GLN B 176 -18.70 33.12 -3.79
CA GLN B 176 -17.58 32.20 -4.15
C GLN B 176 -16.71 32.79 -5.25
N VAL B 177 -17.21 33.81 -5.95
CA VAL B 177 -16.46 34.57 -6.98
C VAL B 177 -16.47 36.03 -6.53
N LEU B 178 -16.51 36.99 -7.44
CA LEU B 178 -16.45 38.42 -7.03
C LEU B 178 -17.86 38.99 -6.99
N ASP B 179 -18.37 39.25 -5.79
CA ASP B 179 -19.60 40.04 -5.55
C ASP B 179 -19.14 41.38 -5.03
N PRO B 180 -19.22 42.48 -5.82
CA PRO B 180 -18.66 43.77 -5.42
C PRO B 180 -19.41 44.41 -4.25
N GLY B 181 -20.53 43.83 -3.82
CA GLY B 181 -21.25 44.24 -2.61
C GLY B 181 -20.58 43.80 -1.32
N LEU B 182 -19.58 42.90 -1.40
CA LEU B 182 -18.96 42.30 -0.18
C LEU B 182 -17.61 42.97 0.06
N LYS B 183 -17.60 44.02 0.87
CA LYS B 183 -16.41 44.83 1.17
C LYS B 183 -16.25 44.99 2.67
N ALA B 184 -15.04 45.22 3.13
CA ALA B 184 -14.75 45.50 4.55
C ALA B 184 -13.43 46.25 4.65
N ARG B 185 -13.19 46.79 5.83
CA ARG B 185 -11.87 47.33 6.24
C ARG B 185 -11.31 46.39 7.28
N LEU B 186 -10.00 46.12 7.19
CA LEU B 186 -9.28 45.34 8.21
C LEU B 186 -9.02 46.24 9.40
N ASP B 187 -9.99 46.28 10.32
CA ASP B 187 -10.01 47.27 11.42
C ASP B 187 -10.04 46.57 12.77
N LYS B 188 -9.83 45.25 12.83
CA LYS B 188 -9.79 44.46 14.08
C LYS B 188 -8.76 43.33 13.91
N ASP B 189 -7.80 43.27 14.80
CA ASP B 189 -6.75 42.22 14.81
C ASP B 189 -7.40 40.87 15.15
N GLY B 190 -7.04 39.79 14.44
CA GLY B 190 -7.47 38.44 14.83
C GLY B 190 -8.97 38.21 14.70
N ALA B 191 -9.65 38.92 13.80
CA ALA B 191 -11.12 38.82 13.68
C ALA B 191 -11.59 38.57 12.24
N TYR B 192 -10.81 38.93 11.23
CA TYR B 192 -11.20 38.76 9.80
C TYR B 192 -10.52 37.50 9.29
N PRO B 193 -11.27 36.40 9.03
CA PRO B 193 -10.61 35.18 8.55
C PRO B 193 -9.93 35.36 7.19
N VAL B 194 -8.76 34.77 7.07
CA VAL B 194 -8.01 34.76 5.78
C VAL B 194 -8.85 34.12 4.68
N GLU B 195 -9.60 33.07 4.99
CA GLU B 195 -10.31 32.29 3.94
C GLU B 195 -11.53 33.03 3.41
N CYS B 196 -11.99 34.12 4.00
CA CYS B 196 -13.22 34.74 3.45
C CYS B 196 -12.97 36.21 3.07
N TRP B 197 -11.74 36.69 3.18
CA TRP B 197 -11.41 38.07 2.76
C TRP B 197 -10.05 38.04 2.05
N CYS B 198 -9.93 38.86 1.03
CA CYS B 198 -8.62 39.11 0.38
C CYS B 198 -8.45 40.61 0.20
N PRO B 199 -7.21 41.08 0.04
CA PRO B 199 -6.99 42.49 -0.25
C PRO B 199 -7.75 42.89 -1.52
N ASP B 200 -8.45 44.02 -1.46
CA ASP B 200 -9.28 44.49 -2.60
C ASP B 200 -8.42 45.25 -3.59
N PRO B 201 -8.16 44.69 -4.81
CA PRO B 201 -7.29 45.39 -5.76
C PRO B 201 -7.95 46.62 -6.39
N SER B 202 -9.27 46.76 -6.22
CA SER B 202 -10.04 47.90 -6.79
C SER B 202 -9.98 49.10 -5.85
N ARG B 203 -9.46 48.91 -4.65
CA ARG B 203 -9.31 50.03 -3.68
C ARG B 203 -7.85 50.07 -3.26
N ASN B 204 -7.58 50.32 -1.99
CA ASN B 204 -6.18 50.32 -1.49
C ASN B 204 -5.29 51.27 -2.28
N GLU B 205 -5.78 52.45 -2.65
CA GLU B 205 -4.95 53.50 -3.29
C GLU B 205 -3.83 53.94 -2.33
N ASN B 206 -4.03 53.82 -1.02
CA ASN B 206 -3.14 54.40 0.00
C ASN B 206 -2.52 53.29 0.87
N THR B 207 -2.46 52.07 0.33
CA THR B 207 -1.82 50.91 0.99
C THR B 207 -1.07 50.13 -0.09
N ARG B 208 0.11 49.62 0.25
CA ARG B 208 0.79 48.63 -0.61
C ARG B 208 0.66 47.27 0.06
N TYR B 209 0.19 46.26 -0.65
CA TYR B 209 0.09 44.90 -0.08
C TYR B 209 0.84 43.94 -1.00
N PHE B 210 1.40 42.90 -0.36
CA PHE B 210 2.29 41.93 -1.02
C PHE B 210 1.95 40.56 -0.48
N GLY B 211 1.39 39.69 -1.33
CA GLY B 211 0.86 38.40 -0.88
C GLY B 211 1.33 37.28 -1.77
N THR B 212 1.48 36.11 -1.16
N THR B 212 1.46 36.09 -1.20
CA THR B 212 1.79 34.84 -1.83
CA THR B 212 1.72 34.86 -1.98
C THR B 212 0.92 33.73 -1.23
C THR B 212 1.13 33.65 -1.28
N TYR B 213 0.51 32.79 -2.07
CA TYR B 213 -0.11 31.53 -1.64
C TYR B 213 0.62 30.39 -2.35
N THR B 214 1.05 29.41 -1.60
CA THR B 214 1.64 28.17 -2.15
C THR B 214 0.88 27.02 -1.52
N GLY B 215 0.15 26.27 -2.32
CA GLY B 215 -0.82 25.31 -1.80
C GLY B 215 -0.24 23.91 -1.71
N GLY B 216 -1.09 22.94 -1.93
CA GLY B 216 -0.70 21.53 -1.89
C GLY B 216 -0.84 20.93 -0.51
N GLN B 217 -0.55 19.65 -0.41
CA GLN B 217 -0.87 18.86 0.81
C GLN B 217 0.26 18.90 1.82
N GLN B 218 1.46 18.51 1.41
CA GLN B 218 2.65 18.39 2.31
C GLN B 218 3.80 19.22 1.74
N THR B 219 3.46 20.30 1.05
CA THR B 219 4.45 21.15 0.34
C THR B 219 5.52 21.67 1.30
N PRO B 220 6.80 21.66 0.89
CA PRO B 220 7.87 22.23 1.71
C PRO B 220 7.70 23.73 1.83
N PRO B 221 7.59 24.29 3.05
CA PRO B 221 7.69 25.73 3.24
C PRO B 221 9.09 26.21 2.86
N VAL B 222 9.16 27.36 2.20
CA VAL B 222 10.45 27.99 1.79
C VAL B 222 10.40 29.38 2.36
N LEU B 223 11.19 29.61 3.40
CA LEU B 223 11.10 30.85 4.20
C LEU B 223 12.49 31.48 4.32
N PRO B 224 12.72 32.64 3.70
CA PRO B 224 13.94 33.40 3.91
C PRO B 224 13.90 34.16 5.23
N PHE B 225 15.08 34.46 5.76
CA PHE B 225 15.22 35.37 6.92
C PHE B 225 16.53 36.13 6.75
N THR B 226 16.42 37.42 6.46
CA THR B 226 17.59 38.27 6.20
C THR B 226 17.24 39.67 6.69
N ASN B 227 18.25 40.45 7.05
CA ASN B 227 18.04 41.87 7.41
C ASN B 227 18.55 42.79 6.29
N THR B 228 18.66 42.32 5.06
CA THR B 228 19.34 43.08 3.97
C THR B 228 18.38 43.49 2.86
N VAL B 229 17.09 43.24 3.00
CA VAL B 229 16.12 43.47 1.88
C VAL B 229 15.16 44.60 2.25
N THR B 230 15.07 45.61 1.40
CA THR B 230 14.15 46.75 1.58
C THR B 230 13.14 46.73 0.44
N THR B 231 11.87 46.95 0.75
CA THR B 231 10.79 47.17 -0.24
C THR B 231 10.45 48.66 -0.28
N VAL B 232 10.58 49.29 -1.43
CA VAL B 232 10.22 50.74 -1.61
C VAL B 232 8.70 50.79 -1.80
N LEU B 233 8.04 51.73 -1.11
CA LEU B 233 6.56 51.86 -1.06
C LEU B 233 6.08 53.03 -1.93
N LEU B 234 6.99 53.76 -2.56
CA LEU B 234 6.63 54.88 -3.48
C LEU B 234 5.87 54.33 -4.68
N ASP B 235 4.85 55.07 -5.11
CA ASP B 235 4.09 54.81 -6.37
C ASP B 235 4.85 55.40 -7.57
N GLU B 236 4.21 55.39 -8.74
CA GLU B 236 4.74 55.95 -10.02
C GLU B 236 5.17 57.40 -9.87
N ASN B 237 4.49 58.19 -9.01
CA ASN B 237 4.73 59.65 -8.86
C ASN B 237 5.75 59.91 -7.74
N GLY B 238 6.35 58.87 -7.16
CA GLY B 238 7.31 59.02 -6.05
C GLY B 238 6.62 59.30 -4.72
N VAL B 239 5.37 58.86 -4.57
CA VAL B 239 4.58 59.13 -3.33
C VAL B 239 4.29 57.82 -2.62
N GLY B 240 4.67 57.73 -1.35
CA GLY B 240 4.35 56.57 -0.52
C GLY B 240 2.99 56.73 0.14
N PRO B 241 2.48 55.69 0.83
CA PRO B 241 1.27 55.82 1.63
C PRO B 241 1.35 57.03 2.56
N LEU B 242 0.26 57.78 2.60
CA LEU B 242 0.16 59.00 3.43
C LEU B 242 -0.70 58.70 4.64
N CYS B 243 -0.15 58.93 5.83
CA CYS B 243 -0.72 58.42 7.09
C CYS B 243 -1.83 59.36 7.58
N LYS B 244 -3.07 58.98 7.32
CA LYS B 244 -4.23 59.82 7.70
C LYS B 244 -4.38 59.78 9.21
N GLY B 245 -4.58 60.96 9.82
CA GLY B 245 -4.69 61.05 11.29
C GLY B 245 -3.41 60.65 12.00
N ASP B 246 -2.26 60.71 11.33
CA ASP B 246 -0.95 60.34 11.92
C ASP B 246 -0.99 58.90 12.46
N GLY B 247 -1.59 58.00 11.69
CA GLY B 247 -1.57 56.55 11.98
C GLY B 247 -0.92 55.79 10.83
N LEU B 248 -0.05 54.85 11.18
CA LEU B 248 0.55 53.89 10.22
C LEU B 248 -0.13 52.54 10.41
N TYR B 249 -0.61 51.96 9.32
CA TYR B 249 -1.43 50.72 9.36
C TYR B 249 -0.59 49.57 8.80
N LEU B 250 -0.40 48.57 9.65
CA LEU B 250 0.40 47.37 9.33
C LEU B 250 -0.53 46.17 9.36
N SER B 251 -0.42 45.29 8.35
N SER B 251 -0.42 45.27 8.39
CA SER B 251 -1.31 44.11 8.21
CA SER B 251 -1.26 44.06 8.43
C SER B 251 -0.46 42.92 7.79
C SER B 251 -0.49 42.92 7.79
N CYS B 252 -0.83 41.70 8.19
CA CYS B 252 -0.11 40.52 7.67
C CYS B 252 -0.87 39.24 7.97
N VAL B 253 -0.45 38.20 7.30
CA VAL B 253 -0.74 36.82 7.74
C VAL B 253 0.44 35.96 7.30
N ASP B 254 0.79 34.99 8.12
CA ASP B 254 1.95 34.12 7.80
C ASP B 254 1.61 32.69 8.20
N ILE B 255 0.73 32.05 7.42
CA ILE B 255 0.47 30.60 7.60
C ILE B 255 1.66 29.84 7.03
N CYS B 256 2.29 29.03 7.87
CA CYS B 256 3.55 28.33 7.51
C CYS B 256 3.30 26.84 7.24
N GLY B 257 2.08 26.37 7.42
CA GLY B 257 1.75 24.95 7.20
C GLY B 257 0.96 24.40 8.35
N PHE B 258 0.96 23.07 8.45
CA PHE B 258 0.21 22.32 9.48
C PHE B 258 1.20 21.57 10.35
N TYR B 259 0.88 21.52 11.63
CA TYR B 259 1.43 20.58 12.60
C TYR B 259 0.48 19.40 12.72
N SER B 260 0.99 18.20 12.54
CA SER B 260 0.23 16.93 12.74
C SER B 260 0.54 16.33 14.12
N GLU B 261 -0.48 16.08 14.93
CA GLU B 261 -0.31 15.42 16.24
C GLU B 261 0.10 13.96 16.02
N GLN B 262 1.16 13.50 16.67
CA GLN B 262 1.66 12.11 16.50
C GLN B 262 0.55 11.10 16.74
N TYR B 263 -0.20 11.21 17.83
CA TYR B 263 -1.20 10.17 18.18
C TYR B 263 -2.48 10.35 17.37
N SER B 264 -3.21 11.45 17.55
CA SER B 264 -4.52 11.63 16.91
C SER B 264 -4.37 11.80 15.40
N GLN B 265 -3.26 12.38 14.92
CA GLN B 265 -3.02 12.74 13.50
C GLN B 265 -3.90 13.91 13.10
N LYS B 266 -4.51 14.60 14.07
CA LYS B 266 -5.21 15.88 13.83
C LYS B 266 -4.17 16.92 13.42
N GLN B 267 -4.61 17.91 12.65
CA GLN B 267 -3.72 18.98 12.16
C GLN B 267 -4.13 20.34 12.72
N HIS B 268 -3.12 21.17 12.94
CA HIS B 268 -3.28 22.56 13.40
C HIS B 268 -2.56 23.49 12.42
N PHE B 269 -3.16 24.59 12.02
CA PHE B 269 -2.43 25.68 11.35
C PHE B 269 -1.32 26.15 12.28
N ARG B 270 -0.17 26.44 11.71
CA ARG B 270 0.98 27.08 12.39
C ARG B 270 1.22 28.42 11.69
N GLY B 271 1.20 29.49 12.47
CA GLY B 271 1.59 30.82 12.00
C GLY B 271 2.78 31.34 12.75
N LEU B 272 3.53 32.25 12.14
CA LEU B 272 4.69 32.88 12.79
C LEU B 272 4.48 34.39 12.82
N PRO B 273 5.10 35.04 13.82
CA PRO B 273 5.05 36.50 13.95
C PRO B 273 5.82 37.18 12.81
N ARG B 274 5.49 38.43 12.59
CA ARG B 274 6.16 39.27 11.58
C ARG B 274 6.63 40.58 12.22
N TYR B 275 7.85 40.94 11.88
CA TYR B 275 8.49 42.21 12.28
C TYR B 275 8.43 43.19 11.11
N PHE B 276 8.16 44.47 11.42
CA PHE B 276 8.20 45.57 10.45
C PHE B 276 9.13 46.68 10.92
N SER B 277 9.91 47.23 9.99
CA SER B 277 10.63 48.50 10.17
C SER B 277 10.23 49.41 9.00
N VAL B 278 9.54 50.51 9.28
CA VAL B 278 8.99 51.39 8.21
C VAL B 278 9.68 52.74 8.33
N SER B 279 10.23 53.23 7.22
N SER B 279 10.25 53.21 7.20
CA SER B 279 10.92 54.54 7.18
CA SER B 279 10.91 54.54 7.08
C SER B 279 9.94 55.57 6.62
C SER B 279 9.86 55.54 6.64
N LEU B 280 9.70 56.65 7.37
CA LEU B 280 8.73 57.69 6.99
C LEU B 280 9.43 59.03 6.85
N ARG B 281 8.83 59.89 6.06
CA ARG B 281 9.28 61.29 5.90
C ARG B 281 8.06 62.20 5.93
N LYS B 282 8.26 63.47 6.25
CA LYS B 282 7.16 64.46 6.26
C LYS B 282 6.87 64.91 4.84
N ARG B 283 5.59 64.96 4.48
CA ARG B 283 5.14 65.39 3.13
C ARG B 283 4.14 66.52 3.30
N LEU B 284 4.34 67.63 2.59
CA LEU B 284 3.34 68.72 2.55
C LEU B 284 2.21 68.32 1.62
N VAL B 285 0.98 68.58 2.04
CA VAL B 285 -0.22 68.36 1.18
C VAL B 285 -1.15 69.58 1.31
N ARG B 286 -1.99 69.77 0.32
CA ARG B 286 -3.02 70.83 0.34
C ARG B 286 -4.08 70.37 1.35
N ASN B 287 -4.48 71.26 2.24
CA ASN B 287 -5.51 70.97 3.28
C ASN B 287 -6.90 71.15 2.66
N GLY C 23 24.30 55.17 18.17
CA GLY C 23 24.73 55.02 16.75
C GLY C 23 26.08 55.68 16.51
N ILE C 24 26.90 55.11 15.62
CA ILE C 24 28.25 55.63 15.30
C ILE C 24 28.13 56.68 14.17
N GLU C 25 28.73 57.86 14.34
CA GLU C 25 28.92 58.83 13.23
C GLU C 25 30.08 58.33 12.38
N VAL C 26 29.78 57.90 11.17
CA VAL C 26 30.78 57.28 10.28
C VAL C 26 31.38 58.36 9.39
N LEU C 27 32.70 58.41 9.33
CA LEU C 27 33.45 59.41 8.51
C LEU C 27 34.05 58.70 7.29
N GLY C 28 35.15 59.19 6.74
CA GLY C 28 35.75 58.71 5.49
C GLY C 28 36.38 57.33 5.65
N VAL C 29 36.38 56.57 4.58
CA VAL C 29 37.28 55.40 4.42
C VAL C 29 38.74 55.89 4.51
N ARG C 30 39.56 55.17 5.26
CA ARG C 30 41.03 55.37 5.36
C ARG C 30 41.69 54.46 4.32
N THR C 31 42.42 55.04 3.37
CA THR C 31 43.13 54.28 2.32
C THR C 31 44.63 54.32 2.58
N GLY C 32 45.39 53.75 1.65
CA GLY C 32 46.85 53.68 1.72
C GLY C 32 47.30 52.26 2.02
N PRO C 33 48.63 52.07 2.07
CA PRO C 33 49.21 50.76 2.34
C PRO C 33 48.66 50.21 3.67
N ASP C 34 48.33 48.92 3.66
CA ASP C 34 47.91 48.16 4.86
C ASP C 34 46.54 48.66 5.36
N SER C 35 45.77 49.35 4.51
CA SER C 35 44.42 49.87 4.90
C SER C 35 43.33 48.85 4.57
N THR C 36 43.67 47.75 3.91
CA THR C 36 42.74 46.64 3.61
C THR C 36 43.36 45.33 4.07
N THR C 37 42.50 44.37 4.41
CA THR C 37 42.93 43.00 4.74
C THR C 37 41.81 42.05 4.34
N THR C 38 42.18 40.80 4.13
CA THR C 38 41.24 39.70 3.86
C THR C 38 41.41 38.65 4.96
N ILE C 39 40.32 38.28 5.63
CA ILE C 39 40.29 37.25 6.71
C ILE C 39 39.70 36.00 6.09
N GLU C 40 40.33 34.85 6.30
CA GLU C 40 39.78 33.54 5.88
C GLU C 40 39.54 32.72 7.14
N ALA C 41 38.45 31.98 7.19
CA ALA C 41 38.13 31.14 8.34
C ALA C 41 37.16 30.05 7.87
N TYR C 42 37.12 28.96 8.60
CA TYR C 42 36.06 27.95 8.40
C TYR C 42 35.44 27.66 9.76
N LEU C 43 34.17 27.26 9.74
N LEU C 43 34.20 27.22 9.75
CA LEU C 43 33.41 26.83 10.93
CA LEU C 43 33.45 26.83 10.96
C LEU C 43 32.92 25.42 10.66
C LEU C 43 32.87 25.44 10.72
N ASN C 44 33.34 24.47 11.49
CA ASN C 44 32.77 23.09 11.45
C ASN C 44 31.39 23.09 12.07
N PRO C 45 30.48 22.22 11.56
CA PRO C 45 29.09 22.27 11.98
C PRO C 45 28.93 21.67 13.40
N ARG C 46 27.88 22.09 14.08
CA ARG C 46 27.54 21.67 15.46
C ARG C 46 26.15 21.04 15.43
N MET C 47 26.05 19.83 14.90
CA MET C 47 24.77 19.11 14.72
C MET C 47 24.36 18.37 15.99
N GLY C 48 25.23 18.32 17.01
CA GLY C 48 24.96 17.66 18.30
C GLY C 48 26.10 16.76 18.72
N THR C 49 26.85 16.24 17.76
CA THR C 49 28.18 15.60 17.98
C THR C 49 29.18 16.36 17.10
N ASP C 50 30.48 16.08 17.26
CA ASP C 50 31.61 16.89 16.73
C ASP C 50 31.84 16.73 15.22
N ASN C 51 31.25 15.76 14.53
CA ASN C 51 31.80 15.38 13.20
C ASN C 51 30.71 15.30 12.12
N GLY C 52 29.72 16.19 12.19
CA GLY C 52 28.83 16.46 11.04
C GLY C 52 27.44 15.90 11.23
N PHE C 53 27.23 15.01 12.18
CA PHE C 53 25.92 14.34 12.39
C PHE C 53 25.43 14.58 13.81
N SER C 54 24.13 14.68 13.97
CA SER C 54 23.52 14.52 15.31
C SER C 54 23.58 13.05 15.70
N GLN C 55 23.42 12.82 16.98
CA GLN C 55 23.01 11.51 17.50
C GLN C 55 21.65 11.17 16.86
N ALA C 56 21.32 9.90 16.80
CA ALA C 56 20.01 9.47 16.29
C ALA C 56 18.91 10.22 17.03
N VAL C 57 17.98 10.81 16.28
CA VAL C 57 16.98 11.73 16.86
C VAL C 57 15.82 10.93 17.48
N THR C 58 15.50 11.25 18.73
CA THR C 58 14.33 10.70 19.44
C THR C 58 13.16 11.70 19.35
N VAL C 59 11.93 11.22 19.45
CA VAL C 59 10.73 12.05 19.25
C VAL C 59 9.78 11.78 20.42
N ALA C 60 9.35 12.83 21.11
CA ALA C 60 8.36 12.73 22.19
C ALA C 60 7.04 12.14 21.67
N THR C 61 6.32 11.40 22.51
CA THR C 61 4.97 10.90 22.16
C THR C 61 3.89 11.96 22.45
N SER C 62 4.24 13.02 23.17
CA SER C 62 3.31 14.12 23.51
C SER C 62 4.14 15.39 23.71
N LEU C 63 3.48 16.52 23.91
CA LEU C 63 4.16 17.83 24.05
C LEU C 63 4.80 17.95 25.43
N ASN C 64 4.44 17.08 26.38
CA ASN C 64 4.94 17.19 27.78
C ASN C 64 4.82 15.83 28.43
N PRO C 65 5.93 15.13 28.74
CA PRO C 65 7.29 15.66 28.60
C PRO C 65 7.91 15.55 27.20
N ASP C 66 8.74 16.52 26.86
CA ASP C 66 9.48 16.59 25.59
C ASP C 66 10.92 17.01 25.93
N VAL C 67 11.85 16.06 25.88
CA VAL C 67 13.17 16.22 26.54
C VAL C 67 14.24 15.87 25.53
N PRO C 68 14.49 16.74 24.53
CA PRO C 68 15.52 16.47 23.53
C PRO C 68 16.91 16.46 24.13
N PRO C 69 17.69 15.38 23.99
CA PRO C 69 19.08 15.41 24.44
C PRO C 69 19.91 16.43 23.64
N LYS C 70 20.92 17.02 24.29
CA LYS C 70 21.83 17.96 23.62
C LYS C 70 22.42 17.37 22.34
N ALA C 71 22.78 16.08 22.33
CA ALA C 71 23.44 15.42 21.17
C ALA C 71 22.48 15.33 19.96
N GLU C 72 21.20 15.63 20.13
CA GLU C 72 20.17 15.54 19.05
C GLU C 72 19.68 16.93 18.60
N LEU C 73 20.30 18.01 19.07
CA LEU C 73 19.90 19.41 18.76
C LEU C 73 20.97 20.16 18.00
N PRO C 74 20.78 20.39 16.68
CA PRO C 74 21.69 21.26 15.95
C PRO C 74 21.75 22.66 16.58
N CYS C 75 22.98 23.19 16.64
CA CYS C 75 23.28 24.53 17.20
C CYS C 75 23.96 25.38 16.15
N TYR C 76 23.92 26.69 16.35
CA TYR C 76 24.67 27.63 15.52
C TYR C 76 26.16 27.44 15.75
N SER C 77 26.92 27.64 14.69
CA SER C 77 28.38 27.81 14.69
C SER C 77 28.71 29.30 14.83
N CYS C 78 29.75 29.65 15.56
CA CYS C 78 30.22 31.04 15.57
C CYS C 78 31.69 31.11 15.96
N ALA C 79 32.32 32.18 15.53
CA ALA C 79 33.74 32.48 15.86
C ALA C 79 33.95 33.99 15.83
N ARG C 80 34.77 34.47 16.75
CA ARG C 80 35.32 35.84 16.70
C ARG C 80 36.73 35.75 16.15
N ILE C 81 37.03 36.52 15.12
CA ILE C 81 38.39 36.59 14.54
C ILE C 81 39.01 37.90 15.00
N GLY C 82 40.13 37.83 15.72
CA GLY C 82 40.92 39.01 16.10
C GLY C 82 41.53 39.65 14.88
N LEU C 83 41.44 40.98 14.78
CA LEU C 83 41.95 41.78 13.64
C LEU C 83 43.12 42.64 14.13
N PRO C 84 43.96 43.18 13.22
CA PRO C 84 45.06 44.04 13.67
C PRO C 84 44.56 45.23 14.50
N MET C 85 45.24 45.49 15.62
CA MET C 85 44.87 46.57 16.55
C MET C 85 45.04 47.92 15.84
N LEU C 86 44.04 48.79 15.94
CA LEU C 86 44.01 50.03 15.15
C LEU C 86 44.34 51.26 15.99
N ASN C 87 43.94 51.28 17.26
CA ASN C 87 43.90 52.55 18.05
C ASN C 87 44.75 52.40 19.30
N GLU C 88 45.95 52.96 19.24
CA GLU C 88 46.88 53.10 20.39
C GLU C 88 46.22 53.98 21.47
N ASP C 89 45.55 55.05 21.04
CA ASP C 89 44.83 55.99 21.94
C ASP C 89 43.35 55.89 21.60
N MET C 90 42.52 55.45 22.55
CA MET C 90 41.07 55.30 22.34
C MET C 90 40.31 56.52 22.87
N THR C 91 40.98 57.65 23.10
CA THR C 91 40.31 58.88 23.59
C THR C 91 40.35 60.00 22.53
N THR C 92 40.97 59.75 21.36
CA THR C 92 41.06 60.77 20.27
C THR C 92 39.67 61.08 19.75
N PRO C 93 39.40 62.29 19.20
CA PRO C 93 38.05 62.61 18.73
C PRO C 93 37.57 61.73 17.56
N GLU C 94 38.51 61.19 16.79
CA GLU C 94 38.20 60.17 15.76
C GLU C 94 39.01 58.91 16.07
N ILE C 95 38.46 57.76 15.72
CA ILE C 95 39.21 56.48 15.82
C ILE C 95 38.94 55.68 14.55
N LEU C 96 39.73 54.64 14.36
CA LEU C 96 39.61 53.72 13.20
C LEU C 96 38.91 52.44 13.61
N MET C 97 38.10 51.92 12.69
CA MET C 97 37.46 50.60 12.86
C MET C 97 37.62 49.84 11.55
N TRP C 98 37.82 48.54 11.65
CA TRP C 98 37.76 47.66 10.48
C TRP C 98 36.30 47.57 10.02
N GLU C 99 36.08 47.77 8.72
CA GLU C 99 34.74 47.74 8.09
C GLU C 99 34.70 46.53 7.16
N ALA C 100 33.76 45.61 7.38
CA ALA C 100 33.56 44.43 6.51
C ALA C 100 32.80 44.87 5.26
N VAL C 101 33.46 44.82 4.10
N VAL C 101 33.41 44.81 4.08
CA VAL C 101 32.96 45.35 2.81
CA VAL C 101 32.79 45.37 2.84
C VAL C 101 32.15 44.25 2.11
C VAL C 101 32.19 44.25 1.98
N SER C 102 32.71 43.03 2.09
CA SER C 102 32.19 41.92 1.25
C SER C 102 32.67 40.58 1.80
N VAL C 103 31.98 39.53 1.38
CA VAL C 103 32.29 38.15 1.83
C VAL C 103 32.05 37.20 0.66
N LYS C 104 32.95 36.25 0.51
CA LYS C 104 32.76 35.03 -0.31
C LYS C 104 32.64 33.88 0.67
N THR C 105 31.56 33.11 0.58
CA THR C 105 31.30 32.04 1.56
C THR C 105 30.83 30.82 0.77
N GLU C 106 31.27 29.65 1.23
CA GLU C 106 31.12 28.34 0.54
CA GLU C 106 31.00 28.37 0.53
C GLU C 106 30.71 27.28 1.57
N VAL C 107 29.71 26.47 1.26
CA VAL C 107 29.48 25.21 2.03
C VAL C 107 30.49 24.20 1.48
N VAL C 108 31.28 23.60 2.38
CA VAL C 108 32.38 22.69 1.98
C VAL C 108 31.88 21.26 2.18
N GLY C 109 32.20 20.39 1.24
CA GLY C 109 31.79 18.97 1.34
C GLY C 109 30.44 18.69 0.67
N VAL C 110 29.93 19.58 -0.17
CA VAL C 110 28.61 19.32 -0.83
C VAL C 110 28.66 17.97 -1.56
N THR C 111 29.77 17.67 -2.25
CA THR C 111 29.87 16.47 -3.10
C THR C 111 29.79 15.19 -2.24
N THR C 112 29.94 15.26 -0.92
CA THR C 112 29.83 14.05 -0.07
C THR C 112 28.43 13.49 -0.19
N MET C 113 27.47 14.31 -0.62
CA MET C 113 26.05 13.90 -0.73
CA MET C 113 26.08 13.82 -0.69
C MET C 113 25.80 13.13 -2.04
N CYS C 114 26.86 12.85 -2.82
CA CYS C 114 26.82 11.91 -3.97
C CYS C 114 27.05 10.47 -3.48
N ASN C 115 27.27 10.31 -2.17
CA ASN C 115 27.51 8.98 -1.56
C ASN C 115 26.15 8.29 -1.37
N VAL C 116 25.94 7.16 -2.04
CA VAL C 116 24.70 6.36 -1.85
C VAL C 116 25.08 4.92 -1.49
N HIS C 117 26.31 4.69 -1.02
CA HIS C 117 26.74 3.32 -0.60
C HIS C 117 26.84 3.18 0.92
N SER C 118 26.96 4.26 1.70
CA SER C 118 27.29 4.15 3.14
C SER C 118 26.06 3.90 4.02
N ALA C 119 25.42 2.74 3.84
CA ALA C 119 24.48 2.10 4.78
C ALA C 119 23.22 2.93 5.07
N SER C 120 22.66 3.60 4.05
N SER C 120 22.65 3.60 4.07
CA SER C 120 21.32 4.25 4.18
CA SER C 120 21.34 4.27 4.22
C SER C 120 20.20 3.29 3.75
C SER C 120 20.22 3.36 3.67
N ILE C 121 18.96 3.70 3.98
CA ILE C 121 17.76 2.94 3.52
C ILE C 121 17.79 2.87 1.99
N ARG C 122 17.64 1.69 1.41
CA ARG C 122 17.83 1.50 -0.04
C ARG C 122 16.51 1.74 -0.79
N MET C 123 16.63 2.40 -1.93
CA MET C 123 15.51 2.67 -2.86
C MET C 123 15.17 1.43 -3.66
N ASN C 124 14.12 1.50 -4.49
CA ASN C 124 13.62 0.36 -5.31
C ASN C 124 13.42 -0.87 -4.39
N GLY C 125 12.76 -0.67 -3.24
CA GLY C 125 12.33 -1.79 -2.37
C GLY C 125 13.50 -2.59 -1.84
N GLY C 126 14.66 -1.96 -1.74
CA GLY C 126 15.85 -2.59 -1.15
C GLY C 126 16.90 -2.94 -2.18
N TYR C 127 16.58 -2.85 -3.47
CA TYR C 127 17.45 -3.31 -4.57
C TYR C 127 18.34 -2.19 -5.11
N GLY C 128 17.92 -0.95 -4.94
CA GLY C 128 18.63 0.21 -5.51
C GLY C 128 19.69 0.74 -4.56
N VAL C 129 20.10 1.99 -4.80
CA VAL C 129 21.13 2.60 -3.95
C VAL C 129 20.52 3.16 -2.67
N GLY C 130 21.37 3.55 -1.74
CA GLY C 130 20.92 4.18 -0.49
C GLY C 130 20.34 5.55 -0.78
N ARG C 131 19.30 5.92 -0.03
CA ARG C 131 18.81 7.32 -0.03
C ARG C 131 19.99 8.24 0.23
N PRO C 132 20.13 9.33 -0.52
CA PRO C 132 21.10 10.35 -0.14
C PRO C 132 20.54 11.14 1.05
N ILE C 133 21.40 11.95 1.66
CA ILE C 133 21.00 12.95 2.69
C ILE C 133 19.90 13.82 2.10
N GLU C 134 18.76 13.93 2.78
CA GLU C 134 17.63 14.67 2.19
C GLU C 134 16.65 15.09 3.30
N GLY C 135 15.72 15.97 2.95
CA GLY C 135 14.74 16.50 3.92
C GLY C 135 15.05 17.95 4.25
N LEU C 136 14.57 18.40 5.40
CA LEU C 136 14.59 19.85 5.69
C LEU C 136 16.04 20.37 5.67
N ASN C 137 16.18 21.56 5.11
CA ASN C 137 17.46 22.31 4.98
C ASN C 137 17.28 23.63 5.69
N CYS C 138 18.35 24.09 6.33
CA CYS C 138 18.35 25.42 6.95
C CYS C 138 19.77 25.94 6.86
N HIS C 139 19.95 27.02 6.12
CA HIS C 139 21.28 27.59 5.82
C HIS C 139 21.26 29.05 6.20
N MET C 140 22.23 29.45 7.02
N MET C 140 22.24 29.46 7.00
CA MET C 140 22.39 30.87 7.36
CA MET C 140 22.35 30.88 7.42
C MET C 140 23.87 31.14 7.41
C MET C 140 23.83 31.19 7.52
N PHE C 141 24.27 32.34 7.01
CA PHE C 141 25.60 32.87 7.36
C PHE C 141 25.39 34.32 7.77
N ALA C 142 26.28 34.80 8.64
CA ALA C 142 26.22 36.18 9.12
C ALA C 142 27.65 36.68 9.34
N VAL C 143 27.85 37.95 9.02
CA VAL C 143 29.14 38.66 9.20
C VAL C 143 28.80 39.93 9.95
N GLY C 144 29.42 40.15 11.10
CA GLY C 144 29.18 41.38 11.85
C GLY C 144 30.37 41.86 12.64
N GLY C 145 30.20 43.03 13.24
CA GLY C 145 31.24 43.66 14.07
C GLY C 145 31.01 43.45 15.56
N GLU C 146 30.12 42.51 15.88
CA GLU C 146 29.72 42.15 17.25
C GLU C 146 28.92 40.86 17.14
N PRO C 147 28.67 40.17 18.26
CA PRO C 147 27.90 38.92 18.22
C PRO C 147 26.54 39.11 17.55
N LEU C 148 26.13 38.09 16.77
CA LEU C 148 24.77 38.03 16.20
C LEU C 148 23.74 38.12 17.32
N GLU C 149 22.75 38.97 17.16
CA GLU C 149 21.69 39.12 18.18
C GLU C 149 20.54 38.18 17.84
N LEU C 150 20.03 37.49 18.86
CA LEU C 150 19.03 36.40 18.70
C LEU C 150 17.71 36.77 19.37
N GLN C 151 16.64 36.29 18.77
CA GLN C 151 15.29 36.29 19.35
C GLN C 151 14.92 34.84 19.67
N GLY C 152 14.46 34.59 20.89
CA GLY C 152 13.95 33.26 21.28
C GLY C 152 12.58 33.02 20.65
N CYS C 153 12.39 31.82 20.12
CA CYS C 153 11.09 31.36 19.61
C CYS C 153 11.18 29.85 19.51
N VAL C 154 10.15 29.15 19.99
CA VAL C 154 10.15 27.66 19.98
C VAL C 154 8.87 27.16 19.33
N GLN C 155 8.88 25.89 18.95
CA GLN C 155 7.65 25.26 18.43
C GLN C 155 6.76 24.81 19.60
N ASN C 156 7.37 24.38 20.70
CA ASN C 156 6.64 23.79 21.84
C ASN C 156 7.16 24.42 23.14
N TRP C 157 6.37 25.27 23.78
CA TRP C 157 6.85 25.97 25.00
C TRP C 157 7.04 24.98 26.15
N SER C 158 6.50 23.76 26.06
CA SER C 158 6.60 22.73 27.13
C SER C 158 7.90 21.94 26.99
N THR C 159 8.70 22.16 25.94
CA THR C 159 9.99 21.46 25.77
C THR C 159 10.88 21.72 26.99
N THR C 160 11.53 20.66 27.49
CA THR C 160 12.64 20.74 28.47
C THR C 160 13.95 20.72 27.70
N TYR C 161 14.59 21.88 27.52
CA TYR C 161 15.91 21.95 26.83
C TYR C 161 16.97 21.41 27.78
N PRO C 162 18.00 20.75 27.22
CA PRO C 162 18.97 20.05 28.05
C PRO C 162 20.00 20.98 28.70
N SER C 163 20.63 20.47 29.77
N SER C 163 20.63 20.49 29.77
CA SER C 163 21.91 20.97 30.30
CA SER C 163 21.87 21.09 30.31
C SER C 163 22.92 21.08 29.15
C SER C 163 22.93 21.07 29.20
N GLY C 164 23.66 22.18 29.06
CA GLY C 164 24.77 22.30 28.10
C GLY C 164 24.37 23.08 26.86
N VAL C 165 23.09 23.43 26.71
CA VAL C 165 22.69 24.40 25.66
C VAL C 165 22.13 25.64 26.34
N VAL C 166 22.15 26.76 25.63
CA VAL C 166 21.49 28.01 26.05
C VAL C 166 20.16 28.08 25.31
N ALA C 167 19.06 28.04 26.06
CA ALA C 167 17.69 28.06 25.54
C ALA C 167 16.95 29.21 26.21
N PRO C 168 15.97 29.82 25.53
CA PRO C 168 15.19 30.88 26.14
C PRO C 168 14.39 30.31 27.30
N PRO C 169 14.12 31.12 28.36
CA PRO C 169 13.19 30.71 29.40
C PRO C 169 11.80 30.52 28.75
N LEU C 170 11.08 29.49 29.19
CA LEU C 170 9.75 29.09 28.66
C LEU C 170 8.72 29.12 29.79
N LYS C 171 8.21 30.31 30.10
N LYS C 171 8.25 30.34 30.11
CA LYS C 171 7.31 30.51 31.27
CA LYS C 171 7.32 30.59 31.24
C LYS C 171 5.85 30.48 30.79
C LYS C 171 5.88 30.36 30.78
N ASP C 172 5.60 30.54 29.47
CA ASP C 172 4.24 30.51 28.93
C ASP C 172 4.32 30.28 27.41
N ALA C 173 3.19 30.15 26.76
CA ALA C 173 3.12 29.74 25.34
C ALA C 173 3.47 30.91 24.41
N LYS C 174 3.64 32.13 24.91
CA LYS C 174 4.03 33.27 24.04
C LYS C 174 5.42 33.00 23.44
N ALA C 175 6.23 32.12 24.04
CA ALA C 175 7.55 31.72 23.51
C ALA C 175 7.38 31.02 22.15
N GLN C 176 6.17 30.60 21.78
CA GLN C 176 5.91 29.96 20.46
C GLN C 176 5.75 31.03 19.38
N VAL C 177 5.55 32.27 19.78
CA VAL C 177 5.45 33.42 18.85
C VAL C 177 6.51 34.45 19.28
N LEU C 178 6.26 35.74 19.21
CA LEU C 178 7.29 36.73 19.60
C LEU C 178 7.00 37.26 21.01
N ASP C 179 7.79 36.78 21.97
CA ASP C 179 7.91 37.35 23.33
C ASP C 179 9.14 38.25 23.31
N PRO C 180 9.00 39.59 23.35
CA PRO C 180 10.14 40.50 23.18
C PRO C 180 11.13 40.45 24.34
N GLY C 181 10.77 39.77 25.42
CA GLY C 181 11.68 39.48 26.55
C GLY C 181 12.76 38.45 26.20
N LEU C 182 12.52 37.60 25.21
CA LEU C 182 13.39 36.43 24.95
C LEU C 182 14.48 36.80 23.96
N LYS C 183 15.55 37.40 24.46
CA LYS C 183 16.69 37.87 23.65
C LYS C 183 17.97 37.17 24.13
N ALA C 184 18.95 37.12 23.24
CA ALA C 184 20.30 36.59 23.55
C ALA C 184 21.26 37.07 22.47
N ARG C 185 22.53 36.81 22.70
CA ARG C 185 23.62 37.04 21.73
C ARG C 185 24.27 35.70 21.48
N LEU C 186 24.65 35.42 20.23
CA LEU C 186 25.34 34.18 19.85
C LEU C 186 26.81 34.33 20.28
N ASP C 187 27.11 33.91 21.51
CA ASP C 187 28.43 34.18 22.14
C ASP C 187 29.11 32.86 22.54
N LYS C 188 28.62 31.72 22.07
CA LYS C 188 29.28 30.41 22.31
C LYS C 188 28.99 29.48 21.13
N ASP C 189 30.04 28.94 20.55
CA ASP C 189 29.94 27.96 19.43
C ASP C 189 29.25 26.68 19.93
N GLY C 190 28.31 26.14 19.16
CA GLY C 190 27.73 24.81 19.44
C GLY C 190 26.92 24.75 20.74
N ALA C 191 26.28 25.85 21.15
CA ALA C 191 25.53 25.93 22.42
C ALA C 191 24.12 26.48 22.25
N TYR C 192 23.85 27.24 21.18
CA TYR C 192 22.53 27.90 20.97
C TYR C 192 21.78 27.08 19.92
N PRO C 193 20.73 26.32 20.30
CA PRO C 193 20.05 25.46 19.34
C PRO C 193 19.37 26.31 18.26
N VAL C 194 19.45 25.84 17.02
CA VAL C 194 18.79 26.49 15.86
C VAL C 194 17.28 26.58 16.12
N GLU C 195 16.67 25.55 16.70
CA GLU C 195 15.19 25.47 16.77
C GLU C 195 14.62 26.41 17.83
N CYS C 196 15.41 27.01 18.73
CA CYS C 196 14.82 27.91 19.75
C CYS C 196 15.35 29.35 19.65
N TRP C 197 16.18 29.66 18.65
CA TRP C 197 16.71 31.02 18.44
C TRP C 197 16.71 31.33 16.94
N CYS C 198 16.40 32.56 16.58
CA CYS C 198 16.56 33.06 15.20
C CYS C 198 17.20 34.44 15.26
N PRO C 199 17.81 34.87 14.15
CA PRO C 199 18.35 36.22 14.11
C PRO C 199 17.25 37.24 14.42
N ASP C 200 17.57 38.18 15.31
CA ASP C 200 16.63 39.21 15.77
C ASP C 200 16.58 40.35 14.76
N PRO C 201 15.49 40.52 14.00
CA PRO C 201 15.43 41.57 13.00
C PRO C 201 15.28 42.97 13.62
N SER C 202 14.93 43.04 14.90
CA SER C 202 14.78 44.34 15.63
C SER C 202 16.13 44.85 16.09
N ARG C 203 17.19 44.05 15.99
CA ARG C 203 18.56 44.48 16.38
C ARG C 203 19.48 44.21 15.19
N ASN C 204 20.72 43.77 15.42
CA ASN C 204 21.65 43.43 14.33
C ASN C 204 21.86 44.60 13.36
N GLU C 205 21.91 45.83 13.86
CA GLU C 205 22.25 47.00 13.00
C GLU C 205 23.67 46.84 12.46
N ASN C 206 24.53 46.11 13.16
CA ASN C 206 25.97 46.04 12.85
C ASN C 206 26.36 44.62 12.42
N THR C 207 25.38 43.87 11.92
CA THR C 207 25.60 42.51 11.36
C THR C 207 24.76 42.39 10.10
N ARG C 208 25.23 41.66 9.11
CA ARG C 208 24.38 41.24 7.97
C ARG C 208 24.17 39.72 8.12
N TYR C 209 22.93 39.26 8.11
CA TYR C 209 22.64 37.81 8.17
C TYR C 209 21.74 37.46 6.98
N PHE C 210 21.98 36.25 6.47
CA PHE C 210 21.36 35.72 5.23
C PHE C 210 20.93 34.28 5.54
N GLY C 211 19.63 34.04 5.64
CA GLY C 211 19.08 32.74 6.03
C GLY C 211 18.02 32.25 5.07
N THR C 212 17.99 30.94 4.88
N THR C 212 17.95 30.94 4.87
CA THR C 212 16.95 30.21 4.14
CA THR C 212 16.85 30.30 4.11
C THR C 212 16.53 29.00 4.96
C THR C 212 16.55 28.93 4.70
N TYR C 213 15.25 28.67 4.92
CA TYR C 213 14.73 27.38 5.41
C TYR C 213 13.93 26.77 4.28
N THR C 214 14.19 25.51 3.95
CA THR C 214 13.40 24.75 2.97
C THR C 214 12.94 23.47 3.67
N GLY C 215 11.65 23.34 3.95
CA GLY C 215 11.15 22.26 4.82
C GLY C 215 10.76 21.01 4.05
N GLY C 216 9.73 20.35 4.55
CA GLY C 216 9.22 19.11 3.96
C GLY C 216 9.94 17.88 4.47
N GLN C 217 9.52 16.72 3.97
CA GLN C 217 9.92 15.42 4.55
C GLN C 217 11.19 14.85 3.89
N GLN C 218 11.19 14.72 2.57
CA GLN C 218 12.29 14.08 1.78
C GLN C 218 12.76 15.04 0.70
N THR C 219 12.64 16.33 0.97
CA THR C 219 12.90 17.40 -0.03
C THR C 219 14.33 17.29 -0.53
N PRO C 220 14.56 17.43 -1.85
CA PRO C 220 15.92 17.47 -2.39
C PRO C 220 16.71 18.67 -1.89
N PRO C 221 17.90 18.47 -1.28
CA PRO C 221 18.80 19.59 -1.01
C PRO C 221 19.33 20.16 -2.34
N VAL C 222 19.37 21.49 -2.46
CA VAL C 222 19.91 22.20 -3.64
C VAL C 222 21.06 23.06 -3.14
N LEU C 223 22.29 22.65 -3.43
CA LEU C 223 23.50 23.23 -2.80
C LEU C 223 24.46 23.64 -3.89
N PRO C 224 24.67 24.94 -4.13
CA PRO C 224 25.67 25.39 -5.07
C PRO C 224 27.05 25.37 -4.42
N PHE C 225 28.09 25.31 -5.24
CA PHE C 225 29.49 25.45 -4.77
C PHE C 225 30.27 26.11 -5.89
N THR C 226 30.76 27.32 -5.61
CA THR C 226 31.50 28.13 -6.59
C THR C 226 32.45 29.06 -5.83
N ASN C 227 33.47 29.54 -6.50
CA ASN C 227 34.36 30.57 -5.93
C ASN C 227 34.18 31.91 -6.66
N THR C 228 33.06 32.15 -7.33
CA THR C 228 32.87 33.31 -8.22
C THR C 228 31.85 34.30 -7.66
N VAL C 229 31.26 34.02 -6.49
CA VAL C 229 30.11 34.83 -5.98
C VAL C 229 30.52 35.61 -4.73
N THR C 230 30.32 36.91 -4.77
CA THR C 230 30.62 37.84 -3.65
C THR C 230 29.33 38.46 -3.14
N THR C 231 29.15 38.49 -1.83
CA THR C 231 28.02 39.20 -1.18
C THR C 231 28.59 40.51 -0.65
N VAL C 232 28.09 41.63 -1.13
CA VAL C 232 28.47 42.98 -0.63
C VAL C 232 27.74 43.20 0.71
N LEU C 233 28.46 43.70 1.73
CA LEU C 233 27.94 43.84 3.11
C LEU C 233 27.64 45.30 3.45
N LEU C 234 27.85 46.20 2.50
CA LEU C 234 27.53 47.65 2.68
C LEU C 234 26.03 47.81 2.81
N ASP C 235 25.59 48.68 3.71
CA ASP C 235 24.16 49.02 3.91
C ASP C 235 23.77 50.09 2.88
N GLU C 236 22.53 50.59 2.99
CA GLU C 236 21.93 51.65 2.13
C GLU C 236 22.83 52.89 2.09
N ASN C 237 23.61 53.15 3.15
CA ASN C 237 24.52 54.33 3.26
C ASN C 237 25.96 54.02 2.86
N GLY C 238 26.25 52.82 2.35
CA GLY C 238 27.61 52.46 1.87
C GLY C 238 28.54 52.05 3.01
N VAL C 239 27.97 51.64 4.14
CA VAL C 239 28.75 51.30 5.37
C VAL C 239 28.56 49.82 5.69
N GLY C 240 29.66 49.09 5.76
CA GLY C 240 29.66 47.69 6.18
C GLY C 240 29.67 47.57 7.70
N PRO C 241 29.52 46.35 8.25
CA PRO C 241 29.70 46.13 9.68
C PRO C 241 31.05 46.70 10.16
N LEU C 242 31.01 47.33 11.34
CA LEU C 242 32.18 47.98 11.96
C LEU C 242 32.62 47.13 13.16
N CYS C 243 33.87 46.69 13.13
CA CYS C 243 34.37 45.66 14.07
C CYS C 243 34.70 46.27 15.44
N LYS C 244 33.79 46.15 16.40
CA LYS C 244 33.99 46.69 17.77
C LYS C 244 35.09 45.89 18.45
N GLY C 245 36.05 46.60 19.07
CA GLY C 245 37.19 45.94 19.74
C GLY C 245 38.05 45.16 18.77
N ASP C 246 38.06 45.50 17.48
CA ASP C 246 38.90 44.84 16.46
C ASP C 246 38.59 43.34 16.41
N GLY C 247 37.31 42.99 16.49
CA GLY C 247 36.80 41.61 16.35
C GLY C 247 35.85 41.48 15.18
N LEU C 248 36.04 40.47 14.35
CA LEU C 248 35.09 40.14 13.25
C LEU C 248 34.31 38.90 13.69
N TYR C 249 32.99 38.97 13.63
CA TYR C 249 32.09 37.91 14.15
C TYR C 249 31.43 37.18 12.99
N LEU C 250 31.70 35.89 12.93
CA LEU C 250 31.18 35.00 11.87
C LEU C 250 30.24 33.99 12.53
N SER C 251 29.10 33.73 11.88
N SER C 251 29.09 33.76 11.92
CA SER C 251 28.04 32.85 12.42
CA SER C 251 28.20 32.69 12.43
C SER C 251 27.41 32.08 11.27
C SER C 251 27.55 32.01 11.24
N CYS C 252 27.08 30.81 11.47
CA CYS C 252 26.33 30.06 10.44
C CYS C 252 25.63 28.86 11.01
N VAL C 253 24.73 28.34 10.19
CA VAL C 253 24.29 26.93 10.34
C VAL C 253 24.00 26.40 8.94
N ASP C 254 24.24 25.12 8.73
CA ASP C 254 24.08 24.47 7.41
C ASP C 254 23.55 23.05 7.63
N ILE C 255 22.29 22.96 7.99
CA ILE C 255 21.56 21.67 8.05
C ILE C 255 21.23 21.26 6.63
N CYS C 256 21.76 20.12 6.17
CA CYS C 256 21.64 19.67 4.76
C CYS C 256 20.60 18.57 4.58
N GLY C 257 19.97 18.12 5.67
CA GLY C 257 18.93 17.08 5.67
C GLY C 257 19.23 16.00 6.68
N PHE C 258 18.61 14.85 6.48
CA PHE C 258 18.72 13.69 7.37
C PHE C 258 19.39 12.54 6.66
N TYR C 259 20.24 11.85 7.42
CA TYR C 259 20.76 10.50 7.11
C TYR C 259 19.87 9.47 7.81
N SER C 260 19.34 8.53 7.04
CA SER C 260 18.55 7.39 7.57
C SER C 260 19.41 6.13 7.68
N GLU C 261 19.48 5.54 8.87
CA GLU C 261 20.21 4.27 9.07
C GLU C 261 19.48 3.16 8.33
N GLN C 262 20.18 2.37 7.52
CA GLN C 262 19.55 1.26 6.76
C GLN C 262 18.73 0.34 7.68
N TYR C 263 19.30 -0.14 8.78
CA TYR C 263 18.61 -1.16 9.61
C TYR C 263 17.55 -0.49 10.49
N SER C 264 17.94 0.36 11.43
CA SER C 264 17.01 0.90 12.44
C SER C 264 16.01 1.86 11.81
N GLN C 265 16.42 2.53 10.73
CA GLN C 265 15.65 3.62 10.04
C GLN C 265 15.58 4.86 10.93
N LYS C 266 16.37 4.93 11.99
CA LYS C 266 16.55 6.18 12.77
C LYS C 266 17.20 7.23 11.87
N GLN C 267 16.93 8.49 12.18
CA GLN C 267 17.49 9.61 11.38
C GLN C 267 18.43 10.46 12.21
N HIS C 268 19.42 11.01 11.52
CA HIS C 268 20.44 11.93 12.07
C HIS C 268 20.43 13.21 11.23
N PHE C 269 20.46 14.37 11.87
CA PHE C 269 20.78 15.62 11.14
C PHE C 269 22.19 15.50 10.54
N ARG C 270 22.36 15.96 9.31
CA ARG C 270 23.68 16.15 8.67
C ARG C 270 23.92 17.63 8.46
N GLY C 271 25.05 18.12 8.90
CA GLY C 271 25.49 19.50 8.67
C GLY C 271 26.83 19.51 7.97
N LEU C 272 27.13 20.58 7.24
CA LEU C 272 28.41 20.69 6.52
C LEU C 272 29.12 21.94 7.00
N PRO C 273 30.46 21.94 6.91
CA PRO C 273 31.26 23.09 7.30
C PRO C 273 31.07 24.23 6.30
N ARG C 274 31.42 25.44 6.73
CA ARG C 274 31.29 26.65 5.88
C ARG C 274 32.60 27.43 5.95
N TYR C 275 33.06 27.82 4.78
CA TYR C 275 34.25 28.67 4.58
C TYR C 275 33.78 30.12 4.42
N PHE C 276 34.56 31.05 4.99
CA PHE C 276 34.37 32.49 4.81
C PHE C 276 35.68 33.15 4.36
N SER C 277 35.58 34.07 3.41
CA SER C 277 36.65 35.01 3.05
C SER C 277 36.03 36.40 3.13
N VAL C 278 36.45 37.20 4.11
CA VAL C 278 35.87 38.54 4.36
C VAL C 278 36.90 39.61 4.02
N SER C 279 36.52 40.59 3.19
N SER C 279 36.50 40.57 3.18
CA SER C 279 37.40 41.70 2.80
CA SER C 279 37.32 41.73 2.77
C SER C 279 37.05 42.93 3.64
C SER C 279 37.01 42.90 3.72
N LEU C 280 38.04 43.49 4.32
CA LEU C 280 37.85 44.63 5.24
C LEU C 280 38.71 45.81 4.81
N ARG C 281 38.26 46.98 5.23
CA ARG C 281 39.00 48.25 5.02
C ARG C 281 38.92 49.06 6.31
N LYS C 282 39.84 49.99 6.48
CA LYS C 282 39.83 50.88 7.66
C LYS C 282 38.83 52.00 7.41
N ARG C 283 38.04 52.31 8.42
CA ARG C 283 37.02 53.37 8.38
C ARG C 283 37.25 54.32 9.56
N LEU C 284 37.32 55.61 9.30
CA LEU C 284 37.34 56.63 10.38
C LEU C 284 35.92 56.80 10.91
N VAL C 285 35.80 56.89 12.22
CA VAL C 285 34.51 57.18 12.88
C VAL C 285 34.74 58.25 13.95
N ARG C 286 33.68 58.98 14.26
CA ARG C 286 33.72 59.93 15.39
C ARG C 286 33.71 59.08 16.65
N ASN C 287 34.59 59.40 17.58
CA ASN C 287 34.73 58.64 18.84
C ASN C 287 33.63 59.14 19.80
N GLY D 23 51.37 36.07 -6.26
CA GLY D 23 52.53 35.54 -7.02
C GLY D 23 52.88 36.43 -8.20
N ILE D 24 51.99 36.52 -9.20
CA ILE D 24 52.27 37.09 -10.55
C ILE D 24 51.85 38.56 -10.58
N GLU D 25 52.76 39.46 -10.98
CA GLU D 25 52.41 40.88 -11.24
C GLU D 25 51.85 40.98 -12.66
N VAL D 26 50.57 41.31 -12.76
CA VAL D 26 49.83 41.30 -14.05
C VAL D 26 49.95 42.70 -14.67
N LEU D 27 50.43 42.75 -15.91
CA LEU D 27 50.56 44.01 -16.67
C LEU D 27 49.48 44.04 -17.76
N GLY D 28 49.80 44.61 -18.92
CA GLY D 28 48.75 44.94 -19.91
C GLY D 28 48.36 43.74 -20.75
N VAL D 29 47.13 43.76 -21.28
CA VAL D 29 46.70 42.81 -22.33
C VAL D 29 47.49 43.10 -23.60
N ARG D 30 48.05 42.06 -24.22
CA ARG D 30 48.73 42.15 -25.54
C ARG D 30 47.64 41.97 -26.61
N THR D 31 47.50 42.94 -27.52
CA THR D 31 46.46 42.88 -28.58
C THR D 31 47.15 42.72 -29.94
N GLY D 32 46.35 42.73 -31.00
CA GLY D 32 46.81 42.65 -32.38
C GLY D 32 46.67 41.24 -32.95
N PRO D 33 47.13 41.01 -34.19
CA PRO D 33 47.03 39.71 -34.84
C PRO D 33 47.65 38.58 -33.99
N ASP D 34 46.92 37.45 -33.92
CA ASP D 34 47.35 36.20 -33.26
C ASP D 34 47.40 36.39 -31.74
N SER D 35 46.80 37.45 -31.18
CA SER D 35 46.86 37.75 -29.73
C SER D 35 45.74 36.99 -29.01
N THR D 36 44.82 36.38 -29.74
CA THR D 36 43.68 35.63 -29.14
C THR D 36 43.64 34.24 -29.77
N THR D 37 43.06 33.27 -29.06
CA THR D 37 42.82 31.92 -29.60
C THR D 37 41.61 31.34 -28.90
N THR D 38 40.92 30.39 -29.53
CA THR D 38 39.80 29.65 -28.90
C THR D 38 40.21 28.19 -28.80
N ILE D 39 40.10 27.59 -27.62
CA ILE D 39 40.39 26.16 -27.37
C ILE D 39 39.05 25.43 -27.25
N GLU D 40 38.89 24.36 -28.01
CA GLU D 40 37.68 23.51 -27.94
C GLU D 40 38.12 22.16 -27.40
N ALA D 41 37.38 21.59 -26.48
CA ALA D 41 37.68 20.26 -25.93
C ALA D 41 36.40 19.64 -25.40
N TYR D 42 36.43 18.32 -25.23
CA TYR D 42 35.35 17.62 -24.51
C TYR D 42 35.99 16.66 -23.55
N LEU D 43 35.30 16.40 -22.44
N LEU D 43 35.28 16.37 -22.46
CA LEU D 43 35.68 15.39 -21.45
CA LEU D 43 35.71 15.41 -21.41
C LEU D 43 34.55 14.37 -21.37
C LEU D 43 34.60 14.37 -21.24
N ASN D 44 34.90 13.09 -21.53
CA ASN D 44 33.91 12.01 -21.36
C ASN D 44 33.81 11.72 -19.86
N PRO D 45 32.61 11.31 -19.40
CA PRO D 45 32.37 11.16 -17.97
C PRO D 45 33.08 9.92 -17.42
N ARG D 46 33.38 9.95 -16.13
CA ARG D 46 34.09 8.84 -15.44
C ARG D 46 33.21 8.39 -14.27
N MET D 47 32.16 7.63 -14.61
CA MET D 47 31.15 7.19 -13.62
C MET D 47 31.57 5.89 -12.93
N GLY D 48 32.70 5.29 -13.32
CA GLY D 48 33.19 4.03 -12.74
C GLY D 48 33.54 3.03 -13.82
N THR D 49 32.86 3.08 -14.95
CA THR D 49 33.26 2.40 -16.21
C THR D 49 33.32 3.50 -17.28
N ASP D 50 33.88 3.20 -18.45
CA ASP D 50 34.30 4.20 -19.47
C ASP D 50 33.17 4.78 -20.32
N ASN D 51 31.92 4.29 -20.24
CA ASN D 51 30.95 4.62 -21.30
C ASN D 51 29.64 5.18 -20.72
N GLY D 52 29.72 5.89 -19.62
CA GLY D 52 28.62 6.77 -19.18
C GLY D 52 27.90 6.26 -17.95
N PHE D 53 28.10 5.00 -17.59
CA PHE D 53 27.39 4.39 -16.43
C PHE D 53 28.38 3.80 -15.45
N SER D 54 28.04 3.86 -14.18
CA SER D 54 28.75 3.05 -13.17
C SER D 54 28.33 1.59 -13.35
N GLN D 55 29.12 0.70 -12.80
CA GLN D 55 28.67 -0.68 -12.45
C GLN D 55 27.47 -0.55 -11.51
N ALA D 56 26.60 -1.56 -11.47
CA ALA D 56 25.48 -1.57 -10.50
C ALA D 56 26.02 -1.28 -9.11
N VAL D 57 25.37 -0.37 -8.39
CA VAL D 57 25.89 0.13 -7.10
C VAL D 57 25.46 -0.80 -5.97
N THR D 58 26.44 -1.19 -5.16
CA THR D 58 26.24 -2.01 -3.95
C THR D 58 26.25 -1.09 -2.73
N VAL D 59 25.57 -1.49 -1.68
CA VAL D 59 25.31 -0.64 -0.49
C VAL D 59 25.69 -1.44 0.76
N ALA D 60 26.55 -0.90 1.58
CA ALA D 60 26.97 -1.54 2.85
C ALA D 60 25.75 -1.68 3.76
N THR D 61 25.73 -2.71 4.60
CA THR D 61 24.66 -2.89 5.61
C THR D 61 24.98 -2.11 6.89
N SER D 62 26.21 -1.64 7.04
CA SER D 62 26.65 -0.83 8.21
C SER D 62 27.75 0.13 7.76
N LEU D 63 28.17 1.03 8.64
CA LEU D 63 29.24 2.01 8.30
C LEU D 63 30.61 1.33 8.24
N ASN D 64 30.74 0.10 8.74
CA ASN D 64 32.05 -0.57 8.84
C ASN D 64 31.81 -2.08 8.93
N PRO D 65 32.16 -2.89 7.91
CA PRO D 65 32.88 -2.46 6.70
C PRO D 65 32.01 -1.80 5.62
N ASP D 66 32.60 -0.87 4.88
CA ASP D 66 31.94 -0.13 3.78
C ASP D 66 32.97 0.01 2.66
N VAL D 67 32.86 -0.81 1.62
CA VAL D 67 34.00 -1.11 0.70
C VAL D 67 33.51 -0.93 -0.73
N PRO D 68 33.30 0.34 -1.15
CA PRO D 68 32.76 0.59 -2.49
C PRO D 68 33.81 0.24 -3.55
N PRO D 69 33.46 -0.61 -4.53
CA PRO D 69 34.37 -0.90 -5.64
C PRO D 69 34.63 0.36 -6.48
N LYS D 70 35.81 0.44 -7.09
CA LYS D 70 36.18 1.56 -7.99
C LYS D 70 35.11 1.73 -9.07
N ALA D 71 34.58 0.64 -9.62
CA ALA D 71 33.65 0.69 -10.78
C ALA D 71 32.29 1.27 -10.36
N GLU D 72 32.05 1.50 -9.07
CA GLU D 72 30.77 2.04 -8.54
C GLU D 72 30.91 3.48 -8.04
N LEU D 73 32.09 4.09 -8.18
CA LEU D 73 32.39 5.45 -7.66
C LEU D 73 32.62 6.44 -8.80
N PRO D 74 31.67 7.36 -9.06
CA PRO D 74 31.94 8.44 -10.00
C PRO D 74 33.14 9.28 -9.56
N CYS D 75 33.94 9.68 -10.53
CA CYS D 75 35.17 10.49 -10.34
C CYS D 75 35.12 11.76 -11.19
N TYR D 76 35.92 12.74 -10.81
CA TYR D 76 36.04 13.97 -11.63
C TYR D 76 36.72 13.63 -12.96
N SER D 77 36.27 14.30 -14.00
CA SER D 77 36.98 14.38 -15.31
C SER D 77 37.94 15.56 -15.29
N CYS D 78 39.09 15.41 -15.94
CA CYS D 78 40.02 16.56 -16.09
C CYS D 78 40.94 16.34 -17.29
N ALA D 79 41.43 17.46 -17.84
CA ALA D 79 42.44 17.44 -18.90
C ALA D 79 43.24 18.72 -18.85
N ARG D 80 44.51 18.59 -19.21
CA ARG D 80 45.37 19.76 -19.48
C ARG D 80 45.45 19.89 -21.00
N ILE D 81 45.10 21.05 -21.54
CA ILE D 81 45.21 21.36 -22.98
C ILE D 81 46.48 22.19 -23.19
N GLY D 82 47.41 21.69 -24.01
CA GLY D 82 48.62 22.44 -24.37
C GLY D 82 48.25 23.61 -25.26
N LEU D 83 48.75 24.81 -24.95
CA LEU D 83 48.47 26.06 -25.70
C LEU D 83 49.68 26.42 -26.55
N PRO D 84 49.53 27.31 -27.55
CA PRO D 84 50.67 27.75 -28.34
C PRO D 84 51.78 28.30 -27.41
N MET D 85 53.01 27.83 -27.59
CA MET D 85 54.16 28.26 -26.77
C MET D 85 54.37 29.77 -26.96
N LEU D 86 54.48 30.52 -25.88
CA LEU D 86 54.53 32.02 -25.93
C LEU D 86 55.95 32.57 -25.75
N ASN D 87 56.82 31.86 -25.04
CA ASN D 87 58.12 32.43 -24.59
C ASN D 87 59.26 31.45 -24.87
N GLU D 88 59.87 31.52 -26.05
CA GLU D 88 61.13 30.77 -26.35
C GLU D 88 62.20 31.23 -25.36
N ASP D 89 62.25 32.54 -25.11
CA ASP D 89 63.15 33.18 -24.11
C ASP D 89 62.35 33.52 -22.85
N MET D 90 62.63 32.81 -21.76
CA MET D 90 61.97 33.01 -20.44
C MET D 90 62.87 33.84 -19.51
N THR D 91 63.82 34.62 -20.06
CA THR D 91 64.82 35.41 -19.27
C THR D 91 64.55 36.92 -19.39
N THR D 92 63.58 37.34 -20.21
CA THR D 92 63.23 38.78 -20.39
C THR D 92 62.53 39.29 -19.13
N PRO D 93 62.56 40.61 -18.86
CA PRO D 93 61.96 41.15 -17.63
C PRO D 93 60.42 41.03 -17.61
N GLU D 94 59.80 40.92 -18.78
CA GLU D 94 58.35 40.59 -18.91
C GLU D 94 58.20 39.37 -19.82
N ILE D 95 57.15 38.57 -19.58
CA ILE D 95 56.81 37.41 -20.45
C ILE D 95 55.30 37.45 -20.70
N LEU D 96 54.85 36.65 -21.64
CA LEU D 96 53.41 36.55 -21.96
C LEU D 96 52.83 35.28 -21.34
N MET D 97 51.57 35.36 -20.95
CA MET D 97 50.78 34.19 -20.50
C MET D 97 49.44 34.25 -21.22
N TRP D 98 48.92 33.08 -21.57
CA TRP D 98 47.53 32.97 -22.05
C TRP D 98 46.61 33.21 -20.87
N GLU D 99 45.61 34.07 -21.04
CA GLU D 99 44.64 34.46 -20.01
C GLU D 99 43.27 33.97 -20.49
N ALA D 100 42.60 33.13 -19.71
CA ALA D 100 41.26 32.60 -20.06
C ALA D 100 40.22 33.67 -19.73
N VAL D 101 39.58 34.20 -20.77
N VAL D 101 39.54 34.24 -20.72
CA VAL D 101 38.65 35.36 -20.68
CA VAL D 101 38.60 35.37 -20.44
C VAL D 101 37.22 34.86 -20.40
C VAL D 101 37.15 34.87 -20.37
N SER D 102 36.78 33.84 -21.12
CA SER D 102 35.37 33.38 -21.11
C SER D 102 35.31 31.93 -21.55
N VAL D 103 34.19 31.29 -21.24
CA VAL D 103 33.93 29.88 -21.61
C VAL D 103 32.46 29.72 -21.97
N LYS D 104 32.26 28.96 -23.05
CA LYS D 104 30.96 28.33 -23.36
C LYS D 104 31.11 26.86 -23.07
N THR D 105 30.17 26.30 -22.33
CA THR D 105 30.23 24.88 -21.96
C THR D 105 28.83 24.31 -22.06
N GLU D 106 28.75 23.05 -22.48
CA GLU D 106 27.48 22.35 -22.78
C GLU D 106 27.60 20.94 -22.25
N VAL D 107 26.55 20.44 -21.61
CA VAL D 107 26.40 18.99 -21.38
C VAL D 107 25.88 18.38 -22.67
N VAL D 108 26.60 17.39 -23.19
CA VAL D 108 26.27 16.76 -24.49
C VAL D 108 25.51 15.46 -24.23
N GLY D 109 24.50 15.21 -25.04
CA GLY D 109 23.69 13.99 -24.91
C GLY D 109 22.50 14.15 -23.98
N VAL D 110 22.08 15.36 -23.67
CA VAL D 110 20.93 15.56 -22.75
C VAL D 110 19.71 14.82 -23.31
N THR D 111 19.49 14.87 -24.62
CA THR D 111 18.27 14.31 -25.26
C THR D 111 18.25 12.78 -25.15
N THR D 112 19.35 12.13 -24.80
CA THR D 112 19.35 10.66 -24.58
C THR D 112 18.34 10.34 -23.48
N MET D 113 18.06 11.28 -22.60
CA MET D 113 17.21 11.06 -21.40
CA MET D 113 17.20 10.96 -21.43
C MET D 113 15.73 11.11 -21.81
N CYS D 114 15.43 11.25 -23.10
CA CYS D 114 14.06 11.04 -23.65
C CYS D 114 13.83 9.56 -23.98
N ASN D 115 14.81 8.70 -23.74
CA ASN D 115 14.70 7.24 -23.94
C ASN D 115 13.94 6.63 -22.76
N VAL D 116 12.77 6.07 -23.04
CA VAL D 116 11.99 5.33 -22.02
C VAL D 116 11.72 3.90 -22.49
N HIS D 117 12.48 3.41 -23.47
CA HIS D 117 12.28 2.02 -23.96
C HIS D 117 13.42 1.08 -23.54
N SER D 118 14.59 1.58 -23.16
CA SER D 118 15.79 0.72 -22.99
C SER D 118 15.82 0.06 -21.60
N ALA D 119 14.82 -0.77 -21.28
CA ALA D 119 14.82 -1.78 -20.18
C ALA D 119 14.96 -1.18 -18.78
N SER D 120 14.30 -0.07 -18.51
N SER D 120 14.31 -0.05 -18.50
CA SER D 120 14.17 0.44 -17.12
CA SER D 120 14.22 0.47 -17.11
C SER D 120 12.89 -0.06 -16.46
C SER D 120 12.89 0.03 -16.48
N ILE D 121 12.75 0.24 -15.17
CA ILE D 121 11.54 -0.16 -14.40
C ILE D 121 10.35 0.59 -14.97
N ARG D 122 9.28 -0.12 -15.27
CA ARG D 122 8.15 0.49 -16.00
C ARG D 122 7.16 1.16 -15.04
N MET D 123 6.70 2.33 -15.44
CA MET D 123 5.64 3.09 -14.74
C MET D 123 4.26 2.45 -14.96
N ASN D 124 3.25 3.00 -14.29
CA ASN D 124 1.86 2.49 -14.35
C ASN D 124 1.84 0.99 -14.06
N GLY D 125 2.53 0.57 -13.00
CA GLY D 125 2.43 -0.82 -12.51
C GLY D 125 2.94 -1.84 -13.49
N GLY D 126 3.84 -1.44 -14.40
CA GLY D 126 4.46 -2.32 -15.39
C GLY D 126 3.93 -2.09 -16.79
N TYR D 127 2.87 -1.30 -16.95
CA TYR D 127 2.14 -1.15 -18.24
C TYR D 127 2.62 0.06 -19.03
N GLY D 128 3.18 1.05 -18.34
CA GLY D 128 3.63 2.30 -18.95
C GLY D 128 5.06 2.20 -19.45
N VAL D 129 5.67 3.33 -19.69
CA VAL D 129 7.05 3.40 -20.23
C VAL D 129 8.04 3.21 -19.08
N GLY D 130 9.30 2.98 -19.43
CA GLY D 130 10.39 2.92 -18.45
C GLY D 130 10.61 4.25 -17.77
N ARG D 131 10.97 4.21 -16.49
CA ARG D 131 11.49 5.41 -15.80
C ARG D 131 12.64 5.97 -16.59
N PRO D 132 12.68 7.29 -16.83
CA PRO D 132 13.90 7.89 -17.35
C PRO D 132 14.97 7.98 -16.27
N ILE D 133 16.17 8.31 -16.69
CA ILE D 133 17.30 8.58 -15.75
C ILE D 133 16.82 9.68 -14.82
N GLU D 134 16.92 9.49 -13.51
CA GLU D 134 16.40 10.49 -12.56
C GLU D 134 17.06 10.28 -11.20
N GLY D 135 16.89 11.25 -10.30
CA GLY D 135 17.50 11.21 -8.97
C GLY D 135 18.60 12.24 -8.86
N LEU D 136 19.51 12.02 -7.91
CA LEU D 136 20.50 13.07 -7.55
C LEU D 136 21.33 13.45 -8.76
N ASN D 137 21.57 14.75 -8.87
CA ASN D 137 22.35 15.40 -9.94
C ASN D 137 23.49 16.14 -9.28
N CYS D 138 24.65 16.11 -9.90
CA CYS D 138 25.80 16.90 -9.45
C CYS D 138 26.55 17.35 -10.69
N HIS D 139 26.62 18.65 -10.89
CA HIS D 139 27.24 19.25 -12.09
C HIS D 139 28.27 20.26 -11.63
N MET D 140 29.47 20.14 -12.16
N MET D 140 29.47 20.15 -12.17
CA MET D 140 30.57 21.09 -11.89
CA MET D 140 30.51 21.16 -11.91
C MET D 140 31.35 21.26 -13.19
C MET D 140 31.36 21.27 -13.15
N PHE D 141 31.78 22.49 -13.50
CA PHE D 141 32.86 22.69 -14.47
C PHE D 141 33.80 23.72 -13.89
N ALA D 142 35.05 23.59 -14.27
CA ALA D 142 36.12 24.50 -13.82
C ALA D 142 37.07 24.77 -14.99
N VAL D 143 37.56 25.99 -15.04
CA VAL D 143 38.60 26.43 -16.01
C VAL D 143 39.66 27.15 -15.22
N GLY D 144 40.91 26.71 -15.38
CA GLY D 144 42.00 27.36 -14.66
C GLY D 144 43.31 27.26 -15.40
N GLY D 145 44.33 27.87 -14.78
CA GLY D 145 45.70 27.94 -15.34
C GLY D 145 46.63 26.98 -14.62
N GLU D 146 46.05 26.06 -13.86
CA GLU D 146 46.78 25.03 -13.07
C GLU D 146 45.74 24.04 -12.59
N PRO D 147 46.11 22.86 -12.08
CA PRO D 147 45.11 21.88 -11.65
C PRO D 147 44.19 22.44 -10.57
N LEU D 148 42.93 22.01 -10.64
CA LEU D 148 41.90 22.32 -9.62
C LEU D 148 42.41 21.83 -8.26
N GLU D 149 42.30 22.66 -7.24
CA GLU D 149 42.69 22.30 -5.86
C GLU D 149 41.46 21.73 -5.13
N LEU D 150 41.68 20.62 -4.42
CA LEU D 150 40.60 19.83 -3.77
C LEU D 150 40.80 19.84 -2.26
N GLN D 151 39.68 19.84 -1.55
CA GLN D 151 39.57 19.62 -0.10
C GLN D 151 38.95 18.24 0.10
N GLY D 152 39.56 17.40 0.94
CA GLY D 152 38.99 16.09 1.25
C GLY D 152 37.83 16.25 2.20
N CYS D 153 36.74 15.52 1.98
CA CYS D 153 35.58 15.48 2.89
C CYS D 153 34.76 14.26 2.49
N VAL D 154 34.35 13.45 3.47
CA VAL D 154 33.59 12.20 3.20
C VAL D 154 32.30 12.19 4.03
N GLN D 155 31.36 11.33 3.64
CA GLN D 155 30.17 11.13 4.47
C GLN D 155 30.47 10.15 5.62
N ASN D 156 31.32 9.16 5.37
CA ASN D 156 31.60 8.09 6.35
C ASN D 156 33.11 7.90 6.48
N TRP D 157 33.69 8.32 7.60
CA TRP D 157 35.18 8.24 7.74
C TRP D 157 35.63 6.77 7.81
N SER D 158 34.71 5.82 8.02
CA SER D 158 35.05 4.37 8.11
C SER D 158 35.08 3.73 6.72
N THR D 159 34.77 4.45 5.65
CA THR D 159 34.76 3.89 4.28
C THR D 159 36.16 3.41 3.92
N THR D 160 36.26 2.20 3.37
CA THR D 160 37.49 1.72 2.72
C THR D 160 37.41 2.04 1.23
N TYR D 161 38.15 3.07 0.80
CA TYR D 161 38.23 3.43 -0.64
C TYR D 161 39.10 2.40 -1.36
N PRO D 162 38.78 2.12 -2.63
CA PRO D 162 39.43 1.05 -3.38
C PRO D 162 40.80 1.42 -3.94
N SER D 163 41.60 0.40 -4.22
N SER D 163 41.61 0.41 -4.23
CA SER D 163 42.80 0.51 -5.09
CA SER D 163 42.83 0.55 -5.07
C SER D 163 42.38 1.16 -6.41
C SER D 163 42.41 1.13 -6.42
N GLY D 164 43.20 2.06 -6.94
CA GLY D 164 42.96 2.66 -8.27
C GLY D 164 42.26 4.00 -8.17
N VAL D 165 41.83 4.42 -6.99
CA VAL D 165 41.36 5.83 -6.78
C VAL D 165 42.28 6.53 -5.78
N VAL D 166 42.31 7.85 -5.89
CA VAL D 166 42.97 8.73 -4.89
C VAL D 166 41.91 9.23 -3.92
N ALA D 167 42.00 8.85 -2.67
CA ALA D 167 41.06 9.23 -1.61
C ALA D 167 41.85 9.85 -0.46
N PRO D 168 41.25 10.76 0.32
CA PRO D 168 41.97 11.36 1.44
C PRO D 168 42.25 10.29 2.48
N PRO D 169 43.37 10.39 3.22
CA PRO D 169 43.56 9.52 4.39
C PRO D 169 42.43 9.81 5.39
N LEU D 170 41.95 8.73 6.02
CA LEU D 170 40.78 8.76 6.93
C LEU D 170 41.22 8.22 8.30
N LYS D 171 41.86 9.07 9.08
CA LYS D 171 42.46 8.67 10.38
C LYS D 171 41.47 8.91 11.53
N ASP D 172 40.45 9.75 11.31
CA ASP D 172 39.47 10.12 12.36
C ASP D 172 38.23 10.72 11.68
N ALA D 173 37.21 11.00 12.47
CA ALA D 173 35.88 11.40 11.96
C ALA D 173 35.88 12.88 11.52
N LYS D 174 36.94 13.64 11.79
CA LYS D 174 37.03 15.05 11.32
C LYS D 174 36.98 15.07 9.78
N ALA D 175 37.31 13.97 9.09
CA ALA D 175 37.24 13.87 7.60
C ALA D 175 35.78 14.01 7.12
N GLN D 176 34.79 13.90 8.01
CA GLN D 176 33.37 14.08 7.64
C GLN D 176 33.01 15.55 7.62
N VAL D 177 33.84 16.39 8.21
CA VAL D 177 33.67 17.86 8.17
C VAL D 177 34.95 18.43 7.55
N LEU D 178 35.45 19.59 7.99
CA LEU D 178 36.63 20.18 7.34
C LEU D 178 37.87 19.90 8.19
N ASP D 179 38.71 19.02 7.67
CA ASP D 179 40.07 18.78 8.21
C ASP D 179 41.03 19.42 7.23
N PRO D 180 41.66 20.57 7.57
CA PRO D 180 42.46 21.33 6.61
C PRO D 180 43.74 20.57 6.22
N GLY D 181 44.03 19.44 6.87
CA GLY D 181 45.16 18.59 6.50
C GLY D 181 44.88 17.75 5.26
N LEU D 182 43.62 17.69 4.80
CA LEU D 182 43.23 16.77 3.70
C LEU D 182 43.09 17.59 2.42
N LYS D 183 44.17 17.72 1.66
CA LYS D 183 44.24 18.53 0.43
C LYS D 183 44.78 17.67 -0.71
N ALA D 184 44.43 18.01 -1.93
CA ALA D 184 44.92 17.36 -3.14
C ALA D 184 44.77 18.30 -4.34
N ARG D 185 45.42 17.93 -5.43
CA ARG D 185 45.27 18.54 -6.76
C ARG D 185 44.57 17.53 -7.66
N LEU D 186 43.63 17.99 -8.47
CA LEU D 186 42.97 17.13 -9.48
C LEU D 186 43.96 16.96 -10.65
N ASP D 187 44.81 15.93 -10.56
CA ASP D 187 45.95 15.74 -11.47
C ASP D 187 45.86 14.39 -12.18
N LYS D 188 44.70 13.73 -12.14
CA LYS D 188 44.50 12.47 -12.91
C LYS D 188 43.01 12.31 -13.21
N ASP D 189 42.71 12.10 -14.49
CA ASP D 189 41.33 11.92 -14.98
C ASP D 189 40.78 10.61 -14.42
N GLY D 190 39.53 10.59 -13.94
CA GLY D 190 38.83 9.36 -13.56
C GLY D 190 39.44 8.64 -12.37
N ALA D 191 40.05 9.37 -11.43
CA ALA D 191 40.76 8.76 -10.28
C ALA D 191 40.36 9.37 -8.93
N TYR D 192 39.86 10.62 -8.91
CA TYR D 192 39.47 11.33 -7.68
C TYR D 192 37.95 11.21 -7.54
N PRO D 193 37.44 10.40 -6.58
CA PRO D 193 35.99 10.26 -6.44
C PRO D 193 35.35 11.59 -6.06
N VAL D 194 34.20 11.83 -6.65
CA VAL D 194 33.40 13.04 -6.36
C VAL D 194 33.01 13.04 -4.88
N GLU D 195 32.70 11.87 -4.31
CA GLU D 195 32.08 11.85 -2.97
C GLU D 195 33.13 12.08 -1.87
N CYS D 196 34.42 12.11 -2.17
CA CYS D 196 35.42 12.34 -1.08
C CYS D 196 36.31 13.56 -1.36
N TRP D 197 36.02 14.33 -2.40
CA TRP D 197 36.77 15.58 -2.69
C TRP D 197 35.79 16.64 -3.18
N CYS D 198 35.99 17.88 -2.77
CA CYS D 198 35.28 19.03 -3.34
C CYS D 198 36.29 20.10 -3.67
N PRO D 199 35.93 21.04 -4.57
CA PRO D 199 36.77 22.19 -4.85
C PRO D 199 37.07 22.92 -3.53
N ASP D 200 38.33 23.28 -3.34
CA ASP D 200 38.82 23.96 -2.12
C ASP D 200 38.60 25.46 -2.26
N PRO D 201 37.65 26.06 -1.51
CA PRO D 201 37.39 27.49 -1.64
C PRO D 201 38.51 28.36 -1.05
N SER D 202 39.39 27.78 -0.24
CA SER D 202 40.52 28.49 0.42
C SER D 202 41.72 28.60 -0.53
N ARG D 203 41.68 27.91 -1.66
CA ARG D 203 42.76 27.99 -2.67
C ARG D 203 42.10 28.34 -4.01
N ASN D 204 42.57 27.78 -5.11
CA ASN D 204 41.98 28.03 -6.45
C ASN D 204 41.94 29.52 -6.77
N GLU D 205 42.98 30.27 -6.40
CA GLU D 205 43.14 31.68 -6.83
C GLU D 205 43.15 31.77 -8.37
N ASN D 206 43.59 30.72 -9.07
CA ASN D 206 43.89 30.78 -10.52
C ASN D 206 42.96 29.82 -11.30
N THR D 207 41.84 29.46 -10.68
CA THR D 207 40.79 28.62 -11.30
C THR D 207 39.42 29.19 -10.96
N ARG D 208 38.49 29.18 -11.91
CA ARG D 208 37.06 29.45 -11.60
C ARG D 208 36.33 28.12 -11.65
N TYR D 209 35.61 27.79 -10.58
CA TYR D 209 34.75 26.58 -10.61
C TYR D 209 33.31 26.96 -10.30
N PHE D 210 32.43 26.16 -10.86
CA PHE D 210 30.97 26.40 -10.84
C PHE D 210 30.27 25.06 -10.64
N GLY D 211 29.65 24.86 -9.47
CA GLY D 211 29.09 23.56 -9.10
C GLY D 211 27.68 23.69 -8.57
N THR D 212 26.85 22.68 -8.85
N THR D 212 26.87 22.68 -8.85
CA THR D 212 25.46 22.57 -8.33
CA THR D 212 25.54 22.55 -8.23
C THR D 212 25.19 21.11 -7.94
C THR D 212 25.38 21.09 -7.82
N TYR D 213 24.62 20.89 -6.76
CA TYR D 213 24.14 19.56 -6.32
C TYR D 213 22.64 19.70 -6.13
N THR D 214 21.86 18.80 -6.73
CA THR D 214 20.41 18.70 -6.52
C THR D 214 20.10 17.26 -6.10
N GLY D 215 19.70 17.04 -4.86
CA GLY D 215 19.64 15.69 -4.29
C GLY D 215 18.26 15.07 -4.43
N GLY D 216 17.92 14.25 -3.45
CA GLY D 216 16.63 13.55 -3.40
C GLY D 216 16.67 12.23 -4.14
N GLN D 217 15.56 11.54 -4.15
CA GLN D 217 15.50 10.11 -4.53
C GLN D 217 15.22 9.94 -6.03
N GLN D 218 14.14 10.54 -6.51
CA GLN D 218 13.66 10.37 -7.92
C GLN D 218 13.51 11.75 -8.57
N THR D 219 14.33 12.71 -8.14
CA THR D 219 14.22 14.13 -8.52
C THR D 219 14.31 14.28 -10.04
N PRO D 220 13.43 15.08 -10.67
CA PRO D 220 13.58 15.34 -12.11
C PRO D 220 14.88 16.08 -12.41
N PRO D 221 15.74 15.56 -13.31
CA PRO D 221 16.89 16.31 -13.80
C PRO D 221 16.38 17.46 -14.66
N VAL D 222 16.99 18.63 -14.50
CA VAL D 222 16.67 19.83 -15.32
C VAL D 222 17.96 20.24 -16.02
N LEU D 223 18.04 19.99 -17.32
CA LEU D 223 19.32 20.10 -18.07
C LEU D 223 19.08 20.99 -19.27
N PRO D 224 19.66 22.21 -19.29
CA PRO D 224 19.58 23.07 -20.47
C PRO D 224 20.63 22.64 -21.50
N PHE D 225 20.38 22.99 -22.76
CA PHE D 225 21.40 22.82 -23.82
C PHE D 225 21.21 23.96 -24.81
N THR D 226 22.21 24.82 -24.92
CA THR D 226 22.15 26.00 -25.80
C THR D 226 23.57 26.34 -26.22
N ASN D 227 23.72 27.04 -27.34
CA ASN D 227 25.05 27.55 -27.75
C ASN D 227 25.13 29.07 -27.58
N THR D 228 24.25 29.69 -26.75
CA THR D 228 24.12 31.16 -26.69
C THR D 228 24.60 31.73 -25.36
N VAL D 229 25.13 30.91 -24.45
CA VAL D 229 25.45 31.36 -23.07
C VAL D 229 26.95 31.33 -22.85
N THR D 230 27.50 32.45 -22.43
CA THR D 230 28.95 32.62 -22.16
C THR D 230 29.13 32.93 -20.67
N THR D 231 30.09 32.26 -20.04
CA THR D 231 30.52 32.60 -18.66
C THR D 231 31.82 33.39 -18.74
N VAL D 232 31.84 34.61 -18.22
CA VAL D 232 33.09 35.42 -18.14
C VAL D 232 33.93 34.90 -16.97
N LEU D 233 35.24 34.74 -17.17
CA LEU D 233 36.17 34.14 -16.17
C LEU D 233 37.03 35.21 -15.49
N LEU D 234 36.87 36.47 -15.87
CA LEU D 234 37.62 37.61 -15.27
C LEU D 234 37.22 37.76 -13.80
N ASP D 235 38.19 38.06 -12.95
CA ASP D 235 37.95 38.35 -11.51
C ASP D 235 37.59 39.83 -11.38
N GLU D 236 37.48 40.32 -10.14
CA GLU D 236 37.13 41.73 -9.78
C GLU D 236 38.14 42.71 -10.41
N ASN D 237 39.38 42.30 -10.68
CA ASN D 237 40.45 43.16 -11.25
C ASN D 237 40.49 43.07 -12.77
N GLY D 238 39.56 42.32 -13.40
CA GLY D 238 39.52 42.12 -14.86
C GLY D 238 40.57 41.11 -15.32
N VAL D 239 41.00 40.21 -14.45
CA VAL D 239 42.05 39.20 -14.79
C VAL D 239 41.42 37.80 -14.79
N GLY D 240 41.63 37.09 -15.89
CA GLY D 240 41.21 35.68 -16.04
C GLY D 240 42.29 34.76 -15.50
N PRO D 241 42.00 33.44 -15.39
CA PRO D 241 43.03 32.46 -15.09
C PRO D 241 44.21 32.63 -16.06
N LEU D 242 45.41 32.59 -15.47
CA LEU D 242 46.68 32.72 -16.24
C LEU D 242 47.33 31.34 -16.38
N CYS D 243 47.57 30.92 -17.62
CA CYS D 243 47.90 29.52 -17.97
C CYS D 243 49.40 29.27 -17.71
N LYS D 244 49.71 28.76 -16.53
CA LYS D 244 51.13 28.46 -16.16
C LYS D 244 51.68 27.38 -17.08
N GLY D 245 52.88 27.60 -17.63
CA GLY D 245 53.51 26.63 -18.55
C GLY D 245 52.72 26.42 -19.83
N ASP D 246 51.89 27.40 -20.24
CA ASP D 246 51.07 27.34 -21.48
C ASP D 246 50.16 26.10 -21.45
N GLY D 247 49.59 25.83 -20.28
CA GLY D 247 48.57 24.78 -20.09
C GLY D 247 47.25 25.36 -19.63
N LEU D 248 46.16 24.90 -20.25
CA LEU D 248 44.77 25.21 -19.82
C LEU D 248 44.16 23.98 -19.17
N TYR D 249 43.61 24.14 -17.98
CA TYR D 249 43.17 23.03 -17.11
C TYR D 249 41.65 23.05 -17.03
N LEU D 250 41.05 21.98 -17.53
CA LEU D 250 39.57 21.83 -17.59
C LEU D 250 39.19 20.68 -16.68
N SER D 251 38.12 20.86 -15.91
N SER D 251 38.12 20.82 -15.92
CA SER D 251 37.63 19.87 -14.92
CA SER D 251 37.64 19.72 -15.05
C SER D 251 36.11 19.82 -15.00
C SER D 251 36.14 19.83 -14.88
N CYS D 252 35.49 18.68 -14.70
CA CYS D 252 34.03 18.66 -14.59
C CYS D 252 33.58 17.36 -13.94
N VAL D 253 32.34 17.38 -13.48
CA VAL D 253 31.54 16.14 -13.31
C VAL D 253 30.11 16.46 -13.69
N ASP D 254 29.42 15.47 -14.23
CA ASP D 254 28.00 15.65 -14.64
C ASP D 254 27.24 14.38 -14.36
N ILE D 255 26.95 14.15 -13.08
CA ILE D 255 26.04 13.05 -12.66
C ILE D 255 24.61 13.50 -12.94
N CYS D 256 23.91 12.76 -13.79
CA CYS D 256 22.57 13.14 -14.31
C CYS D 256 21.46 12.34 -13.63
N GLY D 257 21.82 11.41 -12.74
CA GLY D 257 20.87 10.58 -11.99
C GLY D 257 21.22 9.12 -12.12
N PHE D 258 20.24 8.28 -11.84
CA PHE D 258 20.39 6.81 -11.81
C PHE D 258 19.54 6.17 -12.90
N TYR D 259 20.11 5.17 -13.53
CA TYR D 259 19.38 4.19 -14.36
C TYR D 259 19.03 2.99 -13.47
N SER D 260 17.75 2.60 -13.45
CA SER D 260 17.23 1.41 -12.74
C SER D 260 17.04 0.25 -13.73
N GLU D 261 17.66 -0.88 -13.47
CA GLU D 261 17.48 -2.07 -14.33
C GLU D 261 16.06 -2.61 -14.16
N GLN D 262 15.36 -2.90 -15.23
CA GLN D 262 13.95 -3.38 -15.14
C GLN D 262 13.83 -4.60 -14.21
N TYR D 263 14.66 -5.61 -14.39
CA TYR D 263 14.48 -6.88 -13.66
C TYR D 263 15.05 -6.77 -12.24
N SER D 264 16.36 -6.57 -12.10
CA SER D 264 17.02 -6.61 -10.78
C SER D 264 16.60 -5.41 -9.92
N GLN D 265 16.29 -4.28 -10.57
CA GLN D 265 16.02 -2.97 -9.92
C GLN D 265 17.29 -2.40 -9.29
N LYS D 266 18.46 -2.93 -9.64
CA LYS D 266 19.76 -2.31 -9.27
C LYS D 266 19.90 -0.98 -10.00
N GLN D 267 20.67 -0.06 -9.42
CA GLN D 267 20.84 1.27 -10.00
C GLN D 267 22.29 1.52 -10.39
N HIS D 268 22.44 2.30 -11.43
CA HIS D 268 23.74 2.75 -12.01
C HIS D 268 23.73 4.27 -12.06
N PHE D 269 24.79 4.92 -11.61
CA PHE D 269 25.01 6.34 -11.94
C PHE D 269 25.09 6.48 -13.46
N ARG D 270 24.47 7.54 -13.98
CA ARG D 270 24.58 7.99 -15.39
C ARG D 270 25.24 9.36 -15.41
N GLY D 271 26.30 9.47 -16.19
CA GLY D 271 26.97 10.75 -16.45
C GLY D 271 26.99 11.05 -17.92
N LEU D 272 27.08 12.33 -18.26
CA LEU D 272 27.12 12.78 -19.66
C LEU D 272 28.41 13.55 -19.89
N PRO D 273 28.91 13.53 -21.14
CA PRO D 273 30.10 14.29 -21.51
C PRO D 273 29.82 15.79 -21.51
N ARG D 274 30.91 16.55 -21.37
CA ARG D 274 30.84 18.02 -21.35
C ARG D 274 31.79 18.59 -22.40
N TYR D 275 31.29 19.53 -23.19
CA TYR D 275 32.03 20.31 -24.19
C TYR D 275 32.47 21.62 -23.56
N PHE D 276 33.66 22.07 -23.91
CA PHE D 276 34.17 23.40 -23.53
C PHE D 276 34.68 24.16 -24.76
N SER D 277 34.36 25.44 -24.83
CA SER D 277 35.01 26.40 -25.75
C SER D 277 35.55 27.55 -24.92
N VAL D 278 36.88 27.70 -24.84
CA VAL D 278 37.51 28.72 -23.96
C VAL D 278 38.20 29.75 -24.85
N SER D 279 37.87 31.04 -24.63
N SER D 279 37.89 31.03 -24.66
CA SER D 279 38.46 32.22 -25.29
CA SER D 279 38.52 32.15 -25.40
C SER D 279 39.66 32.66 -24.47
C SER D 279 39.63 32.74 -24.54
N LEU D 280 40.84 32.77 -25.10
CA LEU D 280 42.06 33.23 -24.39
C LEU D 280 42.64 34.42 -25.13
N ARG D 281 43.35 35.24 -24.36
CA ARG D 281 44.11 36.38 -24.91
C ARG D 281 45.50 36.41 -24.26
N LYS D 282 46.44 37.04 -24.95
CA LYS D 282 47.82 37.16 -24.41
C LYS D 282 47.85 38.27 -23.36
N ARG D 283 48.48 37.99 -22.23
CA ARG D 283 48.60 38.96 -21.10
C ARG D 283 50.07 39.10 -20.74
N LEU D 284 50.58 40.34 -20.74
CA LEU D 284 51.96 40.60 -20.25
C LEU D 284 51.99 40.48 -18.72
N VAL D 285 53.02 39.82 -18.20
CA VAL D 285 53.27 39.77 -16.74
C VAL D 285 54.75 40.09 -16.48
N ARG D 286 55.04 40.52 -15.26
CA ARG D 286 56.43 40.75 -14.79
C ARG D 286 57.10 39.39 -14.64
N ASN D 287 58.33 39.29 -15.14
CA ASN D 287 59.18 38.08 -15.03
C ASN D 287 60.40 38.42 -14.16
N ILE E 24 32.86 33.89 -43.65
CA ILE E 24 32.21 35.04 -44.35
C ILE E 24 32.70 36.35 -43.71
N GLU E 25 33.20 37.29 -44.53
CA GLU E 25 33.50 38.67 -44.11
C GLU E 25 32.19 39.46 -44.15
N VAL E 26 31.69 39.84 -42.98
CA VAL E 26 30.40 40.53 -42.81
C VAL E 26 30.67 42.02 -42.86
N LEU E 27 29.95 42.73 -43.73
CA LEU E 27 30.08 44.20 -43.88
C LEU E 27 28.84 44.85 -43.28
N GLY E 28 28.38 45.98 -43.83
CA GLY E 28 27.32 46.79 -43.22
C GLY E 28 25.94 46.19 -43.42
N VAL E 29 25.03 46.52 -42.51
CA VAL E 29 23.57 46.31 -42.67
C VAL E 29 23.07 47.23 -43.78
N ARG E 30 22.32 46.68 -44.72
CA ARG E 30 21.62 47.45 -45.79
C ARG E 30 20.28 47.89 -45.21
N THR E 31 19.98 49.19 -45.22
CA THR E 31 18.70 49.75 -44.70
C THR E 31 17.88 50.29 -45.87
N GLY E 32 16.73 50.87 -45.56
CA GLY E 32 15.81 51.48 -46.52
C GLY E 32 14.58 50.62 -46.78
N PRO E 33 13.68 51.08 -47.67
CA PRO E 33 12.48 50.31 -48.00
C PRO E 33 12.84 48.89 -48.45
N ASP E 34 12.09 47.92 -47.95
CA ASP E 34 12.15 46.48 -48.34
C ASP E 34 13.49 45.87 -47.88
N SER E 35 14.20 46.48 -46.93
CA SER E 35 15.48 45.95 -46.39
C SER E 35 15.22 44.96 -45.25
N THR E 36 13.98 44.87 -44.77
CA THR E 36 13.60 43.94 -43.67
C THR E 36 12.41 43.10 -44.13
N THR E 37 12.29 41.90 -43.57
CA THR E 37 11.08 41.07 -43.76
C THR E 37 10.87 40.23 -42.50
N THR E 38 9.65 39.76 -42.33
CA THR E 38 9.30 38.87 -41.22
C THR E 38 8.78 37.57 -41.85
N ILE E 39 9.34 36.44 -41.45
CA ILE E 39 8.93 35.07 -41.91
C ILE E 39 8.10 34.45 -40.79
N GLU E 40 6.94 33.94 -41.13
CA GLU E 40 6.09 33.20 -40.16
C GLU E 40 5.99 31.76 -40.66
N ALA E 41 6.09 30.81 -39.76
CA ALA E 41 6.01 29.37 -40.08
C ALA E 41 5.56 28.63 -38.83
N TYR E 42 4.96 27.48 -39.03
CA TYR E 42 4.71 26.54 -37.92
C TYR E 42 5.25 25.19 -38.33
N LEU E 43 5.63 24.41 -37.33
N LEU E 43 5.64 24.40 -37.33
CA LEU E 43 6.11 23.02 -37.49
CA LEU E 43 6.15 23.02 -37.49
C LEU E 43 5.22 22.14 -36.63
C LEU E 43 5.30 22.09 -36.63
N ASN E 44 4.57 21.17 -37.25
CA ASN E 44 3.76 20.17 -36.50
C ASN E 44 4.71 19.12 -35.93
N PRO E 45 4.36 18.56 -34.76
CA PRO E 45 5.27 17.66 -34.03
C PRO E 45 5.36 16.31 -34.72
N ARG E 46 6.49 15.64 -34.54
CA ARG E 46 6.79 14.31 -35.10
C ARG E 46 7.07 13.34 -33.95
N MET E 47 6.02 12.91 -33.27
CA MET E 47 6.14 12.03 -32.07
C MET E 47 6.17 10.55 -32.48
N GLY E 48 6.06 10.23 -33.78
CA GLY E 48 6.05 8.84 -34.25
C GLY E 48 4.85 8.55 -35.13
N THR E 49 3.72 9.19 -34.89
CA THR E 49 2.56 9.27 -35.81
C THR E 49 2.35 10.76 -36.10
N ASP E 50 1.51 11.09 -37.08
CA ASP E 50 1.36 12.44 -37.68
C ASP E 50 0.60 13.47 -36.82
N ASN E 51 -0.07 13.11 -35.74
CA ASN E 51 -1.08 14.04 -35.17
C ASN E 51 -0.90 14.21 -33.66
N GLY E 52 0.34 14.24 -33.21
CA GLY E 52 0.64 14.78 -31.87
C GLY E 52 1.00 13.71 -30.86
N PHE E 53 0.76 12.44 -31.15
CA PHE E 53 1.02 11.32 -30.23
C PHE E 53 1.89 10.27 -30.88
N SER E 54 2.76 9.67 -30.09
CA SER E 54 3.41 8.41 -30.51
C SER E 54 2.37 7.29 -30.46
N GLN E 55 2.66 6.22 -31.17
CA GLN E 55 2.09 4.90 -30.87
C GLN E 55 2.36 4.55 -29.40
N ALA E 56 1.55 3.67 -28.83
CA ALA E 56 1.77 3.21 -27.44
C ALA E 56 3.20 2.70 -27.34
N VAL E 57 3.92 3.14 -26.32
CA VAL E 57 5.37 2.85 -26.23
C VAL E 57 5.59 1.48 -25.61
N THR E 58 6.42 0.66 -26.27
CA THR E 58 6.86 -0.65 -25.76
C THR E 58 8.25 -0.51 -25.16
N VAL E 59 8.60 -1.42 -24.26
CA VAL E 59 9.81 -1.30 -23.41
C VAL E 59 10.49 -2.66 -23.42
N ALA E 60 11.75 -2.69 -23.84
CA ALA E 60 12.56 -3.93 -23.85
C ALA E 60 12.66 -4.50 -22.43
N THR E 61 12.77 -5.82 -22.31
CA THR E 61 13.02 -6.45 -20.98
C THR E 61 14.51 -6.47 -20.65
N SER E 62 15.37 -6.22 -21.62
CA SER E 62 16.85 -6.19 -21.43
C SER E 62 17.44 -5.21 -22.43
N LEU E 63 18.75 -4.95 -22.35
CA LEU E 63 19.39 -3.96 -23.24
C LEU E 63 19.57 -4.53 -24.64
N ASN E 64 19.43 -5.84 -24.81
CA ASN E 64 19.66 -6.48 -26.12
C ASN E 64 18.91 -7.80 -26.16
N PRO E 65 17.88 -7.97 -27.02
CA PRO E 65 17.49 -6.96 -28.01
C PRO E 65 16.60 -5.82 -27.48
N ASP E 66 16.76 -4.65 -28.09
CA ASP E 66 16.01 -3.41 -27.77
C ASP E 66 15.67 -2.78 -29.12
N VAL E 67 14.43 -2.92 -29.55
CA VAL E 67 14.03 -2.70 -30.96
C VAL E 67 12.85 -1.75 -31.00
N PRO E 68 13.05 -0.45 -30.70
CA PRO E 68 11.94 0.50 -30.69
C PRO E 68 11.38 0.71 -32.10
N PRO E 69 10.06 0.50 -32.32
CA PRO E 69 9.47 0.83 -33.62
C PRO E 69 9.54 2.33 -33.94
N LYS E 70 9.56 2.68 -35.22
CA LYS E 70 9.62 4.10 -35.64
C LYS E 70 8.45 4.87 -35.05
N ALA E 71 7.28 4.25 -34.97
CA ALA E 71 6.04 4.94 -34.54
C ALA E 71 6.10 5.29 -33.05
N GLU E 72 7.07 4.78 -32.31
CA GLU E 72 7.22 5.02 -30.86
C GLU E 72 8.40 5.96 -30.55
N LEU E 73 9.05 6.54 -31.57
CA LEU E 73 10.27 7.36 -31.37
C LEU E 73 10.04 8.81 -31.79
N PRO E 74 9.91 9.76 -30.85
CA PRO E 74 9.85 11.16 -31.22
C PRO E 74 11.09 11.59 -31.99
N CYS E 75 10.84 12.41 -33.01
CA CYS E 75 11.91 12.96 -33.89
C CYS E 75 11.84 14.48 -33.90
N TYR E 76 12.95 15.09 -34.31
CA TYR E 76 13.01 16.54 -34.54
C TYR E 76 12.10 16.93 -35.70
N SER E 77 11.47 18.08 -35.54
CA SER E 77 10.79 18.80 -36.63
C SER E 77 11.79 19.74 -37.30
N CYS E 78 11.71 19.93 -38.62
CA CYS E 78 12.59 20.92 -39.27
C CYS E 78 11.97 21.36 -40.58
N ALA E 79 12.31 22.56 -41.01
CA ALA E 79 11.86 23.12 -42.31
C ALA E 79 12.90 24.13 -42.78
N ARG E 80 13.11 24.16 -44.10
CA ARG E 80 13.81 25.28 -44.76
C ARG E 80 12.76 26.19 -45.40
N ILE E 81 12.78 27.46 -45.05
CA ILE E 81 11.86 28.48 -45.63
C ILE E 81 12.64 29.24 -46.70
N GLY E 82 12.14 29.23 -47.93
CA GLY E 82 12.72 30.03 -49.04
C GLY E 82 12.47 31.51 -48.80
N LEU E 83 13.50 32.34 -48.94
CA LEU E 83 13.44 33.79 -48.69
C LEU E 83 13.48 34.50 -50.03
N PRO E 84 13.07 35.77 -50.10
CA PRO E 84 13.18 36.52 -51.34
C PRO E 84 14.61 36.48 -51.88
N MET E 85 14.77 36.14 -53.16
CA MET E 85 16.11 36.06 -53.80
C MET E 85 16.79 37.44 -53.73
N LEU E 86 18.07 37.47 -53.35
CA LEU E 86 18.79 38.75 -53.14
C LEU E 86 19.76 39.04 -54.28
N ASN E 87 20.35 38.02 -54.90
CA ASN E 87 21.51 38.24 -55.83
C ASN E 87 21.27 37.52 -57.16
N GLU E 88 20.64 38.21 -58.12
CA GLU E 88 20.55 37.70 -59.52
C GLU E 88 21.97 37.55 -60.07
N ASP E 89 22.86 38.50 -59.72
CA ASP E 89 24.29 38.51 -60.08
C ASP E 89 25.12 38.06 -58.86
N MET E 90 25.73 36.88 -58.92
CA MET E 90 26.57 36.34 -57.83
C MET E 90 28.07 36.50 -58.16
N THR E 91 28.42 37.43 -59.07
CA THR E 91 29.82 37.64 -59.56
C THR E 91 30.44 38.91 -58.96
N THR E 92 29.67 39.72 -58.23
CA THR E 92 30.13 41.03 -57.68
C THR E 92 31.00 40.78 -56.45
N PRO E 93 31.90 41.72 -56.09
CA PRO E 93 32.80 41.52 -54.96
C PRO E 93 32.06 41.53 -53.61
N GLU E 94 30.86 42.14 -53.57
CA GLU E 94 29.95 42.10 -52.40
C GLU E 94 28.60 41.52 -52.85
N ILE E 95 27.93 40.80 -51.96
CA ILE E 95 26.55 40.31 -52.20
C ILE E 95 25.76 40.54 -50.92
N LEU E 96 24.45 40.36 -51.01
CA LEU E 96 23.55 40.51 -49.86
C LEU E 96 23.14 39.14 -49.32
N MET E 97 23.00 39.05 -48.00
CA MET E 97 22.40 37.87 -47.35
C MET E 97 21.34 38.36 -46.38
N TRP E 98 20.30 37.55 -46.22
CA TRP E 98 19.31 37.75 -45.14
C TRP E 98 19.96 37.36 -43.82
N GLU E 99 19.83 38.24 -42.84
CA GLU E 99 20.41 38.04 -41.50
C GLU E 99 19.26 37.93 -40.51
N ALA E 100 19.14 36.80 -39.81
CA ALA E 100 18.06 36.62 -38.80
C ALA E 100 18.44 37.36 -37.51
N VAL E 101 17.65 38.39 -37.17
N VAL E 101 17.69 38.38 -37.10
CA VAL E 101 17.95 39.35 -36.06
CA VAL E 101 18.10 39.24 -35.94
C VAL E 101 17.34 38.82 -34.76
C VAL E 101 17.32 38.86 -34.69
N SER E 102 16.10 38.34 -34.84
CA SER E 102 15.26 38.01 -33.66
C SER E 102 14.18 37.01 -34.07
N VAL E 103 13.64 36.35 -33.04
CA VAL E 103 12.54 35.38 -33.23
C VAL E 103 11.58 35.49 -32.07
N LYS E 104 10.29 35.39 -32.40
CA LYS E 104 9.24 35.12 -31.40
C LYS E 104 8.72 33.73 -31.70
N THR E 105 8.70 32.87 -30.69
CA THR E 105 8.28 31.47 -30.91
C THR E 105 7.34 31.07 -29.78
N GLU E 106 6.37 30.23 -30.13
CA GLU E 106 5.27 29.86 -29.21
C GLU E 106 5.00 28.38 -29.41
N VAL E 107 4.82 27.64 -28.32
CA VAL E 107 4.23 26.29 -28.38
C VAL E 107 2.72 26.48 -28.47
N VAL E 108 2.12 25.93 -29.51
CA VAL E 108 0.67 26.08 -29.80
C VAL E 108 -0.09 24.88 -29.25
N GLY E 109 -1.23 25.14 -28.62
CA GLY E 109 -2.10 24.10 -28.07
C GLY E 109 -1.83 23.80 -26.61
N VAL E 110 -1.10 24.66 -25.91
CA VAL E 110 -0.79 24.38 -24.48
C VAL E 110 -2.08 24.10 -23.72
N THR E 111 -3.14 24.86 -23.98
CA THR E 111 -4.40 24.74 -23.22
C THR E 111 -5.10 23.40 -23.46
N THR E 112 -4.72 22.60 -24.46
CA THR E 112 -5.29 21.26 -24.63
C THR E 112 -5.02 20.42 -23.39
N MET E 113 -4.00 20.78 -22.63
CA MET E 113 -3.55 19.99 -21.45
CA MET E 113 -3.64 19.91 -21.48
C MET E 113 -4.43 20.30 -20.24
N CYS E 114 -5.49 21.10 -20.44
CA CYS E 114 -6.55 21.29 -19.42
C CYS E 114 -7.63 20.22 -19.57
N ASN E 115 -7.49 19.35 -20.57
CA ASN E 115 -8.46 18.25 -20.83
C ASN E 115 -8.22 17.13 -19.83
N VAL E 116 -9.19 16.82 -18.99
CA VAL E 116 -9.07 15.67 -18.06
C VAL E 116 -10.25 14.72 -18.26
N HIS E 117 -10.95 14.83 -19.38
CA HIS E 117 -12.10 13.92 -19.65
C HIS E 117 -11.79 12.86 -20.71
N SER E 118 -10.77 13.03 -21.56
CA SER E 118 -10.56 12.16 -22.74
C SER E 118 -9.80 10.87 -22.38
N ALA E 119 -10.38 10.05 -21.51
CA ALA E 119 -10.06 8.62 -21.35
C ALA E 119 -8.65 8.37 -20.82
N SER E 120 -8.18 9.16 -19.88
CA SER E 120 -6.91 8.87 -19.17
C SER E 120 -7.18 8.14 -17.84
N ILE E 121 -6.13 7.68 -17.20
CA ILE E 121 -6.24 7.02 -15.87
C ILE E 121 -6.80 8.01 -14.87
N ARG E 122 -7.81 7.60 -14.13
CA ARG E 122 -8.52 8.54 -13.24
C ARG E 122 -7.86 8.61 -11.87
N MET E 123 -7.77 9.82 -11.36
CA MET E 123 -7.25 10.12 -10.00
C MET E 123 -8.30 9.78 -8.94
N ASN E 124 -7.89 9.88 -7.67
CA ASN E 124 -8.77 9.56 -6.52
C ASN E 124 -9.33 8.14 -6.68
N GLY E 125 -8.48 7.19 -7.04
CA GLY E 125 -8.87 5.77 -6.99
C GLY E 125 -9.93 5.43 -8.01
N GLY E 126 -10.04 6.23 -9.05
CA GLY E 126 -11.00 6.02 -10.16
C GLY E 126 -12.17 6.96 -10.13
N TYR E 127 -12.33 7.75 -9.08
CA TYR E 127 -13.52 8.62 -8.88
C TYR E 127 -13.29 10.04 -9.40
N GLY E 128 -12.03 10.46 -9.50
CA GLY E 128 -11.68 11.83 -9.89
C GLY E 128 -11.52 11.97 -11.39
N VAL E 129 -10.84 13.01 -11.82
CA VAL E 129 -10.68 13.28 -13.27
C VAL E 129 -9.51 12.47 -13.81
N GLY E 130 -9.38 12.45 -15.14
CA GLY E 130 -8.24 11.80 -15.79
C GLY E 130 -6.96 12.54 -15.49
N ARG E 131 -5.87 11.81 -15.34
CA ARG E 131 -4.52 12.43 -15.29
C ARG E 131 -4.33 13.28 -16.51
N PRO E 132 -3.82 14.52 -16.39
CA PRO E 132 -3.45 15.28 -17.57
C PRO E 132 -2.14 14.71 -18.13
N ILE E 133 -1.78 15.20 -19.29
CA ILE E 133 -0.48 14.81 -19.90
C ILE E 133 0.62 15.34 -18.99
N GLU E 134 1.55 14.47 -18.61
CA GLU E 134 2.59 14.81 -17.61
C GLU E 134 3.79 13.89 -17.76
N GLY E 135 4.87 14.24 -17.08
CA GLY E 135 6.13 13.48 -17.12
C GLY E 135 7.17 14.23 -17.91
N LEU E 136 8.11 13.51 -18.50
CA LEU E 136 9.32 14.17 -19.02
C LEU E 136 8.93 15.13 -20.13
N ASN E 137 9.60 16.26 -20.14
CA ASN E 137 9.44 17.35 -21.12
C ASN E 137 10.78 17.58 -21.78
N CYS E 138 10.77 17.86 -23.07
CA CYS E 138 12.00 18.25 -23.78
C CYS E 138 11.59 19.24 -24.86
N HIS E 139 12.11 20.45 -24.79
CA HIS E 139 11.72 21.56 -25.66
C HIS E 139 12.98 22.16 -26.23
N MET E 140 13.03 22.29 -27.54
N MET E 140 13.02 22.28 -27.55
CA MET E 140 14.17 22.95 -28.20
CA MET E 140 14.16 22.89 -28.26
C MET E 140 13.63 23.68 -29.41
C MET E 140 13.59 23.70 -29.42
N PHE E 141 14.15 24.88 -29.67
CA PHE E 141 13.96 25.53 -30.97
C PHE E 141 15.32 26.05 -31.41
N ALA E 142 15.45 26.13 -32.71
CA ALA E 142 16.69 26.60 -33.35
C ALA E 142 16.33 27.41 -34.59
N VAL E 143 17.09 28.46 -34.85
CA VAL E 143 16.97 29.30 -36.06
C VAL E 143 18.37 29.44 -36.62
N GLY E 144 18.55 29.08 -37.89
CA GLY E 144 19.88 29.19 -38.51
C GLY E 144 19.83 29.48 -40.00
N GLY E 145 21.01 29.71 -40.58
CA GLY E 145 21.14 29.94 -42.03
C GLY E 145 21.58 28.72 -42.79
N GLU E 146 21.48 27.55 -42.17
CA GLU E 146 21.85 26.23 -42.72
C GLU E 146 21.31 25.19 -41.76
N PRO E 147 21.27 23.90 -42.15
CA PRO E 147 20.71 22.87 -41.27
C PRO E 147 21.42 22.80 -39.93
N LEU E 148 20.62 22.55 -38.89
CA LEU E 148 21.16 22.32 -37.53
C LEU E 148 22.13 21.15 -37.60
N GLU E 149 23.29 21.31 -36.98
CA GLU E 149 24.31 20.24 -36.88
C GLU E 149 24.09 19.42 -35.60
N LEU E 150 24.15 18.11 -35.73
CA LEU E 150 23.79 17.14 -34.67
C LEU E 150 25.01 16.31 -34.28
N GLN E 151 25.06 15.99 -33.00
CA GLN E 151 26.02 15.03 -32.41
C GLN E 151 25.24 13.77 -32.04
N GLY E 152 25.73 12.59 -32.45
CA GLY E 152 25.12 11.33 -32.04
C GLY E 152 25.46 11.00 -30.61
N CYS E 153 24.48 10.53 -29.84
CA CYS E 153 24.67 10.06 -28.46
C CYS E 153 23.41 9.29 -28.10
N VAL E 154 23.56 8.13 -27.52
CA VAL E 154 22.40 7.26 -27.15
C VAL E 154 22.52 6.83 -25.70
N GLN E 155 21.41 6.34 -25.14
CA GLN E 155 21.45 5.76 -23.79
C GLN E 155 21.97 4.31 -23.84
N ASN E 156 21.60 3.57 -24.88
CA ASN E 156 21.95 2.13 -25.01
C ASN E 156 22.56 1.87 -26.38
N TRP E 157 23.86 1.56 -26.42
CA TRP E 157 24.54 1.38 -27.73
C TRP E 157 24.03 0.09 -28.39
N SER E 158 23.35 -0.79 -27.66
CA SER E 158 22.83 -2.07 -28.20
C SER E 158 21.45 -1.87 -28.85
N THR E 159 20.87 -0.67 -28.80
CA THR E 159 19.55 -0.41 -29.41
C THR E 159 19.63 -0.70 -30.92
N THR E 160 18.63 -1.39 -31.45
CA THR E 160 18.43 -1.51 -32.92
C THR E 160 17.44 -0.44 -33.32
N TYR E 161 17.91 0.63 -33.98
CA TYR E 161 17.00 1.68 -34.48
C TYR E 161 16.31 1.17 -35.73
N PRO E 162 15.05 1.60 -35.94
CA PRO E 162 14.25 1.04 -37.00
C PRO E 162 14.60 1.63 -38.38
N SER E 163 14.19 0.88 -39.41
N SER E 163 14.19 0.89 -39.41
CA SER E 163 14.06 1.37 -40.80
CA SER E 163 14.13 1.40 -40.81
C SER E 163 13.20 2.63 -40.79
C SER E 163 13.21 2.62 -40.82
N GLY E 164 13.61 3.66 -41.53
CA GLY E 164 12.80 4.87 -41.72
C GLY E 164 13.20 5.98 -40.77
N VAL E 165 14.15 5.74 -39.86
CA VAL E 165 14.80 6.85 -39.12
C VAL E 165 16.29 6.90 -39.46
N VAL E 166 16.88 8.06 -39.27
CA VAL E 166 18.34 8.26 -39.37
C VAL E 166 18.89 8.20 -37.94
N ALA E 167 19.67 7.18 -37.62
CA ALA E 167 20.31 7.00 -36.30
C ALA E 167 21.80 6.91 -36.50
N PRO E 168 22.62 7.30 -35.50
CA PRO E 168 24.07 7.17 -35.64
C PRO E 168 24.43 5.69 -35.70
N PRO E 169 25.55 5.35 -36.38
CA PRO E 169 26.04 3.98 -36.30
C PRO E 169 26.49 3.70 -34.87
N LEU E 170 26.24 2.48 -34.41
CA LEU E 170 26.49 2.05 -33.02
C LEU E 170 27.46 0.87 -33.03
N LYS E 171 28.73 1.15 -33.13
CA LYS E 171 29.79 0.11 -33.32
C LYS E 171 30.40 -0.24 -31.96
N ASP E 172 30.21 0.59 -30.94
CA ASP E 172 30.78 0.35 -29.59
C ASP E 172 30.06 1.26 -28.60
N ALA E 173 30.37 1.14 -27.32
CA ALA E 173 29.61 1.81 -26.24
C ALA E 173 30.02 3.27 -26.12
N LYS E 174 31.04 3.76 -26.84
CA LYS E 174 31.42 5.20 -26.78
C LYS E 174 30.27 6.05 -27.30
N ALA E 175 29.33 5.46 -28.05
CA ALA E 175 28.14 6.17 -28.56
C ALA E 175 27.25 6.60 -27.39
N GLN E 176 27.44 6.03 -26.19
CA GLN E 176 26.68 6.42 -24.99
C GLN E 176 27.25 7.71 -24.40
N VAL E 177 28.46 8.07 -24.78
CA VAL E 177 29.11 9.34 -24.33
C VAL E 177 29.44 10.12 -25.62
N LEU E 178 30.58 10.83 -25.68
CA LEU E 178 30.87 11.64 -26.89
C LEU E 178 31.87 10.87 -27.76
N ASP E 179 31.37 10.34 -28.87
CA ASP E 179 32.18 9.79 -29.99
C ASP E 179 32.15 10.85 -31.08
N PRO E 180 33.24 11.61 -31.29
CA PRO E 180 33.23 12.72 -32.24
C PRO E 180 33.04 12.27 -33.70
N GLY E 181 33.12 10.97 -33.96
CA GLY E 181 32.83 10.36 -35.28
C GLY E 181 31.36 10.37 -35.64
N LEU E 182 30.45 10.59 -34.68
CA LEU E 182 28.99 10.45 -34.89
C LEU E 182 28.36 11.84 -35.07
N LYS E 183 28.25 12.28 -36.31
CA LYS E 183 27.77 13.63 -36.68
C LYS E 183 26.71 13.50 -37.75
N ALA E 184 25.83 14.49 -37.83
CA ALA E 184 24.81 14.54 -38.88
C ALA E 184 24.33 15.98 -39.01
N ARG E 185 23.55 16.22 -40.07
CA ARG E 185 22.79 17.46 -40.26
C ARG E 185 21.32 17.11 -40.16
N LEU E 186 20.55 17.97 -39.53
CA LEU E 186 19.08 17.80 -39.48
C LEU E 186 18.50 18.24 -40.81
N ASP E 187 18.38 17.29 -41.74
CA ASP E 187 18.05 17.59 -43.16
C ASP E 187 16.80 16.83 -43.58
N LYS E 188 16.06 16.26 -42.63
CA LYS E 188 14.80 15.56 -42.96
C LYS E 188 13.87 15.70 -41.76
N ASP E 189 12.68 16.21 -42.02
CA ASP E 189 11.63 16.37 -40.98
C ASP E 189 11.15 14.99 -40.51
N GLY E 190 10.96 14.80 -39.20
CA GLY E 190 10.36 13.58 -38.64
C GLY E 190 11.18 12.32 -38.89
N ALA E 191 12.50 12.43 -38.96
CA ALA E 191 13.37 11.28 -39.32
C ALA E 191 14.53 11.09 -38.34
N TYR E 192 14.96 12.14 -37.64
CA TYR E 192 16.09 12.09 -36.69
C TYR E 192 15.53 11.94 -35.28
N PRO E 193 15.62 10.78 -34.62
CA PRO E 193 15.05 10.65 -33.28
C PRO E 193 15.77 11.57 -32.29
N VAL E 194 14.97 12.16 -31.41
CA VAL E 194 15.48 13.04 -30.33
C VAL E 194 16.45 12.27 -29.45
N GLU E 195 16.17 11.00 -29.15
CA GLU E 195 16.94 10.27 -28.12
C GLU E 195 18.32 9.84 -28.63
N CYS E 196 18.63 10.00 -29.90
CA CYS E 196 19.97 9.56 -30.39
C CYS E 196 20.76 10.69 -31.05
N TRP E 197 20.26 11.92 -31.02
CA TRP E 197 20.95 13.10 -31.59
C TRP E 197 20.72 14.29 -30.67
N CYS E 198 21.72 15.10 -30.45
CA CYS E 198 21.58 16.41 -29.79
C CYS E 198 22.25 17.48 -30.63
N PRO E 199 21.89 18.76 -30.45
CA PRO E 199 22.58 19.84 -31.12
C PRO E 199 24.08 19.76 -30.78
N ASP E 200 24.92 19.91 -31.80
CA ASP E 200 26.38 19.79 -31.68
C ASP E 200 26.95 21.13 -31.24
N PRO E 201 27.42 21.28 -29.99
CA PRO E 201 27.95 22.56 -29.53
C PRO E 201 29.30 22.93 -30.16
N SER E 202 29.97 21.96 -30.78
CA SER E 202 31.29 22.18 -31.44
C SER E 202 31.11 22.73 -32.85
N ARG E 203 29.89 22.73 -33.38
CA ARG E 203 29.59 23.31 -34.71
C ARG E 203 28.49 24.36 -34.54
N ASN E 204 27.57 24.48 -35.47
CA ASN E 204 26.42 25.42 -35.35
C ASN E 204 26.91 26.86 -35.14
N GLU E 205 27.97 27.27 -35.86
CA GLU E 205 28.43 28.68 -35.89
C GLU E 205 27.34 29.59 -36.44
N ASN E 206 26.46 29.07 -37.29
CA ASN E 206 25.50 29.91 -38.05
C ASN E 206 24.07 29.51 -37.68
N THR E 207 23.89 28.92 -36.50
CA THR E 207 22.57 28.57 -35.94
C THR E 207 22.57 28.92 -34.45
N ARG E 208 21.47 29.45 -33.94
CA ARG E 208 21.25 29.57 -32.49
C ARG E 208 20.25 28.50 -32.08
N TYR E 209 20.57 27.69 -31.08
CA TYR E 209 19.62 26.68 -30.58
C TYR E 209 19.45 26.86 -29.07
N PHE E 210 18.25 26.53 -28.60
CA PHE E 210 17.81 26.77 -27.22
C PHE E 210 17.01 25.56 -26.78
N GLY E 211 17.55 24.81 -25.83
CA GLY E 211 16.98 23.52 -25.42
C GLY E 211 16.84 23.44 -23.93
N THR E 212 15.79 22.76 -23.47
N THR E 212 15.79 22.78 -23.48
CA THR E 212 15.54 22.45 -22.04
CA THR E 212 15.69 22.37 -22.07
C THR E 212 15.01 21.02 -21.92
C THR E 212 15.18 20.93 -22.04
N TYR E 213 15.54 20.23 -20.99
CA TYR E 213 15.01 18.91 -20.64
C TYR E 213 14.64 18.97 -19.17
N THR E 214 13.43 18.54 -18.85
CA THR E 214 12.96 18.38 -17.47
C THR E 214 12.42 16.97 -17.33
N GLY E 215 13.08 16.13 -16.55
CA GLY E 215 12.78 14.69 -16.54
C GLY E 215 11.81 14.29 -15.47
N GLY E 216 12.03 13.11 -14.92
CA GLY E 216 11.20 12.52 -13.87
C GLY E 216 10.00 11.79 -14.44
N GLN E 217 9.18 11.26 -13.54
CA GLN E 217 8.14 10.26 -13.91
C GLN E 217 6.79 10.91 -14.23
N GLN E 218 6.27 11.72 -13.30
CA GLN E 218 4.91 12.33 -13.42
C GLN E 218 5.04 13.85 -13.29
N THR E 219 6.20 14.37 -13.65
CA THR E 219 6.57 15.79 -13.43
C THR E 219 5.54 16.71 -14.07
N PRO E 220 5.09 17.78 -13.36
CA PRO E 220 4.20 18.75 -13.99
C PRO E 220 4.86 19.49 -15.14
N PRO E 221 4.25 19.49 -16.35
CA PRO E 221 4.72 20.36 -17.43
C PRO E 221 4.46 21.82 -17.02
N VAL E 222 5.40 22.69 -17.34
CA VAL E 222 5.28 24.16 -17.10
C VAL E 222 5.50 24.84 -18.43
N LEU E 223 4.41 25.33 -19.02
CA LEU E 223 4.39 25.76 -20.44
C LEU E 223 3.82 27.16 -20.51
N PRO E 224 4.66 28.17 -20.79
CA PRO E 224 4.17 29.53 -21.01
C PRO E 224 3.58 29.67 -22.41
N PHE E 225 2.70 30.64 -22.57
CA PHE E 225 2.18 31.03 -23.91
C PHE E 225 1.92 32.53 -23.88
N THR E 226 2.73 33.25 -24.63
CA THR E 226 2.67 34.73 -24.68
C THR E 226 3.06 35.18 -26.08
N ASN E 227 2.64 36.38 -26.47
CA ASN E 227 3.14 36.98 -27.74
C ASN E 227 4.06 38.16 -27.45
N THR E 228 4.65 38.24 -26.26
CA THR E 228 5.37 39.46 -25.81
C THR E 228 6.87 39.20 -25.65
N VAL E 229 7.36 38.00 -25.95
CA VAL E 229 8.77 37.64 -25.66
C VAL E 229 9.52 37.45 -26.97
N THR E 230 10.62 38.16 -27.10
CA THR E 230 11.50 38.13 -28.29
C THR E 230 12.86 37.57 -27.87
N THR E 231 13.37 36.59 -28.62
CA THR E 231 14.76 36.13 -28.49
C THR E 231 15.63 36.81 -29.55
N VAL E 232 16.65 37.54 -29.14
CA VAL E 232 17.61 38.17 -30.10
C VAL E 232 18.62 37.10 -30.52
N LEU E 233 18.93 37.03 -31.82
CA LEU E 233 19.77 35.97 -32.44
C LEU E 233 21.16 36.51 -32.79
N LEU E 234 21.41 37.79 -32.54
CA LEU E 234 22.72 38.42 -32.78
C LEU E 234 23.76 37.78 -31.86
N ASP E 235 24.94 37.47 -32.40
CA ASP E 235 26.11 37.01 -31.59
C ASP E 235 26.77 38.21 -30.91
N GLU E 236 27.87 37.96 -30.18
CA GLU E 236 28.68 38.96 -29.43
C GLU E 236 29.12 40.11 -30.34
N ASN E 237 29.23 39.88 -31.66
CA ASN E 237 29.71 40.87 -32.67
C ASN E 237 28.52 41.56 -33.35
N GLY E 238 27.28 41.28 -32.93
CA GLY E 238 26.09 41.95 -33.48
C GLY E 238 25.62 41.33 -34.79
N VAL E 239 26.00 40.07 -35.04
CA VAL E 239 25.64 39.39 -36.32
C VAL E 239 24.74 38.19 -36.04
N GLY E 240 23.60 38.17 -36.72
CA GLY E 240 22.64 37.06 -36.65
C GLY E 240 23.02 35.97 -37.64
N PRO E 241 22.34 34.80 -37.58
CA PRO E 241 22.51 33.78 -38.61
C PRO E 241 22.33 34.37 -40.02
N LEU E 242 23.23 34.00 -40.91
CA LEU E 242 23.23 34.47 -42.32
C LEU E 242 22.69 33.34 -43.20
N CYS E 243 21.66 33.66 -43.96
CA CYS E 243 20.83 32.65 -44.67
C CYS E 243 21.50 32.27 -45.98
N LYS E 244 22.27 31.19 -45.94
CA LYS E 244 23.00 30.71 -47.12
C LYS E 244 21.99 30.23 -48.17
N GLY E 245 22.19 30.67 -49.41
CA GLY E 245 21.29 30.34 -50.54
C GLY E 245 19.89 30.85 -50.32
N ASP E 246 19.71 31.91 -49.51
CA ASP E 246 18.38 32.53 -49.24
C ASP E 246 17.44 31.50 -48.61
N GLY E 247 17.98 30.69 -47.71
CA GLY E 247 17.20 29.69 -46.94
C GLY E 247 17.27 29.99 -45.45
N LEU E 248 16.10 30.01 -44.80
CA LEU E 248 15.99 30.12 -43.32
C LEU E 248 15.63 28.75 -42.77
N TYR E 249 16.41 28.27 -41.82
CA TYR E 249 16.29 26.89 -41.29
C TYR E 249 15.73 26.92 -39.86
N LEU E 250 14.59 26.27 -39.69
CA LEU E 250 13.85 26.23 -38.42
C LEU E 250 13.84 24.78 -37.96
N SER E 251 14.09 24.56 -36.68
N SER E 251 14.03 24.55 -36.67
CA SER E 251 14.13 23.21 -36.07
CA SER E 251 13.96 23.18 -36.13
C SER E 251 13.42 23.28 -34.72
C SER E 251 13.53 23.23 -34.68
N CYS E 252 12.85 22.17 -34.26
CA CYS E 252 12.34 22.13 -32.87
C CYS E 252 11.99 20.71 -32.46
N VAL E 253 11.79 20.58 -31.16
CA VAL E 253 10.99 19.45 -30.63
C VAL E 253 10.30 19.96 -29.38
N ASP E 254 9.10 19.45 -29.13
CA ASP E 254 8.30 19.87 -27.96
C ASP E 254 7.55 18.67 -27.41
N ILE E 255 8.29 17.80 -26.71
CA ILE E 255 7.70 16.68 -25.94
C ILE E 255 7.14 17.28 -24.65
N CYS E 256 5.84 17.12 -24.46
CA CYS E 256 5.11 17.76 -23.35
C CYS E 256 4.75 16.76 -22.26
N GLY E 257 5.08 15.49 -22.43
CA GLY E 257 4.83 14.44 -21.44
C GLY E 257 4.14 13.25 -22.07
N PHE E 258 3.55 12.42 -21.24
CA PHE E 258 2.89 11.17 -21.64
C PHE E 258 1.39 11.27 -21.38
N TYR E 259 0.65 10.71 -22.32
CA TYR E 259 -0.77 10.38 -22.15
C TYR E 259 -0.88 8.91 -21.74
N SER E 260 -1.59 8.62 -20.67
CA SER E 260 -1.83 7.24 -20.18
C SER E 260 -3.23 6.81 -20.59
N GLU E 261 -3.36 5.69 -21.26
CA GLU E 261 -4.69 5.15 -21.62
C GLU E 261 -5.38 4.63 -20.34
N GLN E 262 -6.64 5.00 -20.15
CA GLN E 262 -7.41 4.59 -18.94
C GLN E 262 -7.37 3.07 -18.74
N TYR E 263 -7.67 2.30 -19.77
CA TYR E 263 -7.83 0.84 -19.59
C TYR E 263 -6.47 0.16 -19.57
N SER E 264 -5.72 0.23 -20.67
CA SER E 264 -4.46 -0.56 -20.79
C SER E 264 -3.38 0.00 -19.86
N GLN E 265 -3.43 1.32 -19.60
CA GLN E 265 -2.40 2.08 -18.85
C GLN E 265 -1.11 2.18 -19.67
N LYS E 266 -1.15 1.88 -20.96
CA LYS E 266 -0.03 2.15 -21.89
C LYS E 266 0.12 3.66 -22.01
N GLN E 267 1.32 4.09 -22.35
CA GLN E 267 1.64 5.52 -22.47
C GLN E 267 2.09 5.88 -23.87
N HIS E 268 1.74 7.10 -24.27
CA HIS E 268 2.08 7.71 -25.55
C HIS E 268 2.79 9.02 -25.28
N PHE E 269 3.87 9.30 -26.00
CA PHE E 269 4.43 10.67 -26.01
C PHE E 269 3.39 11.62 -26.59
N ARG E 270 3.26 12.79 -26.00
CA ARG E 270 2.50 13.91 -26.58
C ARG E 270 3.45 15.04 -26.95
N GLY E 271 3.36 15.50 -28.19
CA GLY E 271 4.06 16.72 -28.66
C GLY E 271 3.08 17.77 -29.12
N LEU E 272 3.52 19.02 -29.11
CA LEU E 272 2.69 20.13 -29.58
C LEU E 272 3.44 20.85 -30.70
N PRO E 273 2.67 21.48 -31.60
CA PRO E 273 3.25 22.29 -32.66
C PRO E 273 3.94 23.54 -32.11
N ARG E 274 4.82 24.09 -32.93
CA ARG E 274 5.55 25.32 -32.58
C ARG E 274 5.44 26.32 -33.72
N TYR E 275 5.12 27.56 -33.36
CA TYR E 275 5.04 28.70 -34.30
C TYR E 275 6.34 29.49 -34.19
N PHE E 276 6.80 30.05 -35.31
CA PHE E 276 7.99 30.92 -35.39
C PHE E 276 7.65 32.20 -36.15
N SER E 277 8.05 33.34 -35.62
CA SER E 277 8.07 34.62 -36.36
C SER E 277 9.51 35.15 -36.32
N VAL E 278 10.19 35.15 -37.47
CA VAL E 278 11.62 35.52 -37.54
C VAL E 278 11.75 36.86 -38.27
N SER E 279 12.40 37.82 -37.65
N SER E 279 12.41 37.83 -37.66
CA SER E 279 12.72 39.15 -38.23
CA SER E 279 12.68 39.16 -38.26
C SER E 279 14.07 39.05 -38.93
C SER E 279 14.06 39.15 -38.91
N LEU E 280 14.13 39.45 -40.20
CA LEU E 280 15.41 39.44 -40.96
C LEU E 280 15.68 40.82 -41.55
N ARG E 281 16.97 41.06 -41.78
CA ARG E 281 17.41 42.31 -42.44
C ARG E 281 18.47 41.94 -43.48
N LYS E 282 18.62 42.78 -44.49
CA LYS E 282 19.68 42.59 -45.51
C LYS E 282 21.03 42.98 -44.92
N ARG E 283 22.00 42.11 -45.10
CA ARG E 283 23.40 42.29 -44.66
C ARG E 283 24.32 42.17 -45.88
N LEU E 284 25.20 43.15 -46.08
CA LEU E 284 26.22 43.08 -47.14
C LEU E 284 27.36 42.20 -46.62
N VAL E 285 27.90 41.33 -47.47
CA VAL E 285 29.05 40.46 -47.14
C VAL E 285 30.01 40.49 -48.33
N ARG E 286 31.28 40.19 -48.07
CA ARG E 286 32.27 39.99 -49.14
C ARG E 286 31.95 38.68 -49.86
N ASN E 287 32.01 38.73 -51.19
CA ASN E 287 31.83 37.57 -52.10
C ASN E 287 33.20 37.17 -52.65
N HIS F 20 -42.09 -36.44 32.05
CA HIS F 20 -42.86 -35.18 31.81
C HIS F 20 -42.05 -34.26 30.87
N MET F 21 -42.74 -33.52 29.99
CA MET F 21 -42.20 -32.37 29.21
C MET F 21 -42.96 -31.10 29.63
N GLY F 22 -42.29 -30.23 30.41
CA GLY F 22 -42.85 -28.95 30.88
C GLY F 22 -44.24 -29.12 31.47
N GLY F 23 -44.44 -30.13 32.33
CA GLY F 23 -45.71 -30.42 33.03
C GLY F 23 -46.62 -31.36 32.26
N ILE F 24 -46.27 -31.77 31.03
CA ILE F 24 -47.07 -32.72 30.20
C ILE F 24 -46.57 -34.14 30.45
N GLU F 25 -47.44 -35.06 30.88
CA GLU F 25 -47.13 -36.51 30.97
C GLU F 25 -47.26 -37.11 29.57
N VAL F 26 -46.16 -37.53 29.00
CA VAL F 26 -46.13 -38.09 27.62
C VAL F 26 -46.35 -39.60 27.69
N LEU F 27 -47.30 -40.10 26.91
CA LEU F 27 -47.70 -41.53 26.86
C LEU F 27 -47.23 -42.07 25.50
N GLY F 28 -47.90 -43.06 24.93
CA GLY F 28 -47.40 -43.78 23.74
C GLY F 28 -47.65 -43.02 22.45
N VAL F 29 -46.87 -43.34 21.43
CA VAL F 29 -47.10 -42.91 20.04
C VAL F 29 -48.36 -43.59 19.54
N ARG F 30 -49.24 -42.82 18.91
CA ARG F 30 -50.45 -43.32 18.21
C ARG F 30 -50.04 -43.65 16.77
N THR F 31 -50.23 -44.90 16.34
CA THR F 31 -49.82 -45.36 14.99
C THR F 31 -51.09 -45.65 14.17
N GLY F 32 -50.89 -46.10 12.94
CA GLY F 32 -51.96 -46.49 12.02
C GLY F 32 -52.23 -45.44 10.95
N PRO F 33 -53.23 -45.67 10.07
CA PRO F 33 -53.54 -44.72 9.00
C PRO F 33 -53.75 -43.29 9.54
N ASP F 34 -53.13 -42.34 8.84
CA ASP F 34 -53.24 -40.87 9.06
C ASP F 34 -52.66 -40.49 10.44
N SER F 35 -51.77 -41.31 10.99
CA SER F 35 -51.12 -41.04 12.29
C SER F 35 -49.87 -40.18 12.07
N THR F 36 -49.45 -39.99 10.84
CA THR F 36 -48.27 -39.16 10.50
C THR F 36 -48.66 -38.11 9.45
N THR F 37 -47.93 -37.01 9.41
CA THR F 37 -48.11 -35.99 8.36
C THR F 37 -46.78 -35.28 8.16
N THR F 38 -46.59 -34.70 6.99
CA THR F 38 -45.40 -33.90 6.66
C THR F 38 -45.84 -32.48 6.34
N ILE F 39 -45.21 -31.50 6.97
CA ILE F 39 -45.52 -30.06 6.74
C ILE F 39 -44.36 -29.49 5.94
N GLU F 40 -44.68 -28.82 4.84
CA GLU F 40 -43.67 -28.07 4.04
C GLU F 40 -43.98 -26.59 4.18
N ALA F 41 -42.93 -25.78 4.30
CA ALA F 41 -43.05 -24.33 4.43
C ALA F 41 -41.75 -23.69 4.03
N TYR F 42 -41.81 -22.45 3.57
CA TYR F 42 -40.59 -21.62 3.37
C TYR F 42 -40.80 -20.31 4.11
N LEU F 43 -39.70 -19.72 4.56
N LEU F 43 -39.70 -19.70 4.53
CA LEU F 43 -39.67 -18.38 5.17
CA LEU F 43 -39.69 -18.38 5.21
C LEU F 43 -38.74 -17.52 4.34
C LEU F 43 -38.73 -17.46 4.46
N ASN F 44 -39.26 -16.40 3.84
CA ASN F 44 -38.43 -15.39 3.15
C ASN F 44 -37.68 -14.60 4.20
N PRO F 45 -36.45 -14.16 3.86
CA PRO F 45 -35.60 -13.50 4.84
C PRO F 45 -36.06 -12.08 5.12
N ARG F 46 -35.73 -11.59 6.30
CA ARG F 46 -36.14 -10.25 6.79
C ARG F 46 -34.88 -9.46 7.14
N MET F 47 -34.17 -9.00 6.11
CA MET F 47 -32.87 -8.30 6.26
C MET F 47 -33.05 -6.81 6.52
N GLY F 48 -34.29 -6.31 6.52
CA GLY F 48 -34.60 -4.90 6.79
C GLY F 48 -35.47 -4.32 5.69
N THR F 49 -35.38 -4.85 4.49
CA THR F 49 -36.35 -4.65 3.38
C THR F 49 -36.82 -6.05 2.98
N ASP F 50 -37.84 -6.14 2.12
CA ASP F 50 -38.64 -7.35 1.85
C ASP F 50 -38.00 -8.38 0.90
N ASN F 51 -36.88 -8.09 0.25
CA ASN F 51 -36.49 -8.90 -0.94
C ASN F 51 -35.00 -9.29 -0.88
N GLY F 52 -34.51 -9.56 0.31
CA GLY F 52 -33.24 -10.28 0.48
C GLY F 52 -32.08 -9.42 0.93
N PHE F 53 -32.19 -8.10 0.85
CA PHE F 53 -31.10 -7.18 1.20
C PHE F 53 -31.58 -6.16 2.22
N SER F 54 -30.70 -5.76 3.11
CA SER F 54 -30.92 -4.57 3.95
C SER F 54 -30.79 -3.34 3.06
N GLN F 55 -31.32 -2.22 3.53
CA GLN F 55 -30.88 -0.90 3.06
C GLN F 55 -29.38 -0.76 3.31
N ALA F 56 -28.69 0.10 2.56
CA ALA F 56 -27.26 0.35 2.75
C ALA F 56 -27.04 0.66 4.24
N VAL F 57 -26.06 0.03 4.86
CA VAL F 57 -25.88 0.12 6.33
C VAL F 57 -25.07 1.35 6.69
N THR F 58 -25.57 2.12 7.64
CA THR F 58 -24.90 3.30 8.22
C THR F 58 -24.23 2.90 9.54
N VAL F 59 -23.19 3.62 9.92
CA VAL F 59 -22.35 3.24 11.07
C VAL F 59 -22.17 4.50 11.92
N ALA F 60 -22.51 4.42 13.20
CA ALA F 60 -22.33 5.54 14.13
C ALA F 60 -20.84 5.89 14.21
N THR F 61 -20.50 7.14 14.54
CA THR F 61 -19.09 7.57 14.75
C THR F 61 -18.69 7.36 16.21
N SER F 62 -19.67 7.13 17.07
CA SER F 62 -19.44 6.87 18.50
C SER F 62 -20.54 5.97 19.03
N LEU F 63 -20.40 5.50 20.27
CA LEU F 63 -21.40 4.58 20.89
C LEU F 63 -22.69 5.31 21.23
N ASN F 64 -22.69 6.64 21.24
CA ASN F 64 -23.87 7.42 21.63
C ASN F 64 -23.77 8.80 21.01
N PRO F 65 -24.65 9.19 20.07
CA PRO F 65 -25.79 8.38 19.58
C PRO F 65 -25.45 7.30 18.54
N ASP F 66 -26.24 6.22 18.59
CA ASP F 66 -26.11 5.03 17.71
C ASP F 66 -27.54 4.62 17.38
N VAL F 67 -28.01 4.99 16.18
CA VAL F 67 -29.45 5.02 15.84
C VAL F 67 -29.67 4.23 14.55
N PRO F 68 -29.55 2.89 14.58
CA PRO F 68 -29.71 2.09 13.37
C PRO F 68 -31.15 2.13 12.88
N PRO F 69 -31.39 2.54 11.63
CA PRO F 69 -32.74 2.47 11.06
C PRO F 69 -33.23 1.02 10.97
N LYS F 70 -34.54 0.83 11.06
CA LYS F 70 -35.17 -0.51 10.94
C LYS F 70 -34.74 -1.17 9.62
N ALA F 71 -34.65 -0.42 8.53
CA ALA F 71 -34.36 -0.97 7.20
C ALA F 71 -32.90 -1.49 7.13
N GLU F 72 -32.07 -1.25 8.15
CA GLU F 72 -30.66 -1.70 8.17
C GLU F 72 -30.43 -2.81 9.19
N LEU F 73 -31.48 -3.34 9.82
CA LEU F 73 -31.35 -4.34 10.92
C LEU F 73 -31.98 -5.66 10.50
N PRO F 74 -31.17 -6.71 10.22
CA PRO F 74 -31.73 -8.02 10.02
C PRO F 74 -32.49 -8.53 11.24
N CYS F 75 -33.61 -9.18 10.95
CA CYS F 75 -34.53 -9.74 11.96
C CYS F 75 -34.73 -11.24 11.72
N TYR F 76 -35.15 -11.93 12.76
CA TYR F 76 -35.56 -13.35 12.66
C TYR F 76 -36.82 -13.46 11.82
N SER F 77 -36.87 -14.52 11.03
CA SER F 77 -38.07 -15.01 10.32
C SER F 77 -38.81 -16.00 11.24
N CYS F 78 -40.13 -16.00 11.21
CA CYS F 78 -40.89 -17.00 11.99
C CYS F 78 -42.27 -17.18 11.39
N ALA F 79 -42.85 -18.36 11.59
CA ALA F 79 -44.22 -18.67 11.14
C ALA F 79 -44.79 -19.75 12.05
N ARG F 80 -46.07 -19.62 12.34
CA ARG F 80 -46.85 -20.71 12.99
C ARG F 80 -47.64 -21.41 11.89
N ILE F 81 -47.49 -22.73 11.76
CA ILE F 81 -48.21 -23.53 10.75
C ILE F 81 -49.34 -24.25 11.49
N GLY F 82 -50.59 -24.01 11.07
CA GLY F 82 -51.75 -24.74 11.60
C GLY F 82 -51.71 -26.19 11.17
N LEU F 83 -51.89 -27.10 12.12
CA LEU F 83 -51.85 -28.57 11.88
C LEU F 83 -53.26 -29.12 11.91
N PRO F 84 -53.50 -30.33 11.38
CA PRO F 84 -54.83 -30.93 11.44
C PRO F 84 -55.33 -31.01 12.90
N MET F 85 -56.55 -30.55 13.14
CA MET F 85 -57.15 -30.50 14.50
C MET F 85 -57.26 -31.93 15.05
N LEU F 86 -56.78 -32.17 16.26
CA LEU F 86 -56.71 -33.53 16.84
C LEU F 86 -57.83 -33.80 17.85
N ASN F 87 -58.29 -32.80 18.60
CA ASN F 87 -59.15 -33.04 19.78
C ASN F 87 -60.37 -32.11 19.76
N GLU F 88 -61.46 -32.57 19.15
CA GLU F 88 -62.79 -31.90 19.19
C GLU F 88 -63.29 -31.88 20.63
N ASP F 89 -63.00 -32.96 21.38
CA ASP F 89 -63.29 -33.11 22.84
C ASP F 89 -61.97 -33.01 23.62
N MET F 90 -61.81 -31.94 24.40
CA MET F 90 -60.59 -31.66 25.20
C MET F 90 -60.84 -31.95 26.69
N THR F 91 -61.86 -32.76 27.01
CA THR F 91 -62.28 -33.07 28.41
C THR F 91 -61.92 -34.51 28.79
N THR F 92 -61.41 -35.32 27.85
CA THR F 92 -61.03 -36.75 28.09
C THR F 92 -59.75 -36.79 28.93
N PRO F 93 -59.49 -37.90 29.67
CA PRO F 93 -58.29 -37.99 30.51
C PRO F 93 -56.99 -38.00 29.70
N GLU F 94 -57.03 -38.44 28.44
CA GLU F 94 -55.89 -38.38 27.50
C GLU F 94 -56.30 -37.61 26.24
N ILE F 95 -55.35 -36.89 25.63
CA ILE F 95 -55.61 -36.21 24.33
C ILE F 95 -54.41 -36.49 23.42
N LEU F 96 -54.53 -36.10 22.16
CA LEU F 96 -53.46 -36.31 21.16
C LEU F 96 -52.76 -34.98 20.90
N MET F 97 -51.46 -35.04 20.66
CA MET F 97 -50.68 -33.87 20.21
C MET F 97 -49.83 -34.32 19.03
N TRP F 98 -49.65 -33.45 18.05
CA TRP F 98 -48.65 -33.65 16.98
C TRP F 98 -47.26 -33.48 17.59
N GLU F 99 -46.39 -34.43 17.29
CA GLU F 99 -45.00 -34.52 17.80
C GLU F 99 -44.07 -34.39 16.59
N ALA F 100 -43.20 -33.38 16.58
CA ALA F 100 -42.25 -33.16 15.47
C ALA F 100 -41.08 -34.12 15.68
N VAL F 101 -40.89 -35.05 14.76
N VAL F 101 -40.85 -35.06 14.78
CA VAL F 101 -39.91 -36.16 14.85
CA VAL F 101 -39.79 -36.10 15.00
C VAL F 101 -38.58 -35.72 14.22
C VAL F 101 -38.53 -35.77 14.19
N SER F 102 -38.66 -35.09 13.06
CA SER F 102 -37.49 -34.79 12.21
C SER F 102 -37.80 -33.65 11.26
N VAL F 103 -36.72 -33.05 10.76
CA VAL F 103 -36.85 -31.93 9.81
C VAL F 103 -35.74 -32.06 8.76
N LYS F 104 -36.11 -31.77 7.52
CA LYS F 104 -35.12 -31.49 6.46
C LYS F 104 -35.24 -30.02 6.12
N THR F 105 -34.15 -29.30 6.11
CA THR F 105 -34.20 -27.83 5.89
C THR F 105 -33.06 -27.47 4.96
N GLU F 106 -33.31 -26.46 4.14
CA GLU F 106 -32.44 -26.06 3.01
CA GLU F 106 -32.36 -26.05 3.10
C GLU F 106 -32.42 -24.54 2.92
N VAL F 107 -31.26 -23.93 2.77
CA VAL F 107 -31.15 -22.52 2.37
C VAL F 107 -31.35 -22.50 0.86
N VAL F 108 -32.31 -21.71 0.38
CA VAL F 108 -32.72 -21.65 -1.04
C VAL F 108 -32.06 -20.43 -1.69
N GLY F 109 -31.51 -20.63 -2.89
CA GLY F 109 -30.87 -19.56 -3.67
C GLY F 109 -29.39 -19.43 -3.40
N VAL F 110 -28.76 -20.47 -2.84
CA VAL F 110 -27.29 -20.42 -2.59
C VAL F 110 -26.55 -20.10 -3.89
N THR F 111 -26.95 -20.69 -5.01
CA THR F 111 -26.26 -20.50 -6.31
C THR F 111 -26.31 -19.06 -6.80
N THR F 112 -27.16 -18.19 -6.25
CA THR F 112 -27.20 -16.76 -6.66
C THR F 112 -25.85 -16.13 -6.36
N MET F 113 -25.11 -16.71 -5.44
CA MET F 113 -23.82 -16.16 -4.95
CA MET F 113 -23.85 -16.06 -5.03
C MET F 113 -22.69 -16.50 -5.93
N CYS F 114 -23.01 -17.14 -7.06
CA CYS F 114 -22.08 -17.32 -8.20
C CYS F 114 -22.12 -16.10 -9.12
N ASN F 115 -22.98 -15.12 -8.83
CA ASN F 115 -23.13 -13.87 -9.62
C ASN F 115 -21.99 -12.90 -9.27
N VAL F 116 -21.14 -12.61 -10.25
CA VAL F 116 -20.03 -11.64 -10.06
C VAL F 116 -20.14 -10.54 -11.11
N HIS F 117 -21.30 -10.40 -11.75
CA HIS F 117 -21.50 -9.31 -12.74
C HIS F 117 -22.39 -8.17 -12.23
N SER F 118 -23.20 -8.36 -11.20
CA SER F 118 -24.27 -7.39 -10.86
C SER F 118 -23.73 -6.25 -9.96
N ALA F 119 -22.78 -5.47 -10.48
CA ALA F 119 -22.38 -4.14 -9.97
C ALA F 119 -21.79 -4.16 -8.56
N SER F 120 -20.94 -5.13 -8.25
N SER F 120 -20.95 -5.14 -8.22
CA SER F 120 -20.14 -5.10 -7.01
CA SER F 120 -20.17 -5.11 -6.96
C SER F 120 -18.75 -4.51 -7.25
C SER F 120 -18.74 -4.63 -7.24
N ILE F 121 -18.00 -4.30 -6.18
CA ILE F 121 -16.61 -3.79 -6.27
C ILE F 121 -15.76 -4.82 -7.02
N ARG F 122 -15.04 -4.37 -8.02
CA ARG F 122 -14.30 -5.29 -8.91
C ARG F 122 -12.92 -5.63 -8.35
N MET F 123 -12.58 -6.90 -8.41
CA MET F 123 -11.26 -7.44 -8.04
C MET F 123 -10.21 -7.07 -9.10
N ASN F 124 -8.97 -7.42 -8.83
CA ASN F 124 -7.81 -7.13 -9.71
C ASN F 124 -7.79 -5.65 -10.08
N GLY F 125 -7.94 -4.77 -9.09
CA GLY F 125 -7.73 -3.32 -9.33
C GLY F 125 -8.77 -2.71 -10.25
N GLY F 126 -9.92 -3.35 -10.40
CA GLY F 126 -11.02 -2.88 -11.24
C GLY F 126 -11.20 -3.68 -12.52
N TYR F 127 -10.26 -4.57 -12.84
CA TYR F 127 -10.21 -5.29 -14.13
C TYR F 127 -10.90 -6.65 -14.05
N GLY F 128 -10.99 -7.24 -12.85
CA GLY F 128 -11.55 -8.57 -12.65
C GLY F 128 -13.06 -8.53 -12.48
N VAL F 129 -13.60 -9.58 -11.90
CA VAL F 129 -15.06 -9.69 -11.65
C VAL F 129 -15.43 -8.96 -10.36
N GLY F 130 -16.73 -8.80 -10.13
CA GLY F 130 -17.25 -8.24 -8.89
C GLY F 130 -17.00 -9.18 -7.72
N ARG F 131 -16.71 -8.62 -6.55
CA ARG F 131 -16.66 -9.41 -5.31
C ARG F 131 -17.99 -10.12 -5.17
N PRO F 132 -18.02 -11.42 -4.84
CA PRO F 132 -19.28 -12.04 -4.46
C PRO F 132 -19.73 -11.53 -3.09
N ILE F 133 -20.93 -11.92 -2.72
CA ILE F 133 -21.47 -11.71 -1.35
C ILE F 133 -20.54 -12.42 -0.38
N GLU F 134 -20.05 -11.75 0.65
CA GLU F 134 -19.05 -12.36 1.55
C GLU F 134 -19.01 -11.62 2.86
N GLY F 135 -18.34 -12.19 3.85
CA GLY F 135 -18.30 -11.59 5.18
C GLY F 135 -19.08 -12.39 6.19
N LEU F 136 -19.50 -11.73 7.27
CA LEU F 136 -20.08 -12.48 8.40
C LEU F 136 -21.34 -13.21 7.95
N ASN F 137 -21.46 -14.41 8.48
CA ASN F 137 -22.58 -15.33 8.24
C ASN F 137 -23.19 -15.66 9.60
N CYS F 138 -24.51 -15.75 9.65
CA CYS F 138 -25.22 -16.22 10.83
C CYS F 138 -26.42 -17.00 10.36
N HIS F 139 -26.48 -18.27 10.71
CA HIS F 139 -27.51 -19.22 10.26
C HIS F 139 -28.11 -19.86 11.48
N MET F 140 -29.43 -19.83 11.59
N MET F 140 -29.43 -19.84 11.55
CA MET F 140 -30.12 -20.58 12.66
CA MET F 140 -30.19 -20.50 12.64
C MET F 140 -31.45 -21.06 12.11
C MET F 140 -31.45 -21.09 12.04
N PHE F 141 -31.83 -22.29 12.45
CA PHE F 141 -33.21 -22.75 12.27
C PHE F 141 -33.67 -23.36 13.59
N ALA F 142 -34.98 -23.28 13.78
CA ALA F 142 -35.62 -23.84 15.00
C ALA F 142 -36.98 -24.40 14.62
N VAL F 143 -37.32 -25.51 15.27
CA VAL F 143 -38.63 -26.19 15.13
C VAL F 143 -39.15 -26.44 16.54
N GLY F 144 -40.34 -25.94 16.85
CA GLY F 144 -40.92 -26.13 18.20
C GLY F 144 -42.42 -26.22 18.17
N GLY F 145 -42.96 -26.53 19.34
CA GLY F 145 -44.42 -26.64 19.55
C GLY F 145 -45.00 -25.39 20.18
N GLU F 146 -44.20 -24.32 20.25
CA GLU F 146 -44.58 -22.99 20.76
C GLU F 146 -43.52 -22.00 20.28
N PRO F 147 -43.76 -20.68 20.42
CA PRO F 147 -42.78 -19.71 19.92
C PRO F 147 -41.40 -19.91 20.55
N LEU F 148 -40.37 -19.66 19.75
CA LEU F 148 -38.98 -19.65 20.22
C LEU F 148 -38.85 -18.64 21.35
N GLU F 149 -38.19 -19.04 22.44
CA GLU F 149 -37.93 -18.13 23.58
C GLU F 149 -36.55 -17.47 23.39
N LEU F 150 -36.51 -16.16 23.63
CA LEU F 150 -35.34 -15.30 23.34
C LEU F 150 -34.80 -14.72 24.64
N GLN F 151 -33.49 -14.53 24.65
CA GLN F 151 -32.72 -13.77 25.67
C GLN F 151 -32.20 -12.50 25.01
N GLY F 152 -32.40 -11.36 25.65
CA GLY F 152 -31.88 -10.07 25.15
C GLY F 152 -30.41 -9.95 25.45
N CYS F 153 -29.63 -9.51 24.48
CA CYS F 153 -28.19 -9.25 24.67
C CYS F 153 -27.77 -8.37 23.50
N VAL F 154 -27.04 -7.30 23.76
CA VAL F 154 -26.64 -6.34 22.70
C VAL F 154 -25.14 -6.11 22.77
N GLN F 155 -24.56 -5.56 21.71
CA GLN F 155 -23.13 -5.18 21.74
C GLN F 155 -22.96 -3.83 22.42
N ASN F 156 -23.92 -2.91 22.23
CA ASN F 156 -23.85 -1.52 22.73
C ASN F 156 -25.14 -1.15 23.45
N TRP F 157 -25.09 -1.08 24.77
CA TRP F 157 -26.32 -0.77 25.56
C TRP F 157 -26.82 0.66 25.26
N SER F 158 -25.99 1.51 24.66
CA SER F 158 -26.37 2.90 24.31
C SER F 158 -27.15 2.97 23.00
N THR F 159 -27.27 1.87 22.24
CA THR F 159 -27.97 1.86 20.95
C THR F 159 -29.41 2.31 21.18
N THR F 160 -29.91 3.20 20.30
CA THR F 160 -31.35 3.53 20.18
C THR F 160 -31.93 2.64 19.09
N TYR F 161 -32.67 1.61 19.46
CA TYR F 161 -33.36 0.77 18.47
C TYR F 161 -34.57 1.52 17.94
N PRO F 162 -34.91 1.28 16.66
CA PRO F 162 -35.95 2.04 15.98
C PRO F 162 -37.37 1.61 16.34
N SER F 163 -38.31 2.51 16.10
N SER F 163 -38.31 2.52 16.09
CA SER F 163 -39.76 2.18 16.03
CA SER F 163 -39.75 2.20 16.01
C SER F 163 -39.96 1.11 14.97
C SER F 163 -39.95 1.10 14.96
N GLY F 164 -40.83 0.14 15.24
CA GLY F 164 -41.18 -0.93 14.30
C GLY F 164 -40.37 -2.19 14.54
N VAL F 165 -39.41 -2.18 15.48
CA VAL F 165 -38.79 -3.45 15.93
C VAL F 165 -39.04 -3.65 17.42
N VAL F 166 -38.97 -4.90 17.86
CA VAL F 166 -39.01 -5.26 19.29
C VAL F 166 -37.58 -5.46 19.75
N ALA F 167 -37.10 -4.60 20.64
CA ALA F 167 -35.74 -4.68 21.20
C ALA F 167 -35.87 -4.75 22.70
N PRO F 168 -34.89 -5.35 23.40
CA PRO F 168 -34.93 -5.40 24.85
C PRO F 168 -34.78 -4.00 25.41
N PRO F 169 -35.39 -3.69 26.58
CA PRO F 169 -35.10 -2.43 27.25
C PRO F 169 -33.62 -2.39 27.62
N LEU F 170 -33.01 -1.21 27.49
CA LEU F 170 -31.55 -0.99 27.71
C LEU F 170 -31.35 0.07 28.79
N LYS F 171 -31.44 -0.36 30.05
CA LYS F 171 -31.39 0.57 31.22
C LYS F 171 -29.98 0.65 31.80
N ASP F 172 -29.10 -0.29 31.47
CA ASP F 172 -27.72 -0.29 31.99
C ASP F 172 -26.89 -1.22 31.09
N ALA F 173 -25.59 -1.30 31.36
CA ALA F 173 -24.63 -2.01 30.48
C ALA F 173 -24.71 -3.52 30.70
N LYS F 174 -25.43 -4.02 31.71
CA LYS F 174 -25.61 -5.49 31.90
C LYS F 174 -26.30 -6.10 30.67
N ALA F 175 -27.02 -5.32 29.85
CA ALA F 175 -27.65 -5.80 28.60
C ALA F 175 -26.57 -6.26 27.60
N GLN F 176 -25.29 -5.92 27.81
CA GLN F 176 -24.16 -6.36 26.94
C GLN F 176 -23.71 -7.76 27.32
N VAL F 177 -24.15 -8.24 28.47
CA VAL F 177 -23.87 -9.63 28.93
C VAL F 177 -25.24 -10.25 29.22
N LEU F 178 -25.36 -11.09 30.25
CA LEU F 178 -26.65 -11.76 30.52
C LEU F 178 -27.38 -11.04 31.66
N ASP F 179 -28.44 -10.33 31.31
CA ASP F 179 -29.42 -9.75 32.26
C ASP F 179 -30.67 -10.62 32.16
N PRO F 180 -30.93 -11.50 33.17
CA PRO F 180 -32.05 -12.44 33.09
C PRO F 180 -33.43 -11.75 33.03
N GLY F 181 -33.47 -10.44 33.26
CA GLY F 181 -34.67 -9.61 33.11
C GLY F 181 -35.08 -9.40 31.67
N LEU F 182 -34.20 -9.68 30.70
CA LEU F 182 -34.43 -9.34 29.27
C LEU F 182 -34.82 -10.60 28.50
N LYS F 183 -36.12 -10.87 28.42
CA LYS F 183 -36.65 -12.08 27.76
C LYS F 183 -37.78 -11.70 26.82
N ALA F 184 -38.02 -12.53 25.84
CA ALA F 184 -39.11 -12.31 24.88
C ALA F 184 -39.43 -13.64 24.21
N ARG F 185 -40.55 -13.66 23.50
CA ARG F 185 -40.94 -14.78 22.62
C ARG F 185 -40.88 -14.26 21.18
N LEU F 186 -40.39 -15.09 20.26
CA LEU F 186 -40.36 -14.72 18.83
C LEU F 186 -41.79 -14.89 18.30
N ASP F 187 -42.58 -13.82 18.35
CA ASP F 187 -44.03 -13.89 18.08
C ASP F 187 -44.41 -12.96 16.95
N LYS F 188 -43.43 -12.45 16.20
CA LYS F 188 -43.71 -11.59 15.05
C LYS F 188 -42.57 -11.71 14.06
N ASP F 189 -42.92 -12.01 12.83
CA ASP F 189 -41.96 -12.16 11.69
C ASP F 189 -41.35 -10.80 11.38
N GLY F 190 -40.03 -10.75 11.16
CA GLY F 190 -39.34 -9.53 10.69
C GLY F 190 -39.41 -8.37 11.66
N ALA F 191 -39.49 -8.62 12.95
CA ALA F 191 -39.62 -7.58 13.98
C ALA F 191 -38.56 -7.66 15.10
N TYR F 192 -37.97 -8.84 15.34
CA TYR F 192 -36.99 -9.05 16.43
C TYR F 192 -35.60 -9.04 15.80
N PRO F 193 -34.81 -7.98 15.99
CA PRO F 193 -33.48 -7.97 15.37
C PRO F 193 -32.59 -9.09 15.90
N VAL F 194 -31.82 -9.65 14.97
CA VAL F 194 -30.84 -10.73 15.31
C VAL F 194 -29.81 -10.21 16.32
N GLU F 195 -29.36 -8.98 16.18
CA GLU F 195 -28.23 -8.48 16.96
C GLU F 195 -28.60 -8.20 18.42
N CYS F 196 -29.87 -8.20 18.79
CA CYS F 196 -30.24 -7.88 20.20
C CYS F 196 -31.02 -9.01 20.86
N TRP F 197 -31.20 -10.15 20.19
CA TRP F 197 -31.85 -11.34 20.79
C TRP F 197 -31.12 -12.60 20.35
N CYS F 198 -30.99 -13.56 21.25
CA CYS F 198 -30.50 -14.91 20.90
C CYS F 198 -31.45 -15.94 21.49
N PRO F 199 -31.47 -17.18 20.97
CA PRO F 199 -32.26 -18.24 21.57
C PRO F 199 -31.86 -18.40 23.04
N ASP F 200 -32.85 -18.51 23.92
CA ASP F 200 -32.61 -18.63 25.37
C ASP F 200 -32.32 -20.07 25.74
N PRO F 201 -31.08 -20.44 26.13
CA PRO F 201 -30.77 -21.83 26.44
C PRO F 201 -31.38 -22.27 27.78
N SER F 202 -31.87 -21.33 28.59
CA SER F 202 -32.48 -21.64 29.90
C SER F 202 -33.97 -21.96 29.76
N ARG F 203 -34.54 -21.77 28.57
CA ARG F 203 -35.95 -22.13 28.27
C ARG F 203 -35.92 -23.04 27.03
N ASN F 204 -36.90 -22.91 26.14
CA ASN F 204 -36.98 -23.70 24.89
C ASN F 204 -36.95 -25.20 25.20
N GLU F 205 -37.61 -25.65 26.26
CA GLU F 205 -37.77 -27.10 26.51
C GLU F 205 -38.53 -27.77 25.35
N ASN F 206 -39.38 -27.03 24.63
CA ASN F 206 -40.30 -27.61 23.62
C ASN F 206 -39.95 -27.10 22.22
N THR F 207 -38.68 -26.73 22.01
CA THR F 207 -38.15 -26.25 20.70
C THR F 207 -36.72 -26.76 20.60
N ARG F 208 -36.32 -27.20 19.41
CA ARG F 208 -34.91 -27.46 19.09
C ARG F 208 -34.42 -26.33 18.19
N TYR F 209 -33.31 -25.71 18.57
CA TYR F 209 -32.72 -24.65 17.72
C TYR F 209 -31.26 -25.02 17.46
N PHE F 210 -30.81 -24.60 16.28
CA PHE F 210 -29.48 -24.95 15.71
C PHE F 210 -28.92 -23.69 15.06
N GLY F 211 -27.88 -23.13 15.64
CA GLY F 211 -27.32 -21.84 15.20
C GLY F 211 -25.84 -21.93 14.98
N THR F 212 -25.35 -21.22 13.96
N THR F 212 -25.33 -21.18 14.00
CA THR F 212 -23.91 -20.97 13.75
CA THR F 212 -23.87 -21.01 13.80
C THR F 212 -23.70 -19.47 13.51
C THR F 212 -23.58 -19.59 13.32
N TYR F 213 -22.55 -18.98 13.92
CA TYR F 213 -22.06 -17.64 13.54
C TYR F 213 -20.63 -17.83 13.07
N THR F 214 -20.32 -17.30 11.90
CA THR F 214 -18.95 -17.27 11.36
C THR F 214 -18.62 -15.83 11.01
N GLY F 215 -17.70 -15.21 11.72
CA GLY F 215 -17.53 -13.75 11.61
C GLY F 215 -16.44 -13.36 10.64
N GLY F 216 -15.76 -12.29 10.98
CA GLY F 216 -14.68 -11.74 10.14
C GLY F 216 -15.20 -10.77 9.09
N GLN F 217 -14.28 -10.26 8.28
CA GLN F 217 -14.53 -9.10 7.40
C GLN F 217 -15.00 -9.52 6.01
N GLN F 218 -14.23 -10.36 5.34
CA GLN F 218 -14.45 -10.79 3.92
C GLN F 218 -14.50 -12.31 3.86
N THR F 219 -14.91 -12.95 4.95
CA THR F 219 -14.84 -14.42 5.12
C THR F 219 -15.63 -15.12 4.03
N PRO F 220 -15.09 -16.20 3.39
CA PRO F 220 -15.86 -16.95 2.41
C PRO F 220 -17.08 -17.61 3.05
N PRO F 221 -18.32 -17.35 2.58
CA PRO F 221 -19.47 -18.13 3.01
C PRO F 221 -19.30 -19.56 2.51
N VAL F 222 -19.63 -20.52 3.37
CA VAL F 222 -19.63 -21.97 3.03
C VAL F 222 -21.06 -22.46 3.22
N LEU F 223 -21.75 -22.72 2.12
CA LEU F 223 -23.21 -22.96 2.14
C LEU F 223 -23.49 -24.26 1.41
N PRO F 224 -23.85 -25.34 2.12
CA PRO F 224 -24.28 -26.56 1.48
C PRO F 224 -25.72 -26.44 0.98
N PHE F 225 -26.05 -27.27 0.01
CA PHE F 225 -27.43 -27.41 -0.48
C PHE F 225 -27.61 -28.87 -0.92
N THR F 226 -28.45 -29.59 -0.19
CA THR F 226 -28.73 -31.02 -0.46
C THR F 226 -30.14 -31.34 0.02
N ASN F 227 -30.73 -32.38 -0.54
CA ASN F 227 -32.04 -32.91 -0.06
C ASN F 227 -31.84 -34.23 0.68
N THR F 228 -30.64 -34.54 1.16
CA THR F 228 -30.32 -35.89 1.70
C THR F 228 -30.09 -35.89 3.22
N VAL F 229 -30.20 -34.74 3.88
CA VAL F 229 -29.83 -34.62 5.31
C VAL F 229 -31.08 -34.38 6.15
N THR F 230 -31.25 -35.23 7.16
CA THR F 230 -32.38 -35.16 8.13
C THR F 230 -31.80 -34.85 9.51
N THR F 231 -32.41 -33.92 10.22
CA THR F 231 -32.11 -33.64 11.64
C THR F 231 -33.23 -34.24 12.48
N VAL F 232 -32.91 -35.18 13.35
CA VAL F 232 -33.90 -35.78 14.29
C VAL F 232 -34.11 -34.79 15.44
N LEU F 233 -35.37 -34.59 15.81
CA LEU F 233 -35.80 -33.58 16.82
C LEU F 233 -36.15 -34.24 18.14
N LEU F 234 -36.03 -35.56 18.25
CA LEU F 234 -36.32 -36.29 19.51
C LEU F 234 -35.28 -35.92 20.56
N ASP F 235 -35.73 -35.73 21.80
CA ASP F 235 -34.83 -35.50 22.97
C ASP F 235 -34.27 -36.83 23.45
N GLU F 236 -33.52 -36.78 24.57
CA GLU F 236 -32.91 -37.93 25.26
C GLU F 236 -33.94 -39.04 25.51
N ASN F 237 -35.22 -38.69 25.71
CA ASN F 237 -36.31 -39.62 26.10
C ASN F 237 -37.12 -40.08 24.89
N GLY F 238 -36.70 -39.73 23.68
CA GLY F 238 -37.37 -40.15 22.44
C GLY F 238 -38.58 -39.30 22.14
N VAL F 239 -38.68 -38.11 22.71
CA VAL F 239 -39.88 -37.21 22.52
C VAL F 239 -39.44 -35.96 21.73
N GLY F 240 -40.16 -35.66 20.65
CA GLY F 240 -39.93 -34.44 19.87
C GLY F 240 -40.78 -33.30 20.42
N PRO F 241 -40.60 -32.09 19.89
CA PRO F 241 -41.51 -30.99 20.21
C PRO F 241 -42.98 -31.37 20.06
N LEU F 242 -43.78 -30.96 21.03
CA LEU F 242 -45.23 -31.28 21.08
C LEU F 242 -45.99 -29.99 20.75
N CYS F 243 -46.82 -30.04 19.73
CA CYS F 243 -47.40 -28.85 19.08
C CYS F 243 -48.63 -28.39 19.88
N LYS F 244 -48.42 -27.46 20.79
CA LYS F 244 -49.51 -26.91 21.65
C LYS F 244 -50.51 -26.19 20.76
N GLY F 245 -51.81 -26.46 20.95
CA GLY F 245 -52.87 -25.85 20.13
C GLY F 245 -52.78 -26.24 18.67
N ASP F 246 -52.14 -27.37 18.34
CA ASP F 246 -52.03 -27.87 16.94
C ASP F 246 -51.31 -26.82 16.09
N GLY F 247 -50.31 -26.15 16.67
CA GLY F 247 -49.44 -25.21 15.95
C GLY F 247 -48.02 -25.74 15.90
N LEU F 248 -47.39 -25.68 14.73
CA LEU F 248 -45.94 -25.94 14.55
C LEU F 248 -45.23 -24.61 14.32
N TYR F 249 -44.17 -24.36 15.08
CA TYR F 249 -43.49 -23.05 15.09
C TYR F 249 -42.13 -23.19 14.43
N LEU F 250 -41.92 -22.43 13.36
CA LEU F 250 -40.68 -22.46 12.56
C LEU F 250 -40.02 -21.09 12.70
N SER F 251 -38.70 -21.08 12.89
N SER F 251 -38.71 -21.06 12.89
CA SER F 251 -37.90 -19.85 13.10
CA SER F 251 -37.98 -19.77 12.92
C SER F 251 -36.60 -19.97 12.31
C SER F 251 -36.59 -19.95 12.35
N CYS F 252 -36.05 -18.87 11.79
CA CYS F 252 -34.70 -18.94 11.21
C CYS F 252 -34.13 -17.56 10.99
N VAL F 253 -32.83 -17.56 10.73
CA VAL F 253 -32.18 -16.41 10.07
C VAL F 253 -31.05 -16.97 9.24
N ASP F 254 -30.79 -16.34 8.10
CA ASP F 254 -29.72 -16.81 7.19
C ASP F 254 -29.05 -15.59 6.58
N ILE F 255 -28.21 -14.94 7.37
CA ILE F 255 -27.33 -13.85 6.88
C ILE F 255 -26.16 -14.51 6.16
N CYS F 256 -25.98 -14.18 4.89
CA CYS F 256 -25.04 -14.87 3.99
C CYS F 256 -23.82 -13.99 3.72
N GLY F 257 -23.82 -12.76 4.22
CA GLY F 257 -22.71 -11.82 4.11
C GLY F 257 -23.20 -10.50 3.58
N PHE F 258 -22.29 -9.72 3.04
CA PHE F 258 -22.54 -8.35 2.56
C PHE F 258 -22.36 -8.26 1.05
N TYR F 259 -23.25 -7.50 0.44
CA TYR F 259 -23.10 -6.99 -0.94
C TYR F 259 -22.51 -5.58 -0.88
N SER F 260 -21.40 -5.35 -1.60
CA SER F 260 -20.75 -4.04 -1.71
C SER F 260 -21.17 -3.38 -3.04
N GLU F 261 -21.69 -2.17 -2.98
CA GLU F 261 -22.01 -1.39 -4.18
C GLU F 261 -20.71 -0.98 -4.89
N GLN F 262 -20.63 -1.21 -6.19
CA GLN F 262 -19.42 -0.87 -6.98
C GLN F 262 -19.01 0.59 -6.74
N TYR F 263 -19.94 1.53 -6.92
CA TYR F 263 -19.58 2.95 -6.91
C TYR F 263 -19.40 3.45 -5.47
N SER F 264 -20.46 3.41 -4.66
CA SER F 264 -20.43 4.02 -3.32
C SER F 264 -19.54 3.22 -2.38
N GLN F 265 -19.49 1.91 -2.58
CA GLN F 265 -18.79 0.93 -1.71
C GLN F 265 -19.54 0.78 -0.38
N LYS F 266 -20.78 1.25 -0.32
CA LYS F 266 -21.68 0.94 0.80
C LYS F 266 -21.97 -0.56 0.80
N GLN F 267 -22.31 -1.08 1.95
CA GLN F 267 -22.63 -2.52 2.08
C GLN F 267 -24.05 -2.74 2.58
N HIS F 268 -24.62 -3.84 2.09
CA HIS F 268 -25.98 -4.32 2.44
C HIS F 268 -25.87 -5.76 2.95
N PHE F 269 -26.55 -6.11 4.03
CA PHE F 269 -26.73 -7.52 4.40
C PHE F 269 -27.47 -8.21 3.28
N ARG F 270 -27.07 -9.44 2.98
CA ARG F 270 -27.80 -10.37 2.09
C ARG F 270 -28.28 -11.57 2.90
N GLY F 271 -29.57 -11.85 2.83
CA GLY F 271 -30.22 -13.03 3.42
C GLY F 271 -30.84 -13.87 2.35
N LEU F 272 -30.97 -15.17 2.62
CA LEU F 272 -31.63 -16.11 1.69
C LEU F 272 -32.78 -16.77 2.42
N PRO F 273 -33.77 -17.21 1.64
CA PRO F 273 -34.92 -17.92 2.17
C PRO F 273 -34.53 -19.32 2.66
N ARG F 274 -35.36 -19.87 3.51
CA ARG F 274 -35.14 -21.23 4.05
C ARG F 274 -36.41 -22.04 3.86
N TYR F 275 -36.23 -23.26 3.40
CA TYR F 275 -37.29 -24.27 3.21
C TYR F 275 -37.25 -25.23 4.41
N PHE F 276 -38.43 -25.66 4.88
CA PHE F 276 -38.57 -26.68 5.94
C PHE F 276 -39.50 -27.80 5.49
N SER F 277 -39.11 -29.03 5.76
CA SER F 277 -40.02 -30.21 5.66
C SER F 277 -39.98 -30.91 7.01
N VAL F 278 -41.09 -30.87 7.75
CA VAL F 278 -41.13 -31.40 9.14
C VAL F 278 -42.06 -32.62 9.14
N SER F 279 -41.56 -33.75 9.65
N SER F 279 -41.53 -33.74 9.64
CA SER F 279 -42.33 -35.01 9.77
CA SER F 279 -42.27 -35.02 9.84
C SER F 279 -42.87 -35.11 11.21
C SER F 279 -42.89 -35.00 11.24
N LEU F 280 -44.19 -35.26 11.32
CA LEU F 280 -44.89 -35.29 12.63
C LEU F 280 -45.61 -36.62 12.79
N ARG F 281 -45.84 -36.99 14.03
CA ARG F 281 -46.67 -38.17 14.38
C ARG F 281 -47.58 -37.80 15.55
N LYS F 282 -48.67 -38.56 15.71
CA LYS F 282 -49.61 -38.34 16.84
C LYS F 282 -49.03 -38.98 18.09
N ARG F 283 -49.03 -38.23 19.17
CA ARG F 283 -48.54 -38.67 20.50
C ARG F 283 -49.68 -38.54 21.50
N LEU F 284 -49.96 -39.60 22.26
CA LEU F 284 -50.94 -39.53 23.37
C LEU F 284 -50.25 -38.86 24.57
N VAL F 285 -50.96 -37.96 25.24
CA VAL F 285 -50.49 -37.30 26.47
C VAL F 285 -51.64 -37.32 27.48
N ARG F 286 -51.31 -37.21 28.77
CA ARG F 286 -52.39 -37.09 29.78
C ARG F 286 -52.87 -35.64 29.75
N ASN F 287 -54.17 -35.45 29.91
CA ASN F 287 -54.86 -34.14 29.78
C ASN F 287 -54.90 -33.47 31.15
N MET G 21 -12.75 -59.64 -11.20
CA MET G 21 -11.98 -58.35 -11.24
C MET G 21 -11.20 -58.27 -12.57
N GLY G 22 -11.62 -57.38 -13.47
CA GLY G 22 -10.95 -57.15 -14.77
C GLY G 22 -10.71 -58.47 -15.49
N GLY G 23 -11.73 -59.34 -15.50
CA GLY G 23 -11.69 -60.65 -16.19
C GLY G 23 -11.22 -61.79 -15.29
N ILE G 24 -10.65 -61.49 -14.11
CA ILE G 24 -10.09 -62.51 -13.17
C ILE G 24 -11.19 -63.03 -12.24
N GLU G 25 -11.43 -64.34 -12.21
CA GLU G 25 -12.32 -64.99 -11.21
C GLU G 25 -11.50 -65.16 -9.94
N VAL G 26 -11.91 -64.49 -8.88
CA VAL G 26 -11.16 -64.47 -7.61
C VAL G 26 -11.68 -65.60 -6.73
N LEU G 27 -10.79 -66.43 -6.21
CA LEU G 27 -11.14 -67.58 -5.35
C LEU G 27 -10.72 -67.23 -3.92
N GLY G 28 -10.36 -68.23 -3.11
CA GLY G 28 -10.12 -68.01 -1.68
C GLY G 28 -8.74 -67.45 -1.38
N VAL G 29 -8.60 -66.81 -0.23
CA VAL G 29 -7.28 -66.44 0.34
C VAL G 29 -6.53 -67.72 0.68
N ARG G 30 -5.26 -67.77 0.32
CA ARG G 30 -4.32 -68.88 0.65
C ARG G 30 -3.59 -68.49 1.93
N THR G 31 -3.73 -69.29 2.99
CA THR G 31 -3.14 -69.02 4.31
C THR G 31 -1.97 -69.97 4.54
N GLY G 32 -1.36 -69.84 5.72
CA GLY G 32 -0.26 -70.70 6.18
C GLY G 32 1.06 -69.94 6.18
N PRO G 33 2.16 -70.62 6.57
CA PRO G 33 3.48 -69.97 6.61
C PRO G 33 3.86 -69.32 5.28
N ASP G 34 4.39 -68.10 5.38
CA ASP G 34 4.87 -67.26 4.25
C ASP G 34 3.72 -66.87 3.31
N SER G 35 2.46 -66.91 3.76
CA SER G 35 1.30 -66.56 2.90
C SER G 35 1.06 -65.05 2.93
N THR G 36 1.76 -64.33 3.80
CA THR G 36 1.67 -62.86 3.91
C THR G 36 3.08 -62.29 3.80
N THR G 37 3.17 -61.06 3.32
CA THR G 37 4.46 -60.32 3.33
C THR G 37 4.14 -58.84 3.45
N THR G 38 5.09 -58.07 3.95
CA THR G 38 5.02 -56.59 4.01
C THR G 38 6.15 -56.05 3.14
N ILE G 39 5.81 -55.16 2.21
CA ILE G 39 6.75 -54.45 1.30
C ILE G 39 6.93 -53.03 1.82
N GLU G 40 8.16 -52.59 1.92
CA GLU G 40 8.47 -51.20 2.32
C GLU G 40 9.22 -50.56 1.16
N ALA G 41 8.90 -49.32 0.84
CA ALA G 41 9.56 -48.61 -0.27
C ALA G 41 9.44 -47.11 0.00
N TYR G 42 10.33 -46.33 -0.58
CA TYR G 42 10.17 -44.87 -0.62
C TYR G 42 10.33 -44.42 -2.06
N LEU G 43 9.65 -43.33 -2.39
N LEU G 43 9.73 -43.28 -2.36
CA LEU G 43 9.74 -42.64 -3.71
CA LEU G 43 9.78 -42.65 -3.70
C LEU G 43 10.21 -41.22 -3.45
C LEU G 43 10.17 -41.19 -3.53
N ASN G 44 11.35 -40.83 -4.03
CA ASN G 44 11.82 -39.44 -3.97
C ASN G 44 11.04 -38.62 -4.99
N PRO G 45 10.80 -37.33 -4.68
CA PRO G 45 9.91 -36.50 -5.49
C PRO G 45 10.61 -36.11 -6.78
N ARG G 46 9.79 -35.81 -7.79
CA ARG G 46 10.26 -35.47 -9.16
C ARG G 46 9.67 -34.09 -9.51
N MET G 47 10.23 -33.04 -8.94
CA MET G 47 9.71 -31.66 -9.07
C MET G 47 10.25 -30.98 -10.32
N GLY G 48 11.17 -31.63 -11.03
CA GLY G 48 11.79 -31.09 -12.25
C GLY G 48 13.28 -31.22 -12.20
N THR G 49 13.88 -31.16 -11.02
CA THR G 49 15.27 -31.59 -10.74
C THR G 49 15.18 -32.66 -9.64
N ASP G 50 16.26 -33.36 -9.35
CA ASP G 50 16.19 -34.62 -8.56
C ASP G 50 16.23 -34.47 -7.05
N ASN G 51 16.32 -33.28 -6.50
CA ASN G 51 16.57 -33.19 -5.04
C ASN G 51 15.56 -32.29 -4.34
N GLY G 52 14.31 -32.32 -4.81
CA GLY G 52 13.17 -31.81 -4.02
C GLY G 52 12.61 -30.50 -4.54
N PHE G 53 13.32 -29.82 -5.42
CA PHE G 53 12.88 -28.51 -5.93
C PHE G 53 12.84 -28.51 -7.44
N SER G 54 11.88 -27.79 -8.00
CA SER G 54 11.92 -27.46 -9.44
C SER G 54 13.02 -26.42 -9.65
N GLN G 55 13.46 -26.29 -10.88
CA GLN G 55 14.15 -25.06 -11.32
C GLN G 55 13.21 -23.87 -11.10
N ALA G 56 13.78 -22.67 -10.99
CA ALA G 56 12.98 -21.43 -10.87
C ALA G 56 11.94 -21.42 -11.97
N VAL G 57 10.68 -21.17 -11.62
CA VAL G 57 9.56 -21.33 -12.58
C VAL G 57 9.44 -20.05 -13.41
N THR G 58 9.37 -20.23 -14.73
CA THR G 58 9.12 -19.14 -15.68
C THR G 58 7.63 -19.15 -16.06
N VAL G 59 7.12 -18.01 -16.50
CA VAL G 59 5.66 -17.86 -16.75
C VAL G 59 5.52 -17.18 -18.12
N ALA G 60 4.71 -17.77 -18.98
CA ALA G 60 4.44 -17.21 -20.32
C ALA G 60 3.72 -15.86 -20.17
N THR G 61 3.92 -14.97 -21.13
CA THR G 61 3.19 -13.67 -21.16
C THR G 61 1.85 -13.79 -21.89
N SER G 62 1.62 -14.89 -22.60
CA SER G 62 0.34 -15.16 -23.29
C SER G 62 0.14 -16.67 -23.36
N LEU G 63 -1.01 -17.12 -23.85
CA LEU G 63 -1.27 -18.59 -23.91
C LEU G 63 -0.49 -19.26 -25.04
N ASN G 64 0.12 -18.50 -25.95
CA ASN G 64 0.79 -19.05 -27.14
C ASN G 64 1.79 -18.03 -27.66
N PRO G 65 3.12 -18.23 -27.53
CA PRO G 65 3.73 -19.46 -27.04
C PRO G 65 3.78 -19.63 -25.52
N ASP G 66 3.63 -20.87 -25.07
CA ASP G 66 3.68 -21.25 -23.63
C ASP G 66 4.53 -22.51 -23.56
N VAL G 67 5.80 -22.39 -23.18
CA VAL G 67 6.85 -23.42 -23.41
C VAL G 67 7.55 -23.73 -22.09
N PRO G 68 6.88 -24.44 -21.16
CA PRO G 68 7.49 -24.74 -19.86
C PRO G 68 8.66 -25.71 -20.00
N PRO G 69 9.86 -25.36 -19.51
CA PRO G 69 10.98 -26.31 -19.51
C PRO G 69 10.69 -27.52 -18.62
N LYS G 70 11.21 -28.70 -19.00
CA LYS G 70 11.03 -29.92 -18.20
C LYS G 70 11.45 -29.68 -16.76
N ALA G 71 12.52 -28.92 -16.53
CA ALA G 71 13.08 -28.73 -15.17
C ALA G 71 12.11 -27.93 -14.29
N GLU G 72 11.05 -27.36 -14.86
CA GLU G 72 10.09 -26.50 -14.13
C GLU G 72 8.74 -27.22 -13.96
N LEU G 73 8.63 -28.48 -14.36
CA LEU G 73 7.33 -29.20 -14.36
C LEU G 73 7.38 -30.37 -13.40
N PRO G 74 6.67 -30.28 -12.26
CA PRO G 74 6.53 -31.45 -11.40
C PRO G 74 5.89 -32.63 -12.12
N CYS G 75 6.43 -33.81 -11.86
CA CYS G 75 5.94 -35.08 -12.43
C CYS G 75 5.54 -36.06 -11.32
N TYR G 76 4.73 -37.04 -11.69
CA TYR G 76 4.41 -38.16 -10.79
C TYR G 76 5.66 -38.97 -10.50
N SER G 77 5.74 -39.48 -9.29
CA SER G 77 6.68 -40.53 -8.91
C SER G 77 6.01 -41.88 -9.10
N CYS G 78 6.78 -42.91 -9.46
CA CYS G 78 6.21 -44.27 -9.52
C CYS G 78 7.31 -45.30 -9.45
N ALA G 79 6.95 -46.47 -8.96
CA ALA G 79 7.88 -47.61 -8.89
C ALA G 79 7.08 -48.90 -8.96
N ARG G 80 7.69 -49.91 -9.59
CA ARG G 80 7.18 -51.30 -9.56
C ARG G 80 8.08 -52.08 -8.62
N ILE G 81 7.50 -52.68 -7.59
CA ILE G 81 8.25 -53.49 -6.60
C ILE G 81 8.05 -54.95 -6.98
N GLY G 82 9.15 -55.65 -7.27
CA GLY G 82 9.13 -57.10 -7.52
C GLY G 82 8.78 -57.85 -6.25
N LEU G 83 7.79 -58.74 -6.31
CA LEU G 83 7.33 -59.53 -5.16
C LEU G 83 7.87 -60.95 -5.27
N PRO G 84 7.81 -61.75 -4.18
CA PRO G 84 8.22 -63.15 -4.26
C PRO G 84 7.47 -63.90 -5.38
N MET G 85 8.20 -64.62 -6.24
CA MET G 85 7.61 -65.33 -7.41
C MET G 85 6.63 -66.40 -6.88
N LEU G 86 5.41 -66.42 -7.39
CA LEU G 86 4.35 -67.32 -6.87
C LEU G 86 4.16 -68.55 -7.74
N ASN G 87 4.30 -68.44 -9.06
CA ASN G 87 3.87 -69.53 -9.98
C ASN G 87 5.00 -69.89 -10.94
N GLU G 88 5.72 -70.95 -10.60
CA GLU G 88 6.72 -71.60 -11.49
C GLU G 88 6.02 -72.11 -12.77
N ASP G 89 4.83 -72.72 -12.62
CA ASP G 89 3.99 -73.22 -13.75
C ASP G 89 2.75 -72.33 -13.86
N MET G 90 2.55 -71.68 -15.01
CA MET G 90 1.29 -70.95 -15.35
C MET G 90 0.36 -71.89 -16.13
N THR G 91 0.51 -73.22 -15.97
CA THR G 91 -0.24 -74.23 -16.77
C THR G 91 -1.47 -74.74 -15.99
N THR G 92 -1.55 -74.45 -14.69
CA THR G 92 -2.59 -75.00 -13.77
C THR G 92 -3.89 -74.20 -13.93
N PRO G 93 -5.06 -74.81 -13.64
CA PRO G 93 -6.33 -74.10 -13.81
C PRO G 93 -6.54 -73.00 -12.75
N GLU G 94 -5.82 -73.08 -11.63
CA GLU G 94 -5.75 -71.98 -10.64
C GLU G 94 -4.30 -71.52 -10.52
N ILE G 95 -4.09 -70.24 -10.23
CA ILE G 95 -2.74 -69.72 -9.90
C ILE G 95 -2.88 -68.79 -8.70
N LEU G 96 -1.75 -68.41 -8.11
CA LEU G 96 -1.73 -67.50 -6.94
C LEU G 96 -1.36 -66.09 -7.39
N MET G 97 -1.96 -65.09 -6.76
CA MET G 97 -1.55 -63.68 -6.94
C MET G 97 -1.36 -63.05 -5.57
N TRP G 98 -0.41 -62.15 -5.46
CA TRP G 98 -0.30 -61.30 -4.26
C TRP G 98 -1.44 -60.29 -4.31
N GLU G 99 -2.14 -60.15 -3.17
CA GLU G 99 -3.27 -59.22 -3.01
C GLU G 99 -2.87 -58.16 -1.98
N ALA G 100 -2.92 -56.89 -2.37
CA ALA G 100 -2.59 -55.79 -1.45
C ALA G 100 -3.79 -55.50 -0.55
N VAL G 101 -3.60 -55.70 0.75
N VAL G 101 -3.66 -55.68 0.77
CA VAL G 101 -4.69 -55.65 1.77
CA VAL G 101 -4.83 -55.56 1.67
C VAL G 101 -4.79 -54.24 2.34
C VAL G 101 -4.82 -54.22 2.42
N SER G 102 -3.65 -53.63 2.68
CA SER G 102 -3.60 -52.35 3.40
C SER G 102 -2.26 -51.67 3.18
N VAL G 103 -2.25 -50.37 3.45
CA VAL G 103 -1.06 -49.54 3.25
C VAL G 103 -0.96 -48.54 4.39
N LYS G 104 0.24 -48.37 4.88
CA LYS G 104 0.62 -47.22 5.73
C LYS G 104 1.57 -46.36 4.92
N THR G 105 1.28 -45.08 4.81
CA THR G 105 2.07 -44.18 3.95
C THR G 105 2.27 -42.85 4.69
N GLU G 106 3.44 -42.27 4.50
CA GLU G 106 3.96 -41.09 5.25
CA GLU G 106 3.85 -41.04 5.21
C GLU G 106 4.68 -40.15 4.27
N VAL G 107 4.41 -38.87 4.33
CA VAL G 107 5.28 -37.86 3.69
C VAL G 107 6.45 -37.66 4.62
N VAL G 108 7.66 -37.82 4.10
CA VAL G 108 8.91 -37.76 4.88
C VAL G 108 9.53 -36.38 4.70
N GLY G 109 10.04 -35.81 5.78
CA GLY G 109 10.71 -34.51 5.76
C GLY G 109 9.76 -33.36 6.01
N VAL G 110 8.56 -33.60 6.53
CA VAL G 110 7.61 -32.49 6.80
C VAL G 110 8.26 -31.44 7.70
N THR G 111 9.05 -31.84 8.68
CA THR G 111 9.63 -30.88 9.65
C THR G 111 10.68 -29.98 8.98
N THR G 112 11.14 -30.29 7.78
CA THR G 112 12.06 -29.38 7.06
C THR G 112 11.42 -28.02 6.87
N MET G 113 10.10 -27.97 6.87
CA MET G 113 9.30 -26.75 6.58
CA MET G 113 9.40 -26.70 6.57
C MET G 113 9.23 -25.87 7.83
N CYS G 114 9.93 -26.25 8.91
CA CYS G 114 10.18 -25.37 10.09
C CYS G 114 11.42 -24.49 9.85
N ASN G 115 12.08 -24.65 8.71
CA ASN G 115 13.28 -23.86 8.33
C ASN G 115 12.81 -22.49 7.85
N VAL G 116 13.18 -21.43 8.55
CA VAL G 116 12.90 -20.03 8.13
C VAL G 116 14.20 -19.23 8.03
N HIS G 117 15.36 -19.90 7.95
CA HIS G 117 16.66 -19.18 7.85
C HIS G 117 17.29 -19.33 6.46
N SER G 118 16.91 -20.32 5.66
CA SER G 118 17.64 -20.64 4.40
C SER G 118 17.17 -19.74 3.24
N ALA G 119 17.38 -18.44 3.36
CA ALA G 119 17.43 -17.48 2.22
C ALA G 119 16.10 -17.33 1.48
N SER G 120 14.99 -17.31 2.20
N SER G 120 14.97 -17.33 2.18
CA SER G 120 13.67 -16.97 1.61
CA SER G 120 13.67 -17.01 1.57
C SER G 120 13.38 -15.48 1.79
C SER G 120 13.28 -15.56 1.90
N ILE G 121 12.30 -15.03 1.17
CA ILE G 121 11.81 -13.63 1.35
C ILE G 121 11.41 -13.43 2.80
N ARG G 122 11.88 -12.36 3.41
CA ARG G 122 11.68 -12.15 4.86
C ARG G 122 10.41 -11.39 5.17
N MET G 123 9.74 -11.87 6.20
CA MET G 123 8.50 -11.28 6.74
C MET G 123 8.83 -10.01 7.55
N ASN G 124 7.79 -9.30 8.00
CA ASN G 124 7.93 -8.03 8.73
C ASN G 124 8.85 -7.07 7.97
N GLY G 125 8.62 -6.89 6.68
CA GLY G 125 9.30 -5.83 5.91
C GLY G 125 10.80 -6.06 5.80
N GLY G 126 11.25 -7.30 5.97
CA GLY G 126 12.68 -7.63 5.84
C GLY G 126 13.32 -7.96 7.16
N TYR G 127 12.63 -7.74 8.27
CA TYR G 127 13.23 -7.80 9.63
C TYR G 127 12.95 -9.15 10.29
N GLY G 128 11.87 -9.80 9.90
CA GLY G 128 11.45 -11.08 10.48
C GLY G 128 12.14 -12.27 9.84
N VAL G 129 11.56 -13.45 10.01
CA VAL G 129 12.16 -14.68 9.45
C VAL G 129 11.74 -14.83 7.98
N GLY G 130 12.39 -15.79 7.32
CA GLY G 130 12.01 -16.13 5.93
C GLY G 130 10.63 -16.75 5.86
N ARG G 131 9.89 -16.47 4.80
CA ARG G 131 8.62 -17.19 4.53
C ARG G 131 8.92 -18.66 4.49
N PRO G 132 8.11 -19.52 5.14
CA PRO G 132 8.26 -20.95 4.93
C PRO G 132 7.72 -21.35 3.56
N ILE G 133 8.00 -22.58 3.17
CA ILE G 133 7.41 -23.18 1.94
C ILE G 133 5.90 -23.07 2.05
N GLU G 134 5.21 -22.52 1.06
CA GLU G 134 3.75 -22.29 1.17
C GLU G 134 3.13 -22.13 -0.21
N GLY G 135 1.80 -22.17 -0.24
CA GLY G 135 1.05 -22.05 -1.48
C GLY G 135 0.46 -23.39 -1.88
N LEU G 136 0.22 -23.57 -3.17
CA LEU G 136 -0.63 -24.70 -3.60
C LEU G 136 0.04 -26.03 -3.20
N ASN G 137 -0.78 -26.96 -2.79
CA ASN G 137 -0.41 -28.31 -2.35
C ASN G 137 -1.19 -29.28 -3.22
N CYS G 138 -0.53 -30.36 -3.58
CA CYS G 138 -1.20 -31.47 -4.28
C CYS G 138 -0.54 -32.76 -3.83
N HIS G 139 -1.34 -33.62 -3.22
CA HIS G 139 -0.83 -34.88 -2.61
C HIS G 139 -1.67 -36.02 -3.14
N MET G 140 -1.02 -37.04 -3.67
N MET G 140 -1.00 -37.05 -3.64
CA MET G 140 -1.75 -38.26 -4.08
CA MET G 140 -1.67 -38.25 -4.16
C MET G 140 -0.85 -39.45 -3.80
C MET G 140 -0.82 -39.45 -3.79
N PHE G 141 -1.44 -40.55 -3.37
CA PHE G 141 -0.73 -41.86 -3.37
C PHE G 141 -1.67 -42.88 -3.97
N ALA G 142 -1.08 -43.90 -4.57
CA ALA G 142 -1.85 -44.98 -5.22
C ALA G 142 -1.08 -46.28 -5.03
N VAL G 143 -1.84 -47.35 -4.86
CA VAL G 143 -1.30 -48.72 -4.72
C VAL G 143 -2.13 -49.57 -5.67
N GLY G 144 -1.47 -50.28 -6.57
CA GLY G 144 -2.18 -51.14 -7.52
C GLY G 144 -1.37 -52.36 -7.94
N GLY G 145 -2.03 -53.20 -8.71
CA GLY G 145 -1.44 -54.43 -9.26
C GLY G 145 -0.99 -54.29 -10.69
N GLU G 146 -0.97 -53.06 -11.17
CA GLU G 146 -0.58 -52.67 -12.55
C GLU G 146 -0.42 -51.17 -12.55
N PRO G 147 0.17 -50.57 -13.60
CA PRO G 147 0.37 -49.12 -13.63
C PRO G 147 -0.95 -48.35 -13.45
N LEU G 148 -0.84 -47.25 -12.72
CA LEU G 148 -1.96 -46.29 -12.56
C LEU G 148 -2.38 -45.81 -13.95
N GLU G 149 -3.68 -45.81 -14.20
CA GLU G 149 -4.24 -45.34 -15.49
C GLU G 149 -4.54 -43.86 -15.37
N LEU G 150 -4.14 -43.10 -16.39
CA LEU G 150 -4.19 -41.63 -16.44
C LEU G 150 -5.15 -41.15 -17.53
N GLN G 151 -5.82 -40.06 -17.24
CA GLN G 151 -6.63 -39.25 -18.18
C GLN G 151 -5.86 -37.96 -18.46
N GLY G 152 -5.70 -37.60 -19.72
CA GLY G 152 -5.08 -36.32 -20.08
C GLY G 152 -6.04 -35.18 -19.88
N CYS G 153 -5.57 -34.07 -19.33
CA CYS G 153 -6.36 -32.85 -19.16
C CYS G 153 -5.37 -31.75 -18.86
N VAL G 154 -5.51 -30.62 -19.52
CA VAL G 154 -4.57 -29.49 -19.33
C VAL G 154 -5.33 -28.20 -19.05
N GLN G 155 -4.63 -27.19 -18.52
CA GLN G 155 -5.25 -25.87 -18.37
C GLN G 155 -5.24 -25.11 -19.71
N ASN G 156 -4.19 -25.28 -20.51
CA ASN G 156 -4.00 -24.50 -21.76
C ASN G 156 -3.63 -25.46 -22.91
N TRP G 157 -4.55 -25.69 -23.84
CA TRP G 157 -4.31 -26.67 -24.94
C TRP G 157 -3.19 -26.14 -25.84
N SER G 158 -2.82 -24.85 -25.75
CA SER G 158 -1.74 -24.29 -26.60
C SER G 158 -0.36 -24.51 -25.99
N THR G 159 -0.25 -25.08 -24.79
CA THR G 159 1.05 -25.34 -24.14
C THR G 159 1.89 -26.23 -25.07
N THR G 160 3.14 -25.88 -25.25
CA THR G 160 4.14 -26.79 -25.84
C THR G 160 4.86 -27.51 -24.71
N TYR G 161 4.55 -28.79 -24.51
CA TYR G 161 5.27 -29.59 -23.50
C TYR G 161 6.65 -29.93 -24.02
N PRO G 162 7.63 -30.02 -23.10
CA PRO G 162 9.03 -30.20 -23.49
C PRO G 162 9.40 -31.65 -23.86
N SER G 163 10.52 -31.75 -24.58
N SER G 163 10.49 -31.79 -24.62
CA SER G 163 11.31 -33.00 -24.75
CA SER G 163 11.12 -33.12 -24.84
C SER G 163 11.49 -33.66 -23.38
C SER G 163 11.53 -33.68 -23.48
N GLY G 164 11.34 -34.98 -23.29
CA GLY G 164 11.72 -35.70 -22.07
C GLY G 164 10.56 -35.87 -21.12
N VAL G 165 9.39 -35.31 -21.42
CA VAL G 165 8.18 -35.66 -20.64
C VAL G 165 7.18 -36.33 -21.56
N VAL G 166 6.28 -37.10 -20.98
CA VAL G 166 5.13 -37.68 -21.71
C VAL G 166 3.90 -36.82 -21.44
N ALA G 167 3.39 -36.14 -22.47
CA ALA G 167 2.23 -35.23 -22.39
C ALA G 167 1.19 -35.71 -23.38
N PRO G 168 -0.10 -35.47 -23.13
CA PRO G 168 -1.14 -35.88 -24.07
C PRO G 168 -0.98 -35.06 -25.33
N PRO G 169 -1.36 -35.61 -26.50
CA PRO G 169 -1.43 -34.79 -27.70
C PRO G 169 -2.52 -33.72 -27.49
N LEU G 170 -2.24 -32.54 -28.05
CA LEU G 170 -3.08 -31.34 -27.87
C LEU G 170 -3.47 -30.82 -29.25
N LYS G 171 -4.49 -31.42 -29.84
CA LYS G 171 -4.89 -31.12 -31.23
C LYS G 171 -6.04 -30.12 -31.21
N ASP G 172 -6.71 -29.92 -30.06
CA ASP G 172 -7.82 -28.96 -29.93
C ASP G 172 -8.08 -28.69 -28.45
N ALA G 173 -9.01 -27.78 -28.17
CA ALA G 173 -9.20 -27.25 -26.80
C ALA G 173 -9.98 -28.26 -25.96
N LYS G 174 -10.51 -29.34 -26.53
CA LYS G 174 -11.26 -30.34 -25.72
C LYS G 174 -10.30 -30.91 -24.66
N ALA G 175 -9.00 -30.85 -24.87
CA ALA G 175 -7.99 -31.33 -23.89
C ALA G 175 -8.05 -30.53 -22.59
N GLN G 176 -8.70 -29.37 -22.59
CA GLN G 176 -8.89 -28.58 -21.34
C GLN G 176 -10.02 -29.15 -20.50
N VAL G 177 -10.84 -30.00 -21.08
CA VAL G 177 -11.93 -30.69 -20.33
C VAL G 177 -11.70 -32.18 -20.56
N LEU G 178 -12.72 -33.01 -20.70
CA LEU G 178 -12.50 -34.46 -20.82
C LEU G 178 -12.58 -34.86 -22.30
N ASP G 179 -11.43 -35.19 -22.86
CA ASP G 179 -11.32 -35.79 -24.20
C ASP G 179 -11.02 -37.27 -23.95
N PRO G 180 -11.97 -38.20 -24.22
CA PRO G 180 -11.75 -39.60 -23.86
C PRO G 180 -10.67 -40.33 -24.70
N GLY G 181 -10.15 -39.68 -25.73
CA GLY G 181 -9.02 -40.20 -26.50
C GLY G 181 -7.69 -40.01 -25.81
N LEU G 182 -7.62 -39.23 -24.74
CA LEU G 182 -6.33 -38.84 -24.11
C LEU G 182 -6.11 -39.71 -22.87
N LYS G 183 -5.55 -40.90 -23.08
CA LYS G 183 -5.32 -41.92 -22.03
C LYS G 183 -3.84 -42.28 -21.99
N ALA G 184 -3.37 -42.68 -20.83
CA ALA G 184 -2.00 -43.20 -20.67
C ALA G 184 -1.91 -44.05 -19.43
N ARG G 185 -0.81 -44.76 -19.31
CA ARG G 185 -0.40 -45.50 -18.09
C ARG G 185 0.79 -44.79 -17.47
N LEU G 186 0.80 -44.67 -16.15
CA LEU G 186 1.95 -44.10 -15.43
C LEU G 186 3.03 -45.17 -15.38
N ASP G 187 3.90 -45.18 -16.39
CA ASP G 187 4.85 -46.30 -16.58
C ASP G 187 6.29 -45.77 -16.61
N LYS G 188 6.51 -44.52 -16.19
CA LYS G 188 7.89 -43.99 -16.09
C LYS G 188 7.93 -42.94 -14.98
N ASP G 189 8.83 -43.13 -14.05
CA ASP G 189 9.04 -42.22 -12.90
C ASP G 189 9.54 -40.89 -13.45
N GLY G 190 9.03 -39.76 -12.94
CA GLY G 190 9.56 -38.43 -13.25
C GLY G 190 9.39 -38.00 -14.70
N ALA G 191 8.39 -38.51 -15.41
CA ALA G 191 8.21 -38.22 -16.85
C ALA G 191 6.80 -37.73 -17.21
N TYR G 192 5.79 -38.02 -16.38
CA TYR G 192 4.38 -37.63 -16.62
C TYR G 192 4.09 -36.41 -15.77
N PRO G 193 3.95 -35.21 -16.37
CA PRO G 193 3.68 -34.02 -15.56
C PRO G 193 2.33 -34.10 -14.87
N VAL G 194 2.33 -33.65 -13.61
CA VAL G 194 1.09 -33.61 -12.78
C VAL G 194 0.03 -32.74 -13.48
N GLU G 195 0.45 -31.64 -14.09
CA GLU G 195 -0.53 -30.65 -14.59
C GLU G 195 -1.22 -31.12 -15.87
N CYS G 196 -0.79 -32.20 -16.51
CA CYS G 196 -1.45 -32.61 -17.77
C CYS G 196 -2.01 -34.02 -17.70
N TRP G 197 -1.96 -34.67 -16.53
CA TRP G 197 -2.54 -36.02 -16.32
C TRP G 197 -3.17 -36.08 -14.95
N CYS G 198 -4.30 -36.76 -14.85
CA CYS G 198 -4.89 -37.08 -13.55
C CYS G 198 -5.28 -38.54 -13.55
N PRO G 199 -5.43 -39.16 -12.36
CA PRO G 199 -5.89 -40.54 -12.31
C PRO G 199 -7.23 -40.67 -13.02
N ASP G 200 -7.39 -41.70 -13.83
CA ASP G 200 -8.60 -41.94 -14.65
C ASP G 200 -9.64 -42.66 -13.81
N PRO G 201 -10.75 -41.99 -13.40
CA PRO G 201 -11.75 -42.67 -12.57
C PRO G 201 -12.58 -43.69 -13.36
N SER G 202 -12.49 -43.68 -14.68
CA SER G 202 -13.24 -44.63 -15.55
C SER G 202 -12.49 -45.94 -15.71
N ARG G 203 -11.24 -46.00 -15.24
CA ARG G 203 -10.42 -47.23 -15.28
C ARG G 203 -9.93 -47.50 -13.87
N ASN G 204 -8.70 -47.96 -13.69
CA ASN G 204 -8.12 -48.21 -12.35
C ASN G 204 -9.01 -49.15 -11.53
N GLU G 205 -9.56 -50.19 -12.14
CA GLU G 205 -10.26 -51.26 -11.40
C GLU G 205 -9.30 -51.95 -10.43
N ASN G 206 -8.01 -51.99 -10.71
CA ASN G 206 -7.03 -52.81 -9.96
C ASN G 206 -6.02 -51.90 -9.24
N THR G 207 -6.37 -50.64 -9.00
CA THR G 207 -5.55 -49.65 -8.25
C THR G 207 -6.47 -48.84 -7.36
N ARG G 208 -6.07 -48.56 -6.13
CA ARG G 208 -6.73 -47.53 -5.30
C ARG G 208 -5.87 -46.27 -5.32
N TYR G 209 -6.45 -45.11 -5.61
CA TYR G 209 -5.74 -43.83 -5.54
C TYR G 209 -6.50 -42.87 -4.65
N PHE G 210 -5.73 -42.01 -4.01
CA PHE G 210 -6.17 -41.07 -2.97
C PHE G 210 -5.45 -39.75 -3.20
N GLY G 211 -6.18 -38.73 -3.61
CA GLY G 211 -5.61 -37.44 -3.99
C GLY G 211 -6.33 -36.27 -3.36
N THR G 212 -5.57 -35.23 -3.02
N THR G 212 -5.60 -35.20 -3.08
CA THR G 212 -6.10 -33.93 -2.54
CA THR G 212 -6.23 -33.92 -2.65
C THR G 212 -5.37 -32.82 -3.33
C THR G 212 -5.38 -32.75 -3.12
N TYR G 213 -6.07 -31.73 -3.61
CA TYR G 213 -5.49 -30.48 -4.10
C TYR G 213 -6.02 -29.36 -3.20
N THR G 214 -5.12 -28.54 -2.69
CA THR G 214 -5.48 -27.33 -1.92
C THR G 214 -4.75 -26.17 -2.56
N GLY G 215 -5.47 -25.26 -3.20
CA GLY G 215 -4.84 -24.24 -4.04
C GLY G 215 -4.58 -22.93 -3.33
N GLY G 216 -4.74 -21.84 -4.07
CA GLY G 216 -4.50 -20.48 -3.56
C GLY G 216 -3.05 -20.09 -3.62
N GLN G 217 -2.74 -18.90 -3.12
CA GLN G 217 -1.47 -18.21 -3.44
C GLN G 217 -0.39 -18.51 -2.39
N GLN G 218 -0.72 -18.25 -1.12
CA GLN G 218 0.23 -18.37 0.02
C GLN G 218 -0.36 -19.29 1.08
N THR G 219 -1.17 -20.24 0.67
CA THR G 219 -1.96 -21.09 1.58
C THR G 219 -1.05 -21.87 2.51
N PRO G 220 -1.39 -21.96 3.82
CA PRO G 220 -0.62 -22.78 4.75
C PRO G 220 -0.70 -24.26 4.37
N PRO G 221 0.44 -24.94 4.17
CA PRO G 221 0.41 -26.40 4.06
C PRO G 221 0.01 -27.00 5.40
N VAL G 222 -0.83 -28.03 5.36
CA VAL G 222 -1.23 -28.79 6.58
C VAL G 222 -0.82 -30.24 6.34
N LEU G 223 0.24 -30.66 7.00
CA LEU G 223 0.90 -31.96 6.73
C LEU G 223 0.97 -32.76 8.00
N PRO G 224 0.19 -33.85 8.14
CA PRO G 224 0.32 -34.76 9.27
C PRO G 224 1.50 -35.69 9.08
N PHE G 225 2.03 -36.22 10.17
CA PHE G 225 3.05 -37.29 10.12
C PHE G 225 2.83 -38.17 11.35
N THR G 226 2.47 -39.42 11.10
CA THR G 226 2.17 -40.39 12.16
C THR G 226 2.47 -41.78 11.62
N ASN G 227 2.71 -42.73 12.51
CA ASN G 227 2.88 -44.14 12.13
C ASN G 227 1.67 -44.97 12.56
N THR G 228 0.53 -44.35 12.84
CA THR G 228 -0.60 -45.05 13.48
C THR G 228 -1.78 -45.23 12.52
N VAL G 229 -1.68 -44.79 11.27
CA VAL G 229 -2.86 -44.76 10.37
C VAL G 229 -2.69 -45.77 9.23
N THR G 230 -3.69 -46.62 9.08
CA THR G 230 -3.72 -47.66 8.04
C THR G 230 -4.88 -47.38 7.08
N THR G 231 -4.63 -47.46 5.78
CA THR G 231 -5.69 -47.42 4.76
C THR G 231 -5.94 -48.84 4.25
N VAL G 232 -7.16 -49.33 4.40
CA VAL G 232 -7.55 -50.67 3.86
C VAL G 232 -7.79 -50.53 2.35
N LEU G 233 -7.28 -51.48 1.56
CA LEU G 233 -7.33 -51.42 0.07
C LEU G 233 -8.37 -52.39 -0.50
N LEU G 234 -9.06 -53.13 0.34
CA LEU G 234 -10.12 -54.07 -0.10
C LEU G 234 -11.27 -53.29 -0.72
N ASP G 235 -11.83 -53.83 -1.79
CA ASP G 235 -13.07 -53.32 -2.44
C ASP G 235 -14.30 -53.85 -1.71
N GLU G 236 -15.50 -53.58 -2.27
CA GLU G 236 -16.82 -54.00 -1.71
C GLU G 236 -16.86 -55.51 -1.48
N ASN G 237 -16.19 -56.31 -2.32
CA ASN G 237 -16.20 -57.80 -2.24
C ASN G 237 -15.06 -58.33 -1.37
N GLY G 238 -14.31 -57.46 -0.67
CA GLY G 238 -13.22 -57.89 0.20
C GLY G 238 -11.96 -58.23 -0.59
N VAL G 239 -11.81 -57.67 -1.79
CA VAL G 239 -10.65 -58.01 -2.69
C VAL G 239 -9.75 -56.78 -2.85
N GLY G 240 -8.47 -56.93 -2.56
CA GLY G 240 -7.49 -55.85 -2.75
C GLY G 240 -6.92 -55.90 -4.17
N PRO G 241 -6.11 -54.89 -4.56
CA PRO G 241 -5.38 -54.97 -5.83
C PRO G 241 -4.62 -56.30 -5.93
N LEU G 242 -4.69 -56.89 -7.11
CA LEU G 242 -4.06 -58.20 -7.41
C LEU G 242 -2.86 -57.93 -8.31
N CYS G 243 -1.69 -58.36 -7.87
CA CYS G 243 -0.39 -57.96 -8.45
C CYS G 243 -0.05 -58.82 -9.68
N LYS G 244 -0.33 -58.27 -10.85
CA LYS G 244 -0.10 -59.00 -12.12
C LYS G 244 1.41 -59.21 -12.34
N GLY G 245 1.80 -60.44 -12.66
CA GLY G 245 3.23 -60.79 -12.83
C GLY G 245 4.06 -60.51 -11.58
N ASP G 246 3.47 -60.55 -10.38
CA ASP G 246 4.19 -60.42 -9.09
C ASP G 246 4.88 -59.05 -8.99
N GLY G 247 4.20 -58.02 -9.47
CA GLY G 247 4.62 -56.62 -9.34
C GLY G 247 3.61 -55.82 -8.54
N LEU G 248 4.10 -55.04 -7.59
CA LEU G 248 3.31 -54.04 -6.84
C LEU G 248 3.64 -52.65 -7.36
N TYR G 249 2.62 -51.87 -7.73
CA TYR G 249 2.77 -50.54 -8.36
C TYR G 249 2.40 -49.45 -7.36
N LEU G 250 3.38 -48.62 -7.07
CA LEU G 250 3.27 -47.48 -6.12
C LEU G 250 3.42 -46.21 -6.93
N SER G 251 2.55 -45.22 -6.67
N SER G 251 2.59 -45.21 -6.68
CA SER G 251 2.52 -43.92 -7.38
CA SER G 251 2.73 -43.90 -7.36
C SER G 251 2.30 -42.81 -6.36
C SER G 251 2.26 -42.79 -6.43
N CYS G 252 2.83 -41.62 -6.61
CA CYS G 252 2.53 -40.48 -5.74
C CYS G 252 2.96 -39.18 -6.36
N VAL G 253 2.44 -38.12 -5.79
CA VAL G 253 3.04 -36.78 -5.90
C VAL G 253 2.78 -36.05 -4.59
N ASP G 254 3.74 -35.24 -4.16
CA ASP G 254 3.58 -34.47 -2.91
C ASP G 254 4.17 -33.08 -3.10
N ILE G 255 3.45 -32.25 -3.83
CA ILE G 255 3.81 -30.82 -3.95
C ILE G 255 3.39 -30.13 -2.66
N CYS G 256 4.34 -29.51 -1.97
CA CYS G 256 4.12 -28.95 -0.61
C CYS G 256 4.08 -27.43 -0.64
N GLY G 257 4.22 -26.82 -1.80
CA GLY G 257 4.18 -25.36 -1.97
C GLY G 257 5.37 -24.85 -2.72
N PHE G 258 5.61 -23.55 -2.60
CA PHE G 258 6.71 -22.87 -3.30
C PHE G 258 7.72 -22.34 -2.30
N TYR G 259 8.97 -22.44 -2.67
CA TYR G 259 10.12 -21.71 -2.06
C TYR G 259 10.38 -20.44 -2.87
N SER G 260 10.40 -19.29 -2.21
CA SER G 260 10.69 -17.98 -2.83
C SER G 260 12.15 -17.59 -2.52
N GLU G 261 12.93 -17.33 -3.54
CA GLU G 261 14.32 -16.86 -3.35
C GLU G 261 14.28 -15.43 -2.76
N GLN G 262 15.04 -15.19 -1.70
CA GLN G 262 15.09 -13.87 -1.05
C GLN G 262 15.38 -12.75 -2.06
N TYR G 263 16.42 -12.89 -2.86
CA TYR G 263 16.87 -11.78 -3.73
C TYR G 263 15.97 -11.70 -4.96
N SER G 264 15.99 -12.71 -5.83
CA SER G 264 15.26 -12.63 -7.12
C SER G 264 13.75 -12.64 -6.91
N GLN G 265 13.28 -13.29 -5.85
CA GLN G 265 11.83 -13.52 -5.57
C GLN G 265 11.25 -14.52 -6.57
N LYS G 266 12.09 -15.20 -7.34
CA LYS G 266 11.62 -16.34 -8.15
C LYS G 266 11.15 -17.47 -7.23
N GLN G 267 10.25 -18.29 -7.75
CA GLN G 267 9.66 -19.40 -6.97
C GLN G 267 10.02 -20.76 -7.57
N HIS G 268 10.15 -21.72 -6.69
CA HIS G 268 10.44 -23.13 -7.01
C HIS G 268 9.39 -24.02 -6.36
N PHE G 269 8.84 -24.99 -7.08
CA PHE G 269 8.04 -26.04 -6.45
C PHE G 269 8.91 -26.78 -5.45
N ARG G 270 8.36 -27.10 -4.30
CA ARG G 270 8.99 -28.01 -3.32
C ARG G 270 8.15 -29.27 -3.20
N GLY G 271 8.78 -30.41 -3.33
CA GLY G 271 8.15 -31.70 -3.10
C GLY G 271 8.91 -32.48 -2.04
N LEU G 272 8.24 -33.41 -1.39
CA LEU G 272 8.84 -34.26 -0.34
C LEU G 272 8.66 -35.72 -0.74
N PRO G 273 9.60 -36.56 -0.28
CA PRO G 273 9.49 -38.00 -0.51
C PRO G 273 8.32 -38.62 0.26
N ARG G 274 7.92 -39.80 -0.19
CA ARG G 274 6.82 -40.56 0.42
C ARG G 274 7.29 -41.98 0.69
N TYR G 275 6.96 -42.46 1.88
CA TYR G 275 7.22 -43.83 2.33
C TYR G 275 5.94 -44.63 2.21
N PHE G 276 6.08 -45.89 1.79
CA PHE G 276 4.97 -46.88 1.72
C PHE G 276 5.35 -48.12 2.51
N SER G 277 4.41 -48.64 3.29
CA SER G 277 4.42 -50.01 3.83
C SER G 277 3.13 -50.70 3.39
N VAL G 278 3.22 -51.73 2.54
CA VAL G 278 2.04 -52.42 2.01
C VAL G 278 2.03 -53.87 2.52
N SER G 279 0.92 -54.29 3.09
N SER G 279 0.91 -54.27 3.12
CA SER G 279 0.70 -55.67 3.58
CA SER G 279 0.63 -55.64 3.58
C SER G 279 -0.04 -56.46 2.51
C SER G 279 -0.02 -56.43 2.45
N LEU G 280 0.52 -57.60 2.10
CA LEU G 280 -0.05 -58.45 1.04
C LEU G 280 -0.31 -59.86 1.56
N ARG G 281 -1.23 -60.53 0.91
CA ARG G 281 -1.57 -61.94 1.19
C ARG G 281 -1.72 -62.68 -0.13
N LYS G 282 -1.54 -63.99 -0.08
CA LYS G 282 -1.70 -64.82 -1.29
C LYS G 282 -3.18 -65.04 -1.51
N ARG G 283 -3.59 -64.90 -2.76
CA ARG G 283 -4.98 -65.08 -3.22
C ARG G 283 -5.01 -66.05 -4.40
N LEU G 284 -5.83 -67.09 -4.29
CA LEU G 284 -6.06 -68.03 -5.40
C LEU G 284 -7.01 -67.38 -6.41
N VAL G 285 -6.69 -67.50 -7.69
CA VAL G 285 -7.56 -67.03 -8.80
C VAL G 285 -7.62 -68.10 -9.90
N ARG G 286 -8.66 -68.04 -10.72
CA ARG G 286 -8.75 -68.95 -11.88
C ARG G 286 -7.77 -68.44 -12.94
N ASN G 287 -7.04 -69.37 -13.56
CA ASN G 287 -6.02 -69.08 -14.57
C ASN G 287 -6.71 -69.09 -15.94
N HIS H 20 5.13 -61.66 17.20
CA HIS H 20 6.48 -61.07 17.44
C HIS H 20 6.45 -59.55 17.26
N MET H 21 7.13 -58.83 18.16
CA MET H 21 7.39 -57.38 18.05
C MET H 21 8.91 -57.20 18.05
N GLY H 22 9.48 -56.84 16.89
CA GLY H 22 10.91 -56.53 16.74
C GLY H 22 11.77 -57.55 17.49
N GLY H 23 11.52 -58.84 17.22
CA GLY H 23 12.31 -59.95 17.78
C GLY H 23 11.74 -60.49 19.08
N ILE H 24 10.84 -59.76 19.75
CA ILE H 24 10.28 -60.18 21.07
C ILE H 24 9.04 -61.04 20.80
N GLU H 25 8.97 -62.24 21.38
CA GLU H 25 7.74 -63.06 21.39
C GLU H 25 6.83 -62.54 22.53
N VAL H 26 5.70 -61.96 22.15
CA VAL H 26 4.79 -61.27 23.10
C VAL H 26 3.73 -62.29 23.54
N LEU H 27 3.58 -62.47 24.84
CA LEU H 27 2.61 -63.43 25.41
C LEU H 27 1.45 -62.62 26.00
N GLY H 28 0.82 -63.14 27.06
CA GLY H 28 -0.42 -62.57 27.61
C GLY H 28 -0.16 -61.40 28.52
N VAL H 29 -1.20 -60.63 28.77
CA VAL H 29 -1.17 -59.55 29.78
C VAL H 29 -1.13 -60.19 31.17
N ARG H 30 -0.29 -59.68 32.07
CA ARG H 30 -0.22 -60.05 33.50
C ARG H 30 -1.12 -59.10 34.29
N THR H 31 -2.13 -59.63 34.99
CA THR H 31 -3.09 -58.81 35.77
C THR H 31 -2.82 -59.00 37.26
N GLY H 32 -3.63 -58.34 38.08
CA GLY H 32 -3.62 -58.46 39.55
C GLY H 32 -3.05 -57.22 40.19
N PRO H 33 -2.90 -57.25 41.53
CA PRO H 33 -2.36 -56.11 42.28
C PRO H 33 -0.99 -55.68 41.73
N ASP H 34 -0.82 -54.36 41.61
CA ASP H 34 0.44 -53.68 41.19
C ASP H 34 0.79 -54.03 39.73
N SER H 35 -0.15 -54.51 38.92
CA SER H 35 0.10 -54.89 37.51
C SER H 35 -0.11 -53.70 36.59
N THR H 36 -0.65 -52.59 37.09
CA THR H 36 -0.82 -51.34 36.30
C THR H 36 -0.18 -50.18 37.04
N THR H 37 0.26 -49.18 36.30
CA THR H 37 0.79 -47.95 36.89
C THR H 37 0.56 -46.81 35.90
N THR H 38 0.56 -45.59 36.40
CA THR H 38 0.42 -44.38 35.58
C THR H 38 1.66 -43.52 35.80
N ILE H 39 2.36 -43.18 34.72
CA ILE H 39 3.55 -42.30 34.74
C ILE H 39 3.11 -40.91 34.30
N GLU H 40 3.45 -39.91 35.10
CA GLU H 40 3.25 -38.49 34.76
C GLU H 40 4.60 -37.84 34.56
N ALA H 41 4.71 -37.02 33.52
CA ALA H 41 5.97 -36.31 33.21
C ALA H 41 5.63 -35.07 32.41
N TYR H 42 6.51 -34.08 32.44
CA TYR H 42 6.40 -32.93 31.53
C TYR H 42 7.77 -32.73 30.90
N LEU H 43 7.75 -32.19 29.68
N LEU H 43 7.76 -32.14 29.70
CA LEU H 43 8.96 -31.80 28.93
CA LEU H 43 8.99 -31.82 28.95
C LEU H 43 8.85 -30.32 28.62
C LEU H 43 8.91 -30.35 28.54
N ASN H 44 9.84 -29.55 29.04
CA ASN H 44 9.92 -28.11 28.69
C ASN H 44 10.49 -27.99 27.29
N PRO H 45 10.07 -26.95 26.54
CA PRO H 45 10.44 -26.82 25.14
C PRO H 45 11.90 -26.42 25.00
N ARG H 46 12.48 -26.79 23.87
CA ARG H 46 13.88 -26.51 23.51
C ARG H 46 13.89 -25.70 22.20
N MET H 47 13.55 -24.43 22.28
CA MET H 47 13.42 -23.57 21.08
C MET H 47 14.75 -22.93 20.70
N GLY H 48 15.79 -23.11 21.51
CA GLY H 48 17.14 -22.58 21.23
C GLY H 48 17.71 -21.91 22.46
N THR H 49 16.86 -21.37 23.32
CA THR H 49 17.20 -20.91 24.70
C THR H 49 16.25 -21.67 25.63
N ASP H 50 16.48 -21.62 26.93
CA ASP H 50 15.89 -22.54 27.94
C ASP H 50 14.44 -22.21 28.31
N ASN H 51 13.88 -21.06 27.94
CA ASN H 51 12.64 -20.62 28.63
C ASN H 51 11.54 -20.26 27.62
N GLY H 52 11.46 -20.99 26.52
CA GLY H 52 10.23 -20.98 25.68
C GLY H 52 10.44 -20.28 24.34
N PHE H 53 11.52 -19.51 24.19
CA PHE H 53 11.75 -18.70 22.98
C PHE H 53 13.11 -19.01 22.39
N SER H 54 13.20 -19.00 21.08
CA SER H 54 14.50 -18.94 20.41
C SER H 54 15.08 -17.54 20.64
N GLN H 55 16.37 -17.44 20.42
CA GLN H 55 17.04 -16.15 20.13
C GLN H 55 16.42 -15.57 18.84
N ALA H 56 16.50 -14.26 18.67
CA ALA H 56 15.99 -13.61 17.45
C ALA H 56 16.58 -14.31 16.24
N VAL H 57 15.73 -14.68 15.29
CA VAL H 57 16.16 -15.54 14.18
C VAL H 57 16.80 -14.70 13.08
N THR H 58 17.99 -15.11 12.67
CA THR H 58 18.74 -14.52 11.53
C THR H 58 18.48 -15.34 10.26
N VAL H 59 18.59 -14.69 9.11
CA VAL H 59 18.23 -15.32 7.82
C VAL H 59 19.39 -15.09 6.84
N ALA H 60 19.89 -16.14 6.23
CA ALA H 60 20.96 -16.06 5.21
C ALA H 60 20.45 -15.26 4.02
N THR H 61 21.34 -14.56 3.30
CA THR H 61 21.00 -13.85 2.05
C THR H 61 21.10 -14.78 0.84
N SER H 62 21.71 -15.96 1.00
CA SER H 62 21.86 -16.98 -0.05
C SER H 62 21.93 -18.36 0.60
N LEU H 63 21.93 -19.41 -0.22
CA LEU H 63 21.92 -20.78 0.32
C LEU H 63 23.31 -21.15 0.85
N ASN H 64 24.34 -20.37 0.53
CA ASN H 64 25.71 -20.74 0.96
C ASN H 64 26.55 -19.46 0.97
N PRO H 65 26.99 -18.96 2.12
CA PRO H 65 26.87 -19.62 3.42
C PRO H 65 25.52 -19.41 4.13
N ASP H 66 25.10 -20.43 4.87
CA ASP H 66 23.82 -20.45 5.63
C ASP H 66 24.15 -21.08 6.97
N VAL H 67 24.31 -20.27 8.01
CA VAL H 67 25.02 -20.66 9.27
C VAL H 67 24.11 -20.33 10.45
N PRO H 68 23.03 -21.10 10.66
CA PRO H 68 22.11 -20.80 11.75
C PRO H 68 22.77 -21.07 13.10
N PRO H 69 22.80 -20.10 14.02
CA PRO H 69 23.28 -20.38 15.38
C PRO H 69 22.38 -21.37 16.12
N LYS H 70 22.98 -22.11 17.04
CA LYS H 70 22.21 -23.11 17.85
C LYS H 70 21.04 -22.44 18.56
N ALA H 71 21.22 -21.23 19.08
CA ALA H 71 20.20 -20.54 19.88
C ALA H 71 18.98 -20.16 19.03
N GLU H 72 19.05 -20.34 17.71
CA GLU H 72 17.97 -19.96 16.75
C GLU H 72 17.30 -21.21 16.16
N LEU H 73 17.67 -22.41 16.62
CA LEU H 73 17.18 -23.68 16.03
C LEU H 73 16.36 -24.48 17.02
N PRO H 74 15.00 -24.51 16.90
CA PRO H 74 14.20 -25.40 17.73
C PRO H 74 14.63 -26.87 17.58
N CYS H 75 14.68 -27.55 18.73
CA CYS H 75 15.07 -28.97 18.82
C CYS H 75 13.94 -29.78 19.44
N TYR H 76 13.98 -31.09 19.23
CA TYR H 76 13.02 -32.00 19.90
C TYR H 76 13.32 -32.03 21.39
N SER H 77 12.28 -32.17 22.18
CA SER H 77 12.36 -32.52 23.61
C SER H 77 12.31 -34.04 23.73
N CYS H 78 13.01 -34.60 24.71
CA CYS H 78 12.89 -36.04 24.97
C CYS H 78 13.32 -36.37 26.40
N ALA H 79 12.76 -37.44 26.93
CA ALA H 79 13.15 -37.96 28.26
C ALA H 79 12.92 -39.46 28.30
N ARG H 80 13.78 -40.15 29.04
CA ARG H 80 13.57 -41.54 29.48
C ARG H 80 13.09 -41.48 30.93
N ILE H 81 11.95 -42.09 31.20
CA ILE H 81 11.40 -42.19 32.59
C ILE H 81 11.67 -43.61 33.07
N GLY H 82 12.41 -43.74 34.18
CA GLY H 82 12.66 -45.05 34.80
C GLY H 82 11.37 -45.60 35.38
N LEU H 83 11.07 -46.86 35.13
CA LEU H 83 9.83 -47.54 35.60
C LEU H 83 10.14 -48.48 36.74
N PRO H 84 9.11 -48.91 37.51
CA PRO H 84 9.34 -49.90 38.58
C PRO H 84 10.04 -51.15 38.02
N MET H 85 11.14 -51.58 38.63
CA MET H 85 11.93 -52.76 38.19
C MET H 85 11.06 -54.02 38.30
N LEU H 86 11.05 -54.89 37.29
CA LEU H 86 10.00 -55.94 37.15
C LEU H 86 10.42 -57.36 37.49
N ASN H 87 11.65 -57.72 37.13
CA ASN H 87 12.17 -59.11 37.07
C ASN H 87 13.45 -59.21 37.92
N GLU H 88 13.31 -59.44 39.22
CA GLU H 88 14.46 -59.76 40.12
C GLU H 88 15.15 -61.04 39.60
N ASP H 89 14.35 -62.04 39.23
CA ASP H 89 14.81 -63.33 38.61
C ASP H 89 14.75 -63.19 37.09
N MET H 90 15.92 -63.16 36.44
CA MET H 90 16.01 -63.02 34.97
C MET H 90 16.37 -64.35 34.31
N THR H 91 16.10 -65.49 34.98
CA THR H 91 16.39 -66.85 34.46
C THR H 91 15.13 -67.54 33.94
N THR H 92 13.93 -67.00 34.20
CA THR H 92 12.67 -67.70 33.86
C THR H 92 12.39 -67.57 32.36
N PRO H 93 11.73 -68.58 31.76
CA PRO H 93 11.46 -68.56 30.32
C PRO H 93 10.55 -67.39 29.88
N GLU H 94 9.67 -66.96 30.77
CA GLU H 94 8.80 -65.76 30.56
C GLU H 94 9.29 -64.69 31.53
N ILE H 95 9.34 -63.44 31.07
CA ILE H 95 9.58 -62.27 31.97
C ILE H 95 8.56 -61.20 31.65
N LEU H 96 8.55 -60.15 32.46
CA LEU H 96 7.59 -59.05 32.34
C LEU H 96 8.23 -57.81 31.72
N MET H 97 7.46 -57.12 30.91
CA MET H 97 7.80 -55.77 30.41
C MET H 97 6.59 -54.88 30.68
N TRP H 98 6.86 -53.63 31.00
CA TRP H 98 5.80 -52.60 31.03
C TRP H 98 5.37 -52.33 29.60
N GLU H 99 4.07 -52.28 29.38
CA GLU H 99 3.43 -52.02 28.07
C GLU H 99 2.64 -50.72 28.19
N ALA H 100 2.94 -49.71 27.37
CA ALA H 100 2.19 -48.44 27.35
C ALA H 100 0.89 -48.67 26.58
N VAL H 101 -0.27 -48.56 27.21
N VAL H 101 -0.23 -48.56 27.28
CA VAL H 101 -1.55 -48.86 26.52
CA VAL H 101 -1.60 -48.85 26.75
C VAL H 101 -2.27 -47.58 26.09
C VAL H 101 -2.19 -47.60 26.10
N SER H 102 -2.06 -46.46 26.79
CA SER H 102 -2.73 -45.19 26.43
C SER H 102 -1.99 -44.02 27.04
N VAL H 103 -2.26 -42.85 26.49
CA VAL H 103 -1.66 -41.59 26.96
C VAL H 103 -2.71 -40.48 26.88
N LYS H 104 -2.70 -39.64 27.91
CA LYS H 104 -3.34 -38.31 27.89
C LYS H 104 -2.21 -37.30 27.83
N THR H 105 -2.25 -36.41 26.87
CA THR H 105 -1.15 -35.42 26.73
C THR H 105 -1.78 -34.05 26.47
N GLU H 106 -1.14 -33.03 27.00
CA GLU H 106 -1.66 -31.66 27.02
C GLU H 106 -0.52 -30.70 26.72
N VAL H 107 -0.76 -29.74 25.84
CA VAL H 107 0.16 -28.57 25.72
C VAL H 107 -0.19 -27.63 26.86
N VAL H 108 0.80 -27.29 27.69
CA VAL H 108 0.60 -26.46 28.89
C VAL H 108 0.96 -25.02 28.56
N GLY H 109 0.16 -24.08 29.04
CA GLY H 109 0.40 -22.65 28.81
C GLY H 109 -0.28 -22.10 27.57
N VAL H 110 -1.23 -22.81 26.99
CA VAL H 110 -1.92 -22.33 25.77
C VAL H 110 -2.50 -20.93 26.01
N THR H 111 -3.06 -20.69 27.19
CA THR H 111 -3.73 -19.39 27.50
C THR H 111 -2.73 -18.24 27.57
N THR H 112 -1.43 -18.47 27.66
CA THR H 112 -0.43 -17.37 27.60
C THR H 112 -0.61 -16.61 26.30
N MET H 113 -1.14 -17.26 25.26
CA MET H 113 -1.25 -16.68 23.90
CA MET H 113 -1.19 -16.59 23.94
C MET H 113 -2.43 -15.71 23.84
N CYS H 114 -3.12 -15.49 24.97
CA CYS H 114 -4.13 -14.41 25.14
C CYS H 114 -3.44 -13.10 25.54
N ASN H 115 -2.11 -13.11 25.69
CA ASN H 115 -1.32 -11.89 26.03
C ASN H 115 -1.11 -11.06 24.77
N VAL H 116 -1.67 -9.85 24.73
CA VAL H 116 -1.42 -8.91 23.60
C VAL H 116 -0.83 -7.61 24.12
N HIS H 117 -0.22 -7.63 25.30
CA HIS H 117 0.36 -6.38 25.89
C HIS H 117 1.87 -6.44 25.98
N SER H 118 2.51 -7.61 25.88
CA SER H 118 3.96 -7.74 26.15
C SER H 118 4.82 -7.44 24.92
N ALA H 119 4.72 -6.21 24.39
CA ALA H 119 5.74 -5.58 23.52
C ALA H 119 5.86 -6.25 22.14
N SER H 120 4.74 -6.67 21.57
N SER H 120 4.76 -6.68 21.56
CA SER H 120 4.71 -7.17 20.16
CA SER H 120 4.77 -7.18 20.16
C SER H 120 4.39 -6.02 19.21
C SER H 120 4.27 -6.09 19.20
N ILE H 121 4.50 -6.29 17.91
CA ILE H 121 4.09 -5.33 16.84
C ILE H 121 2.59 -5.07 16.98
N ARG H 122 2.19 -3.81 16.99
CA ARG H 122 0.78 -3.47 17.27
C ARG H 122 -0.05 -3.43 15.99
N MET H 123 -1.26 -3.96 16.11
CA MET H 123 -2.28 -3.99 15.03
C MET H 123 -2.94 -2.61 14.87
N ASN H 124 -3.80 -2.47 13.88
CA ASN H 124 -4.49 -1.18 13.57
C ASN H 124 -3.45 -0.04 13.44
N GLY H 125 -2.36 -0.27 12.72
CA GLY H 125 -1.40 0.80 12.38
C GLY H 125 -0.68 1.33 13.59
N GLY H 126 -0.58 0.53 14.67
CA GLY H 126 0.12 0.91 15.90
C GLY H 126 -0.81 1.27 17.04
N TYR H 127 -2.12 1.35 16.79
CA TYR H 127 -3.10 1.85 17.77
C TYR H 127 -3.73 0.70 18.56
N GLY H 128 -3.73 -0.48 17.97
CA GLY H 128 -4.44 -1.64 18.53
C GLY H 128 -3.56 -2.41 19.48
N VAL H 129 -3.91 -3.65 19.71
CA VAL H 129 -3.13 -4.52 20.64
C VAL H 129 -1.95 -5.13 19.88
N GLY H 130 -1.03 -5.73 20.63
CA GLY H 130 0.09 -6.46 20.03
C GLY H 130 -0.40 -7.69 19.29
N ARG H 131 0.25 -8.00 18.19
CA ARG H 131 0.07 -9.31 17.53
C ARG H 131 0.27 -10.41 18.56
N PRO H 132 -0.64 -11.39 18.62
CA PRO H 132 -0.35 -12.59 19.42
C PRO H 132 0.66 -13.47 18.69
N ILE H 133 1.18 -14.45 19.41
CA ILE H 133 2.12 -15.41 18.78
C ILE H 133 1.37 -16.15 17.67
N GLU H 134 1.94 -16.19 16.47
CA GLU H 134 1.21 -16.71 15.29
C GLU H 134 2.21 -17.14 14.23
N GLY H 135 1.72 -17.85 13.22
CA GLY H 135 2.60 -18.33 12.15
C GLY H 135 2.75 -19.83 12.23
N LEU H 136 3.82 -20.34 11.65
CA LEU H 136 3.92 -21.81 11.46
C LEU H 136 3.87 -22.49 12.84
N ASN H 137 3.18 -23.61 12.86
CA ASN H 137 2.98 -24.48 14.04
C ASN H 137 3.53 -25.85 13.66
N CYS H 138 4.16 -26.51 14.61
CA CYS H 138 4.59 -27.91 14.43
C CYS H 138 4.48 -28.60 15.77
N HIS H 139 3.61 -29.60 15.84
CA HIS H 139 3.29 -30.31 17.10
C HIS H 139 3.46 -31.79 16.88
N MET H 140 4.27 -32.41 17.73
N MET H 140 4.24 -32.42 17.74
CA MET H 140 4.42 -33.87 17.71
CA MET H 140 4.48 -33.88 17.67
C MET H 140 4.51 -34.33 19.15
C MET H 140 4.60 -34.38 19.10
N PHE H 141 3.95 -35.49 19.43
CA PHE H 141 4.33 -36.23 20.66
C PHE H 141 4.51 -37.69 20.29
N ALA H 142 5.35 -38.38 21.05
CA ALA H 142 5.64 -39.80 20.81
C ALA H 142 5.83 -40.49 22.15
N VAL H 143 5.40 -41.73 22.20
CA VAL H 143 5.53 -42.61 23.39
C VAL H 143 6.06 -43.94 22.90
N GLY H 144 7.18 -44.38 23.46
CA GLY H 144 7.83 -45.61 22.97
C GLY H 144 8.54 -46.35 24.07
N GLY H 145 8.99 -47.56 23.75
CA GLY H 145 9.80 -48.38 24.68
C GLY H 145 11.28 -48.27 24.41
N GLU H 146 11.69 -47.29 23.62
CA GLU H 146 13.09 -47.07 23.19
C GLU H 146 13.11 -45.70 22.53
N PRO H 147 14.29 -45.10 22.27
CA PRO H 147 14.34 -43.77 21.68
C PRO H 147 13.63 -43.73 20.32
N LEU H 148 12.98 -42.61 20.06
CA LEU H 148 12.36 -42.33 18.75
C LEU H 148 13.44 -42.46 17.66
N GLU H 149 13.11 -43.10 16.56
CA GLU H 149 14.02 -43.24 15.41
C GLU H 149 13.76 -42.11 14.41
N LEU H 150 14.83 -41.45 13.98
CA LEU H 150 14.81 -40.24 13.14
C LEU H 150 15.39 -40.53 11.77
N GLN H 151 14.79 -39.87 10.78
CA GLN H 151 15.31 -39.81 9.41
C GLN H 151 15.83 -38.39 9.17
N GLY H 152 17.05 -38.23 8.66
CA GLY H 152 17.58 -36.90 8.33
C GLY H 152 16.94 -36.41 7.06
N CYS H 153 16.57 -35.14 7.04
CA CYS H 153 16.07 -34.47 5.82
C CYS H 153 16.17 -32.98 6.09
N VAL H 154 16.67 -32.21 5.14
CA VAL H 154 16.90 -30.76 5.32
C VAL H 154 16.26 -29.99 4.16
N GLN H 155 16.04 -28.69 4.34
CA GLN H 155 15.59 -27.86 3.21
C GLN H 155 16.77 -27.49 2.31
N ASN H 156 17.94 -27.26 2.89
CA ASN H 156 19.13 -26.71 2.19
C ASN H 156 20.34 -27.56 2.55
N TRP H 157 20.80 -28.43 1.65
CA TRP H 157 21.94 -29.31 1.95
C TRP H 157 23.22 -28.49 2.16
N SER H 158 23.25 -27.21 1.76
CA SER H 158 24.44 -26.34 1.96
C SER H 158 24.47 -25.72 3.36
N THR H 159 23.42 -25.87 4.18
CA THR H 159 23.41 -25.29 5.54
C THR H 159 24.61 -25.83 6.35
N THR H 160 25.29 -24.94 7.06
CA THR H 160 26.30 -25.29 8.09
C THR H 160 25.59 -25.34 9.44
N TYR H 161 25.34 -26.54 9.97
CA TYR H 161 24.68 -26.67 11.30
C TYR H 161 25.74 -26.39 12.38
N PRO H 162 25.32 -25.79 13.49
CA PRO H 162 26.27 -25.34 14.51
C PRO H 162 26.83 -26.47 15.37
N SER H 163 27.98 -26.19 15.99
N SER H 163 28.00 -26.23 15.98
CA SER H 163 28.49 -26.90 17.19
CA SER H 163 28.49 -27.06 17.10
C SER H 163 27.36 -27.03 18.21
C SER H 163 27.44 -27.04 18.22
N GLY H 164 27.21 -28.19 18.85
CA GLY H 164 26.26 -28.33 19.96
C GLY H 164 24.91 -28.84 19.51
N VAL H 165 24.67 -29.03 18.22
CA VAL H 165 23.48 -29.81 17.78
C VAL H 165 23.95 -31.04 17.02
N VAL H 166 23.08 -32.05 16.96
CA VAL H 166 23.30 -33.26 16.15
C VAL H 166 22.51 -33.06 14.87
N ALA H 167 23.22 -32.92 13.75
CA ALA H 167 22.63 -32.77 12.42
C ALA H 167 23.11 -33.90 11.54
N PRO H 168 22.34 -34.28 10.50
CA PRO H 168 22.77 -35.32 9.57
C PRO H 168 23.97 -34.81 8.80
N PRO H 169 24.89 -35.71 8.37
CA PRO H 169 25.95 -35.30 7.45
C PRO H 169 25.30 -34.86 6.13
N LEU H 170 25.86 -33.81 5.53
CA LEU H 170 25.30 -33.18 4.30
C LEU H 170 26.37 -33.21 3.21
N LYS H 171 26.50 -34.36 2.56
CA LYS H 171 27.57 -34.59 1.55
C LYS H 171 27.06 -34.31 0.14
N ASP H 172 25.74 -34.25 -0.06
CA ASP H 172 25.14 -33.98 -1.39
C ASP H 172 23.67 -33.56 -1.19
N ALA H 173 23.00 -33.19 -2.27
CA ALA H 173 21.64 -32.61 -2.19
C ALA H 173 20.58 -33.69 -1.94
N LYS H 174 20.91 -34.99 -1.95
CA LYS H 174 19.88 -36.03 -1.65
C LYS H 174 19.37 -35.88 -0.21
N ALA H 175 20.11 -35.17 0.66
CA ALA H 175 19.68 -34.88 2.06
C ALA H 175 18.46 -33.96 2.07
N GLN H 176 18.11 -33.35 0.94
CA GLN H 176 16.87 -32.52 0.82
C GLN H 176 15.66 -33.42 0.57
N VAL H 177 15.89 -34.67 0.18
CA VAL H 177 14.81 -35.67 0.01
C VAL H 177 15.16 -36.86 0.91
N LEU H 178 14.91 -38.09 0.52
CA LEU H 178 15.17 -39.25 1.43
C LEU H 178 16.47 -39.93 1.02
N ASP H 179 17.50 -39.73 1.84
CA ASP H 179 18.77 -40.48 1.78
C ASP H 179 18.74 -41.46 2.93
N PRO H 180 18.56 -42.78 2.67
CA PRO H 180 18.39 -43.74 3.78
C PRO H 180 19.65 -43.93 4.62
N GLY H 181 20.76 -43.34 4.17
CA GLY H 181 22.02 -43.31 4.94
C GLY H 181 21.96 -42.36 6.13
N LEU H 182 20.94 -41.50 6.21
CA LEU H 182 20.88 -40.41 7.24
C LEU H 182 19.82 -40.79 8.28
N LYS H 183 20.26 -41.44 9.33
CA LYS H 183 19.37 -41.92 10.40
C LYS H 183 20.00 -41.59 11.74
N ALA H 184 19.18 -41.53 12.78
CA ALA H 184 19.62 -41.27 14.17
C ALA H 184 18.54 -41.73 15.15
N ARG H 185 18.92 -41.87 16.40
CA ARG H 185 18.01 -42.01 17.54
C ARG H 185 17.94 -40.69 18.25
N LEU H 186 16.74 -40.31 18.68
CA LEU H 186 16.53 -39.11 19.53
C LEU H 186 16.98 -39.46 20.95
N ASP H 187 18.25 -39.20 21.23
CA ASP H 187 18.91 -39.72 22.45
C ASP H 187 19.51 -38.57 23.26
N LYS H 188 19.19 -37.32 22.91
CA LYS H 188 19.64 -36.16 23.70
C LYS H 188 18.59 -35.05 23.60
N ASP H 189 18.12 -34.58 24.74
CA ASP H 189 17.11 -33.50 24.82
C ASP H 189 17.73 -32.20 24.29
N GLY H 190 16.98 -31.41 23.50
CA GLY H 190 17.45 -30.06 23.12
C GLY H 190 18.66 -30.08 22.18
N ALA H 191 18.89 -31.15 21.44
CA ALA H 191 20.11 -31.27 20.61
C ALA H 191 19.84 -31.65 19.15
N TYR H 192 18.69 -32.24 18.84
CA TYR H 192 18.34 -32.67 17.46
C TYR H 192 17.40 -31.62 16.88
N PRO H 193 17.83 -30.78 15.92
CA PRO H 193 16.94 -29.76 15.39
C PRO H 193 15.74 -30.36 14.63
N VAL H 194 14.59 -29.75 14.86
CA VAL H 194 13.32 -30.16 14.21
C VAL H 194 13.51 -30.08 12.70
N GLU H 195 14.20 -29.05 12.19
CA GLU H 195 14.21 -28.81 10.74
C GLU H 195 15.11 -29.80 10.01
N CYS H 196 15.91 -30.63 10.69
CA CYS H 196 16.77 -31.56 9.93
C CYS H 196 16.53 -33.02 10.27
N TRP H 197 15.52 -33.30 11.08
CA TRP H 197 15.15 -34.68 11.46
C TRP H 197 13.64 -34.79 11.50
N CYS H 198 13.13 -35.91 11.05
CA CYS H 198 11.70 -36.24 11.24
C CYS H 198 11.59 -37.69 11.73
N PRO H 199 10.47 -38.05 12.35
CA PRO H 199 10.26 -39.45 12.73
C PRO H 199 10.41 -40.35 11.50
N ASP H 200 11.16 -41.44 11.66
CA ASP H 200 11.41 -42.40 10.58
C ASP H 200 10.25 -43.39 10.46
N PRO H 201 9.41 -43.30 9.40
CA PRO H 201 8.28 -44.23 9.29
C PRO H 201 8.70 -45.66 8.94
N SER H 202 9.95 -45.86 8.51
CA SER H 202 10.46 -47.20 8.13
C SER H 202 10.92 -47.95 9.38
N ARG H 203 11.01 -47.26 10.52
CA ARG H 203 11.39 -47.90 11.80
C ARG H 203 10.29 -47.63 12.82
N ASN H 204 10.64 -47.37 14.08
CA ASN H 204 9.67 -47.00 15.12
C ASN H 204 8.59 -48.08 15.26
N GLU H 205 8.98 -49.34 15.19
CA GLU H 205 8.05 -50.47 15.46
C GLU H 205 7.54 -50.39 16.91
N ASN H 206 8.33 -49.86 17.84
CA ASN H 206 8.06 -49.93 19.29
C ASN H 206 7.79 -48.53 19.84
N THR H 207 7.40 -47.61 18.97
CA THR H 207 7.03 -46.23 19.34
C THR H 207 5.78 -45.82 18.57
N ARG H 208 4.91 -45.03 19.17
CA ARG H 208 3.79 -44.40 18.44
C ARG H 208 4.08 -42.90 18.39
N TYR H 209 4.10 -42.31 17.22
CA TYR H 209 4.30 -40.84 17.11
C TYR H 209 3.14 -40.23 16.33
N PHE H 210 2.84 -38.99 16.69
CA PHE H 210 1.67 -38.22 16.21
C PHE H 210 2.12 -36.79 15.99
N GLY H 211 2.22 -36.39 14.74
CA GLY H 211 2.77 -35.09 14.33
C GLY H 211 1.83 -34.35 13.42
N THR H 212 1.81 -33.02 13.54
N THR H 212 1.80 -33.03 13.57
CA THR H 212 1.09 -32.13 12.58
CA THR H 212 1.15 -32.13 12.59
C THR H 212 1.89 -30.85 12.36
C THR H 212 2.10 -30.97 12.30
N TYR H 213 1.98 -30.43 11.11
CA TYR H 213 2.65 -29.19 10.67
C TYR H 213 1.57 -28.36 10.02
N THR H 214 1.44 -27.11 10.45
CA THR H 214 0.52 -26.13 9.83
C THR H 214 1.35 -24.89 9.52
N GLY H 215 1.60 -24.62 8.24
CA GLY H 215 2.58 -23.60 7.86
C GLY H 215 1.95 -22.23 7.66
N GLY H 216 2.49 -21.52 6.67
CA GLY H 216 2.08 -20.16 6.33
C GLY H 216 2.77 -19.11 7.19
N GLN H 217 2.42 -17.86 6.94
CA GLN H 217 3.17 -16.70 7.48
C GLN H 217 2.65 -16.22 8.84
N GLN H 218 1.34 -15.96 8.95
CA GLN H 218 0.67 -15.33 10.12
C GLN H 218 -0.51 -16.22 10.51
N THR H 219 -0.42 -17.50 10.23
CA THR H 219 -1.51 -18.48 10.42
C THR H 219 -1.94 -18.51 11.89
N PRO H 220 -3.27 -18.49 12.16
CA PRO H 220 -3.78 -18.63 13.51
C PRO H 220 -3.41 -19.98 14.11
N PRO H 221 -2.72 -20.02 15.26
CA PRO H 221 -2.57 -21.29 15.99
C PRO H 221 -3.92 -21.74 16.55
N VAL H 222 -4.19 -23.04 16.44
CA VAL H 222 -5.44 -23.64 16.96
C VAL H 222 -5.01 -24.71 17.97
N LEU H 223 -5.20 -24.44 19.24
CA LEU H 223 -4.60 -25.24 20.33
C LEU H 223 -5.69 -25.64 21.31
N PRO H 224 -6.10 -26.92 21.36
CA PRO H 224 -7.04 -27.38 22.38
C PRO H 224 -6.30 -27.61 23.69
N PHE H 225 -7.07 -27.59 24.78
CA PHE H 225 -6.57 -27.95 26.13
C PHE H 225 -7.74 -28.59 26.87
N THR H 226 -7.62 -29.87 27.15
CA THR H 226 -8.66 -30.64 27.85
C THR H 226 -8.00 -31.77 28.62
N ASN H 227 -8.70 -32.28 29.62
CA ASN H 227 -8.23 -33.49 30.36
C ASN H 227 -9.11 -34.69 30.04
N THR H 228 -9.85 -34.66 28.93
CA THR H 228 -10.89 -35.68 28.65
C THR H 228 -10.52 -36.55 27.44
N VAL H 229 -9.34 -36.36 26.85
CA VAL H 229 -8.99 -37.06 25.58
C VAL H 229 -7.84 -38.03 25.83
N THR H 230 -8.06 -39.29 25.49
CA THR H 230 -7.10 -40.39 25.62
C THR H 230 -6.70 -40.90 24.22
N THR H 231 -5.40 -41.06 23.96
CA THR H 231 -4.87 -41.71 22.74
C THR H 231 -4.51 -43.13 23.10
N VAL H 232 -5.13 -44.11 22.47
CA VAL H 232 -4.78 -45.54 22.66
C VAL H 232 -3.50 -45.84 21.87
N LEU H 233 -2.57 -46.55 22.49
CA LEU H 233 -1.21 -46.82 21.94
C LEU H 233 -1.09 -48.27 21.46
N LEU H 234 -2.14 -49.06 21.56
CA LEU H 234 -2.13 -50.46 21.08
C LEU H 234 -2.06 -50.47 19.56
N ASP H 235 -1.24 -51.38 19.03
CA ASP H 235 -1.12 -51.63 17.57
C ASP H 235 -2.28 -52.53 17.12
N GLU H 236 -2.25 -52.94 15.84
CA GLU H 236 -3.24 -53.85 15.21
C GLU H 236 -3.42 -55.14 16.01
N ASN H 237 -2.38 -55.64 16.70
CA ASN H 237 -2.42 -56.92 17.45
C ASN H 237 -2.81 -56.69 18.92
N GLY H 238 -3.18 -55.47 19.31
CA GLY H 238 -3.54 -55.13 20.71
C GLY H 238 -2.31 -54.98 21.59
N VAL H 239 -1.15 -54.68 21.02
CA VAL H 239 0.11 -54.57 21.82
C VAL H 239 0.59 -53.13 21.79
N GLY H 240 0.84 -52.56 22.97
CA GLY H 240 1.42 -51.21 23.10
C GLY H 240 2.93 -51.26 23.05
N PRO H 241 3.61 -50.10 23.02
CA PRO H 241 5.07 -50.07 23.17
C PRO H 241 5.49 -50.85 24.42
N LEU H 242 6.57 -51.62 24.27
CA LEU H 242 7.13 -52.48 25.34
C LEU H 242 8.43 -51.84 25.80
N CYS H 243 8.49 -51.54 27.08
CA CYS H 243 9.52 -50.66 27.68
C CYS H 243 10.80 -51.47 27.93
N LYS H 244 11.73 -51.37 26.99
CA LYS H 244 13.05 -52.04 27.09
C LYS H 244 13.82 -51.41 28.24
N GLY H 245 14.47 -52.25 29.06
CA GLY H 245 15.26 -51.77 30.20
C GLY H 245 14.43 -51.04 31.23
N ASP H 246 13.12 -51.31 31.31
CA ASP H 246 12.18 -50.65 32.26
C ASP H 246 12.29 -49.14 32.11
N GLY H 247 12.40 -48.67 30.86
CA GLY H 247 12.39 -47.23 30.53
C GLY H 247 11.23 -46.88 29.60
N LEU H 248 10.53 -45.79 29.92
CA LEU H 248 9.50 -45.19 29.03
C LEU H 248 10.07 -43.97 28.33
N TYR H 249 9.97 -43.92 27.01
CA TYR H 249 10.61 -42.85 26.21
C TYR H 249 9.53 -41.90 25.70
N LEU H 250 9.65 -40.64 26.09
CA LEU H 250 8.71 -39.58 25.70
C LEU H 250 9.45 -38.57 24.86
N SER H 251 8.83 -38.12 23.77
N SER H 251 8.83 -38.07 23.81
CA SER H 251 9.41 -37.16 22.82
CA SER H 251 9.45 -37.01 23.01
C SER H 251 8.33 -36.13 22.43
C SER H 251 8.37 -36.15 22.37
N CYS H 252 8.74 -34.92 22.09
CA CYS H 252 7.78 -33.94 21.54
C CYS H 252 8.46 -32.73 20.95
N VAL H 253 7.67 -32.01 20.17
CA VAL H 253 7.97 -30.59 19.91
C VAL H 253 6.65 -29.86 19.79
N ASP H 254 6.66 -28.61 20.20
CA ASP H 254 5.43 -27.80 20.18
C ASP H 254 5.78 -26.37 19.82
N ILE H 255 6.11 -26.16 18.56
CA ILE H 255 6.30 -24.80 18.01
C ILE H 255 4.93 -24.19 17.81
N CYS H 256 4.64 -23.08 18.49
CA CYS H 256 3.30 -22.44 18.52
C CYS H 256 3.27 -21.20 17.63
N GLY H 257 4.38 -20.81 17.01
CA GLY H 257 4.43 -19.66 16.11
C GLY H 257 5.57 -18.75 16.48
N PHE H 258 5.53 -17.53 15.99
CA PHE H 258 6.58 -16.52 16.22
C PHE H 258 6.03 -15.39 17.06
N TYR H 259 6.93 -14.92 17.93
CA TYR H 259 6.80 -13.61 18.63
C TYR H 259 7.58 -12.57 17.83
N SER H 260 6.93 -11.46 17.48
CA SER H 260 7.58 -10.32 16.80
C SER H 260 7.87 -9.19 17.80
N GLU H 261 9.13 -8.78 17.88
CA GLU H 261 9.52 -7.63 18.73
C GLU H 261 8.89 -6.36 18.17
N GLN H 262 8.24 -5.58 19.03
CA GLN H 262 7.61 -4.30 18.61
C GLN H 262 8.59 -3.39 17.88
N TYR H 263 9.79 -3.18 18.41
CA TYR H 263 10.71 -2.18 17.81
C TYR H 263 11.45 -2.78 16.62
N SER H 264 12.27 -3.81 16.85
CA SER H 264 13.16 -4.36 15.81
C SER H 264 12.33 -5.08 14.75
N GLN H 265 11.19 -5.66 15.14
CA GLN H 265 10.35 -6.53 14.26
C GLN H 265 11.07 -7.86 13.98
N LYS H 266 12.13 -8.16 14.71
CA LYS H 266 12.75 -9.50 14.65
C LYS H 266 11.77 -10.52 15.25
N GLN H 267 11.88 -11.76 14.84
CA GLN H 267 10.98 -12.84 15.28
C GLN H 267 11.75 -13.91 16.04
N HIS H 268 11.05 -14.50 16.99
CA HIS H 268 11.53 -15.60 17.86
C HIS H 268 10.51 -16.72 17.76
N PHE H 269 10.97 -17.95 17.57
CA PHE H 269 10.12 -19.14 17.80
C PHE H 269 9.60 -19.12 19.24
N ARG H 270 8.33 -19.46 19.42
CA ARG H 270 7.72 -19.73 20.75
C ARG H 270 7.31 -21.19 20.82
N GLY H 271 7.76 -21.89 21.85
CA GLY H 271 7.36 -23.26 22.16
C GLY H 271 6.70 -23.31 23.52
N LEU H 272 5.86 -24.31 23.74
CA LEU H 272 5.17 -24.52 25.02
C LEU H 272 5.52 -25.90 25.53
N PRO H 273 5.51 -26.07 26.86
CA PRO H 273 5.77 -27.37 27.46
C PRO H 273 4.63 -28.36 27.18
N ARG H 274 4.92 -29.64 27.33
CA ARG H 274 3.92 -30.68 27.13
C ARG H 274 3.90 -31.63 28.32
N TYR H 275 2.71 -31.93 28.79
CA TYR H 275 2.47 -32.89 29.88
C TYR H 275 2.05 -34.23 29.30
N PHE H 276 2.52 -35.32 29.93
CA PHE H 276 2.16 -36.70 29.56
C PHE H 276 1.66 -37.45 30.79
N SER H 277 0.57 -38.17 30.64
CA SER H 277 0.12 -39.20 31.60
C SER H 277 -0.04 -40.50 30.83
N VAL H 278 0.83 -41.47 31.09
CA VAL H 278 0.89 -42.74 30.33
C VAL H 278 0.44 -43.86 31.26
N SER H 279 -0.55 -44.63 30.83
N SER H 279 -0.55 -44.62 30.81
CA SER H 279 -1.07 -45.80 31.58
CA SER H 279 -1.09 -45.82 31.48
C SER H 279 -0.37 -47.06 31.05
C SER H 279 -0.27 -47.03 31.01
N LEU H 280 0.28 -47.79 31.95
CA LEU H 280 1.05 -49.01 31.61
C LEU H 280 0.48 -50.22 32.33
N ARG H 281 0.65 -51.37 31.70
CA ARG H 281 0.31 -52.68 32.31
C ARG H 281 1.51 -53.62 32.14
N LYS H 282 1.55 -54.68 32.93
CA LYS H 282 2.59 -55.72 32.79
C LYS H 282 2.21 -56.69 31.67
N ARG H 283 3.14 -56.92 30.75
CA ARG H 283 3.00 -57.85 29.62
C ARG H 283 4.04 -58.95 29.79
N LEU H 284 3.62 -60.21 29.69
CA LEU H 284 4.56 -61.34 29.64
C LEU H 284 5.16 -61.43 28.24
N VAL H 285 6.47 -61.67 28.19
CA VAL H 285 7.22 -61.89 26.93
C VAL H 285 8.14 -63.08 27.15
N ARG H 286 8.59 -63.68 26.07
CA ARG H 286 9.65 -64.71 26.16
C ARG H 286 10.96 -64.01 26.48
N ASN H 287 11.66 -64.50 27.49
CA ASN H 287 13.02 -64.06 27.89
C ASN H 287 13.99 -64.39 26.75
N MET I 21 -11.50 -42.77 43.35
CA MET I 21 -11.26 -41.39 42.83
C MET I 21 -10.72 -40.51 43.97
N GLY I 22 -9.46 -40.07 43.86
CA GLY I 22 -8.79 -39.21 44.85
C GLY I 22 -9.05 -39.67 46.28
N GLY I 23 -8.90 -40.97 46.54
CA GLY I 23 -9.03 -41.58 47.88
C GLY I 23 -10.47 -41.89 48.27
N ILE I 24 -11.43 -41.69 47.37
CA ILE I 24 -12.87 -42.05 47.60
C ILE I 24 -13.15 -43.39 46.93
N GLU I 25 -13.63 -44.38 47.68
CA GLU I 25 -14.14 -45.66 47.14
C GLU I 25 -15.56 -45.40 46.63
N VAL I 26 -15.73 -45.45 45.32
CA VAL I 26 -17.02 -45.16 44.66
C VAL I 26 -17.78 -46.47 44.57
N LEU I 27 -19.03 -46.46 45.03
CA LEU I 27 -19.93 -47.65 45.02
C LEU I 27 -21.02 -47.40 43.98
N GLY I 28 -22.23 -47.91 44.21
CA GLY I 28 -23.29 -47.90 43.18
C GLY I 28 -23.99 -46.55 43.10
N VAL I 29 -24.63 -46.31 41.98
CA VAL I 29 -25.60 -45.20 41.81
C VAL I 29 -26.84 -45.44 42.67
N ARG I 30 -27.26 -44.42 43.39
CA ARG I 30 -28.50 -44.41 44.19
C ARG I 30 -29.60 -43.92 43.25
N THR I 31 -30.64 -44.72 43.05
CA THR I 31 -31.76 -44.38 42.15
C THR I 31 -33.03 -44.18 42.98
N GLY I 32 -34.13 -43.91 42.29
CA GLY I 32 -35.46 -43.71 42.87
C GLY I 32 -35.83 -42.25 42.95
N PRO I 33 -36.99 -41.94 43.58
CA PRO I 33 -37.46 -40.56 43.76
C PRO I 33 -36.41 -39.63 44.38
N ASP I 34 -36.27 -38.46 43.76
CA ASP I 34 -35.42 -37.35 44.24
C ASP I 34 -33.94 -37.72 44.15
N SER I 35 -33.56 -38.75 43.37
CA SER I 35 -32.16 -39.23 43.26
C SER I 35 -31.42 -38.44 42.19
N THR I 36 -32.11 -37.62 41.42
CA THR I 36 -31.51 -36.80 40.34
C THR I 36 -31.91 -35.35 40.54
N THR I 37 -31.09 -34.44 40.04
CA THR I 37 -31.47 -33.01 39.98
C THR I 37 -30.72 -32.36 38.82
N THR I 38 -31.25 -31.26 38.31
CA THR I 38 -30.60 -30.44 37.27
C THR I 38 -30.29 -29.08 37.89
N ILE I 39 -29.05 -28.62 37.76
CA ILE I 39 -28.62 -27.27 38.21
C ILE I 39 -28.46 -26.42 36.96
N GLU I 40 -29.09 -25.25 36.95
CA GLU I 40 -28.93 -24.23 35.88
C GLU I 40 -28.23 -23.02 36.49
N ALA I 41 -27.26 -22.47 35.77
CA ALA I 41 -26.48 -21.29 36.21
C ALA I 41 -25.96 -20.56 34.98
N TYR I 42 -25.68 -19.29 35.12
CA TYR I 42 -24.93 -18.55 34.08
C TYR I 42 -23.80 -17.80 34.79
N LEU I 43 -22.71 -17.59 34.06
N LEU I 43 -22.72 -17.54 34.06
CA LEU I 43 -21.56 -16.78 34.51
CA LEU I 43 -21.52 -16.82 34.55
C LEU I 43 -21.38 -15.65 33.51
C LEU I 43 -21.23 -15.67 33.57
N ASN I 44 -21.40 -14.42 34.01
CA ASN I 44 -21.08 -13.24 33.19
C ASN I 44 -19.57 -13.14 33.04
N PRO I 45 -19.11 -12.63 31.88
CA PRO I 45 -17.69 -12.62 31.59
C PRO I 45 -16.94 -11.57 32.38
N ARG I 46 -15.66 -11.81 32.60
CA ARG I 46 -14.77 -10.93 33.38
C ARG I 46 -13.59 -10.52 32.50
N MET I 47 -13.83 -9.57 31.62
CA MET I 47 -12.86 -9.12 30.60
C MET I 47 -11.97 -8.00 31.13
N GLY I 48 -12.24 -7.54 32.36
CA GLY I 48 -11.46 -6.47 33.02
C GLY I 48 -12.38 -5.39 33.54
N THR I 49 -13.52 -5.16 32.89
CA THR I 49 -14.67 -4.39 33.44
C THR I 49 -15.88 -5.33 33.42
N ASP I 50 -16.98 -4.93 34.06
CA ASP I 50 -18.11 -5.83 34.44
C ASP I 50 -19.09 -6.15 33.29
N ASN I 51 -19.00 -5.54 32.11
CA ASN I 51 -20.15 -5.64 31.17
C ASN I 51 -19.68 -6.06 29.76
N GLY I 52 -18.72 -6.95 29.70
CA GLY I 52 -18.46 -7.69 28.45
C GLY I 52 -17.21 -7.22 27.73
N PHE I 53 -16.66 -6.07 28.08
CA PHE I 53 -15.47 -5.52 27.38
C PHE I 53 -14.37 -5.22 28.37
N SER I 54 -13.12 -5.39 27.97
CA SER I 54 -11.99 -4.81 28.72
C SER I 54 -11.98 -3.31 28.49
N GLN I 55 -11.29 -2.59 29.35
CA GLN I 55 -10.83 -1.22 29.05
C GLN I 55 -9.93 -1.30 27.80
N ALA I 56 -9.77 -0.19 27.09
CA ALA I 56 -8.89 -0.16 25.90
C ALA I 56 -7.52 -0.70 26.29
N VAL I 57 -6.97 -1.61 25.49
CA VAL I 57 -5.73 -2.33 25.87
C VAL I 57 -4.52 -1.52 25.49
N THR I 58 -3.62 -1.35 26.45
CA THR I 58 -2.33 -0.67 26.27
C THR I 58 -1.25 -1.73 26.08
N VAL I 59 -0.16 -1.37 25.43
CA VAL I 59 0.89 -2.33 25.01
C VAL I 59 2.23 -1.74 25.38
N ALA I 60 3.02 -2.47 26.14
CA ALA I 60 4.38 -2.07 26.55
C ALA I 60 5.24 -1.84 25.30
N THR I 61 6.22 -0.94 25.37
CA THR I 61 7.20 -0.77 24.26
C THR I 61 8.38 -1.75 24.40
N SER I 62 8.54 -2.37 25.56
CA SER I 62 9.59 -3.37 25.82
C SER I 62 9.08 -4.40 26.84
N LEU I 63 9.85 -5.44 27.11
CA LEU I 63 9.43 -6.51 28.03
C LEU I 63 9.51 -6.03 29.48
N ASN I 64 10.24 -4.94 29.75
CA ASN I 64 10.45 -4.45 31.13
C ASN I 64 10.72 -2.94 31.08
N PRO I 65 9.79 -2.07 31.54
CA PRO I 65 8.59 -2.46 32.28
C PRO I 65 7.39 -2.82 31.39
N ASP I 66 6.56 -3.73 31.89
CA ASP I 66 5.33 -4.23 31.21
C ASP I 66 4.28 -4.35 32.31
N VAL I 67 3.34 -3.41 32.35
CA VAL I 67 2.50 -3.16 33.55
C VAL I 67 1.05 -3.10 33.13
N PRO I 68 0.44 -4.27 32.79
CA PRO I 68 -0.95 -4.28 32.34
C PRO I 68 -1.90 -3.93 33.48
N PRO I 69 -2.74 -2.89 33.31
CA PRO I 69 -3.77 -2.61 34.32
C PRO I 69 -4.75 -3.77 34.46
N LYS I 70 -5.31 -3.96 35.66
CA LYS I 70 -6.35 -4.99 35.90
C LYS I 70 -7.49 -4.86 34.88
N ALA I 71 -7.95 -3.65 34.56
CA ALA I 71 -9.13 -3.41 33.70
C ALA I 71 -8.86 -3.89 32.26
N GLU I 72 -7.62 -4.25 31.93
CA GLU I 72 -7.22 -4.66 30.56
C GLU I 72 -6.89 -6.17 30.49
N LEU I 73 -7.07 -6.91 31.59
CA LEU I 73 -6.72 -8.35 31.68
C LEU I 73 -7.95 -9.23 31.85
N PRO I 74 -8.37 -9.98 30.81
CA PRO I 74 -9.41 -10.97 30.97
C PRO I 74 -9.05 -12.00 32.05
N CYS I 75 -10.05 -12.34 32.85
CA CYS I 75 -9.92 -13.34 33.93
C CYS I 75 -10.93 -14.47 33.76
N TYR I 76 -10.65 -15.58 34.40
CA TYR I 76 -11.63 -16.69 34.47
C TYR I 76 -12.87 -16.28 35.25
N SER I 77 -14.01 -16.80 34.83
CA SER I 77 -15.29 -16.78 35.58
C SER I 77 -15.38 -18.05 36.39
N CYS I 78 -15.99 -17.99 37.57
CA CYS I 78 -16.21 -19.22 38.34
C CYS I 78 -17.30 -19.00 39.38
N ALA I 79 -17.95 -20.08 39.75
CA ALA I 79 -18.96 -20.09 40.83
C ALA I 79 -19.01 -21.47 41.46
N ARG I 80 -19.30 -21.48 42.76
CA ARG I 80 -19.73 -22.68 43.48
C ARG I 80 -21.25 -22.61 43.64
N ILE I 81 -21.94 -23.65 43.21
CA ILE I 81 -23.41 -23.79 43.41
C ILE I 81 -23.62 -24.77 44.57
N GLY I 82 -24.29 -24.32 45.63
CA GLY I 82 -24.71 -25.21 46.73
C GLY I 82 -25.77 -26.18 46.25
N LEU I 83 -25.61 -27.47 46.58
CA LEU I 83 -26.57 -28.54 46.19
C LEU I 83 -27.36 -28.99 47.41
N PRO I 84 -28.48 -29.73 47.22
CA PRO I 84 -29.23 -30.22 48.37
C PRO I 84 -28.33 -31.05 49.30
N MET I 85 -28.36 -30.79 50.62
CA MET I 85 -27.53 -31.54 51.60
C MET I 85 -28.01 -33.01 51.62
N LEU I 86 -27.07 -33.96 51.65
CA LEU I 86 -27.34 -35.39 51.39
C LEU I 86 -27.32 -36.24 52.67
N ASN I 87 -26.46 -35.88 53.61
CA ASN I 87 -26.06 -36.78 54.73
C ASN I 87 -26.29 -36.08 56.07
N GLU I 88 -27.55 -36.07 56.55
CA GLU I 88 -27.90 -35.65 57.94
C GLU I 88 -27.07 -36.49 58.92
N ASP I 89 -26.91 -37.80 58.66
CA ASP I 89 -26.07 -38.74 59.45
C ASP I 89 -24.80 -39.08 58.67
N MET I 90 -23.63 -38.80 59.26
CA MET I 90 -22.30 -39.03 58.68
C MET I 90 -21.54 -40.14 59.42
N THR I 91 -22.23 -40.99 60.17
CA THR I 91 -21.59 -42.10 60.94
C THR I 91 -21.83 -43.46 60.27
N THR I 92 -22.55 -43.50 59.12
CA THR I 92 -22.85 -44.74 58.36
C THR I 92 -21.62 -45.15 57.57
N PRO I 93 -21.42 -46.46 57.30
CA PRO I 93 -20.22 -46.91 56.59
C PRO I 93 -20.22 -46.46 55.11
N GLU I 94 -21.39 -46.11 54.58
CA GLU I 94 -21.51 -45.47 53.24
C GLU I 94 -22.28 -44.16 53.39
N ILE I 95 -21.98 -43.20 52.51
CA ILE I 95 -22.72 -41.92 52.43
C ILE I 95 -22.91 -41.60 50.95
N LEU I 96 -23.65 -40.53 50.70
CA LEU I 96 -24.05 -40.11 49.33
C LEU I 96 -23.24 -38.89 48.91
N MET I 97 -22.91 -38.83 47.63
CA MET I 97 -22.38 -37.60 47.00
C MET I 97 -23.17 -37.35 45.72
N TRP I 98 -23.39 -36.08 45.39
CA TRP I 98 -23.90 -35.72 44.06
C TRP I 98 -22.78 -35.95 43.04
N GLU I 99 -23.16 -36.57 41.94
CA GLU I 99 -22.26 -36.91 40.82
C GLU I 99 -22.77 -36.16 39.59
N ALA I 100 -21.90 -35.36 38.98
CA ALA I 100 -22.25 -34.64 37.74
C ALA I 100 -22.07 -35.59 36.55
N VAL I 101 -23.17 -35.90 35.89
N VAL I 101 -23.14 -35.93 35.85
CA VAL I 101 -23.27 -36.91 34.81
CA VAL I 101 -23.06 -36.96 34.77
C VAL I 101 -22.94 -36.25 33.48
C VAL I 101 -22.99 -36.28 33.40
N SER I 102 -23.56 -35.09 33.23
CA SER I 102 -23.54 -34.43 31.92
C SER I 102 -23.85 -32.95 32.05
N VAL I 103 -23.51 -32.22 31.00
CA VAL I 103 -23.71 -30.76 30.97
C VAL I 103 -24.12 -30.36 29.56
N LYS I 104 -25.09 -29.48 29.50
CA LYS I 104 -25.38 -28.68 28.30
C LYS I 104 -24.91 -27.26 28.59
N THR I 105 -24.10 -26.69 27.73
CA THR I 105 -23.53 -25.35 27.99
C THR I 105 -23.60 -24.58 26.67
N GLU I 106 -23.86 -23.28 26.79
CA GLU I 106 -24.12 -22.40 25.63
C GLU I 106 -23.42 -21.06 25.88
N VAL I 107 -22.73 -20.54 24.88
CA VAL I 107 -22.30 -19.12 24.93
C VAL I 107 -23.52 -18.28 24.54
N VAL I 108 -23.90 -17.35 25.40
CA VAL I 108 -25.12 -16.52 25.22
C VAL I 108 -24.73 -15.18 24.59
N GLY I 109 -25.52 -14.72 23.64
CA GLY I 109 -25.28 -13.42 22.97
C GLY I 109 -24.40 -13.55 21.74
N VAL I 110 -24.27 -14.73 21.15
CA VAL I 110 -23.42 -14.88 19.93
C VAL I 110 -23.96 -13.95 18.84
N THR I 111 -25.26 -13.78 18.74
CA THR I 111 -25.86 -13.01 17.64
C THR I 111 -25.56 -11.52 17.78
N THR I 112 -25.09 -11.06 18.93
CA THR I 112 -24.70 -9.64 19.09
C THR I 112 -23.60 -9.32 18.09
N MET I 113 -22.85 -10.32 17.64
CA MET I 113 -21.68 -10.15 16.74
CA MET I 113 -21.69 -10.05 16.75
C MET I 113 -22.13 -9.95 15.29
N CYS I 114 -23.45 -9.88 15.04
CA CYS I 114 -24.04 -9.44 13.76
C CYS I 114 -24.16 -7.92 13.71
N ASN I 115 -23.78 -7.23 14.78
CA ASN I 115 -23.82 -5.74 14.86
C ASN I 115 -22.61 -5.19 14.10
N VAL I 116 -22.85 -4.42 13.04
CA VAL I 116 -21.75 -3.74 12.31
C VAL I 116 -22.03 -2.24 12.25
N HIS I 117 -22.90 -1.72 13.12
CA HIS I 117 -23.24 -0.27 13.12
C HIS I 117 -22.65 0.45 14.33
N SER I 118 -22.30 -0.24 15.41
CA SER I 118 -21.93 0.42 16.69
C SER I 118 -20.45 0.88 16.72
N ALA I 119 -20.07 1.80 15.83
CA ALA I 119 -18.85 2.66 15.92
C ALA I 119 -17.54 1.86 15.88
N SER I 120 -17.47 0.82 15.05
N SER I 120 -17.47 0.81 15.06
CA SER I 120 -16.19 0.15 14.78
CA SER I 120 -16.19 0.10 14.81
C SER I 120 -15.48 0.74 13.55
C SER I 120 -15.53 0.66 13.54
N ILE I 121 -14.26 0.30 13.30
CA ILE I 121 -13.50 0.73 12.10
C ILE I 121 -14.24 0.23 10.86
N ARG I 122 -14.46 1.10 9.89
CA ARG I 122 -15.30 0.77 8.73
C ARG I 122 -14.48 0.14 7.62
N MET I 123 -15.04 -0.91 7.05
CA MET I 123 -14.52 -1.62 5.88
C MET I 123 -14.70 -0.79 4.61
N ASN I 124 -14.16 -1.27 3.50
CA ASN I 124 -14.20 -0.58 2.19
C ASN I 124 -13.72 0.87 2.33
N GLY I 125 -12.60 1.07 3.01
CA GLY I 125 -11.92 2.37 3.04
C GLY I 125 -12.75 3.43 3.76
N GLY I 126 -13.65 3.01 4.65
CA GLY I 126 -14.52 3.92 5.41
C GLY I 126 -15.95 3.93 4.93
N TYR I 127 -16.25 3.32 3.79
CA TYR I 127 -17.56 3.41 3.09
C TYR I 127 -18.49 2.27 3.51
N GLY I 128 -17.91 1.15 3.92
CA GLY I 128 -18.68 -0.07 4.23
C GLY I 128 -19.12 -0.09 5.68
N VAL I 129 -19.43 -1.28 6.16
CA VAL I 129 -19.91 -1.43 7.56
C VAL I 129 -18.71 -1.51 8.50
N GLY I 130 -18.98 -1.44 9.78
CA GLY I 130 -17.96 -1.61 10.80
C GLY I 130 -17.48 -3.04 10.86
N ARG I 131 -16.18 -3.22 11.14
CA ARG I 131 -15.63 -4.56 11.43
C ARG I 131 -16.44 -5.16 12.55
N PRO I 132 -16.84 -6.43 12.45
CA PRO I 132 -17.43 -7.11 13.59
C PRO I 132 -16.33 -7.43 14.60
N ILE I 133 -16.73 -7.88 15.77
CA ILE I 133 -15.75 -8.33 16.78
C ILE I 133 -15.01 -9.55 16.22
N GLU I 134 -13.68 -9.52 16.22
CA GLU I 134 -12.88 -10.56 15.52
C GLU I 134 -11.49 -10.62 16.13
N GLY I 135 -10.75 -11.66 15.75
CA GLY I 135 -9.42 -11.85 16.31
C GLY I 135 -9.37 -13.03 17.25
N LEU I 136 -8.40 -13.01 18.16
CA LEU I 136 -8.10 -14.24 18.94
C LEU I 136 -9.31 -14.59 19.78
N ASN I 137 -9.55 -15.89 19.87
CA ASN I 137 -10.67 -16.49 20.61
C ASN I 137 -10.06 -17.45 21.61
N CYS I 138 -10.64 -17.51 22.80
CA CYS I 138 -10.24 -18.50 23.81
C CYS I 138 -11.49 -18.88 24.58
N HIS I 139 -11.88 -20.14 24.49
CA HIS I 139 -13.13 -20.66 25.10
C HIS I 139 -12.77 -21.84 25.97
N MET I 140 -13.24 -21.80 27.21
N MET I 140 -13.21 -21.83 27.21
CA MET I 140 -13.05 -22.90 28.17
CA MET I 140 -13.05 -23.01 28.08
C MET I 140 -14.34 -23.04 28.97
C MET I 140 -14.22 -23.07 29.03
N PHE I 141 -14.75 -24.26 29.27
CA PHE I 141 -15.71 -24.49 30.36
C PHE I 141 -15.22 -25.68 31.15
N ALA I 142 -15.57 -25.69 32.43
CA ALA I 142 -15.21 -26.79 33.35
C ALA I 142 -16.33 -27.01 34.35
N VAL I 143 -16.55 -28.27 34.68
CA VAL I 143 -17.53 -28.73 35.69
C VAL I 143 -16.77 -29.68 36.61
N GLY I 144 -16.80 -29.42 37.92
CA GLY I 144 -16.05 -30.25 38.88
C GLY I 144 -16.73 -30.29 40.23
N GLY I 145 -16.23 -31.17 41.09
CA GLY I 145 -16.70 -31.30 42.47
C GLY I 145 -15.81 -30.58 43.46
N GLU I 146 -14.94 -29.71 42.97
CA GLU I 146 -14.04 -28.87 43.79
C GLU I 146 -13.47 -27.81 42.86
N PRO I 147 -12.77 -26.78 43.34
CA PRO I 147 -12.28 -25.74 42.45
C PRO I 147 -11.32 -26.28 41.38
N LEU I 148 -11.39 -25.65 40.21
CA LEU I 148 -10.47 -25.96 39.10
C LEU I 148 -9.05 -25.69 39.57
N GLU I 149 -8.14 -26.61 39.31
CA GLU I 149 -6.72 -26.47 39.67
C GLU I 149 -5.96 -25.85 38.50
N LEU I 150 -5.09 -24.89 38.79
CA LEU I 150 -4.41 -24.06 37.78
C LEU I 150 -2.89 -24.28 37.86
N GLN I 151 -2.25 -24.22 36.71
CA GLN I 151 -0.79 -24.16 36.53
C GLN I 151 -0.46 -22.74 36.09
N GLY I 152 0.51 -22.10 36.75
CA GLY I 152 0.96 -20.77 36.31
C GLY I 152 1.85 -20.89 35.09
N CYS I 153 1.67 -20.00 34.13
CA CYS I 153 2.53 -19.91 32.94
C CYS I 153 2.25 -18.56 32.31
N VAL I 154 3.31 -17.84 31.94
CA VAL I 154 3.18 -16.48 31.35
C VAL I 154 3.96 -16.40 30.06
N GLN I 155 3.64 -15.39 29.25
CA GLN I 155 4.46 -15.13 28.05
C GLN I 155 5.75 -14.37 28.42
N ASN I 156 5.68 -13.48 29.40
CA ASN I 156 6.79 -12.56 29.75
C ASN I 156 6.99 -12.59 31.28
N TRP I 157 8.05 -13.23 31.75
CA TRP I 157 8.28 -13.36 33.20
C TRP I 157 8.59 -11.98 33.82
N SER I 158 8.86 -10.96 33.01
CA SER I 158 9.16 -9.59 33.50
C SER I 158 7.88 -8.79 33.71
N THR I 159 6.72 -9.29 33.31
CA THR I 159 5.43 -8.58 33.50
C THR I 159 5.23 -8.25 34.99
N THR I 160 4.82 -7.02 35.27
CA THR I 160 4.29 -6.61 36.59
C THR I 160 2.77 -6.79 36.57
N TYR I 161 2.25 -7.84 37.18
CA TYR I 161 0.79 -8.01 37.26
C TYR I 161 0.24 -7.03 38.30
N PRO I 162 -1.00 -6.57 38.07
CA PRO I 162 -1.57 -5.53 38.92
C PRO I 162 -2.14 -6.03 40.25
N SER I 163 -2.28 -5.10 41.20
N SER I 163 -2.28 -5.10 41.20
CA SER I 163 -3.11 -5.27 42.41
CA SER I 163 -3.10 -5.30 42.43
C SER I 163 -4.54 -5.60 41.99
C SER I 163 -4.53 -5.60 41.99
N GLY I 164 -5.17 -6.55 42.68
CA GLY I 164 -6.56 -6.91 42.43
C GLY I 164 -6.68 -8.17 41.60
N VAL I 165 -5.57 -8.67 41.03
CA VAL I 165 -5.55 -10.02 40.39
C VAL I 165 -4.61 -10.95 41.17
N VAL I 166 -4.86 -12.26 41.06
CA VAL I 166 -3.97 -13.32 41.56
C VAL I 166 -3.12 -13.82 40.38
N ALA I 167 -1.82 -13.54 40.43
CA ALA I 167 -0.84 -13.96 39.42
C ALA I 167 0.20 -14.84 40.08
N PRO I 168 0.83 -15.74 39.31
CA PRO I 168 1.91 -16.56 39.85
C PRO I 168 3.12 -15.69 40.21
N PRO I 169 3.91 -16.08 41.23
CA PRO I 169 5.19 -15.43 41.45
C PRO I 169 6.08 -15.64 40.22
N LEU I 170 6.85 -14.61 39.86
CA LEU I 170 7.70 -14.55 38.65
C LEU I 170 9.13 -14.23 39.10
N LYS I 171 9.82 -15.25 39.59
CA LYS I 171 11.18 -15.11 40.17
C LYS I 171 12.23 -15.39 39.09
N ASP I 172 11.86 -16.07 38.00
CA ASP I 172 12.80 -16.38 36.92
C ASP I 172 12.00 -16.70 35.65
N ALA I 173 12.70 -16.93 34.56
CA ALA I 173 12.08 -17.09 33.24
C ALA I 173 11.45 -18.49 33.10
N LYS I 174 11.66 -19.42 34.02
CA LYS I 174 11.01 -20.76 33.92
C LYS I 174 9.48 -20.60 33.96
N ALA I 175 8.95 -19.48 34.46
CA ALA I 175 7.51 -19.19 34.50
C ALA I 175 6.94 -19.06 33.09
N GLN I 176 7.80 -18.90 32.09
CA GLN I 176 7.37 -18.84 30.65
C GLN I 176 7.13 -20.24 30.10
N VAL I 177 7.62 -21.26 30.79
CA VAL I 177 7.38 -22.68 30.44
C VAL I 177 6.76 -23.34 31.67
N LEU I 178 7.07 -24.59 31.99
CA LEU I 178 6.40 -25.27 33.14
C LEU I 178 7.35 -25.26 34.35
N ASP I 179 6.99 -24.42 35.33
CA ASP I 179 7.60 -24.43 36.68
C ASP I 179 6.59 -25.06 37.60
N PRO I 180 6.80 -26.33 38.05
CA PRO I 180 5.76 -27.03 38.82
C PRO I 180 5.52 -26.44 40.21
N GLY I 181 6.32 -25.46 40.62
CA GLY I 181 6.05 -24.69 41.86
C GLY I 181 4.95 -23.66 41.72
N LEU I 182 4.43 -23.41 40.52
CA LEU I 182 3.47 -22.30 40.28
C LEU I 182 2.08 -22.90 40.09
N LYS I 183 1.39 -23.08 41.19
CA LYS I 183 0.07 -23.75 41.25
C LYS I 183 -0.92 -22.86 41.96
N ALA I 184 -2.18 -23.04 41.63
CA ALA I 184 -3.27 -22.35 42.34
C ALA I 184 -4.60 -23.07 42.11
N ARG I 185 -5.61 -22.65 42.86
CA ARG I 185 -7.02 -23.04 42.71
C ARG I 185 -7.79 -21.83 42.22
N LEU I 186 -8.71 -22.04 41.28
CA LEU I 186 -9.61 -20.99 40.80
C LEU I 186 -10.69 -20.79 41.86
N ASP I 187 -10.42 -19.89 42.82
CA ASP I 187 -11.24 -19.76 44.05
C ASP I 187 -11.81 -18.34 44.17
N LYS I 188 -11.73 -17.53 43.11
CA LYS I 188 -12.31 -16.17 43.13
C LYS I 188 -12.67 -15.78 41.70
N ASP I 189 -13.91 -15.39 41.50
CA ASP I 189 -14.42 -14.97 40.16
C ASP I 189 -13.74 -13.68 39.73
N GLY I 190 -13.31 -13.55 38.47
CA GLY I 190 -12.82 -12.28 37.93
C GLY I 190 -11.50 -11.83 38.54
N ALA I 191 -10.67 -12.75 39.05
CA ALA I 191 -9.40 -12.39 39.72
C ALA I 191 -8.18 -13.12 39.15
N TYR I 192 -8.36 -14.26 38.47
CA TYR I 192 -7.23 -15.06 37.94
C TYR I 192 -7.12 -14.75 36.45
N PRO I 193 -6.06 -14.03 35.97
CA PRO I 193 -6.01 -13.72 34.55
C PRO I 193 -5.81 -14.98 33.71
N VAL I 194 -6.50 -15.01 32.57
CA VAL I 194 -6.38 -16.12 31.60
C VAL I 194 -4.93 -16.22 31.12
N GLU I 195 -4.23 -15.11 30.92
CA GLU I 195 -2.90 -15.16 30.27
C GLU I 195 -1.82 -15.68 31.22
N CYS I 196 -2.10 -15.83 32.52
CA CYS I 196 -1.01 -16.31 33.41
C CYS I 196 -1.37 -17.61 34.12
N TRP I 197 -2.54 -18.19 33.84
CA TRP I 197 -2.96 -19.48 34.41
C TRP I 197 -3.60 -20.33 33.32
N CYS I 198 -3.35 -21.62 33.37
CA CYS I 198 -4.10 -22.60 32.55
C CYS I 198 -4.55 -23.75 33.43
N PRO I 199 -5.59 -24.51 33.01
CA PRO I 199 -5.98 -25.70 33.75
C PRO I 199 -4.78 -26.63 33.88
N ASP I 200 -4.56 -27.16 35.08
CA ASP I 200 -3.42 -28.03 35.39
C ASP I 200 -3.73 -29.47 35.00
N PRO I 201 -3.13 -30.04 33.93
CA PRO I 201 -3.47 -31.39 33.52
C PRO I 201 -2.92 -32.47 34.45
N SER I 202 -2.03 -32.10 35.36
CA SER I 202 -1.42 -33.05 36.33
C SER I 202 -2.31 -33.19 37.56
N ARG I 203 -3.33 -32.33 37.70
CA ARG I 203 -4.30 -32.45 38.81
C ARG I 203 -5.69 -32.55 38.19
N ASN I 204 -6.71 -31.97 38.79
CA ASN I 204 -8.08 -31.95 38.23
C ASN I 204 -8.58 -33.37 38.00
N GLU I 205 -8.31 -34.29 38.91
CA GLU I 205 -8.89 -35.65 38.86
C GLU I 205 -10.41 -35.60 38.96
N ASN I 206 -10.95 -34.56 39.58
CA ASN I 206 -12.38 -34.47 39.96
C ASN I 206 -13.04 -33.30 39.24
N THR I 207 -12.47 -32.84 38.13
CA THR I 207 -13.04 -31.78 37.28
C THR I 207 -12.84 -32.21 35.82
N ARG I 208 -13.81 -31.92 34.96
CA ARG I 208 -13.60 -32.07 33.51
C ARG I 208 -13.48 -30.67 32.93
N TYR I 209 -12.41 -30.36 32.21
CA TYR I 209 -12.31 -29.04 31.52
C TYR I 209 -12.12 -29.26 30.01
N PHE I 210 -12.64 -28.31 29.27
CA PHE I 210 -12.72 -28.33 27.80
C PHE I 210 -12.35 -26.94 27.31
N GLY I 211 -11.21 -26.82 26.66
CA GLY I 211 -10.67 -25.52 26.23
C GLY I 211 -10.24 -25.53 24.77
N THR I 212 -10.39 -24.39 24.11
N THR I 212 -10.42 -24.40 24.12
CA THR I 212 -9.87 -24.16 22.73
CA THR I 212 -9.82 -24.15 22.80
C THR I 212 -9.35 -22.74 22.60
C THR I 212 -9.20 -22.76 22.81
N TYR I 213 -8.20 -22.58 21.96
CA TYR I 213 -7.61 -21.28 21.62
C TYR I 213 -7.47 -21.24 20.11
N THR I 214 -7.95 -20.18 19.49
CA THR I 214 -7.80 -19.93 18.05
C THR I 214 -7.22 -18.54 17.91
N GLY I 215 -5.98 -18.42 17.48
CA GLY I 215 -5.26 -17.15 17.55
C GLY I 215 -5.38 -16.34 16.29
N GLY I 216 -4.29 -15.63 15.97
CA GLY I 216 -4.24 -14.79 14.78
C GLY I 216 -4.75 -13.39 15.03
N GLN I 217 -4.71 -12.54 14.00
CA GLN I 217 -4.92 -11.08 14.16
C GLN I 217 -6.39 -10.69 13.97
N GLN I 218 -7.01 -11.07 12.85
CA GLN I 218 -8.41 -10.68 12.49
C GLN I 218 -9.25 -11.93 12.24
N THR I 219 -8.89 -13.03 12.89
CA THR I 219 -9.46 -14.37 12.65
C THR I 219 -10.98 -14.35 12.85
N PRO I 220 -11.75 -14.94 11.92
CA PRO I 220 -13.20 -15.03 12.10
C PRO I 220 -13.54 -15.86 13.32
N PRO I 221 -14.34 -15.36 14.29
CA PRO I 221 -14.89 -16.20 15.35
C PRO I 221 -15.89 -17.18 14.73
N VAL I 222 -15.85 -18.43 15.19
CA VAL I 222 -16.84 -19.46 14.77
C VAL I 222 -17.55 -19.95 16.04
N LEU I 223 -18.80 -19.56 16.20
CA LEU I 223 -19.51 -19.74 17.49
C LEU I 223 -20.84 -20.41 17.21
N PRO I 224 -21.01 -21.68 17.62
CA PRO I 224 -22.29 -22.36 17.53
C PRO I 224 -23.19 -21.95 18.70
N PHE I 225 -24.48 -22.08 18.49
CA PHE I 225 -25.47 -21.90 19.57
C PHE I 225 -26.63 -22.84 19.30
N THR I 226 -26.81 -23.81 20.19
CA THR I 226 -27.82 -24.87 20.03
C THR I 226 -28.21 -25.34 21.43
N ASN I 227 -29.39 -25.94 21.55
CA ASN I 227 -29.81 -26.56 22.82
C ASN I 227 -29.87 -28.08 22.68
N THR I 228 -29.17 -28.67 21.71
CA THR I 228 -29.30 -30.10 21.35
C THR I 228 -28.01 -30.87 21.66
N VAL I 229 -26.98 -30.24 22.22
CA VAL I 229 -25.65 -30.89 22.40
C VAL I 229 -25.39 -31.09 23.89
N THR I 230 -25.14 -32.33 24.27
CA THR I 230 -24.81 -32.73 25.66
C THR I 230 -23.35 -33.21 25.72
N THR I 231 -22.59 -32.74 26.72
CA THR I 231 -21.24 -33.25 27.03
C THR I 231 -21.35 -34.23 28.20
N VAL I 232 -20.94 -35.47 28.02
CA VAL I 232 -20.97 -36.48 29.12
C VAL I 232 -19.70 -36.26 29.96
N LEU I 233 -19.84 -36.26 31.28
CA LEU I 233 -18.74 -35.94 32.24
C LEU I 233 -18.21 -37.21 32.91
N LEU I 234 -18.74 -38.38 32.58
CA LEU I 234 -18.28 -39.66 33.15
C LEU I 234 -16.86 -39.96 32.67
N ASP I 235 -16.02 -40.45 33.58
CA ASP I 235 -14.64 -40.91 33.28
C ASP I 235 -14.71 -42.33 32.68
N GLU I 236 -13.53 -42.93 32.44
CA GLU I 236 -13.35 -44.29 31.85
C GLU I 236 -14.08 -45.34 32.70
N ASN I 237 -14.28 -45.10 34.00
CA ASN I 237 -14.96 -46.03 34.93
C ASN I 237 -16.44 -45.71 35.08
N GLY I 238 -16.98 -44.74 34.33
CA GLY I 238 -18.41 -44.37 34.37
C GLY I 238 -18.74 -43.48 35.56
N VAL I 239 -17.75 -42.78 36.09
CA VAL I 239 -17.95 -41.89 37.29
C VAL I 239 -17.71 -40.44 36.89
N GLY I 240 -18.68 -39.59 37.18
CA GLY I 240 -18.62 -38.15 36.96
C GLY I 240 -17.98 -37.45 38.15
N PRO I 241 -17.67 -36.15 38.03
CA PRO I 241 -17.20 -35.38 39.18
C PRO I 241 -18.14 -35.60 40.38
N LEU I 242 -17.51 -35.77 41.55
CA LEU I 242 -18.22 -36.04 42.83
C LEU I 242 -18.12 -34.76 43.68
N CYS I 243 -19.27 -34.22 44.05
CA CYS I 243 -19.38 -32.86 44.61
C CYS I 243 -19.01 -32.88 46.11
N LYS I 244 -17.76 -32.56 46.42
CA LYS I 244 -17.26 -32.51 47.81
C LYS I 244 -17.99 -31.40 48.57
N GLY I 245 -18.52 -31.72 49.76
CA GLY I 245 -19.25 -30.74 50.56
C GLY I 245 -20.53 -30.26 49.88
N ASP I 246 -21.12 -31.07 48.98
CA ASP I 246 -22.39 -30.75 48.27
C ASP I 246 -22.24 -29.42 47.54
N GLY I 247 -21.10 -29.21 46.89
CA GLY I 247 -20.83 -28.04 46.03
C GLY I 247 -20.49 -28.47 44.61
N LEU I 248 -21.09 -27.81 43.63
CA LEU I 248 -20.78 -27.99 42.19
C LEU I 248 -20.00 -26.76 41.71
N TYR I 249 -18.87 -26.98 41.05
CA TYR I 249 -17.93 -25.90 40.68
C TYR I 249 -17.92 -25.73 39.17
N LEU I 250 -18.29 -24.53 38.75
CA LEU I 250 -18.41 -24.14 37.33
C LEU I 250 -17.36 -23.09 37.06
N SER I 251 -16.64 -23.23 35.94
N SER I 251 -16.70 -23.15 35.91
CA SER I 251 -15.58 -22.27 35.53
CA SER I 251 -15.73 -22.10 35.55
C SER I 251 -15.70 -22.05 34.02
C SER I 251 -15.61 -22.05 34.03
N CYS I 252 -15.32 -20.87 33.53
CA CYS I 252 -15.22 -20.66 32.08
C CYS I 252 -14.44 -19.41 31.74
N VAL I 253 -14.13 -19.31 30.46
CA VAL I 253 -13.80 -18.00 29.86
C VAL I 253 -14.24 -18.07 28.41
N ASP I 254 -14.68 -16.95 27.86
CA ASP I 254 -15.18 -16.92 26.46
C ASP I 254 -14.74 -15.60 25.85
N ILE I 255 -13.46 -15.52 25.51
CA ILE I 255 -12.93 -14.36 24.72
C ILE I 255 -13.35 -14.58 23.27
N CYS I 256 -14.10 -13.65 22.71
CA CYS I 256 -14.72 -13.77 21.37
C CYS I 256 -13.99 -12.92 20.34
N GLY I 257 -13.00 -12.14 20.76
CA GLY I 257 -12.16 -11.32 19.89
C GLY I 257 -12.06 -9.90 20.40
N PHE I 258 -11.71 -8.99 19.53
CA PHE I 258 -11.50 -7.56 19.87
C PHE I 258 -12.52 -6.70 19.14
N TYR I 259 -12.98 -5.68 19.85
CA TYR I 259 -13.73 -4.52 19.32
C TYR I 259 -12.73 -3.40 19.07
N SER I 260 -12.72 -2.88 17.85
CA SER I 260 -11.86 -1.74 17.46
C SER I 260 -12.69 -0.45 17.47
N GLU I 261 -12.24 0.55 18.21
CA GLU I 261 -12.93 1.86 18.22
C GLU I 261 -12.74 2.53 16.87
N GLN I 262 -13.80 3.03 16.26
CA GLN I 262 -13.71 3.70 14.92
C GLN I 262 -12.64 4.80 14.92
N TYR I 263 -12.68 5.72 15.88
CA TYR I 263 -11.78 6.90 15.80
C TYR I 263 -10.39 6.53 16.28
N SER I 264 -10.22 6.14 17.55
CA SER I 264 -8.85 5.95 18.11
C SER I 264 -8.19 4.71 17.51
N GLN I 265 -9.00 3.72 17.11
CA GLN I 265 -8.53 2.39 16.61
C GLN I 265 -7.94 1.58 17.78
N LYS I 266 -8.15 2.00 19.02
CA LYS I 266 -7.82 1.16 20.19
C LYS I 266 -8.71 -0.07 20.21
N GLN I 267 -8.22 -1.14 20.81
CA GLN I 267 -8.96 -2.41 20.87
C GLN I 267 -9.30 -2.79 22.32
N HIS I 268 -10.44 -3.44 22.45
CA HIS I 268 -10.98 -3.99 23.70
C HIS I 268 -11.25 -5.48 23.51
N PHE I 269 -10.87 -6.33 24.46
CA PHE I 269 -11.37 -7.72 24.52
C PHE I 269 -12.88 -7.70 24.64
N ARG I 270 -13.58 -8.55 23.91
CA ARG I 270 -15.03 -8.82 24.09
C ARG I 270 -15.20 -10.24 24.61
N GLY I 271 -15.92 -10.40 25.72
CA GLY I 271 -16.32 -11.70 26.24
C GLY I 271 -17.83 -11.83 26.26
N LEU I 272 -18.33 -13.06 26.19
CA LEU I 272 -19.77 -13.33 26.27
C LEU I 272 -20.04 -14.21 27.48
N PRO I 273 -21.26 -14.09 28.05
CA PRO I 273 -21.68 -14.96 29.13
C PRO I 273 -21.85 -16.42 28.68
N ARG I 274 -21.78 -17.32 29.65
CA ARG I 274 -22.00 -18.76 29.41
C ARG I 274 -23.10 -19.28 30.33
N TYR I 275 -23.99 -20.07 29.76
CA TYR I 275 -25.05 -20.80 30.48
C TYR I 275 -24.60 -22.25 30.68
N PHE I 276 -24.96 -22.80 31.83
CA PHE I 276 -24.72 -24.21 32.19
C PHE I 276 -26.02 -24.87 32.64
N SER I 277 -26.29 -26.06 32.15
CA SER I 277 -27.30 -26.99 32.73
C SER I 277 -26.61 -28.29 33.06
N VAL I 278 -26.47 -28.63 34.33
CA VAL I 278 -25.71 -29.82 34.76
C VAL I 278 -26.69 -30.82 35.35
N SER I 279 -26.68 -32.05 34.86
N SER I 279 -26.68 -32.05 34.84
CA SER I 279 -27.54 -33.15 35.39
CA SER I 279 -27.48 -33.20 35.34
C SER I 279 -26.73 -33.97 36.39
C SER I 279 -26.66 -33.91 36.42
N LEU I 280 -27.26 -34.11 37.61
CA LEU I 280 -26.56 -34.84 38.69
C LEU I 280 -27.43 -35.98 39.17
N ARG I 281 -26.76 -36.98 39.73
CA ARG I 281 -27.43 -38.12 40.37
C ARG I 281 -26.71 -38.43 41.67
N LYS I 282 -27.39 -39.12 42.57
CA LYS I 282 -26.80 -39.51 43.86
C LYS I 282 -25.92 -40.74 43.66
N ARG I 283 -24.72 -40.70 44.22
CA ARG I 283 -23.73 -41.80 44.14
C ARG I 283 -23.39 -42.21 45.57
N LEU I 284 -23.48 -43.50 45.87
N LEU I 284 -23.46 -43.51 45.86
CA LEU I 284 -22.99 -44.06 47.14
CA LEU I 284 -22.96 -44.08 47.12
C LEU I 284 -21.46 -44.14 47.09
C LEU I 284 -21.44 -44.13 47.07
N VAL I 285 -20.81 -43.76 48.19
CA VAL I 285 -19.33 -43.88 48.36
C VAL I 285 -19.09 -44.43 49.78
N ARG I 286 -17.94 -45.06 49.96
CA ARG I 286 -17.52 -45.52 51.31
C ARG I 286 -17.22 -44.27 52.15
N ASN I 287 -17.76 -44.19 53.35
CA ASN I 287 -17.49 -43.09 54.31
C ASN I 287 -16.02 -43.22 54.73
N ILE J 24 -45.76 -43.90 -6.24
CA ILE J 24 -45.24 -45.26 -6.61
C ILE J 24 -45.21 -46.14 -5.34
N GLU J 25 -45.96 -47.26 -5.34
CA GLU J 25 -45.83 -48.33 -4.33
C GLU J 25 -44.61 -49.19 -4.70
N VAL J 26 -43.60 -49.19 -3.84
CA VAL J 26 -42.32 -49.89 -4.10
C VAL J 26 -42.43 -51.29 -3.49
N LEU J 27 -42.16 -52.29 -4.30
CA LEU J 27 -42.22 -53.72 -3.91
C LEU J 27 -40.78 -54.22 -3.77
N GLY J 28 -40.54 -55.50 -4.04
CA GLY J 28 -39.25 -56.17 -3.76
C GLY J 28 -38.21 -55.86 -4.83
N VAL J 29 -36.94 -56.01 -4.47
CA VAL J 29 -35.82 -56.01 -5.45
C VAL J 29 -35.86 -57.30 -6.26
N ARG J 30 -35.70 -57.19 -7.56
CA ARG J 30 -35.57 -58.34 -8.48
C ARG J 30 -34.08 -58.69 -8.54
N THR J 31 -33.71 -59.92 -8.18
CA THR J 31 -32.32 -60.43 -8.22
C THR J 31 -32.17 -61.42 -9.36
N GLY J 32 -30.96 -61.98 -9.50
CA GLY J 32 -30.61 -62.97 -10.53
C GLY J 32 -29.68 -62.38 -11.60
N PRO J 33 -29.27 -63.21 -12.58
CA PRO J 33 -28.45 -62.72 -13.69
C PRO J 33 -29.03 -61.48 -14.38
N ASP J 34 -28.16 -60.49 -14.59
CA ASP J 34 -28.48 -59.23 -15.33
C ASP J 34 -29.49 -58.39 -14.54
N SER J 35 -29.62 -58.57 -13.22
CA SER J 35 -30.56 -57.82 -12.35
C SER J 35 -29.89 -56.52 -11.86
N THR J 36 -28.59 -56.40 -12.07
CA THR J 36 -27.82 -55.19 -11.69
C THR J 36 -27.07 -54.71 -12.93
N THR J 37 -26.76 -53.41 -12.97
CA THR J 37 -25.92 -52.84 -14.03
C THR J 37 -25.19 -51.63 -13.47
N THR J 38 -24.05 -51.29 -14.05
CA THR J 38 -23.30 -50.06 -13.69
C THR J 38 -23.26 -49.18 -14.93
N ILE J 39 -23.63 -47.91 -14.79
CA ILE J 39 -23.63 -46.90 -15.89
C ILE J 39 -22.46 -45.97 -15.61
N GLU J 40 -21.59 -45.80 -16.58
CA GLU J 40 -20.47 -44.82 -16.52
C GLU J 40 -20.78 -43.69 -17.49
N ALA J 41 -20.57 -42.45 -17.07
CA ALA J 41 -20.80 -41.27 -17.93
C ALA J 41 -19.93 -40.13 -17.41
N TYR J 42 -19.68 -39.17 -18.26
CA TYR J 42 -19.06 -37.90 -17.81
C TYR J 42 -19.83 -36.76 -18.44
N LEU J 43 -19.82 -35.63 -17.72
N LEU J 43 -19.84 -35.63 -17.73
CA LEU J 43 -20.40 -34.35 -18.17
CA LEU J 43 -20.43 -34.37 -18.24
C LEU J 43 -19.29 -33.31 -18.28
C LEU J 43 -19.34 -33.31 -18.29
N ASN J 44 -19.08 -32.76 -19.47
CA ASN J 44 -18.11 -31.67 -19.66
C ASN J 44 -18.77 -30.39 -19.16
N PRO J 45 -17.95 -29.46 -18.62
CA PRO J 45 -18.50 -28.26 -17.98
C PRO J 45 -19.03 -27.28 -19.01
N ARG J 46 -20.00 -26.46 -18.59
CA ARG J 46 -20.64 -25.42 -19.43
C ARG J 46 -20.44 -24.05 -18.77
N MET J 47 -19.23 -23.51 -18.88
CA MET J 47 -18.85 -22.25 -18.20
C MET J 47 -19.20 -21.04 -19.07
N GLY J 48 -19.63 -21.24 -20.32
CA GLY J 48 -20.04 -20.14 -21.22
C GLY J 48 -19.42 -20.29 -22.59
N THR J 49 -18.28 -20.96 -22.66
CA THR J 49 -17.71 -21.50 -23.93
C THR J 49 -17.48 -23.00 -23.72
N ASP J 50 -17.10 -23.72 -24.79
CA ASP J 50 -17.14 -25.19 -24.85
C ASP J 50 -16.02 -25.87 -24.05
N ASN J 51 -14.92 -25.20 -23.70
CA ASN J 51 -13.68 -25.94 -23.34
C ASN J 51 -13.17 -25.53 -21.95
N GLY J 52 -14.09 -25.28 -21.03
CA GLY J 52 -13.73 -25.23 -19.60
C GLY J 52 -13.71 -23.84 -19.02
N PHE J 53 -13.74 -22.80 -19.85
CA PHE J 53 -13.65 -21.41 -19.37
C PHE J 53 -14.83 -20.60 -19.87
N SER J 54 -15.25 -19.62 -19.07
CA SER J 54 -16.15 -18.57 -19.58
C SER J 54 -15.34 -17.63 -20.46
N GLN J 55 -16.03 -16.87 -21.29
CA GLN J 55 -15.48 -15.61 -21.85
C GLN J 55 -15.06 -14.71 -20.68
N ALA J 56 -14.15 -13.78 -20.93
CA ALA J 56 -13.75 -12.79 -19.91
C ALA J 56 -15.02 -12.13 -19.38
N VAL J 57 -15.14 -12.06 -18.06
CA VAL J 57 -16.40 -11.62 -17.41
C VAL J 57 -16.43 -10.10 -17.33
N THR J 58 -17.53 -9.53 -17.79
CA THR J 58 -17.83 -8.08 -17.70
C THR J 58 -18.74 -7.83 -16.52
N VAL J 59 -18.70 -6.62 -16.00
CA VAL J 59 -19.39 -6.28 -14.73
C VAL J 59 -20.12 -4.97 -14.96
N ALA J 60 -21.42 -4.98 -14.70
CA ALA J 60 -22.26 -3.77 -14.81
C ALA J 60 -21.75 -2.71 -13.83
N THR J 61 -21.97 -1.44 -14.17
CA THR J 61 -21.63 -0.32 -13.26
C THR J 61 -22.78 0.01 -12.33
N SER J 62 -23.96 -0.53 -12.60
CA SER J 62 -25.17 -0.34 -11.75
C SER J 62 -26.05 -1.57 -11.90
N LEU J 63 -27.14 -1.63 -11.14
CA LEU J 63 -28.03 -2.81 -11.15
C LEU J 63 -28.89 -2.80 -12.41
N ASN J 64 -28.95 -1.68 -13.12
CA ASN J 64 -29.84 -1.55 -14.30
C ASN J 64 -29.29 -0.43 -15.18
N PRO J 65 -28.78 -0.70 -16.40
CA PRO J 65 -28.78 -2.03 -17.01
C PRO J 65 -27.66 -2.97 -16.56
N ASP J 66 -27.98 -4.26 -16.51
CA ASP J 66 -27.06 -5.36 -16.11
C ASP J 66 -27.31 -6.50 -17.11
N VAL J 67 -26.43 -6.65 -18.09
CA VAL J 67 -26.72 -7.42 -19.32
C VAL J 67 -25.61 -8.43 -19.56
N PRO J 68 -25.55 -9.52 -18.76
CA PRO J 68 -24.48 -10.51 -18.89
C PRO J 68 -24.63 -11.30 -20.18
N PRO J 69 -23.59 -11.33 -21.04
CA PRO J 69 -23.62 -12.19 -22.22
C PRO J 69 -23.71 -13.66 -21.83
N LYS J 70 -24.33 -14.48 -22.68
CA LYS J 70 -24.42 -15.93 -22.44
C LYS J 70 -23.03 -16.51 -22.21
N ALA J 71 -22.03 -16.05 -22.94
CA ALA J 71 -20.67 -16.66 -22.90
C ALA J 71 -19.98 -16.37 -21.55
N GLU J 72 -20.58 -15.53 -20.71
CA GLU J 72 -20.00 -15.16 -19.40
C GLU J 72 -20.79 -15.77 -18.25
N LEU J 73 -21.76 -16.65 -18.53
CA LEU J 73 -22.67 -17.22 -17.49
C LEU J 73 -22.49 -18.72 -17.40
N PRO J 74 -21.84 -19.26 -16.34
CA PRO J 74 -21.84 -20.69 -16.14
C PRO J 74 -23.24 -21.27 -16.02
N CYS J 75 -23.44 -22.44 -16.61
CA CYS J 75 -24.75 -23.14 -16.65
C CYS J 75 -24.57 -24.56 -16.10
N TYR J 76 -25.68 -25.16 -15.68
CA TYR J 76 -25.66 -26.58 -15.24
C TYR J 76 -25.34 -27.46 -16.43
N SER J 77 -24.59 -28.53 -16.19
CA SER J 77 -24.47 -29.66 -17.13
C SER J 77 -25.56 -30.67 -16.82
N CYS J 78 -26.04 -31.37 -17.84
CA CYS J 78 -26.99 -32.48 -17.60
C CYS J 78 -27.02 -33.44 -18.79
N ALA J 79 -27.39 -34.67 -18.49
CA ALA J 79 -27.60 -35.70 -19.52
C ALA J 79 -28.58 -36.74 -18.99
N ARG J 80 -29.38 -37.25 -19.92
CA ARG J 80 -30.19 -38.47 -19.70
C ARG J 80 -29.45 -39.64 -20.35
N ILE J 81 -29.18 -40.67 -19.55
CA ILE J 81 -28.56 -41.93 -20.02
C ILE J 81 -29.68 -42.96 -20.20
N GLY J 82 -29.83 -43.47 -21.43
CA GLY J 82 -30.80 -44.56 -21.69
C GLY J 82 -30.32 -45.86 -21.05
N LEU J 83 -31.19 -46.54 -20.31
CA LEU J 83 -30.88 -47.82 -19.64
C LEU J 83 -31.54 -48.95 -20.42
N PRO J 84 -31.14 -50.23 -20.15
CA PRO J 84 -31.84 -51.37 -20.77
C PRO J 84 -33.37 -51.33 -20.51
N MET J 85 -34.20 -51.48 -21.55
CA MET J 85 -35.68 -51.40 -21.41
C MET J 85 -36.17 -52.57 -20.53
N LEU J 86 -37.09 -52.31 -19.60
CA LEU J 86 -37.48 -53.30 -18.56
C LEU J 86 -38.86 -53.91 -18.83
N ASN J 87 -39.82 -53.14 -19.35
CA ASN J 87 -41.26 -53.52 -19.29
C ASN J 87 -41.85 -53.72 -20.69
N GLU J 88 -42.33 -54.95 -20.94
CA GLU J 88 -43.03 -55.34 -22.19
C GLU J 88 -44.42 -54.70 -22.18
N ASP J 89 -45.14 -54.88 -21.06
CA ASP J 89 -46.51 -54.40 -20.82
C ASP J 89 -46.44 -53.33 -19.73
N MET J 90 -46.94 -52.12 -20.03
CA MET J 90 -47.01 -51.01 -19.05
C MET J 90 -48.43 -50.90 -18.48
N THR J 91 -49.25 -51.95 -18.68
CA THR J 91 -50.65 -52.04 -18.14
C THR J 91 -50.75 -53.14 -17.08
N THR J 92 -49.67 -53.89 -16.81
CA THR J 92 -49.62 -54.93 -15.74
C THR J 92 -49.77 -54.24 -14.38
N PRO J 93 -50.26 -54.95 -13.35
CA PRO J 93 -50.40 -54.37 -12.02
C PRO J 93 -49.03 -54.10 -11.35
N GLU J 94 -47.98 -54.78 -11.82
CA GLU J 94 -46.58 -54.56 -11.37
C GLU J 94 -45.69 -54.32 -12.60
N ILE J 95 -44.69 -53.43 -12.49
CA ILE J 95 -43.66 -53.21 -13.53
C ILE J 95 -42.29 -53.14 -12.86
N LEU J 96 -41.22 -53.29 -13.63
CA LEU J 96 -39.85 -53.13 -13.10
C LEU J 96 -39.34 -51.72 -13.39
N MET J 97 -38.55 -51.16 -12.48
CA MET J 97 -37.84 -49.89 -12.69
C MET J 97 -36.40 -50.09 -12.26
N TRP J 98 -35.45 -49.53 -13.00
CA TRP J 98 -34.06 -49.42 -12.53
C TRP J 98 -34.01 -48.47 -11.34
N GLU J 99 -33.39 -48.91 -10.25
CA GLU J 99 -33.24 -48.13 -9.00
C GLU J 99 -31.76 -47.82 -8.82
N ALA J 100 -31.44 -46.53 -8.76
CA ALA J 100 -30.05 -46.08 -8.52
C ALA J 100 -29.73 -46.24 -7.04
N VAL J 101 -28.80 -47.15 -6.73
N VAL J 101 -28.80 -47.12 -6.68
CA VAL J 101 -28.43 -47.58 -5.37
CA VAL J 101 -28.53 -47.39 -5.24
C VAL J 101 -27.32 -46.67 -4.82
C VAL J 101 -27.28 -46.64 -4.77
N SER J 102 -26.31 -46.40 -5.64
CA SER J 102 -25.09 -45.68 -5.20
C SER J 102 -24.40 -45.08 -6.40
N VAL J 103 -23.50 -44.14 -6.12
CA VAL J 103 -22.71 -43.48 -7.18
C VAL J 103 -21.31 -43.25 -6.66
N LYS J 104 -20.34 -43.44 -7.55
CA LYS J 104 -18.96 -42.93 -7.38
C LYS J 104 -18.83 -41.79 -8.37
N THR J 105 -18.45 -40.61 -7.91
CA THR J 105 -18.33 -39.44 -8.80
C THR J 105 -17.00 -38.72 -8.49
N GLU J 106 -16.42 -38.15 -9.54
CA GLU J 106 -15.06 -37.60 -9.48
C GLU J 106 -15.02 -36.36 -10.34
N VAL J 107 -14.46 -35.28 -9.83
CA VAL J 107 -14.06 -34.12 -10.66
C VAL J 107 -12.76 -34.50 -11.36
N VAL J 108 -12.78 -34.45 -12.68
CA VAL J 108 -11.65 -34.86 -13.53
C VAL J 108 -10.82 -33.61 -13.88
N GLY J 109 -9.51 -33.75 -13.87
CA GLY J 109 -8.60 -32.67 -14.27
C GLY J 109 -8.21 -31.77 -13.11
N VAL J 110 -8.43 -32.21 -11.87
CA VAL J 110 -8.06 -31.38 -10.69
C VAL J 110 -6.58 -30.99 -10.77
N THR J 111 -5.71 -31.90 -11.20
CA THR J 111 -4.26 -31.63 -11.21
C THR J 111 -3.91 -30.55 -12.23
N THR J 112 -4.77 -30.22 -13.19
CA THR J 112 -4.48 -29.07 -14.09
C THR J 112 -4.22 -27.80 -13.28
N MET J 113 -4.74 -27.72 -12.07
CA MET J 113 -4.67 -26.51 -11.22
CA MET J 113 -4.63 -26.47 -11.29
C MET J 113 -3.30 -26.42 -10.54
N CYS J 114 -2.37 -27.34 -10.85
CA CYS J 114 -0.93 -27.22 -10.47
C CYS J 114 -0.17 -26.40 -11.53
N ASN J 115 -0.84 -25.96 -12.60
CA ASN J 115 -0.23 -25.13 -13.67
C ASN J 115 -0.10 -23.69 -13.16
N VAL J 116 1.13 -23.20 -13.03
CA VAL J 116 1.36 -21.78 -12.66
C VAL J 116 2.20 -21.10 -13.74
N HIS J 117 2.27 -21.66 -14.95
CA HIS J 117 3.11 -21.08 -16.03
C HIS J 117 2.24 -20.51 -17.15
N SER J 118 0.97 -20.87 -17.31
CA SER J 118 0.15 -20.48 -18.49
C SER J 118 -0.46 -19.08 -18.31
N ALA J 119 0.38 -18.04 -18.20
CA ALA J 119 0.04 -16.62 -18.49
C ALA J 119 -1.00 -16.06 -17.52
N SER J 120 -0.91 -16.40 -16.23
N SER J 120 -0.92 -16.40 -16.23
CA SER J 120 -1.73 -15.72 -15.19
CA SER J 120 -1.77 -15.76 -15.18
C SER J 120 -0.95 -14.56 -14.55
C SER J 120 -0.96 -14.67 -14.46
N ILE J 121 -1.64 -13.81 -13.71
CA ILE J 121 -1.00 -12.71 -12.93
C ILE J 121 0.07 -13.29 -12.01
N ARG J 122 1.24 -12.72 -12.03
CA ARG J 122 2.39 -13.31 -11.28
C ARG J 122 2.44 -12.79 -9.85
N MET J 123 2.74 -13.72 -8.95
CA MET J 123 2.95 -13.42 -7.52
C MET J 123 4.32 -12.79 -7.30
N ASN J 124 4.59 -12.40 -6.06
CA ASN J 124 5.86 -11.74 -5.67
C ASN J 124 6.15 -10.54 -6.58
N GLY J 125 5.15 -9.70 -6.83
CA GLY J 125 5.34 -8.42 -7.54
C GLY J 125 5.78 -8.63 -8.98
N GLY J 126 5.45 -9.77 -9.56
CA GLY J 126 5.74 -10.08 -10.96
C GLY J 126 6.90 -11.05 -11.13
N TYR J 127 7.60 -11.40 -10.06
CA TYR J 127 8.81 -12.25 -10.11
C TYR J 127 8.51 -13.73 -9.87
N GLY J 128 7.42 -14.04 -9.19
CA GLY J 128 7.06 -15.41 -8.82
C GLY J 128 6.26 -16.08 -9.93
N VAL J 129 5.57 -17.14 -9.56
CA VAL J 129 4.77 -17.92 -10.52
C VAL J 129 3.39 -17.27 -10.70
N GLY J 130 2.66 -17.73 -11.72
CA GLY J 130 1.29 -17.26 -11.94
C GLY J 130 0.37 -17.71 -10.83
N ARG J 131 -0.60 -16.87 -10.49
CA ARG J 131 -1.71 -17.28 -9.60
C ARG J 131 -2.34 -18.53 -10.17
N PRO J 132 -2.61 -19.56 -9.36
CA PRO J 132 -3.43 -20.65 -9.83
C PRO J 132 -4.90 -20.22 -9.89
N ILE J 133 -5.69 -21.07 -10.50
CA ILE J 133 -7.17 -20.91 -10.49
C ILE J 133 -7.62 -20.81 -9.04
N GLU J 134 -8.36 -19.78 -8.68
CA GLU J 134 -8.78 -19.62 -7.28
C GLU J 134 -10.01 -18.71 -7.19
N GLY J 135 -10.60 -18.66 -6.01
CA GLY J 135 -11.81 -17.85 -5.78
C GLY J 135 -13.02 -18.73 -5.61
N LEU J 136 -14.19 -18.18 -5.89
CA LEU J 136 -15.43 -18.88 -5.51
C LEU J 136 -15.49 -20.24 -6.22
N ASN J 137 -15.99 -21.22 -5.48
CA ASN J 137 -16.19 -22.61 -5.91
C ASN J 137 -17.67 -22.93 -5.74
N CYS J 138 -18.21 -23.66 -6.68
CA CYS J 138 -19.58 -24.15 -6.54
C CYS J 138 -19.62 -25.53 -7.18
N HIS J 139 -19.89 -26.54 -6.39
CA HIS J 139 -19.86 -27.96 -6.81
C HIS J 139 -21.18 -28.59 -6.47
N MET J 140 -21.82 -29.18 -7.46
N MET J 140 -21.82 -29.20 -7.46
CA MET J 140 -23.05 -29.96 -7.22
CA MET J 140 -23.10 -29.91 -7.23
C MET J 140 -23.02 -31.17 -8.14
C MET J 140 -23.13 -31.12 -8.16
N PHE J 141 -23.52 -32.29 -7.65
CA PHE J 141 -23.91 -33.39 -8.54
C PHE J 141 -25.26 -33.90 -8.09
N ALA J 142 -25.99 -34.44 -9.05
CA ALA J 142 -27.33 -35.00 -8.79
C ALA J 142 -27.53 -36.24 -9.65
N VAL J 143 -28.18 -37.22 -9.06
CA VAL J 143 -28.57 -38.48 -9.73
C VAL J 143 -30.06 -38.68 -9.47
N GLY J 144 -30.83 -38.85 -10.54
CA GLY J 144 -32.28 -39.01 -10.37
C GLY J 144 -32.90 -39.85 -11.47
N GLY J 145 -34.17 -40.13 -11.27
CA GLY J 145 -34.99 -40.91 -12.23
C GLY J 145 -35.81 -40.03 -13.16
N GLU J 146 -35.59 -38.72 -13.14
CA GLU J 146 -36.31 -37.72 -13.95
C GLU J 146 -35.47 -36.45 -13.87
N PRO J 147 -35.75 -35.44 -14.69
CA PRO J 147 -34.97 -34.21 -14.65
C PRO J 147 -34.93 -33.57 -13.26
N LEU J 148 -33.77 -33.01 -12.92
CA LEU J 148 -33.64 -32.18 -11.69
C LEU J 148 -34.66 -31.04 -11.72
N GLU J 149 -35.34 -30.82 -10.62
CA GLU J 149 -36.34 -29.73 -10.52
C GLU J 149 -35.66 -28.49 -9.92
N LEU J 150 -35.91 -27.34 -10.53
CA LEU J 150 -35.23 -26.07 -10.19
C LEU J 150 -36.20 -25.05 -9.61
N GLN J 151 -35.70 -24.25 -8.68
CA GLN J 151 -36.34 -23.04 -8.15
C GLN J 151 -35.59 -21.84 -8.72
N GLY J 152 -36.30 -20.87 -9.28
CA GLY J 152 -35.67 -19.61 -9.72
C GLY J 152 -35.34 -18.75 -8.53
N CYS J 153 -34.16 -18.14 -8.56
CA CYS J 153 -33.74 -17.17 -7.53
C CYS J 153 -32.54 -16.44 -8.12
N VAL J 154 -32.51 -15.12 -8.03
CA VAL J 154 -31.44 -14.29 -8.63
C VAL J 154 -30.86 -13.34 -7.58
N GLN J 155 -29.67 -12.81 -7.84
CA GLN J 155 -29.12 -11.77 -6.96
C GLN J 155 -29.75 -10.41 -7.29
N ASN J 156 -30.01 -10.15 -8.57
CA ASN J 156 -30.48 -8.81 -9.04
C ASN J 156 -31.69 -9.02 -9.94
N TRP J 157 -32.88 -8.69 -9.46
CA TRP J 157 -34.10 -8.91 -10.26
C TRP J 157 -34.08 -8.02 -11.52
N SER J 158 -33.24 -6.98 -11.57
CA SER J 158 -33.17 -6.07 -12.74
C SER J 158 -32.25 -6.64 -13.83
N THR J 159 -31.58 -7.77 -13.60
CA THR J 159 -30.68 -8.34 -14.63
C THR J 159 -31.49 -8.63 -15.91
N THR J 160 -30.93 -8.30 -17.06
CA THR J 160 -31.41 -8.76 -18.38
C THR J 160 -30.62 -10.02 -18.75
N TYR J 161 -31.21 -11.20 -18.60
CA TYR J 161 -30.55 -12.46 -19.03
C TYR J 161 -30.60 -12.55 -20.55
N PRO J 162 -29.56 -13.15 -21.16
CA PRO J 162 -29.44 -13.21 -22.62
C PRO J 162 -30.41 -14.21 -23.27
N SER J 163 -30.80 -13.98 -24.53
CA SER J 163 -31.92 -14.75 -25.14
C SER J 163 -31.59 -16.26 -25.27
N GLY J 164 -30.32 -16.64 -25.29
CA GLY J 164 -29.91 -18.05 -25.46
C GLY J 164 -29.81 -18.85 -24.15
N VAL J 165 -30.22 -18.28 -23.02
CA VAL J 165 -30.32 -19.07 -21.76
C VAL J 165 -31.77 -19.10 -21.31
N VAL J 166 -32.09 -20.12 -20.51
CA VAL J 166 -33.42 -20.22 -19.84
C VAL J 166 -33.24 -19.57 -18.48
N ALA J 167 -33.93 -18.46 -18.24
CA ALA J 167 -33.89 -17.72 -16.97
C ALA J 167 -35.32 -17.54 -16.48
N PRO J 168 -35.52 -17.41 -15.15
CA PRO J 168 -36.84 -17.18 -14.60
C PRO J 168 -37.36 -15.83 -15.06
N PRO J 169 -38.69 -15.67 -15.24
CA PRO J 169 -39.26 -14.35 -15.44
C PRO J 169 -38.92 -13.51 -14.20
N LEU J 170 -38.59 -12.23 -14.42
CA LEU J 170 -38.22 -11.27 -13.36
C LEU J 170 -39.18 -10.07 -13.41
N LYS J 171 -40.35 -10.24 -12.80
CA LYS J 171 -41.43 -9.21 -12.83
C LYS J 171 -41.37 -8.35 -11.58
N ASP J 172 -40.65 -8.77 -10.54
CA ASP J 172 -40.53 -7.99 -9.29
C ASP J 172 -39.37 -8.54 -8.48
N ALA J 173 -39.09 -7.92 -7.34
CA ALA J 173 -37.87 -8.19 -6.55
C ALA J 173 -38.03 -9.47 -5.75
N LYS J 174 -39.22 -10.09 -5.67
CA LYS J 174 -39.39 -11.36 -4.92
C LYS J 174 -38.52 -12.46 -5.56
N ALA J 175 -38.09 -12.29 -6.82
CA ALA J 175 -37.21 -13.25 -7.52
C ALA J 175 -35.84 -13.31 -6.83
N GLN J 176 -35.54 -12.33 -5.98
CA GLN J 176 -34.26 -12.33 -5.21
C GLN J 176 -34.37 -13.22 -3.98
N VAL J 177 -35.58 -13.58 -3.59
CA VAL J 177 -35.82 -14.51 -2.47
C VAL J 177 -36.64 -15.67 -3.06
N LEU J 178 -37.61 -16.23 -2.34
CA LEU J 178 -38.35 -17.41 -2.86
C LEU J 178 -39.72 -16.97 -3.37
N ASP J 179 -39.86 -16.94 -4.70
CA ASP J 179 -41.16 -16.77 -5.37
C ASP J 179 -41.55 -18.15 -5.89
N PRO J 180 -42.56 -18.82 -5.28
CA PRO J 180 -42.92 -20.19 -5.64
C PRO J 180 -43.44 -20.33 -7.07
N GLY J 181 -43.73 -19.21 -7.73
CA GLY J 181 -44.15 -19.20 -9.14
C GLY J 181 -43.01 -19.47 -10.10
N LEU J 182 -41.74 -19.42 -9.66
CA LEU J 182 -40.57 -19.49 -10.57
C LEU J 182 -39.96 -20.88 -10.47
N LYS J 183 -40.42 -21.78 -11.33
CA LYS J 183 -40.00 -23.20 -11.31
C LYS J 183 -39.56 -23.60 -12.71
N ALA J 184 -38.73 -24.63 -12.77
CA ALA J 184 -38.28 -25.20 -14.05
C ALA J 184 -37.75 -26.61 -13.81
N ARG J 185 -37.52 -27.30 -14.92
CA ARG J 185 -36.83 -28.60 -14.96
C ARG J 185 -35.53 -28.42 -15.73
N LEU J 186 -34.45 -29.01 -15.23
CA LEU J 186 -33.15 -28.99 -15.93
C LEU J 186 -33.23 -29.97 -17.10
N ASP J 187 -33.61 -29.46 -18.27
CA ASP J 187 -33.95 -30.30 -19.46
C ASP J 187 -33.11 -29.86 -20.67
N LYS J 188 -32.12 -29.00 -20.49
CA LYS J 188 -31.20 -28.56 -21.57
C LYS J 188 -29.82 -28.38 -20.97
N ASP J 189 -28.85 -29.09 -21.50
CA ASP J 189 -27.43 -28.98 -21.04
C ASP J 189 -26.91 -27.60 -21.44
N GLY J 190 -26.17 -26.93 -20.57
CA GLY J 190 -25.51 -25.66 -20.92
C GLY J 190 -26.47 -24.52 -21.19
N ALA J 191 -27.68 -24.51 -20.65
CA ALA J 191 -28.65 -23.45 -20.97
C ALA J 191 -29.27 -22.80 -19.72
N TYR J 192 -29.21 -23.47 -18.57
CA TYR J 192 -29.81 -22.96 -17.31
C TYR J 192 -28.69 -22.37 -16.47
N PRO J 193 -28.58 -21.04 -16.32
CA PRO J 193 -27.47 -20.46 -15.55
C PRO J 193 -27.52 -20.89 -14.09
N VAL J 194 -26.35 -21.19 -13.54
CA VAL J 194 -26.20 -21.54 -12.11
C VAL J 194 -26.74 -20.39 -11.26
N GLU J 195 -26.50 -19.14 -11.65
CA GLU J 195 -26.75 -17.99 -10.75
C GLU J 195 -28.25 -17.67 -10.69
N CYS J 196 -29.13 -18.24 -11.52
CA CYS J 196 -30.58 -17.89 -11.43
C CYS J 196 -31.47 -19.12 -11.18
N TRP J 197 -30.89 -20.27 -10.93
CA TRP J 197 -31.63 -21.50 -10.58
C TRP J 197 -30.87 -22.26 -9.51
N CYS J 198 -31.59 -22.86 -8.58
CA CYS J 198 -31.02 -23.81 -7.61
C CYS J 198 -31.93 -25.02 -7.54
N PRO J 199 -31.41 -26.17 -7.07
CA PRO J 199 -32.25 -27.34 -6.87
C PRO J 199 -33.42 -26.99 -5.95
N ASP J 200 -34.62 -27.44 -6.33
CA ASP J 200 -35.86 -27.12 -5.58
C ASP J 200 -36.01 -28.12 -4.44
N PRO J 201 -35.84 -27.71 -3.17
CA PRO J 201 -35.99 -28.66 -2.07
C PRO J 201 -37.44 -29.07 -1.80
N SER J 202 -38.40 -28.40 -2.43
CA SER J 202 -39.85 -28.69 -2.26
C SER J 202 -40.29 -29.78 -3.23
N ARG J 203 -39.43 -30.13 -4.19
CA ARG J 203 -39.70 -31.20 -5.19
C ARG J 203 -38.52 -32.17 -5.12
N ASN J 204 -38.11 -32.74 -6.24
CA ASN J 204 -36.95 -33.66 -6.29
C ASN J 204 -37.14 -34.85 -5.35
N GLU J 205 -38.36 -35.38 -5.20
CA GLU J 205 -38.60 -36.62 -4.43
C GLU J 205 -37.83 -37.79 -5.07
N ASN J 206 -37.56 -37.74 -6.36
CA ASN J 206 -36.98 -38.87 -7.12
C ASN J 206 -35.56 -38.55 -7.63
N THR J 207 -34.91 -37.58 -7.00
CA THR J 207 -33.52 -37.19 -7.31
C THR J 207 -32.78 -36.99 -5.99
N ARG J 208 -31.52 -37.37 -5.93
CA ARG J 208 -30.64 -36.95 -4.81
C ARG J 208 -29.67 -35.91 -5.35
N TYR J 209 -29.59 -34.75 -4.72
CA TYR J 209 -28.62 -33.70 -5.14
C TYR J 209 -27.76 -33.33 -3.94
N PHE J 210 -26.51 -33.01 -4.23
CA PHE J 210 -25.43 -32.73 -3.25
C PHE J 210 -24.66 -31.52 -3.73
N GLY J 211 -24.80 -30.40 -3.05
CA GLY J 211 -24.22 -29.13 -3.47
C GLY J 211 -23.42 -28.48 -2.37
N THR J 212 -22.33 -27.85 -2.73
N THR J 212 -22.35 -27.79 -2.74
CA THR J 212 -21.64 -26.91 -1.83
CA THR J 212 -21.50 -26.99 -1.82
C THR J 212 -21.33 -25.63 -2.61
C THR J 212 -21.07 -25.70 -2.51
N TYR J 213 -21.30 -24.54 -1.88
CA TYR J 213 -20.79 -23.23 -2.35
C TYR J 213 -19.75 -22.77 -1.35
N THR J 214 -18.57 -22.40 -1.83
CA THR J 214 -17.49 -21.82 -1.00
C THR J 214 -17.08 -20.51 -1.66
N GLY J 215 -17.39 -19.39 -1.06
CA GLY J 215 -17.25 -18.10 -1.73
C GLY J 215 -15.93 -17.42 -1.46
N GLY J 216 -16.00 -16.09 -1.37
CA GLY J 216 -14.83 -15.22 -1.16
C GLY J 216 -14.10 -14.91 -2.45
N GLN J 217 -13.02 -14.16 -2.32
CA GLN J 217 -12.34 -13.49 -3.45
C GLN J 217 -11.25 -14.36 -4.07
N GLN J 218 -10.29 -14.81 -3.27
CA GLN J 218 -9.10 -15.56 -3.77
C GLN J 218 -9.01 -16.88 -3.00
N THR J 219 -10.14 -17.38 -2.55
CA THR J 219 -10.23 -18.59 -1.70
C THR J 219 -9.54 -19.78 -2.34
N PRO J 220 -8.73 -20.55 -1.57
CA PRO J 220 -8.13 -21.77 -2.09
C PRO J 220 -9.17 -22.79 -2.48
N PRO J 221 -9.20 -23.31 -3.73
CA PRO J 221 -10.01 -24.49 -4.03
C PRO J 221 -9.46 -25.70 -3.28
N VAL J 222 -10.35 -26.51 -2.72
CA VAL J 222 -9.99 -27.77 -2.02
C VAL J 222 -10.71 -28.90 -2.74
N LEU J 223 -9.99 -29.70 -3.50
CA LEU J 223 -10.62 -30.65 -4.45
C LEU J 223 -10.00 -32.02 -4.24
N PRO J 224 -10.75 -32.98 -3.69
CA PRO J 224 -10.27 -34.35 -3.58
C PRO J 224 -10.43 -35.07 -4.92
N PHE J 225 -9.64 -36.11 -5.11
CA PHE J 225 -9.78 -37.01 -6.27
C PHE J 225 -9.37 -38.40 -5.81
N THR J 226 -10.33 -39.33 -5.83
CA THR J 226 -10.11 -40.70 -5.34
C THR J 226 -11.07 -41.61 -6.09
N ASN J 227 -10.79 -42.89 -6.12
CA ASN J 227 -11.75 -43.87 -6.66
C ASN J 227 -12.31 -44.76 -5.54
N THR J 228 -12.26 -44.33 -4.27
CA THR J 228 -12.57 -45.19 -3.11
C THR J 228 -13.81 -44.72 -2.37
N VAL J 229 -14.51 -43.69 -2.86
CA VAL J 229 -15.63 -43.10 -2.07
C VAL J 229 -16.94 -43.33 -2.82
N THR J 230 -17.90 -43.93 -2.13
CA THR J 230 -19.24 -44.25 -2.67
C THR J 230 -20.26 -43.42 -1.91
N THR J 231 -21.14 -42.73 -2.63
CA THR J 231 -22.33 -42.03 -2.08
C THR J 231 -23.53 -42.96 -2.21
N VAL J 232 -24.17 -43.36 -1.12
CA VAL J 232 -25.40 -44.19 -1.14
C VAL J 232 -26.57 -43.27 -1.47
N LEU J 233 -27.43 -43.68 -2.41
CA LEU J 233 -28.57 -42.86 -2.93
C LEU J 233 -29.91 -43.34 -2.35
N LEU J 234 -29.88 -44.38 -1.53
CA LEU J 234 -31.11 -44.87 -0.85
C LEU J 234 -31.63 -43.80 0.09
N ASP J 235 -32.95 -43.63 0.13
CA ASP J 235 -33.62 -42.68 1.06
C ASP J 235 -33.81 -43.37 2.41
N GLU J 236 -34.53 -42.71 3.34
CA GLU J 236 -34.79 -43.18 4.73
C GLU J 236 -35.44 -44.57 4.71
N ASN J 237 -36.16 -44.92 3.63
CA ASN J 237 -36.92 -46.19 3.47
C ASN J 237 -36.14 -47.24 2.68
N GLY J 238 -34.88 -46.96 2.31
CA GLY J 238 -34.03 -47.93 1.59
C GLY J 238 -34.31 -47.97 0.09
N VAL J 239 -34.88 -46.90 -0.48
CA VAL J 239 -35.24 -46.84 -1.92
C VAL J 239 -34.41 -45.74 -2.60
N GLY J 240 -33.73 -46.10 -3.67
CA GLY J 240 -33.00 -45.12 -4.50
C GLY J 240 -33.91 -44.49 -5.53
N PRO J 241 -33.43 -43.46 -6.26
CA PRO J 241 -34.15 -42.94 -7.42
C PRO J 241 -34.58 -44.04 -8.38
N LEU J 242 -35.83 -43.94 -8.85
CA LEU J 242 -36.45 -44.93 -9.76
C LEU J 242 -36.55 -44.32 -11.15
N CYS J 243 -35.97 -44.97 -12.13
CA CYS J 243 -35.68 -44.36 -13.45
C CYS J 243 -36.94 -44.43 -14.32
N LYS J 244 -37.68 -43.32 -14.38
CA LYS J 244 -38.90 -43.23 -15.22
C LYS J 244 -38.50 -43.34 -16.70
N GLY J 245 -39.22 -44.16 -17.47
CA GLY J 245 -38.94 -44.38 -18.90
C GLY J 245 -37.56 -44.96 -19.14
N ASP J 246 -36.98 -45.64 -18.14
CA ASP J 246 -35.65 -46.29 -18.23
C ASP J 246 -34.59 -45.24 -18.56
N GLY J 247 -34.74 -44.05 -17.96
CA GLY J 247 -33.80 -42.93 -18.10
C GLY J 247 -33.13 -42.66 -16.76
N LEU J 248 -31.80 -42.57 -16.79
CA LEU J 248 -31.01 -42.10 -15.63
C LEU J 248 -30.57 -40.66 -15.87
N TYR J 249 -30.87 -39.77 -14.94
CA TYR J 249 -30.67 -38.31 -15.13
C TYR J 249 -29.52 -37.84 -14.24
N LEU J 250 -28.46 -37.36 -14.89
CA LEU J 250 -27.23 -36.88 -14.21
C LEU J 250 -27.15 -35.38 -14.43
N SER J 251 -26.82 -34.65 -13.37
N SER J 251 -26.76 -34.65 -13.41
CA SER J 251 -26.69 -33.18 -13.39
CA SER J 251 -26.57 -33.18 -13.56
C SER J 251 -25.44 -32.78 -12.62
C SER J 251 -25.50 -32.72 -12.58
N CYS J 252 -24.83 -31.65 -12.96
CA CYS J 252 -23.74 -31.13 -12.12
C CYS J 252 -23.38 -29.71 -12.49
N VAL J 253 -22.59 -29.13 -11.59
CA VAL J 253 -21.76 -27.96 -11.96
C VAL J 253 -20.52 -28.02 -11.09
N ASP J 254 -19.40 -27.59 -11.63
CA ASP J 254 -18.11 -27.65 -10.92
C ASP J 254 -17.32 -26.40 -11.28
N ILE J 255 -17.73 -25.27 -10.73
CA ILE J 255 -16.96 -24.02 -10.84
C ILE J 255 -15.79 -24.13 -9.86
N CYS J 256 -14.56 -24.04 -10.36
CA CYS J 256 -13.35 -24.29 -9.55
C CYS J 256 -12.64 -22.98 -9.21
N GLY J 257 -13.14 -21.85 -9.70
CA GLY J 257 -12.57 -20.53 -9.44
C GLY J 257 -12.39 -19.73 -10.70
N PHE J 258 -11.55 -18.71 -10.64
CA PHE J 258 -11.27 -17.81 -11.76
C PHE J 258 -9.83 -17.94 -12.19
N TYR J 259 -9.65 -17.87 -13.49
CA TYR J 259 -8.37 -17.60 -14.17
C TYR J 259 -8.24 -16.10 -14.44
N SER J 260 -7.11 -15.53 -14.03
CA SER J 260 -6.80 -14.10 -14.26
C SER J 260 -5.79 -13.98 -15.39
N GLU J 261 -6.11 -13.23 -16.44
CA GLU J 261 -5.15 -13.00 -17.54
C GLU J 261 -3.99 -12.13 -17.05
N GLN J 262 -2.76 -12.52 -17.33
CA GLN J 262 -1.58 -11.76 -16.87
C GLN J 262 -1.67 -10.29 -17.29
N TYR J 263 -1.94 -10.00 -18.55
CA TYR J 263 -1.86 -8.62 -19.06
C TYR J 263 -3.13 -7.84 -18.68
N SER J 264 -4.30 -8.23 -19.19
CA SER J 264 -5.54 -7.45 -18.98
C SER J 264 -5.99 -7.51 -17.53
N GLN J 265 -5.71 -8.61 -16.83
CA GLN J 265 -6.19 -8.92 -15.46
C GLN J 265 -7.69 -9.19 -15.49
N LYS J 266 -8.28 -9.39 -16.66
CA LYS J 266 -9.66 -9.90 -16.74
C LYS J 266 -9.70 -11.32 -16.18
N GLN J 267 -10.89 -11.71 -15.72
CA GLN J 267 -11.10 -13.05 -15.12
C GLN J 267 -12.10 -13.86 -15.92
N HIS J 268 -11.88 -15.16 -15.91
CA HIS J 268 -12.73 -16.18 -16.55
C HIS J 268 -13.09 -17.22 -15.50
N PHE J 269 -14.35 -17.63 -15.45
CA PHE J 269 -14.72 -18.84 -14.69
C PHE J 269 -13.97 -20.03 -15.28
N ARG J 270 -13.50 -20.92 -14.42
CA ARG J 270 -12.94 -22.24 -14.81
C ARG J 270 -13.82 -23.33 -14.22
N GLY J 271 -14.23 -24.27 -15.06
CA GLY J 271 -14.98 -25.46 -14.64
C GLY J 271 -14.27 -26.71 -15.09
N LEU J 272 -14.54 -27.81 -14.41
CA LEU J 272 -13.90 -29.10 -14.73
C LEU J 272 -15.00 -30.10 -15.00
N PRO J 273 -14.69 -31.11 -15.83
CA PRO J 273 -15.61 -32.21 -16.07
C PRO J 273 -15.83 -33.07 -14.82
N ARG J 274 -16.96 -33.78 -14.82
CA ARG J 274 -17.34 -34.68 -13.73
C ARG J 274 -17.68 -36.05 -14.30
N TYR J 275 -17.08 -37.06 -13.72
CA TYR J 275 -17.34 -38.48 -14.04
C TYR J 275 -18.34 -39.05 -13.04
N PHE J 276 -19.24 -39.91 -13.52
CA PHE J 276 -20.21 -40.66 -12.69
C PHE J 276 -20.13 -42.15 -12.98
N SER J 277 -20.15 -42.97 -11.93
CA SER J 277 -20.36 -44.43 -12.04
C SER J 277 -21.53 -44.75 -11.12
N VAL J 278 -22.67 -45.14 -11.69
CA VAL J 278 -23.92 -45.34 -10.93
C VAL J 278 -24.27 -46.82 -10.96
N SER J 279 -24.49 -47.40 -9.79
N SER J 279 -24.48 -47.39 -9.77
CA SER J 279 -24.89 -48.81 -9.61
CA SER J 279 -24.89 -48.80 -9.54
C SER J 279 -26.40 -48.90 -9.48
C SER J 279 -26.42 -48.87 -9.49
N LEU J 280 -27.04 -49.69 -10.34
CA LEU J 280 -28.51 -49.82 -10.39
C LEU J 280 -28.90 -51.29 -10.23
N ARG J 281 -30.09 -51.46 -9.69
CA ARG J 281 -30.70 -52.80 -9.55
C ARG J 281 -32.16 -52.70 -10.00
N LYS J 282 -32.74 -53.82 -10.40
CA LYS J 282 -34.15 -53.86 -10.84
C LYS J 282 -35.04 -53.90 -9.60
N ARG J 283 -36.02 -53.02 -9.57
CA ARG J 283 -37.00 -52.91 -8.46
C ARG J 283 -38.40 -53.13 -9.02
N LEU J 284 -39.17 -54.01 -8.37
CA LEU J 284 -40.60 -54.17 -8.70
C LEU J 284 -41.38 -53.03 -8.04
N VAL J 285 -42.31 -52.44 -8.78
CA VAL J 285 -43.21 -51.37 -8.28
C VAL J 285 -44.65 -51.64 -8.76
N ARG J 286 -45.65 -51.12 -8.03
CA ARG J 286 -47.07 -51.19 -8.46
C ARG J 286 -47.30 -50.08 -9.48
N ASN J 287 -47.97 -50.43 -10.58
CA ASN J 287 -48.13 -49.60 -11.80
C ASN J 287 -49.22 -48.56 -11.54
#